data_8DDR
#
_entry.id   8DDR
#
_cell.length_a   1.00
_cell.length_b   1.00
_cell.length_c   1.00
_cell.angle_alpha   90.00
_cell.angle_beta   90.00
_cell.angle_gamma   90.00
#
_symmetry.space_group_name_H-M   'P 1'
#
loop_
_entity.id
_entity.type
_entity.pdbx_description
1 polymer 'Transient receptor potential cation channel, subfamily M, member 3'
2 polymer 'Unidentified segment at the N-terminus of TRPM3'
3 non-polymer 1,2-DIACYL-GLYCEROL-3-SN-PHOSPHATE
4 non-polymer (3beta,14beta,17beta,25R)-3-[4-methoxy-3-(methoxymethyl)butoxy]spirost-5-en
5 non-polymer 'SODIUM ION'
#
loop_
_entity_poly.entity_id
_entity_poly.type
_entity_poly.pdbx_seq_one_letter_code
_entity_poly.pdbx_strand_id
1 'polypeptide(L)'
;GKKWRDAGELERGCSDREDSAESRRRSRSASRGRFAESWKRLSSKQGSTKRSGLPAQQTPAQKSWIERAFYKRECVHIIP
STKDPHRCCCGRLIGQHVGLTPSISVLQNEKNESRLSRNDIQSEKWSISKHTQLSPTDAFGTIEFQGGGHSNKAMYVRVS
FDTKPDLLLHLMTKEWQLELPKLLISVHGGLQNFELQPKLKQVFGKGLIKAAMTTGAWIFTGGVNTGVIRHVGDALKDHA
SKSRGKICTIGIAPWGIVENQEDLIGRDVVRPYQTMSNPMSKLTVLNSMHSHFILADNGTTGKYGAEVKLRRQLEKHISL
QKINTRIGQGVPVVALIVEGGPNVISIVLEYLRDTPPVPVVVCDGSGRASDILAFGHKYSEEGGLINESLRDQLLVTIQK
TFTYTRTQAQHLFIILMECMKKKELITVFRMGSEGHQDIDLAILTALLKGANASAPDQLSLALAWNRVDIARSQIFIYGQ
QWPVGSLEQAMLDALVLDRVDFVKLLIENGVSMHRFLTISRLEELYNTRHGPSNTLYHLVRDVKKGNLPPDYRISLIDIG
LVIEYLMGGAYRCNYTRKRFRTLYHNLFGPKRPKALKLLGMEDDIPLRRGRKTTKKREEEVDIDLDDPEINHFPFPFHEL
MVWAVLMKRQKMALFFWQHGEEAMAKALVACKLCKAMAHEASENDMVDDISQELNHNSRDFGQLAVELLDQSYKQDEQLA
MKLLTYELKNWSNATCLQLAVAAKHRDFIAHTCSQMLLTDMWMGRLRMRKNSGLKVILGILLPPSILSLEFKNKDDMPYM
TQAQEIHLQEKEPEEPEKPTKEKDEEDMELTAMLGRSNGESSRKKDEEEVQSRHRLIPVGRKIYEFYNAPIVKFWFYTLA
YIGYLMLFNYIVLVKMERWPSTQEWIVISYIFTLGIEKMREILMSEPGKLLQKVKVWLQEYWNVTDLIAILLFSVGMILR
LQDQPFRSDGRVIYCVNIIYWYIRLLDIFGVNKYLGPYVMMIGKMMIDMMYFVIIMLVVLMSFGVARQAILFPNEEPSWK
LAKNIFYMPYWMIYGEVFADQIDPPCGQNETREDGKTIQLPPCKTGAWIVPAIMACYLLVANILLVNLLIAVFNNTFFEV
KSISNQVWKFQRYQLIMTFHERPVLPPPLIIFSHMTMIFQHVCCRWRKHESDQDERDYGLKLFITDDELKKVHDFEEQCI
EEYFREKDDRFNSSNDERIRVTSERVENMSMRLEEVNEREHSMKASLQTVDIRLAQLEDLIGRMATALERLTGLERAESN
KIRSRTSSDCTDAAYIVRQSSFNSQEGNTFKLQESIDPAGEETISPTSPTLMPRMRSHSFYSV
;
A,B,C,D
2 'polypeptide(L)'
;(UNK)(UNK)(UNK)(UNK)(UNK)(UNK)(UNK)(UNK)(UNK)(UNK)(UNK)(UNK)(UNK)(UNK)(UNK)(UNK)
(UNK)
;
E,F,G,H
#
loop_
_chem_comp.id
_chem_comp.type
_chem_comp.name
_chem_comp.formula
3PH non-polymer 1,2-DIACYL-GLYCEROL-3-SN-PHOSPHATE 'C39 H77 O8 P'
9Z9 non-polymer (3beta,14beta,17beta,25R)-3-[4-methoxy-3-(methoxymethyl)butoxy]spirost-5-en 'C34 H56 O5'
NA non-polymer 'SODIUM ION' 'Na 1'
#
# COMPACT_ATOMS: atom_id res chain seq x y z
N ILE A 128 19.44 29.47 -73.54
CA ILE A 128 18.77 30.74 -73.75
C ILE A 128 18.92 31.65 -72.54
N SER A 129 18.44 32.87 -72.65
CA SER A 129 18.54 33.86 -71.58
C SER A 129 17.31 33.80 -70.67
N LYS A 130 17.13 32.64 -70.05
CA LYS A 130 15.98 32.38 -69.16
C LYS A 130 14.66 32.66 -69.88
N HIS A 131 14.59 32.23 -71.15
CA HIS A 131 13.40 32.45 -71.96
C HIS A 131 12.41 31.32 -71.68
N THR A 132 11.45 31.59 -70.80
CA THR A 132 10.41 30.64 -70.42
C THR A 132 9.04 31.27 -70.67
N GLN A 133 8.00 30.53 -70.31
CA GLN A 133 6.63 30.98 -70.43
C GLN A 133 6.09 31.28 -69.03
N LEU A 134 5.54 32.48 -68.86
CA LEU A 134 5.05 32.91 -67.54
C LEU A 134 3.61 32.43 -67.33
N SER A 135 3.46 31.12 -67.26
CA SER A 135 2.19 30.48 -67.01
C SER A 135 1.93 30.38 -65.51
N PRO A 136 0.67 30.41 -65.09
CA PRO A 136 0.36 30.29 -63.66
C PRO A 136 0.74 28.92 -63.13
N THR A 137 0.85 28.84 -61.80
CA THR A 137 1.27 27.61 -61.17
C THR A 137 0.23 26.50 -61.36
N ASP A 138 0.72 25.28 -61.54
CA ASP A 138 -0.13 24.10 -61.70
C ASP A 138 0.13 23.07 -60.60
N ALA A 139 0.71 23.48 -59.48
CA ALA A 139 1.05 22.54 -58.42
C ALA A 139 0.96 23.27 -57.08
N PHE A 140 -0.08 22.97 -56.31
CA PHE A 140 -0.22 23.53 -54.97
C PHE A 140 -1.23 22.69 -54.20
N GLY A 141 -0.84 22.22 -53.03
CA GLY A 141 -1.72 21.39 -52.22
C GLY A 141 -1.02 20.76 -51.03
N THR A 142 -1.33 19.49 -50.77
CA THR A 142 -0.77 18.76 -49.65
C THR A 142 -0.22 17.42 -50.15
N ILE A 143 0.91 17.01 -49.59
CA ILE A 143 1.55 15.75 -49.94
C ILE A 143 1.78 14.94 -48.67
N GLU A 144 1.46 13.67 -48.71
CA GLU A 144 1.68 12.74 -47.62
C GLU A 144 2.82 11.80 -47.99
N PHE A 145 3.82 11.71 -47.11
CA PHE A 145 5.01 10.92 -47.39
C PHE A 145 4.76 9.45 -47.05
N GLN A 146 4.95 8.58 -48.03
CA GLN A 146 4.79 7.14 -47.85
C GLN A 146 6.15 6.48 -47.94
N GLY A 147 6.53 5.75 -46.89
CA GLY A 147 7.82 5.10 -46.85
C GLY A 147 8.52 5.29 -45.52
N GLY A 148 8.25 6.41 -44.87
CA GLY A 148 8.83 6.67 -43.56
C GLY A 148 8.08 6.00 -42.44
N GLY A 149 8.63 6.11 -41.24
CA GLY A 149 8.02 5.53 -40.06
C GLY A 149 6.95 6.37 -39.41
N HIS A 150 6.67 7.56 -39.93
CA HIS A 150 5.67 8.46 -39.37
C HIS A 150 4.71 8.90 -40.47
N SER A 151 3.68 9.64 -40.06
CA SER A 151 2.68 10.19 -40.97
C SER A 151 2.74 11.72 -40.87
N ASN A 152 3.29 12.36 -41.90
CA ASN A 152 3.46 13.80 -41.92
C ASN A 152 2.81 14.39 -43.17
N LYS A 153 2.15 15.54 -43.00
CA LYS A 153 1.51 16.25 -44.09
C LYS A 153 2.22 17.59 -44.29
N ALA A 154 2.61 17.87 -45.53
CA ALA A 154 3.36 19.08 -45.86
C ALA A 154 2.64 19.84 -46.95
N MET A 155 2.25 21.07 -46.66
CA MET A 155 1.69 21.94 -47.69
C MET A 155 2.79 22.40 -48.63
N TYR A 156 2.55 22.28 -49.94
CA TYR A 156 3.55 22.63 -50.93
C TYR A 156 2.94 23.54 -51.99
N VAL A 157 3.70 24.55 -52.39
CA VAL A 157 3.32 25.48 -53.45
C VAL A 157 4.56 25.78 -54.27
N ARG A 158 4.46 25.68 -55.59
CA ARG A 158 5.56 26.01 -56.48
C ARG A 158 5.33 27.39 -57.08
N VAL A 159 6.39 28.19 -57.11
CA VAL A 159 6.35 29.56 -57.63
C VAL A 159 7.63 29.80 -58.42
N SER A 160 7.74 30.99 -58.99
CA SER A 160 8.96 31.40 -59.65
C SER A 160 9.87 32.15 -58.68
N PHE A 161 11.10 32.42 -59.13
CA PHE A 161 12.06 33.12 -58.29
C PHE A 161 11.82 34.62 -58.27
N ASP A 162 10.88 35.13 -59.06
CA ASP A 162 10.56 36.55 -59.11
C ASP A 162 9.35 36.92 -58.28
N THR A 163 8.82 35.98 -57.48
CA THR A 163 7.65 36.27 -56.65
C THR A 163 8.03 37.25 -55.55
N LYS A 164 7.21 38.28 -55.37
CA LYS A 164 7.50 39.29 -54.38
C LYS A 164 7.35 38.73 -52.96
N PRO A 165 8.21 39.13 -52.03
CA PRO A 165 8.11 38.60 -50.66
C PRO A 165 6.79 38.89 -49.97
N ASP A 166 6.15 40.03 -50.28
CA ASP A 166 4.90 40.37 -49.62
C ASP A 166 3.81 39.36 -49.93
N LEU A 167 3.70 38.94 -51.19
CA LEU A 167 2.69 37.95 -51.56
C LEU A 167 2.97 36.61 -50.89
N LEU A 168 4.25 36.21 -50.81
CA LEU A 168 4.60 34.98 -50.12
C LEU A 168 4.24 35.04 -48.65
N LEU A 169 4.51 36.18 -48.00
CA LEU A 169 4.16 36.33 -46.59
C LEU A 169 2.65 36.27 -46.39
N HIS A 170 1.89 36.90 -47.30
CA HIS A 170 0.43 36.83 -47.23
C HIS A 170 -0.05 35.40 -47.38
N LEU A 171 0.52 34.66 -48.33
CA LEU A 171 0.17 33.26 -48.52
C LEU A 171 0.47 32.43 -47.29
N MET A 172 1.63 32.66 -46.66
CA MET A 172 1.99 31.90 -45.48
C MET A 172 1.11 32.25 -44.29
N THR A 173 0.70 33.52 -44.17
CA THR A 173 -0.08 33.95 -43.03
C THR A 173 -1.56 33.63 -43.16
N LYS A 174 -2.08 33.48 -44.38
CA LYS A 174 -3.51 33.25 -44.58
C LYS A 174 -3.81 31.85 -45.11
N GLU A 175 -3.22 31.48 -46.24
CA GLU A 175 -3.53 30.17 -46.82
C GLU A 175 -3.04 29.03 -45.95
N TRP A 176 -1.82 29.15 -45.42
CA TRP A 176 -1.25 28.11 -44.57
C TRP A 176 -1.57 28.31 -43.09
N GLN A 177 -2.18 29.44 -42.72
CA GLN A 177 -2.61 29.72 -41.35
C GLN A 177 -1.42 29.66 -40.39
N LEU A 178 -0.43 30.51 -40.64
CA LEU A 178 0.76 30.61 -39.81
C LEU A 178 0.88 32.03 -39.28
N GLU A 179 0.89 32.18 -37.96
CA GLU A 179 1.05 33.50 -37.37
C GLU A 179 2.50 33.96 -37.47
N LEU A 180 2.69 35.27 -37.34
CA LEU A 180 4.04 35.84 -37.43
C LEU A 180 4.89 35.32 -36.29
N PRO A 181 6.12 34.87 -36.55
CA PRO A 181 6.95 34.32 -35.49
C PRO A 181 7.59 35.40 -34.64
N LYS A 182 8.03 34.99 -33.45
CA LYS A 182 8.79 35.85 -32.55
C LYS A 182 10.28 35.65 -32.69
N LEU A 183 10.71 34.80 -33.62
CA LEU A 183 12.11 34.48 -33.84
C LEU A 183 12.22 33.79 -35.19
N LEU A 184 13.32 34.04 -35.89
CA LEU A 184 13.57 33.44 -37.20
C LEU A 184 14.98 32.84 -37.21
N ILE A 185 15.06 31.54 -37.42
CA ILE A 185 16.33 30.83 -37.43
C ILE A 185 16.64 30.42 -38.88
N SER A 186 17.80 30.84 -39.37
CA SER A 186 18.25 30.49 -40.72
C SER A 186 19.38 29.48 -40.58
N VAL A 187 19.20 28.30 -41.18
CA VAL A 187 20.17 27.22 -41.09
C VAL A 187 20.86 27.10 -42.43
N HIS A 188 22.19 27.22 -42.41
CA HIS A 188 23.02 27.06 -43.59
C HIS A 188 24.06 25.98 -43.34
N GLY A 189 24.55 25.38 -44.41
CA GLY A 189 25.53 24.33 -44.27
C GLY A 189 26.05 23.87 -45.60
N GLY A 190 26.84 22.80 -45.55
CA GLY A 190 27.41 22.21 -46.76
C GLY A 190 26.42 21.28 -47.41
N LEU A 191 26.14 21.53 -48.70
CA LEU A 191 25.18 20.70 -49.43
C LEU A 191 25.67 19.27 -49.59
N GLN A 192 26.96 19.02 -49.38
CA GLN A 192 27.48 17.66 -49.45
C GLN A 192 26.99 16.84 -48.28
N ASN A 193 26.84 15.54 -48.52
CA ASN A 193 26.30 14.61 -47.52
C ASN A 193 27.44 14.18 -46.61
N PHE A 194 27.69 14.98 -45.58
CA PHE A 194 28.77 14.71 -44.63
C PHE A 194 28.23 13.91 -43.44
N GLU A 195 29.06 13.76 -42.41
CA GLU A 195 28.67 13.07 -41.19
C GLU A 195 29.20 13.85 -39.99
N LEU A 196 28.51 13.71 -38.86
CA LEU A 196 28.87 14.39 -37.63
C LEU A 196 29.21 13.39 -36.54
N GLN A 197 30.07 13.80 -35.63
CA GLN A 197 30.49 12.94 -34.54
C GLN A 197 29.30 12.66 -33.61
N PRO A 198 29.13 11.41 -33.16
CA PRO A 198 28.08 11.11 -32.19
C PRO A 198 28.27 11.92 -30.92
N LYS A 199 27.13 12.25 -30.29
CA LYS A 199 26.98 13.13 -29.13
C LYS A 199 27.18 14.60 -29.50
N LEU A 200 27.54 14.91 -30.73
CA LEU A 200 27.50 16.27 -31.24
C LEU A 200 26.25 16.55 -32.05
N LYS A 201 25.81 15.60 -32.87
CA LYS A 201 24.53 15.73 -33.56
C LYS A 201 23.34 15.55 -32.63
N GLN A 202 23.56 15.06 -31.41
CA GLN A 202 22.50 14.94 -30.43
C GLN A 202 22.29 16.24 -29.65
N VAL A 203 23.38 16.83 -29.16
CA VAL A 203 23.26 18.10 -28.44
C VAL A 203 22.81 19.21 -29.37
N PHE A 204 23.30 19.20 -30.62
CA PHE A 204 22.86 20.18 -31.61
C PHE A 204 21.36 20.05 -31.86
N GLY A 205 20.89 18.82 -32.04
CA GLY A 205 19.46 18.61 -32.26
C GLY A 205 18.63 19.03 -31.06
N LYS A 206 19.07 18.68 -29.86
CA LYS A 206 18.34 19.06 -28.65
C LYS A 206 18.26 20.57 -28.51
N GLY A 207 19.39 21.25 -28.71
CA GLY A 207 19.39 22.71 -28.61
C GLY A 207 18.50 23.37 -29.63
N LEU A 208 18.60 22.92 -30.89
CA LEU A 208 17.77 23.50 -31.94
C LEU A 208 16.29 23.26 -31.67
N ILE A 209 15.92 22.05 -31.27
CA ILE A 209 14.52 21.73 -31.00
C ILE A 209 14.00 22.55 -29.82
N LYS A 210 14.79 22.65 -28.75
CA LYS A 210 14.35 23.42 -27.59
C LYS A 210 14.18 24.89 -27.94
N ALA A 211 15.13 25.45 -28.71
CA ALA A 211 15.02 26.85 -29.09
C ALA A 211 13.82 27.10 -29.98
N ALA A 212 13.53 26.16 -30.89
CA ALA A 212 12.38 26.33 -31.79
C ALA A 212 11.05 26.03 -31.11
N MET A 213 11.05 25.27 -30.02
CA MET A 213 9.81 24.86 -29.37
C MET A 213 9.42 25.76 -28.21
N THR A 214 10.39 26.24 -27.42
CA THR A 214 10.05 27.09 -26.27
C THR A 214 9.35 28.36 -26.71
N THR A 215 9.84 28.98 -27.78
CA THR A 215 9.21 30.17 -28.36
C THR A 215 8.65 29.84 -29.73
N GLY A 216 7.88 30.78 -30.28
CA GLY A 216 7.33 30.61 -31.60
C GLY A 216 8.30 31.07 -32.67
N ALA A 217 9.01 30.13 -33.29
CA ALA A 217 10.06 30.45 -34.24
C ALA A 217 9.89 29.63 -35.51
N TRP A 218 10.44 30.15 -36.59
CA TRP A 218 10.46 29.48 -37.88
C TRP A 218 11.89 29.02 -38.20
N ILE A 219 12.00 27.90 -38.91
CA ILE A 219 13.29 27.36 -39.31
C ILE A 219 13.31 27.30 -40.83
N PHE A 220 14.32 27.93 -41.44
CA PHE A 220 14.49 27.93 -42.88
C PHE A 220 15.64 26.99 -43.24
N THR A 221 15.35 25.99 -44.07
CA THR A 221 16.34 25.02 -44.52
C THR A 221 16.24 24.87 -46.02
N GLY A 222 17.17 24.10 -46.59
CA GLY A 222 17.16 23.86 -48.03
C GLY A 222 15.94 23.06 -48.47
N GLY A 223 15.60 22.01 -47.73
CA GLY A 223 14.43 21.23 -48.06
C GLY A 223 14.73 19.83 -48.55
N VAL A 224 15.76 19.68 -49.38
CA VAL A 224 16.13 18.36 -49.89
C VAL A 224 16.87 17.58 -48.81
N ASN A 225 16.94 16.27 -48.99
CA ASN A 225 17.49 15.38 -47.97
C ASN A 225 19.00 15.16 -48.18
N THR A 226 19.75 16.26 -48.15
CA THR A 226 21.21 16.22 -48.23
C THR A 226 21.81 17.23 -47.27
N GLY A 227 22.89 16.84 -46.61
CA GLY A 227 23.64 17.75 -45.77
C GLY A 227 23.06 17.95 -44.39
N VAL A 228 23.10 19.20 -43.90
CA VAL A 228 22.58 19.52 -42.58
C VAL A 228 21.07 19.28 -42.50
N ILE A 229 20.38 19.29 -43.64
CA ILE A 229 18.94 19.10 -43.64
C ILE A 229 18.58 17.70 -43.16
N ARG A 230 19.41 16.71 -43.49
CA ARG A 230 19.18 15.37 -42.96
C ARG A 230 19.31 15.34 -41.44
N HIS A 231 20.29 16.07 -40.90
CA HIS A 231 20.47 16.12 -39.46
C HIS A 231 19.30 16.82 -38.77
N VAL A 232 18.81 17.92 -39.33
CA VAL A 232 17.67 18.59 -38.72
C VAL A 232 16.42 17.73 -38.87
N GLY A 233 16.30 16.96 -39.95
CA GLY A 233 15.20 16.03 -40.07
C GLY A 233 15.25 14.94 -39.02
N ASP A 234 16.44 14.41 -38.74
CA ASP A 234 16.58 13.44 -37.67
C ASP A 234 16.24 14.05 -36.32
N ALA A 235 16.66 15.29 -36.08
CA ALA A 235 16.33 15.96 -34.83
C ALA A 235 14.82 16.13 -34.68
N LEU A 236 14.14 16.52 -35.76
CA LEU A 236 12.68 16.61 -35.73
C LEU A 236 12.05 15.23 -35.51
N LYS A 237 12.66 14.19 -36.09
CA LYS A 237 12.16 12.83 -35.91
C LYS A 237 12.21 12.41 -34.45
N ASP A 238 13.31 12.75 -33.76
CA ASP A 238 13.41 12.43 -32.33
C ASP A 238 12.44 13.28 -31.51
N HIS A 239 12.23 14.52 -31.91
CA HIS A 239 11.39 15.43 -31.14
C HIS A 239 9.93 15.02 -31.18
N ALA A 240 9.44 14.63 -32.36
CA ALA A 240 8.01 14.37 -32.53
C ALA A 240 7.54 13.19 -31.69
N SER A 241 8.41 12.19 -31.52
CA SER A 241 8.00 10.97 -30.82
C SER A 241 8.04 11.11 -29.31
N LYS A 242 8.58 12.21 -28.78
CA LYS A 242 8.80 12.34 -27.34
C LYS A 242 8.19 13.60 -26.76
N SER A 243 7.34 14.31 -27.50
CA SER A 243 6.84 15.59 -27.00
C SER A 243 5.57 15.97 -27.76
N ARG A 244 4.85 16.94 -27.21
CA ARG A 244 3.66 17.50 -27.84
C ARG A 244 4.05 18.71 -28.68
N GLY A 245 3.05 19.45 -29.18
CA GLY A 245 3.32 20.68 -29.91
C GLY A 245 3.80 20.46 -31.33
N LYS A 246 3.95 21.56 -32.07
CA LYS A 246 4.39 21.52 -33.46
C LYS A 246 5.49 22.55 -33.68
N ILE A 247 6.41 22.22 -34.58
CA ILE A 247 7.50 23.11 -34.96
C ILE A 247 7.35 23.45 -36.43
N CYS A 248 7.39 24.74 -36.75
CA CYS A 248 7.18 25.21 -38.12
C CYS A 248 8.52 25.22 -38.84
N THR A 249 8.79 24.17 -39.60
CA THR A 249 9.99 24.06 -40.41
C THR A 249 9.62 24.25 -41.88
N ILE A 250 10.30 25.18 -42.54
CA ILE A 250 9.99 25.56 -43.92
C ILE A 250 11.21 25.27 -44.78
N GLY A 251 10.99 24.53 -45.87
CA GLY A 251 12.04 24.21 -46.82
C GLY A 251 11.83 24.96 -48.12
N ILE A 252 12.87 25.66 -48.55
CA ILE A 252 12.87 26.43 -49.79
C ILE A 252 13.88 25.77 -50.72
N ALA A 253 13.39 24.97 -51.66
CA ALA A 253 14.24 24.18 -52.54
C ALA A 253 13.92 24.47 -54.00
N PRO A 254 14.89 24.30 -54.89
CA PRO A 254 14.61 24.44 -56.32
C PRO A 254 13.68 23.35 -56.82
N TRP A 255 12.87 23.70 -57.82
CA TRP A 255 11.88 22.76 -58.35
C TRP A 255 12.53 21.65 -59.16
N GLY A 256 13.66 21.92 -59.81
CA GLY A 256 14.26 20.96 -60.71
C GLY A 256 15.01 19.82 -60.05
N ILE A 257 15.25 19.90 -58.75
CA ILE A 257 16.07 18.88 -58.08
C ILE A 257 15.23 17.75 -57.48
N VAL A 258 13.93 17.97 -57.25
CA VAL A 258 13.09 16.93 -56.68
C VAL A 258 13.11 15.71 -57.60
N GLU A 259 13.19 14.52 -56.98
CA GLU A 259 13.37 13.30 -57.75
C GLU A 259 12.18 13.02 -58.65
N ASN A 260 10.97 13.22 -58.14
CA ASN A 260 9.74 12.99 -58.89
C ASN A 260 9.04 14.34 -59.06
N GLN A 261 9.37 15.05 -60.14
CA GLN A 261 8.67 16.29 -60.46
C GLN A 261 7.20 16.02 -60.74
N GLU A 262 6.91 14.93 -61.44
CA GLU A 262 5.53 14.48 -61.60
C GLU A 262 5.01 13.94 -60.27
N ASP A 263 3.74 13.52 -60.28
CA ASP A 263 3.04 13.07 -59.07
C ASP A 263 2.94 14.17 -58.03
N LEU A 264 3.15 15.43 -58.44
CA LEU A 264 3.03 16.59 -57.58
C LEU A 264 2.24 17.68 -58.28
N ILE A 265 1.32 17.31 -59.16
CA ILE A 265 0.62 18.27 -60.00
C ILE A 265 -0.82 18.51 -59.54
N GLY A 266 -1.42 17.57 -58.80
CA GLY A 266 -2.78 17.74 -58.34
C GLY A 266 -2.97 18.97 -57.47
N ARG A 267 -3.70 19.95 -58.01
CA ARG A 267 -3.89 21.23 -57.32
C ARG A 267 -4.99 21.11 -56.28
N ASP A 268 -4.69 21.58 -55.06
CA ASP A 268 -5.64 21.54 -53.94
C ASP A 268 -6.13 20.12 -53.66
N VAL A 269 -5.23 19.14 -53.80
CA VAL A 269 -5.55 17.74 -53.54
C VAL A 269 -4.35 17.10 -52.86
N VAL A 270 -4.59 15.95 -52.23
CA VAL A 270 -3.55 15.20 -51.54
C VAL A 270 -2.97 14.18 -52.50
N ARG A 271 -1.65 14.18 -52.65
CA ARG A 271 -0.95 13.25 -53.53
C ARG A 271 0.16 12.57 -52.75
N PRO A 272 0.22 11.24 -52.76
CA PRO A 272 1.28 10.55 -52.02
C PRO A 272 2.65 10.79 -52.64
N TYR A 273 3.68 10.70 -51.78
CA TYR A 273 5.06 10.87 -52.20
C TYR A 273 5.90 9.76 -51.60
N GLN A 274 6.83 9.24 -52.38
CA GLN A 274 7.65 8.10 -51.98
C GLN A 274 8.97 8.60 -51.39
N THR A 275 9.23 8.23 -50.14
CA THR A 275 10.46 8.65 -49.47
C THR A 275 11.67 7.85 -49.91
N MET A 276 11.48 6.65 -50.45
CA MET A 276 12.61 5.82 -50.88
C MET A 276 13.28 6.45 -52.09
N SER A 277 14.62 6.47 -52.07
CA SER A 277 15.40 7.07 -53.13
C SER A 277 16.48 6.10 -53.60
N ASN A 278 16.95 6.31 -54.83
CA ASN A 278 18.00 5.50 -55.42
C ASN A 278 19.13 6.38 -55.90
N PRO A 279 20.38 5.93 -55.78
CA PRO A 279 21.52 6.79 -56.16
C PRO A 279 21.54 7.16 -57.63
N MET A 280 21.05 6.28 -58.52
CA MET A 280 21.19 6.52 -59.95
C MET A 280 20.27 7.60 -60.48
N SER A 281 19.32 8.11 -59.66
CA SER A 281 18.39 9.11 -60.15
C SER A 281 19.01 10.49 -60.30
N LYS A 282 20.19 10.70 -59.70
CA LYS A 282 20.94 11.96 -59.76
C LYS A 282 20.18 13.11 -59.09
N LEU A 283 19.00 12.82 -58.56
CA LEU A 283 18.13 13.82 -57.95
C LEU A 283 17.87 13.46 -56.50
N THR A 284 17.56 14.47 -55.70
CA THR A 284 17.33 14.32 -54.27
C THR A 284 15.85 14.49 -53.96
N VAL A 285 15.32 13.58 -53.14
CA VAL A 285 13.92 13.64 -52.74
C VAL A 285 13.74 14.71 -51.68
N LEU A 286 12.52 15.21 -51.57
CA LEU A 286 12.20 16.17 -50.51
C LEU A 286 12.28 15.49 -49.15
N ASN A 287 12.87 16.20 -48.19
CA ASN A 287 13.03 15.65 -46.85
C ASN A 287 11.70 15.71 -46.11
N SER A 288 11.33 14.59 -45.48
CA SER A 288 10.13 14.55 -44.66
C SER A 288 10.35 15.35 -43.37
N MET A 289 9.34 15.35 -42.51
CA MET A 289 9.33 16.09 -41.25
C MET A 289 9.42 17.59 -41.46
N HIS A 290 9.11 18.07 -42.67
CA HIS A 290 9.04 19.49 -42.98
C HIS A 290 7.59 19.90 -43.09
N SER A 291 7.22 20.98 -42.42
CA SER A 291 5.82 21.40 -42.36
C SER A 291 5.36 22.02 -43.67
N HIS A 292 6.22 22.79 -44.34
CA HIS A 292 5.84 23.51 -45.55
C HIS A 292 6.99 23.52 -46.53
N PHE A 293 6.66 23.72 -47.80
CA PHE A 293 7.63 23.82 -48.88
C PHE A 293 7.28 24.99 -49.78
N ILE A 294 8.30 25.63 -50.34
CA ILE A 294 8.15 26.67 -51.35
C ILE A 294 9.15 26.34 -52.45
N LEU A 295 8.69 25.71 -53.52
CA LEU A 295 9.55 25.34 -54.62
C LEU A 295 9.78 26.54 -55.52
N ALA A 296 11.04 26.91 -55.72
CA ALA A 296 11.40 28.04 -56.58
C ALA A 296 11.90 27.53 -57.91
N ASP A 297 11.29 28.00 -58.99
CA ASP A 297 11.61 27.55 -60.34
C ASP A 297 12.03 28.73 -61.20
N ASN A 298 13.00 28.50 -62.08
CA ASN A 298 13.44 29.50 -63.03
C ASN A 298 13.44 29.03 -64.47
N GLY A 299 13.17 27.76 -64.73
CA GLY A 299 13.17 27.22 -66.08
C GLY A 299 14.13 26.06 -66.24
N THR A 300 15.30 26.16 -65.61
CA THR A 300 16.28 25.08 -65.66
C THR A 300 15.83 23.90 -64.79
N THR A 301 16.37 22.74 -65.10
CA THR A 301 16.06 21.50 -64.39
C THR A 301 17.36 20.78 -64.04
N GLY A 302 17.42 20.24 -62.83
CA GLY A 302 18.58 19.49 -62.41
C GLY A 302 19.79 20.32 -62.04
N LYS A 303 19.59 21.62 -61.76
CA LYS A 303 20.69 22.51 -61.44
C LYS A 303 20.38 23.27 -60.15
N TYR A 304 21.43 23.53 -59.37
CA TYR A 304 21.32 24.33 -58.16
C TYR A 304 21.48 25.81 -58.46
N GLY A 305 21.08 26.63 -57.49
CA GLY A 305 21.27 28.07 -57.60
C GLY A 305 20.11 28.81 -58.22
N ALA A 306 18.90 28.62 -57.69
CA ALA A 306 17.73 29.32 -58.19
C ALA A 306 16.79 29.78 -57.09
N GLU A 307 17.20 29.71 -55.81
CA GLU A 307 16.33 30.08 -54.71
C GLU A 307 17.00 30.88 -53.62
N VAL A 308 18.31 31.16 -53.73
CA VAL A 308 19.00 31.88 -52.66
C VAL A 308 18.50 33.31 -52.55
N LYS A 309 18.33 33.99 -53.69
CA LYS A 309 17.90 35.39 -53.67
C LYS A 309 16.49 35.52 -53.11
N LEU A 310 15.60 34.60 -53.49
CA LEU A 310 14.24 34.65 -52.96
C LEU A 310 14.22 34.44 -51.46
N ARG A 311 15.02 33.49 -50.96
CA ARG A 311 15.10 33.24 -49.53
C ARG A 311 15.64 34.46 -48.79
N ARG A 312 16.70 35.07 -49.33
CA ARG A 312 17.27 36.24 -48.68
C ARG A 312 16.28 37.41 -48.65
N GLN A 313 15.59 37.65 -49.77
CA GLN A 313 14.61 38.73 -49.81
C GLN A 313 13.45 38.46 -48.86
N LEU A 314 13.00 37.20 -48.77
CA LEU A 314 11.92 36.87 -47.85
C LEU A 314 12.36 37.10 -46.40
N GLU A 315 13.59 36.70 -46.06
CA GLU A 315 14.09 36.96 -44.72
C GLU A 315 14.16 38.45 -44.42
N LYS A 316 14.66 39.24 -45.38
CA LYS A 316 14.76 40.69 -45.18
C LYS A 316 13.39 41.32 -45.02
N HIS A 317 12.40 40.87 -45.79
CA HIS A 317 11.06 41.43 -45.68
C HIS A 317 10.40 41.03 -44.37
N ILE A 318 10.64 39.79 -43.91
CA ILE A 318 10.05 39.35 -42.65
C ILE A 318 10.68 40.10 -41.48
N SER A 319 11.98 40.38 -41.55
CA SER A 319 12.63 41.11 -40.47
C SER A 319 12.05 42.52 -40.33
N LEU A 320 11.78 43.18 -41.45
CA LEU A 320 11.25 44.54 -41.42
C LEU A 320 9.85 44.60 -40.81
N GLN A 321 9.11 43.50 -40.82
CA GLN A 321 7.78 43.49 -40.22
C GLN A 321 7.87 43.75 -38.72
N LYS A 322 6.89 44.47 -38.19
CA LYS A 322 6.91 44.92 -36.81
C LYS A 322 6.21 43.91 -35.91
N ILE A 323 6.88 43.50 -34.84
CA ILE A 323 6.31 42.58 -33.86
C ILE A 323 5.27 43.34 -33.04
N ASN A 324 4.47 42.60 -32.26
CA ASN A 324 3.36 43.19 -31.53
C ASN A 324 3.79 44.15 -30.43
N THR A 325 5.05 44.15 -30.04
CA THR A 325 5.51 45.07 -29.00
C THR A 325 5.55 46.50 -29.53
N ARG A 326 5.30 47.45 -28.63
CA ARG A 326 5.28 48.86 -28.97
C ARG A 326 6.63 49.55 -28.78
N ILE A 327 7.66 48.80 -28.40
CA ILE A 327 9.00 49.37 -28.31
C ILE A 327 9.50 49.78 -29.70
N GLY A 328 9.18 48.97 -30.71
CA GLY A 328 9.67 49.19 -32.06
C GLY A 328 10.57 48.09 -32.58
N GLN A 329 10.78 47.02 -31.82
CA GLN A 329 11.64 45.92 -32.28
C GLN A 329 10.96 45.16 -33.41
N GLY A 330 11.77 44.74 -34.39
CA GLY A 330 11.31 43.84 -35.43
C GLY A 330 11.54 42.39 -35.06
N VAL A 331 11.24 41.51 -36.00
CA VAL A 331 11.46 40.08 -35.81
C VAL A 331 12.95 39.81 -35.87
N PRO A 332 13.56 39.30 -34.81
CA PRO A 332 15.00 39.03 -34.84
C PRO A 332 15.34 37.87 -35.77
N VAL A 333 16.56 37.91 -36.30
CA VAL A 333 17.06 36.88 -37.21
C VAL A 333 18.43 36.44 -36.74
N VAL A 334 18.66 35.12 -36.75
CA VAL A 334 19.94 34.53 -36.40
C VAL A 334 20.30 33.50 -37.46
N ALA A 335 21.59 33.25 -37.60
CA ALA A 335 22.11 32.31 -38.59
C ALA A 335 22.90 31.22 -37.91
N LEU A 336 22.66 29.97 -38.30
CA LEU A 336 23.36 28.81 -37.76
C LEU A 336 24.16 28.15 -38.88
N ILE A 337 25.44 27.93 -38.64
CA ILE A 337 26.37 27.42 -39.65
C ILE A 337 26.93 26.09 -39.18
N VAL A 338 26.84 25.08 -40.04
CA VAL A 338 27.40 23.75 -39.79
C VAL A 338 28.11 23.30 -41.06
N GLU A 339 29.30 22.73 -40.92
CA GLU A 339 30.08 22.25 -42.06
C GLU A 339 30.36 23.39 -43.03
N GLY A 340 29.52 23.52 -44.07
CA GLY A 340 29.67 24.59 -45.02
C GLY A 340 30.72 24.29 -46.09
N GLY A 341 31.28 25.37 -46.63
CA GLY A 341 32.27 25.28 -47.67
C GLY A 341 32.77 26.64 -48.10
N PRO A 342 33.30 26.74 -49.32
CA PRO A 342 33.74 28.04 -49.82
C PRO A 342 32.64 29.08 -49.89
N ASN A 343 31.40 28.67 -50.18
CA ASN A 343 30.30 29.61 -50.24
C ASN A 343 29.89 30.09 -48.85
N VAL A 344 30.16 29.29 -47.81
CA VAL A 344 29.72 29.66 -46.47
C VAL A 344 30.46 30.91 -45.98
N ILE A 345 31.72 31.08 -46.35
CA ILE A 345 32.45 32.27 -45.95
C ILE A 345 31.82 33.51 -46.57
N SER A 346 31.48 33.44 -47.85
CA SER A 346 30.81 34.56 -48.50
C SER A 346 29.45 34.82 -47.88
N ILE A 347 28.71 33.76 -47.54
CA ILE A 347 27.38 33.93 -46.96
C ILE A 347 27.48 34.61 -45.59
N VAL A 348 28.41 34.17 -44.76
CA VAL A 348 28.53 34.76 -43.43
C VAL A 348 29.04 36.20 -43.53
N LEU A 349 29.93 36.48 -44.49
CA LEU A 349 30.37 37.85 -44.70
C LEU A 349 29.20 38.74 -45.12
N GLU A 350 28.35 38.24 -46.02
CA GLU A 350 27.17 38.99 -46.45
C GLU A 350 26.22 39.23 -45.28
N TYR A 351 26.02 38.21 -44.44
CA TYR A 351 25.16 38.36 -43.28
C TYR A 351 25.70 39.42 -42.33
N LEU A 352 27.02 39.43 -42.09
CA LEU A 352 27.60 40.42 -41.20
C LEU A 352 27.49 41.82 -41.78
N ARG A 353 27.71 41.98 -43.09
CA ARG A 353 27.74 43.30 -43.70
C ARG A 353 26.36 43.93 -43.84
N ASP A 354 25.29 43.19 -43.55
CA ASP A 354 23.95 43.77 -43.66
C ASP A 354 23.80 44.95 -42.70
N THR A 355 23.02 45.94 -43.14
CA THR A 355 22.85 47.14 -42.32
C THR A 355 22.32 46.83 -40.93
N PRO A 356 21.28 46.02 -40.75
CA PRO A 356 21.07 45.39 -39.45
C PRO A 356 21.90 44.13 -39.31
N PRO A 357 22.93 44.15 -38.48
CA PRO A 357 23.80 42.96 -38.36
C PRO A 357 23.03 41.75 -37.87
N VAL A 358 23.38 40.60 -38.42
CA VAL A 358 22.75 39.32 -38.08
C VAL A 358 23.77 38.46 -37.34
N PRO A 359 23.51 38.09 -36.09
CA PRO A 359 24.47 37.23 -35.37
C PRO A 359 24.61 35.87 -36.04
N VAL A 360 25.79 35.28 -35.91
CA VAL A 360 26.13 34.02 -36.56
C VAL A 360 26.63 33.04 -35.50
N VAL A 361 26.14 31.81 -35.55
CA VAL A 361 26.55 30.75 -34.65
C VAL A 361 27.26 29.68 -35.47
N VAL A 362 28.46 29.31 -35.05
CA VAL A 362 29.32 28.40 -35.79
C VAL A 362 29.62 27.18 -34.91
N CYS A 363 29.54 26.00 -35.51
CA CYS A 363 29.87 24.75 -34.82
C CYS A 363 31.30 24.35 -35.21
N ASP A 364 32.17 24.28 -34.21
CA ASP A 364 33.58 24.00 -34.48
C ASP A 364 33.82 22.54 -34.85
N GLY A 365 33.05 21.63 -34.30
CA GLY A 365 33.28 20.21 -34.50
C GLY A 365 32.84 19.65 -35.83
N SER A 366 32.34 20.49 -36.74
CA SER A 366 31.89 19.99 -38.04
C SER A 366 33.06 19.52 -38.89
N GLY A 367 34.10 20.33 -39.00
CA GLY A 367 35.28 19.96 -39.75
C GLY A 367 35.56 20.83 -40.95
N ARG A 368 34.51 21.25 -41.65
CA ARG A 368 34.65 22.06 -42.85
C ARG A 368 34.88 23.53 -42.49
N ALA A 369 34.65 24.43 -43.46
CA ALA A 369 34.95 25.85 -43.29
C ALA A 369 34.39 26.45 -42.01
N SER A 370 33.38 25.83 -41.40
CA SER A 370 32.97 26.25 -40.07
C SER A 370 34.09 26.03 -39.05
N ASP A 371 34.78 24.89 -39.16
CA ASP A 371 35.91 24.63 -38.27
C ASP A 371 37.04 25.62 -38.52
N ILE A 372 37.29 25.97 -39.79
CA ILE A 372 38.33 26.96 -40.06
C ILE A 372 37.89 28.34 -39.58
N LEU A 373 36.58 28.62 -39.60
CA LEU A 373 36.09 29.88 -39.03
C LEU A 373 36.33 29.92 -37.53
N ALA A 374 36.09 28.81 -36.83
CA ALA A 374 36.41 28.74 -35.41
C ALA A 374 37.91 28.87 -35.17
N PHE A 375 38.71 28.25 -36.03
CA PHE A 375 40.16 28.33 -35.91
C PHE A 375 40.64 29.77 -36.05
N GLY A 376 40.09 30.51 -37.01
CA GLY A 376 40.43 31.92 -37.16
C GLY A 376 39.82 32.81 -36.10
N HIS A 377 38.76 32.35 -35.44
CA HIS A 377 38.17 33.13 -34.36
C HIS A 377 39.13 33.29 -33.19
N LYS A 378 39.85 32.22 -32.84
CA LYS A 378 40.83 32.26 -31.77
C LYS A 378 42.09 33.00 -32.24
N TYR A 379 42.82 33.56 -31.26
CA TYR A 379 44.04 34.32 -31.48
C TYR A 379 43.94 35.24 -32.69
N SER A 380 42.88 36.04 -32.70
CA SER A 380 42.65 37.01 -33.77
C SER A 380 43.19 38.38 -33.35
N GLU A 381 42.91 39.39 -34.17
CA GLU A 381 43.37 40.75 -33.91
C GLU A 381 42.46 41.45 -32.90
N VAL A 396 49.67 34.37 -39.55
CA VAL A 396 49.09 33.03 -39.50
C VAL A 396 48.59 32.62 -40.87
N THR A 397 49.46 32.71 -41.87
CA THR A 397 49.12 32.36 -43.25
C THR A 397 49.51 30.94 -43.61
N ILE A 398 50.66 30.46 -43.12
CA ILE A 398 51.07 29.08 -43.39
C ILE A 398 50.15 28.10 -42.67
N GLN A 399 49.74 28.44 -41.44
CA GLN A 399 48.78 27.62 -40.74
C GLN A 399 47.39 27.68 -41.36
N LYS A 400 47.08 28.76 -42.08
CA LYS A 400 45.79 28.87 -42.74
C LYS A 400 45.70 27.97 -43.97
N THR A 401 46.83 27.62 -44.58
CA THR A 401 46.84 26.74 -45.73
C THR A 401 46.34 25.36 -45.36
N PHE A 402 45.17 24.97 -45.88
CA PHE A 402 44.55 23.71 -45.54
C PHE A 402 44.21 22.85 -46.75
N THR A 403 44.60 23.25 -47.95
CA THR A 403 44.37 22.53 -49.20
C THR A 403 42.89 22.32 -49.51
N TYR A 404 41.99 22.97 -48.78
CA TYR A 404 40.58 22.93 -49.12
C TYR A 404 40.28 23.72 -50.38
N THR A 405 41.23 24.55 -50.83
CA THR A 405 41.15 25.30 -52.08
C THR A 405 42.40 25.00 -52.90
N ARG A 406 42.69 25.83 -53.90
CA ARG A 406 43.80 25.56 -54.80
C ARG A 406 45.11 25.77 -54.03
N THR A 407 45.44 24.76 -53.21
CA THR A 407 46.67 24.69 -52.44
C THR A 407 46.96 25.98 -51.70
N GLN A 408 48.22 26.42 -51.70
CA GLN A 408 48.59 27.71 -51.14
C GLN A 408 48.53 28.83 -52.17
N ALA A 409 48.28 28.49 -53.44
CA ALA A 409 48.15 29.52 -54.47
C ALA A 409 46.83 30.27 -54.36
N GLN A 410 45.83 29.68 -53.70
CA GLN A 410 44.54 30.34 -53.48
C GLN A 410 44.34 30.52 -51.98
N HIS A 411 44.16 31.77 -51.56
CA HIS A 411 43.88 32.12 -50.18
C HIS A 411 42.61 32.96 -50.12
N LEU A 412 41.69 32.59 -49.22
CA LEU A 412 40.47 33.34 -48.97
C LEU A 412 40.65 34.40 -47.90
N PHE A 413 41.89 34.90 -47.73
CA PHE A 413 42.21 35.76 -46.60
C PHE A 413 41.40 37.05 -46.62
N ILE A 414 41.02 37.55 -47.80
CA ILE A 414 40.26 38.80 -47.86
C ILE A 414 38.94 38.65 -47.10
N ILE A 415 38.12 37.68 -47.52
CA ILE A 415 36.83 37.48 -46.89
C ILE A 415 37.00 36.99 -45.45
N LEU A 416 38.01 36.14 -45.20
CA LEU A 416 38.21 35.63 -43.85
C LEU A 416 38.56 36.75 -42.88
N MET A 417 39.41 37.68 -43.30
CA MET A 417 39.78 38.79 -42.44
C MET A 417 38.67 39.82 -42.34
N GLU A 418 37.82 39.96 -43.36
CA GLU A 418 36.63 40.78 -43.18
C GLU A 418 35.71 40.19 -42.11
N CYS A 419 35.51 38.88 -42.16
CA CYS A 419 34.70 38.21 -41.14
C CYS A 419 35.31 38.36 -39.75
N MET A 420 36.63 38.20 -39.65
CA MET A 420 37.30 38.35 -38.37
C MET A 420 37.39 39.80 -37.91
N LYS A 421 37.23 40.75 -38.84
CA LYS A 421 37.13 42.15 -38.45
C LYS A 421 35.76 42.44 -37.86
N LYS A 422 34.70 41.86 -38.43
CA LYS A 422 33.38 41.91 -37.82
C LYS A 422 33.13 40.65 -36.99
N LYS A 423 34.02 40.41 -36.02
CA LYS A 423 34.00 39.19 -35.23
C LYS A 423 33.22 39.32 -33.93
N GLU A 424 32.79 40.52 -33.55
CA GLU A 424 32.04 40.66 -32.31
C GLU A 424 30.67 39.99 -32.41
N LEU A 425 30.06 40.02 -33.59
CA LEU A 425 28.77 39.38 -33.79
C LEU A 425 28.89 37.87 -33.92
N ILE A 426 30.00 37.37 -34.47
CA ILE A 426 30.16 35.94 -34.67
C ILE A 426 30.31 35.25 -33.32
N THR A 427 29.55 34.18 -33.12
CA THR A 427 29.61 33.38 -31.91
C THR A 427 29.96 31.95 -32.28
N VAL A 428 30.84 31.33 -31.47
CA VAL A 428 31.28 29.97 -31.71
C VAL A 428 30.72 29.08 -30.61
N PHE A 429 30.82 27.76 -30.83
CA PHE A 429 30.31 26.77 -29.91
C PHE A 429 31.35 25.66 -29.74
N ARG A 430 31.40 25.10 -28.54
CA ARG A 430 32.33 24.01 -28.24
C ARG A 430 31.80 23.23 -27.05
N MET A 431 31.94 21.90 -27.11
CA MET A 431 31.38 21.01 -26.10
C MET A 431 32.32 20.91 -24.91
N GLY A 432 32.08 21.75 -23.91
CA GLY A 432 32.78 21.69 -22.64
C GLY A 432 34.06 22.52 -22.58
N SER A 433 34.59 22.94 -23.73
CA SER A 433 35.80 23.75 -23.72
C SER A 433 35.56 25.12 -23.07
N GLU A 434 34.42 25.74 -23.38
CA GLU A 434 34.07 27.03 -22.81
C GLU A 434 32.64 27.02 -22.29
N GLY A 435 32.11 28.20 -21.97
CA GLY A 435 30.73 28.32 -21.53
C GLY A 435 29.75 28.13 -22.67
N HIS A 436 28.46 28.20 -22.32
CA HIS A 436 27.36 28.02 -23.26
C HIS A 436 27.47 26.68 -23.98
N GLN A 437 27.53 25.60 -23.20
CA GLN A 437 27.58 24.26 -23.76
C GLN A 437 26.27 23.83 -24.40
N ASP A 438 25.20 24.61 -24.22
CA ASP A 438 23.89 24.29 -24.78
C ASP A 438 23.64 25.15 -26.01
N ILE A 439 23.24 24.50 -27.11
CA ILE A 439 22.91 25.23 -28.33
C ILE A 439 21.72 26.15 -28.09
N ASP A 440 20.75 25.70 -27.30
CA ASP A 440 19.58 26.51 -27.00
C ASP A 440 19.98 27.80 -26.30
N LEU A 441 20.90 27.73 -25.34
CA LEU A 441 21.38 28.94 -24.68
C LEU A 441 22.22 29.78 -25.62
N ALA A 442 23.02 29.14 -26.48
CA ALA A 442 23.91 29.88 -27.36
C ALA A 442 23.13 30.74 -28.36
N ILE A 443 22.06 30.19 -28.93
CA ILE A 443 21.31 30.90 -29.96
C ILE A 443 20.62 32.13 -29.37
N LEU A 444 19.98 31.97 -28.20
CA LEU A 444 19.20 33.06 -27.65
C LEU A 444 20.09 34.20 -27.15
N THR A 445 21.24 33.86 -26.56
CA THR A 445 22.14 34.91 -26.07
C THR A 445 22.73 35.73 -27.20
N ALA A 446 22.86 35.15 -28.40
CA ALA A 446 23.39 35.90 -29.53
C ALA A 446 22.46 37.04 -29.93
N LEU A 447 21.15 36.79 -29.88
CA LEU A 447 20.17 37.81 -30.25
C LEU A 447 20.10 38.95 -29.25
N LEU A 448 20.51 38.71 -28.00
CA LEU A 448 20.46 39.76 -26.99
C LEU A 448 21.66 40.69 -27.09
N LYS A 449 22.88 40.12 -27.03
CA LYS A 449 24.07 40.96 -27.12
C LYS A 449 24.31 41.45 -28.55
N GLY A 450 23.83 40.72 -29.54
CA GLY A 450 24.02 41.13 -30.92
C GLY A 450 23.15 42.29 -31.34
N ALA A 451 22.02 42.50 -30.66
CA ALA A 451 21.16 43.62 -30.99
C ALA A 451 21.71 44.95 -30.52
N ASN A 452 22.59 44.94 -29.50
CA ASN A 452 23.14 46.16 -28.92
C ASN A 452 22.03 47.09 -28.45
N ALA A 453 20.98 46.51 -27.87
CA ALA A 453 19.83 47.26 -27.40
C ALA A 453 19.91 47.44 -25.89
N SER A 454 19.08 48.35 -25.38
CA SER A 454 19.07 48.66 -23.96
C SER A 454 18.37 47.55 -23.18
N ALA A 455 18.47 47.63 -21.85
CA ALA A 455 17.85 46.63 -20.99
C ALA A 455 16.34 46.51 -21.18
N PRO A 456 15.56 47.59 -21.30
CA PRO A 456 14.12 47.41 -21.57
C PRO A 456 13.83 46.61 -22.83
N ASP A 457 14.63 46.80 -23.89
CA ASP A 457 14.39 46.05 -25.12
C ASP A 457 14.67 44.57 -24.92
N GLN A 458 15.75 44.23 -24.23
CA GLN A 458 16.04 42.83 -23.94
C GLN A 458 14.95 42.22 -23.07
N LEU A 459 14.47 42.97 -22.08
CA LEU A 459 13.40 42.46 -21.22
C LEU A 459 12.13 42.24 -22.02
N SER A 460 11.80 43.15 -22.94
CA SER A 460 10.63 42.98 -23.79
C SER A 460 10.76 41.74 -24.67
N LEU A 461 11.95 41.52 -25.25
CA LEU A 461 12.17 40.34 -26.06
C LEU A 461 12.02 39.06 -25.24
N ALA A 462 12.60 39.05 -24.02
CA ALA A 462 12.48 37.88 -23.16
C ALA A 462 11.03 37.63 -22.76
N LEU A 463 10.28 38.71 -22.50
CA LEU A 463 8.86 38.58 -22.16
C LEU A 463 8.08 38.01 -23.33
N ALA A 464 8.41 38.45 -24.55
CA ALA A 464 7.75 37.91 -25.74
C ALA A 464 8.06 36.43 -25.92
N TRP A 465 9.32 36.04 -25.68
CA TRP A 465 9.72 34.65 -25.80
C TRP A 465 9.27 33.79 -24.63
N ASN A 466 8.75 34.39 -23.56
CA ASN A 466 8.33 33.67 -22.36
C ASN A 466 9.48 32.85 -21.78
N ARG A 467 10.67 33.43 -21.78
CA ARG A 467 11.87 32.84 -21.18
C ARG A 467 12.27 33.70 -19.99
N VAL A 468 12.13 33.16 -18.79
CA VAL A 468 12.38 33.92 -17.57
C VAL A 468 13.79 33.66 -17.09
N ASP A 469 14.33 32.47 -17.40
CA ASP A 469 15.71 32.17 -17.02
C ASP A 469 16.70 33.06 -17.75
N ILE A 470 16.43 33.33 -19.03
CA ILE A 470 17.32 34.21 -19.80
C ILE A 470 17.33 35.61 -19.20
N ALA A 471 16.15 36.13 -18.84
CA ALA A 471 16.08 37.45 -18.24
C ALA A 471 16.76 37.47 -16.87
N ARG A 472 16.60 36.40 -16.09
CA ARG A 472 17.22 36.33 -14.78
C ARG A 472 18.74 36.30 -14.87
N SER A 473 19.28 35.55 -15.83
CA SER A 473 20.73 35.38 -15.94
C SER A 473 21.38 36.47 -16.79
N GLN A 474 20.82 36.76 -17.96
CA GLN A 474 21.47 37.67 -18.89
C GLN A 474 21.13 39.13 -18.62
N ILE A 475 19.86 39.44 -18.35
CA ILE A 475 19.43 40.83 -18.28
C ILE A 475 19.68 41.41 -16.89
N PHE A 476 19.07 40.83 -15.87
CA PHE A 476 19.24 41.36 -14.52
C PHE A 476 20.61 41.00 -13.97
N ILE A 477 21.57 41.91 -14.13
CA ILE A 477 22.96 41.69 -13.72
C ILE A 477 23.43 42.86 -12.89
N TYR A 478 24.73 42.85 -12.54
CA TYR A 478 25.33 43.87 -11.69
C TYR A 478 25.27 45.25 -12.34
N GLY A 479 24.41 46.13 -11.82
CA GLY A 479 24.36 47.50 -12.29
C GLY A 479 23.84 47.70 -13.70
N GLN A 480 22.55 47.44 -13.92
CA GLN A 480 21.94 47.62 -15.23
C GLN A 480 21.45 49.04 -15.49
N GLN A 481 21.48 49.91 -14.48
CA GLN A 481 21.04 51.31 -14.56
C GLN A 481 19.77 51.47 -15.39
N TRP A 482 18.71 50.84 -14.90
CA TRP A 482 17.42 50.90 -15.58
C TRP A 482 16.92 52.35 -15.62
N PRO A 483 16.28 52.78 -16.70
CA PRO A 483 15.70 54.12 -16.73
C PRO A 483 14.54 54.28 -15.76
N VAL A 484 14.02 55.49 -15.64
CA VAL A 484 12.92 55.77 -14.71
C VAL A 484 11.61 55.35 -15.37
N GLY A 485 10.87 54.48 -14.68
CA GLY A 485 9.58 54.02 -15.15
C GLY A 485 9.60 52.84 -16.11
N SER A 486 10.78 52.29 -16.40
CA SER A 486 10.84 51.14 -17.30
C SER A 486 10.26 49.90 -16.66
N LEU A 487 10.58 49.66 -15.37
CA LEU A 487 10.10 48.45 -14.71
C LEU A 487 8.60 48.45 -14.53
N GLU A 488 7.99 49.60 -14.27
CA GLU A 488 6.53 49.66 -14.17
C GLU A 488 5.87 49.34 -15.51
N GLN A 489 6.43 49.85 -16.60
CA GLN A 489 5.91 49.52 -17.93
C GLN A 489 6.08 48.04 -18.22
N ALA A 490 7.21 47.46 -17.81
CA ALA A 490 7.41 46.02 -17.99
C ALA A 490 6.40 45.22 -17.20
N MET A 491 6.11 45.64 -15.97
CA MET A 491 5.09 44.96 -15.16
C MET A 491 3.71 45.07 -15.81
N LEU A 492 3.38 46.24 -16.35
CA LEU A 492 2.10 46.41 -17.02
C LEU A 492 2.01 45.51 -18.26
N ASP A 493 3.10 45.39 -19.01
CA ASP A 493 3.11 44.52 -20.18
C ASP A 493 3.04 43.05 -19.80
N ALA A 494 3.64 42.67 -18.66
CA ALA A 494 3.63 41.28 -18.23
C ALA A 494 2.29 40.88 -17.64
N LEU A 495 1.59 41.80 -16.98
CA LEU A 495 0.30 41.46 -16.38
C LEU A 495 -0.72 41.07 -17.45
N VAL A 496 -0.77 41.81 -18.57
CA VAL A 496 -1.76 41.53 -19.59
C VAL A 496 -1.46 40.26 -20.37
N LEU A 497 -0.20 39.79 -20.34
CA LEU A 497 0.19 38.58 -21.05
C LEU A 497 0.13 37.33 -20.20
N ASP A 498 -0.31 37.44 -18.94
CA ASP A 498 -0.40 36.30 -18.03
C ASP A 498 0.96 35.62 -17.84
N ARG A 499 1.98 36.44 -17.58
CA ARG A 499 3.33 35.96 -17.32
C ARG A 499 3.57 36.04 -15.82
N VAL A 500 3.22 34.97 -15.11
CA VAL A 500 3.31 34.98 -13.65
C VAL A 500 4.77 35.04 -13.20
N ASP A 501 5.65 34.28 -13.87
CA ASP A 501 7.05 34.26 -13.46
C ASP A 501 7.71 35.63 -13.65
N PHE A 502 7.35 36.34 -14.72
CA PHE A 502 7.91 37.67 -14.93
C PHE A 502 7.38 38.66 -13.90
N VAL A 503 6.11 38.53 -13.50
CA VAL A 503 5.57 39.37 -12.44
C VAL A 503 6.33 39.12 -11.14
N LYS A 504 6.58 37.85 -10.81
CA LYS A 504 7.33 37.52 -9.60
C LYS A 504 8.75 38.07 -9.66
N LEU A 505 9.40 37.94 -10.82
CA LEU A 505 10.77 38.45 -10.98
C LEU A 505 10.82 39.95 -10.82
N LEU A 506 9.86 40.67 -11.41
CA LEU A 506 9.85 42.12 -11.30
C LEU A 506 9.54 42.57 -9.87
N ILE A 507 8.65 41.84 -9.18
CA ILE A 507 8.39 42.13 -7.78
C ILE A 507 9.66 41.94 -6.95
N GLU A 508 10.43 40.89 -7.25
CA GLU A 508 11.69 40.66 -6.55
C GLU A 508 12.75 41.70 -6.86
N ASN A 509 12.54 42.57 -7.85
CA ASN A 509 13.55 43.52 -8.30
C ASN A 509 13.08 44.97 -8.12
N GLY A 510 12.46 45.26 -6.98
CA GLY A 510 12.17 46.63 -6.59
C GLY A 510 10.77 47.12 -6.91
N VAL A 511 10.06 46.45 -7.81
CA VAL A 511 8.73 46.91 -8.18
C VAL A 511 7.77 46.68 -7.02
N SER A 512 6.99 47.71 -6.68
CA SER A 512 6.04 47.67 -5.59
C SER A 512 4.63 47.93 -6.13
N MET A 513 3.67 47.12 -5.70
CA MET A 513 2.30 47.26 -6.17
C MET A 513 1.55 48.41 -5.53
N HIS A 514 2.03 48.92 -4.39
CA HIS A 514 1.34 50.03 -3.73
C HIS A 514 1.48 51.32 -4.53
N ARG A 515 2.54 51.46 -5.30
CA ARG A 515 2.75 52.64 -6.13
C ARG A 515 2.45 52.38 -7.61
N PHE A 516 2.60 51.14 -8.06
CA PHE A 516 2.34 50.81 -9.46
C PHE A 516 0.86 50.91 -9.79
N LEU A 517 0.01 50.30 -8.96
CA LEU A 517 -1.41 50.17 -9.29
C LEU A 517 -2.14 51.49 -9.09
N THR A 518 -2.89 51.91 -10.12
CA THR A 518 -3.73 53.09 -10.08
C THR A 518 -5.07 52.75 -10.72
N ILE A 519 -5.98 53.72 -10.71
CA ILE A 519 -7.29 53.52 -11.34
C ILE A 519 -7.14 53.33 -12.84
N SER A 520 -6.32 54.17 -13.47
CA SER A 520 -6.14 54.07 -14.92
C SER A 520 -5.51 52.74 -15.32
N ARG A 521 -4.48 52.31 -14.58
CA ARG A 521 -3.83 51.04 -14.89
C ARG A 521 -4.79 49.87 -14.66
N LEU A 522 -5.60 49.94 -13.61
CA LEU A 522 -6.57 48.88 -13.35
C LEU A 522 -7.60 48.81 -14.48
N GLU A 523 -8.08 49.96 -14.95
CA GLU A 523 -9.02 49.97 -16.06
C GLU A 523 -8.38 49.42 -17.33
N GLU A 524 -7.11 49.76 -17.58
CA GLU A 524 -6.43 49.20 -18.74
C GLU A 524 -6.29 47.69 -18.61
N LEU A 525 -6.05 47.20 -17.40
CA LEU A 525 -6.00 45.75 -17.17
C LEU A 525 -7.34 45.11 -17.45
N TYR A 526 -8.43 45.76 -17.04
CA TYR A 526 -9.77 45.19 -17.24
C TYR A 526 -10.22 45.22 -18.69
N ASN A 527 -9.52 45.93 -19.57
CA ASN A 527 -9.88 46.04 -20.98
C ASN A 527 -8.80 45.50 -21.90
N THR A 528 -8.17 44.38 -21.52
CA THR A 528 -7.13 43.78 -22.32
C THR A 528 -7.68 42.63 -23.17
N ARG A 529 -6.86 42.18 -24.12
CA ARG A 529 -7.23 41.09 -25.01
C ARG A 529 -6.13 40.05 -25.18
N HIS A 530 -4.97 40.24 -24.58
CA HIS A 530 -3.82 39.34 -24.77
C HIS A 530 -3.82 38.19 -23.77
N GLY A 531 -4.93 37.47 -23.67
CA GLY A 531 -5.04 36.38 -22.73
C GLY A 531 -6.10 35.37 -23.12
N PRO A 532 -6.30 34.37 -22.26
CA PRO A 532 -7.34 33.37 -22.53
C PRO A 532 -8.73 33.97 -22.48
N SER A 533 -9.64 33.36 -23.23
CA SER A 533 -11.01 33.86 -23.31
C SER A 533 -11.71 33.77 -21.98
N ASN A 534 -12.57 34.76 -21.70
CA ASN A 534 -13.33 34.83 -20.46
C ASN A 534 -14.77 35.20 -20.78
N THR A 535 -15.62 35.10 -19.77
CA THR A 535 -17.05 35.37 -19.90
C THR A 535 -17.46 36.70 -19.26
N LEU A 536 -16.52 37.61 -19.05
CA LEU A 536 -16.83 38.87 -18.39
C LEU A 536 -17.80 39.72 -19.22
N TYR A 537 -17.59 39.77 -20.54
CA TYR A 537 -18.40 40.67 -21.37
C TYR A 537 -19.86 40.23 -21.38
N HIS A 538 -20.12 38.92 -21.38
CA HIS A 538 -21.49 38.44 -21.32
C HIS A 538 -22.17 38.85 -20.03
N LEU A 539 -21.46 38.74 -18.90
CA LEU A 539 -22.02 39.16 -17.62
C LEU A 539 -22.29 40.66 -17.62
N VAL A 540 -21.37 41.46 -18.17
CA VAL A 540 -21.57 42.90 -18.22
C VAL A 540 -22.80 43.24 -19.08
N ARG A 541 -22.94 42.57 -20.22
CA ARG A 541 -24.09 42.82 -21.09
C ARG A 541 -25.39 42.45 -20.39
N ASP A 542 -25.40 41.31 -19.68
CA ASP A 542 -26.61 40.90 -18.97
C ASP A 542 -26.97 41.87 -17.86
N VAL A 543 -25.96 42.36 -17.13
CA VAL A 543 -26.22 43.32 -16.06
C VAL A 543 -26.77 44.63 -16.63
N LYS A 544 -26.22 45.09 -17.75
CA LYS A 544 -26.66 46.32 -18.38
C LYS A 544 -27.92 46.15 -19.21
N LYS A 545 -28.65 45.05 -19.01
CA LYS A 545 -29.93 44.78 -19.68
C LYS A 545 -29.76 44.69 -21.20
N GLY A 546 -28.59 44.26 -21.66
CA GLY A 546 -28.36 44.08 -23.08
C GLY A 546 -28.52 45.34 -23.91
N ASN A 547 -28.03 46.47 -23.40
CA ASN A 547 -28.16 47.75 -24.09
C ASN A 547 -26.82 48.44 -24.33
N LEU A 548 -25.71 47.72 -24.15
CA LEU A 548 -24.41 48.33 -24.34
C LEU A 548 -24.16 48.58 -25.83
N PRO A 549 -23.45 49.66 -26.17
CA PRO A 549 -23.06 49.89 -27.56
C PRO A 549 -21.98 48.91 -27.98
N PRO A 550 -21.82 48.68 -29.27
CA PRO A 550 -20.73 47.81 -29.74
C PRO A 550 -19.37 48.39 -29.37
N ASP A 551 -18.41 47.49 -29.17
CA ASP A 551 -17.04 47.80 -28.74
C ASP A 551 -17.03 48.84 -27.60
N TYR A 552 -17.89 48.58 -26.61
CA TYR A 552 -17.96 49.45 -25.44
C TYR A 552 -16.78 49.23 -24.52
N ARG A 553 -16.40 50.27 -23.78
CA ARG A 553 -15.28 50.23 -22.86
C ARG A 553 -15.80 50.08 -21.43
N ILE A 554 -15.31 49.06 -20.74
CA ILE A 554 -15.78 48.74 -19.40
C ILE A 554 -15.11 49.65 -18.39
N SER A 555 -15.89 50.21 -17.47
CA SER A 555 -15.41 51.03 -16.37
C SER A 555 -15.49 50.24 -15.07
N LEU A 556 -15.04 50.88 -13.98
CA LEU A 556 -15.03 50.19 -12.69
C LEU A 556 -16.43 50.10 -12.09
N ILE A 557 -17.34 51.00 -12.45
CA ILE A 557 -18.70 50.92 -11.93
C ILE A 557 -19.41 49.69 -12.48
N ASP A 558 -19.16 49.36 -13.75
CA ASP A 558 -19.73 48.13 -14.32
C ASP A 558 -19.19 46.90 -13.60
N ILE A 559 -17.89 46.90 -13.28
CA ILE A 559 -17.31 45.78 -12.54
C ILE A 559 -17.94 45.69 -11.15
N GLY A 560 -18.16 46.82 -10.50
CA GLY A 560 -18.82 46.80 -9.20
C GLY A 560 -20.23 46.25 -9.29
N LEU A 561 -20.98 46.64 -10.32
CA LEU A 561 -22.32 46.10 -10.50
C LEU A 561 -22.28 44.60 -10.74
N VAL A 562 -21.32 44.12 -11.53
CA VAL A 562 -21.18 42.69 -11.77
C VAL A 562 -20.87 41.96 -10.47
N ILE A 563 -19.99 42.52 -9.65
CA ILE A 563 -19.64 41.90 -8.38
C ILE A 563 -20.86 41.85 -7.45
N GLU A 564 -21.64 42.93 -7.41
CA GLU A 564 -22.83 42.95 -6.58
C GLU A 564 -23.84 41.91 -7.06
N TYR A 565 -24.00 41.77 -8.38
CA TYR A 565 -24.91 40.77 -8.90
C TYR A 565 -24.45 39.35 -8.56
N LEU A 566 -23.14 39.10 -8.67
CA LEU A 566 -22.63 37.75 -8.45
C LEU A 566 -22.66 37.37 -6.97
N MET A 567 -22.25 38.28 -6.08
CA MET A 567 -22.09 37.92 -4.67
C MET A 567 -23.42 37.53 -4.03
N GLY A 568 -24.48 38.30 -4.30
CA GLY A 568 -25.77 37.97 -3.72
C GLY A 568 -26.66 39.20 -3.63
N GLY A 569 -27.59 39.14 -2.69
CA GLY A 569 -28.58 40.19 -2.54
C GLY A 569 -28.12 41.43 -1.81
N ALA A 570 -27.71 41.28 -0.55
CA ALA A 570 -27.37 42.41 0.30
C ALA A 570 -25.93 42.88 0.15
N TYR A 571 -25.13 42.21 -0.68
CA TYR A 571 -23.74 42.61 -0.84
C TYR A 571 -23.63 43.94 -1.56
N ARG A 572 -22.71 44.77 -1.10
CA ARG A 572 -22.47 46.09 -1.68
C ARG A 572 -20.99 46.23 -1.99
N CYS A 573 -20.67 46.40 -3.27
CA CYS A 573 -19.28 46.56 -3.67
C CYS A 573 -18.77 47.95 -3.32
N ASN A 574 -17.46 48.06 -3.13
CA ASN A 574 -16.85 49.34 -2.78
C ASN A 574 -16.79 50.30 -3.95
N TYR A 575 -16.86 49.79 -5.19
CA TYR A 575 -16.81 50.67 -6.36
C TYR A 575 -18.07 51.51 -6.47
N THR A 576 -19.22 50.97 -6.11
CA THR A 576 -20.50 51.65 -6.28
C THR A 576 -20.83 52.59 -5.12
N ARG A 577 -19.98 52.66 -4.10
CA ARG A 577 -20.24 53.56 -3.00
C ARG A 577 -20.03 55.01 -3.43
N LYS A 578 -20.66 55.92 -2.67
CA LYS A 578 -20.71 57.32 -3.09
C LYS A 578 -19.34 57.98 -3.08
N ARG A 579 -18.49 57.64 -2.12
CA ARG A 579 -17.16 58.25 -2.06
C ARG A 579 -16.35 57.90 -3.31
N PHE A 580 -16.37 56.63 -3.72
CA PHE A 580 -15.62 56.24 -4.91
C PHE A 580 -16.22 56.88 -6.16
N ARG A 581 -17.55 57.01 -6.21
CA ARG A 581 -18.17 57.67 -7.36
C ARG A 581 -17.76 59.13 -7.45
N THR A 582 -17.70 59.82 -6.30
CA THR A 582 -17.25 61.21 -6.31
C THR A 582 -15.79 61.31 -6.73
N LEU A 583 -14.95 60.40 -6.23
CA LEU A 583 -13.53 60.44 -6.60
C LEU A 583 -13.33 60.09 -8.07
N TYR A 584 -14.22 59.29 -8.65
CA TYR A 584 -14.11 58.85 -10.02
C TYR A 584 -14.66 59.89 -11.00
N HIS A 585 -15.73 60.59 -10.63
CA HIS A 585 -16.29 61.62 -11.51
C HIS A 585 -15.41 62.86 -11.54
N ASN A 586 -14.69 63.14 -10.46
CA ASN A 586 -13.84 64.32 -10.37
C ASN A 586 -12.39 64.02 -10.75
N LEU A 587 -12.16 63.05 -11.62
CA LEU A 587 -10.81 62.72 -12.07
C LEU A 587 -10.84 61.99 -13.41
N ASN A 631 -5.99 56.92 -8.63
CA ASN A 631 -5.33 57.64 -7.54
C ASN A 631 -4.44 56.71 -6.73
N HIS A 632 -5.05 55.92 -5.85
CA HIS A 632 -4.30 55.01 -5.00
C HIS A 632 -5.23 53.93 -4.47
N PHE A 633 -4.63 52.84 -4.02
CA PHE A 633 -5.36 51.74 -3.41
C PHE A 633 -4.64 51.29 -2.14
N PRO A 634 -5.27 51.39 -0.97
CA PRO A 634 -4.61 50.93 0.26
C PRO A 634 -4.27 49.45 0.25
N PHE A 635 -5.07 48.61 -0.40
CA PHE A 635 -4.84 47.18 -0.48
C PHE A 635 -4.92 46.74 -1.94
N PRO A 636 -3.84 46.97 -2.70
CA PRO A 636 -3.89 46.67 -4.14
C PRO A 636 -4.14 45.20 -4.46
N PHE A 637 -3.65 44.29 -3.60
CA PHE A 637 -3.79 42.87 -3.89
C PHE A 637 -5.24 42.41 -3.86
N HIS A 638 -6.11 43.08 -3.10
CA HIS A 638 -7.54 42.75 -3.16
C HIS A 638 -8.08 42.97 -4.57
N GLU A 639 -7.83 44.14 -5.15
CA GLU A 639 -8.28 44.43 -6.50
C GLU A 639 -7.62 43.51 -7.51
N LEU A 640 -6.33 43.23 -7.34
CA LEU A 640 -5.64 42.35 -8.28
C LEU A 640 -6.21 40.94 -8.26
N MET A 641 -6.50 40.42 -7.07
CA MET A 641 -7.07 39.07 -6.97
C MET A 641 -8.49 39.04 -7.52
N VAL A 642 -9.28 40.09 -7.28
CA VAL A 642 -10.63 40.14 -7.84
C VAL A 642 -10.56 40.16 -9.37
N TRP A 643 -9.63 40.95 -9.92
CA TRP A 643 -9.47 41.00 -11.37
C TRP A 643 -9.04 39.65 -11.92
N ALA A 644 -8.12 38.98 -11.24
CA ALA A 644 -7.67 37.67 -11.70
C ALA A 644 -8.80 36.64 -11.65
N VAL A 645 -9.64 36.71 -10.62
CA VAL A 645 -10.76 35.77 -10.51
C VAL A 645 -11.80 36.03 -11.59
N LEU A 646 -12.10 37.31 -11.85
CA LEU A 646 -13.15 37.62 -12.83
C LEU A 646 -12.71 37.26 -14.25
N MET A 647 -11.43 37.39 -14.57
CA MET A 647 -10.92 37.09 -15.90
C MET A 647 -10.48 35.64 -16.06
N LYS A 648 -10.70 34.81 -15.04
CA LYS A 648 -10.44 33.37 -15.11
C LYS A 648 -8.96 33.08 -15.37
N ARG A 649 -8.10 33.65 -14.54
CA ARG A 649 -6.67 33.39 -14.55
C ARG A 649 -6.32 32.80 -13.18
N GLN A 650 -6.43 31.47 -13.09
CA GLN A 650 -6.30 30.80 -11.80
C GLN A 650 -4.90 30.94 -11.22
N LYS A 651 -3.86 30.80 -12.04
CA LYS A 651 -2.50 30.87 -11.54
C LYS A 651 -2.18 32.26 -10.98
N MET A 652 -2.61 33.31 -11.69
CA MET A 652 -2.39 34.67 -11.21
C MET A 652 -3.14 34.91 -9.92
N ALA A 653 -4.38 34.40 -9.82
CA ALA A 653 -5.15 34.57 -8.59
C ALA A 653 -4.52 33.84 -7.42
N LEU A 654 -3.99 32.64 -7.66
CA LEU A 654 -3.30 31.91 -6.60
C LEU A 654 -2.03 32.63 -6.16
N PHE A 655 -1.31 33.23 -7.11
CA PHE A 655 -0.14 34.03 -6.74
C PHE A 655 -0.53 35.24 -5.91
N PHE A 656 -1.61 35.92 -6.30
CA PHE A 656 -2.03 37.12 -5.58
C PHE A 656 -2.67 36.82 -4.23
N TRP A 657 -3.18 35.60 -4.04
CA TRP A 657 -3.91 35.29 -2.81
C TRP A 657 -2.99 35.35 -1.58
N GLN A 658 -1.76 34.83 -1.71
CA GLN A 658 -0.87 34.73 -0.55
C GLN A 658 -0.17 36.03 -0.22
N HIS A 659 -0.29 37.06 -1.05
CA HIS A 659 0.31 38.36 -0.78
C HIS A 659 -0.76 39.33 -0.32
N GLY A 660 -0.61 39.87 0.88
CA GLY A 660 -1.55 40.82 1.45
C GLY A 660 -2.17 40.29 2.72
N GLU A 661 -3.16 41.02 3.21
CA GLU A 661 -3.88 40.66 4.43
C GLU A 661 -5.25 40.09 4.09
N GLU A 662 -5.88 39.50 5.10
CA GLU A 662 -7.23 38.94 5.01
C GLU A 662 -7.30 37.86 3.93
N ALA A 663 -6.47 36.83 4.11
CA ALA A 663 -6.39 35.76 3.11
C ALA A 663 -7.64 34.89 3.11
N MET A 664 -8.18 34.57 4.29
CA MET A 664 -9.32 33.67 4.36
C MET A 664 -10.57 34.30 3.76
N ALA A 665 -10.80 35.58 4.04
CA ALA A 665 -11.94 36.27 3.44
C ALA A 665 -11.80 36.34 1.92
N LYS A 666 -10.58 36.59 1.44
CA LYS A 666 -10.34 36.61 0.01
C LYS A 666 -10.63 35.25 -0.62
N ALA A 667 -10.21 34.17 0.05
CA ALA A 667 -10.48 32.83 -0.48
C ALA A 667 -11.97 32.55 -0.53
N LEU A 668 -12.70 32.92 0.53
CA LEU A 668 -14.15 32.68 0.54
C LEU A 668 -14.85 33.49 -0.56
N VAL A 669 -14.45 34.74 -0.74
CA VAL A 669 -15.03 35.58 -1.78
C VAL A 669 -14.73 35.00 -3.17
N ALA A 670 -13.50 34.53 -3.38
CA ALA A 670 -13.15 33.92 -4.66
C ALA A 670 -13.98 32.67 -4.92
N CYS A 671 -14.17 31.84 -3.89
CA CYS A 671 -14.97 30.63 -4.04
C CYS A 671 -16.41 30.98 -4.43
N LYS A 672 -17.00 31.95 -3.73
CA LYS A 672 -18.37 32.34 -4.04
C LYS A 672 -18.48 32.90 -5.46
N LEU A 673 -17.53 33.75 -5.84
CA LEU A 673 -17.56 34.34 -7.19
C LEU A 673 -17.43 33.27 -8.26
N CYS A 674 -16.51 32.31 -8.06
CA CYS A 674 -16.35 31.24 -9.04
C CYS A 674 -17.60 30.38 -9.13
N LYS A 675 -18.24 30.09 -7.99
CA LYS A 675 -19.49 29.32 -8.01
C LYS A 675 -20.58 30.05 -8.79
N ALA A 676 -20.74 31.35 -8.53
CA ALA A 676 -21.75 32.13 -9.23
C ALA A 676 -21.46 32.21 -10.72
N MET A 677 -20.18 32.40 -11.08
CA MET A 677 -19.82 32.47 -12.49
C MET A 677 -20.06 31.13 -13.19
N ALA A 678 -19.77 30.02 -12.51
CA ALA A 678 -20.04 28.71 -13.08
C ALA A 678 -21.53 28.51 -13.30
N HIS A 679 -22.35 28.92 -12.33
CA HIS A 679 -23.80 28.82 -12.50
C HIS A 679 -24.28 29.64 -13.69
N GLU A 680 -23.79 30.89 -13.79
CA GLU A 680 -24.20 31.75 -14.90
C GLU A 680 -23.76 31.18 -16.24
N ALA A 681 -22.53 30.67 -16.32
CA ALA A 681 -22.04 30.09 -17.57
C ALA A 681 -22.85 28.86 -17.96
N SER A 682 -23.16 27.99 -17.00
CA SER A 682 -23.93 26.80 -17.32
C SER A 682 -25.38 27.12 -17.65
N GLU A 683 -25.90 28.26 -17.20
CA GLU A 683 -27.28 28.62 -17.49
C GLU A 683 -27.49 28.96 -18.96
N ASN A 684 -26.50 29.58 -19.60
CA ASN A 684 -26.66 30.17 -20.92
C ASN A 684 -25.84 29.44 -21.99
N ASP A 685 -25.88 28.11 -21.97
CA ASP A 685 -25.34 27.23 -23.01
C ASP A 685 -23.97 27.66 -23.52
N MET A 686 -22.96 27.62 -22.65
CA MET A 686 -21.59 27.87 -23.04
C MET A 686 -21.01 26.61 -23.69
N VAL A 687 -19.69 26.57 -23.86
CA VAL A 687 -19.01 25.43 -24.46
C VAL A 687 -18.98 24.25 -23.49
N ASP A 688 -19.56 24.44 -22.30
CA ASP A 688 -19.86 23.43 -21.30
C ASP A 688 -18.64 22.96 -20.50
N ASP A 689 -17.43 23.41 -20.84
CA ASP A 689 -16.26 23.12 -20.03
C ASP A 689 -15.82 24.29 -19.16
N ILE A 690 -16.22 25.51 -19.50
CA ILE A 690 -15.94 26.65 -18.64
C ILE A 690 -16.61 26.46 -17.28
N SER A 691 -17.79 25.86 -17.27
CA SER A 691 -18.49 25.61 -16.01
C SER A 691 -17.70 24.69 -15.11
N GLN A 692 -17.17 23.59 -15.66
CA GLN A 692 -16.39 22.67 -14.84
C GLN A 692 -15.06 23.28 -14.41
N GLU A 693 -14.44 24.11 -15.27
CA GLU A 693 -13.22 24.80 -14.85
C GLU A 693 -13.49 25.74 -13.68
N LEU A 694 -14.58 26.51 -13.76
CA LEU A 694 -14.93 27.41 -12.67
C LEU A 694 -15.28 26.64 -11.40
N ASN A 695 -15.96 25.50 -11.54
CA ASN A 695 -16.25 24.67 -10.37
C ASN A 695 -14.97 24.14 -9.72
N HIS A 696 -14.00 23.73 -10.53
CA HIS A 696 -12.73 23.27 -9.98
C HIS A 696 -12.00 24.41 -9.27
N ASN A 697 -12.03 25.61 -9.85
CA ASN A 697 -11.41 26.75 -9.18
C ASN A 697 -12.07 27.04 -7.84
N SER A 698 -13.41 26.99 -7.80
CA SER A 698 -14.12 27.21 -6.55
C SER A 698 -13.76 26.15 -5.51
N ARG A 699 -13.66 24.89 -5.93
CA ARG A 699 -13.27 23.83 -4.99
C ARG A 699 -11.87 24.06 -4.46
N ASP A 700 -10.95 24.48 -5.33
CA ASP A 700 -9.58 24.75 -4.89
C ASP A 700 -9.54 25.88 -3.86
N PHE A 701 -10.27 26.97 -4.12
CA PHE A 701 -10.30 28.07 -3.16
C PHE A 701 -10.94 27.65 -1.84
N GLY A 702 -12.00 26.86 -1.89
CA GLY A 702 -12.62 26.38 -0.66
C GLY A 702 -11.68 25.50 0.14
N GLN A 703 -10.94 24.62 -0.54
CA GLN A 703 -9.97 23.77 0.15
C GLN A 703 -8.87 24.61 0.78
N LEU A 704 -8.40 25.64 0.07
CA LEU A 704 -7.40 26.53 0.67
C LEU A 704 -7.94 27.21 1.92
N ALA A 705 -9.18 27.69 1.87
CA ALA A 705 -9.77 28.34 3.04
C ALA A 705 -9.88 27.36 4.21
N VAL A 706 -10.29 26.12 3.93
CA VAL A 706 -10.43 25.12 5.00
C VAL A 706 -9.08 24.82 5.62
N GLU A 707 -8.04 24.65 4.79
CA GLU A 707 -6.71 24.37 5.33
C GLU A 707 -6.18 25.53 6.15
N LEU A 708 -6.41 26.76 5.69
CA LEU A 708 -5.98 27.92 6.47
C LEU A 708 -6.69 27.98 7.82
N LEU A 709 -8.01 27.71 7.83
CA LEU A 709 -8.74 27.68 9.08
C LEU A 709 -8.20 26.61 10.02
N ASP A 710 -7.90 25.43 9.47
CA ASP A 710 -7.36 24.36 10.30
C ASP A 710 -6.02 24.75 10.91
N GLN A 711 -5.14 25.35 10.10
CA GLN A 711 -3.85 25.80 10.62
C GLN A 711 -4.03 26.84 11.71
N SER A 712 -4.93 27.81 11.48
CA SER A 712 -5.15 28.86 12.46
C SER A 712 -5.68 28.30 13.77
N TYR A 713 -6.63 27.37 13.70
CA TYR A 713 -7.15 26.75 14.92
C TYR A 713 -6.08 25.95 15.64
N LYS A 714 -5.26 25.22 14.88
CA LYS A 714 -4.22 24.39 15.50
C LYS A 714 -3.14 25.24 16.15
N GLN A 715 -2.91 26.46 15.65
CA GLN A 715 -1.85 27.29 16.21
C GLN A 715 -2.32 28.02 17.47
N ASP A 716 -3.50 28.65 17.42
CA ASP A 716 -4.01 29.40 18.56
C ASP A 716 -5.53 29.47 18.45
N GLU A 717 -6.23 28.93 19.45
CA GLU A 717 -7.69 28.78 19.34
C GLU A 717 -8.39 30.11 19.51
N GLN A 718 -7.99 30.92 20.50
CA GLN A 718 -8.71 32.16 20.78
C GLN A 718 -8.57 33.15 19.63
N LEU A 719 -7.37 33.32 19.09
CA LEU A 719 -7.18 34.20 17.94
C LEU A 719 -7.87 33.64 16.70
N ALA A 720 -7.93 32.32 16.56
CA ALA A 720 -8.66 31.73 15.44
C ALA A 720 -10.15 32.05 15.53
N MET A 721 -10.73 31.95 16.73
CA MET A 721 -12.14 32.31 16.89
C MET A 721 -12.36 33.79 16.66
N LYS A 722 -11.43 34.63 17.13
CA LYS A 722 -11.53 36.06 16.89
C LYS A 722 -11.43 36.39 15.41
N LEU A 723 -10.71 35.55 14.64
CA LEU A 723 -10.54 35.78 13.21
C LEU A 723 -11.81 35.53 12.42
N LEU A 724 -12.72 34.70 12.94
CA LEU A 724 -13.92 34.32 12.22
C LEU A 724 -15.11 35.25 12.47
N THR A 725 -14.97 36.23 13.35
CA THR A 725 -16.12 37.05 13.76
C THR A 725 -15.94 38.54 13.58
N TYR A 726 -14.72 39.04 13.39
CA TYR A 726 -14.54 40.48 13.30
C TYR A 726 -15.08 41.01 11.98
N GLU A 727 -15.51 42.27 12.01
CA GLU A 727 -16.17 42.88 10.85
C GLU A 727 -15.16 43.21 9.77
N LEU A 728 -15.52 42.91 8.53
CA LEU A 728 -14.67 43.15 7.37
C LEU A 728 -15.15 44.42 6.68
N LYS A 729 -14.46 45.53 6.93
CA LYS A 729 -14.87 46.81 6.36
C LYS A 729 -14.71 46.86 4.85
N ASN A 730 -13.83 46.03 4.29
CA ASN A 730 -13.56 46.04 2.86
C ASN A 730 -14.43 45.06 2.07
N TRP A 731 -15.27 44.27 2.75
CA TRP A 731 -16.10 43.25 2.10
C TRP A 731 -17.55 43.42 2.50
N SER A 732 -18.05 44.65 2.38
CA SER A 732 -19.45 44.98 2.63
C SER A 732 -19.87 44.68 4.07
N ASN A 733 -18.94 44.87 5.00
CA ASN A 733 -19.22 44.73 6.44
C ASN A 733 -19.79 43.36 6.77
N ALA A 734 -19.17 42.33 6.24
CA ALA A 734 -19.54 40.94 6.50
C ALA A 734 -18.48 40.28 7.36
N THR A 735 -18.72 39.01 7.71
CA THR A 735 -17.77 38.21 8.47
C THR A 735 -17.47 36.93 7.72
N CYS A 736 -16.38 36.26 8.10
CA CYS A 736 -15.97 35.03 7.43
C CYS A 736 -17.03 33.94 7.58
N LEU A 737 -17.72 33.90 8.73
CA LEU A 737 -18.78 32.91 8.90
C LEU A 737 -19.94 33.16 7.94
N GLN A 738 -20.34 34.42 7.78
CA GLN A 738 -21.41 34.74 6.85
C GLN A 738 -21.00 34.45 5.41
N LEU A 739 -19.74 34.74 5.06
CA LEU A 739 -19.26 34.44 3.72
C LEU A 739 -19.26 32.93 3.47
N ALA A 740 -18.85 32.14 4.46
CA ALA A 740 -18.85 30.69 4.30
C ALA A 740 -20.26 30.14 4.20
N VAL A 741 -21.20 30.72 4.95
CA VAL A 741 -22.59 30.27 4.85
C VAL A 741 -23.17 30.62 3.48
N ALA A 742 -22.86 31.81 2.97
CA ALA A 742 -23.37 32.23 1.68
C ALA A 742 -22.84 31.36 0.55
N ALA A 743 -21.62 30.84 0.69
CA ALA A 743 -21.03 29.96 -0.31
C ALA A 743 -21.41 28.50 -0.12
N LYS A 744 -22.21 28.19 0.89
CA LYS A 744 -22.64 26.82 1.18
C LYS A 744 -21.45 25.89 1.36
N HIS A 745 -20.44 26.37 2.08
CA HIS A 745 -19.23 25.59 2.35
C HIS A 745 -19.48 24.76 3.60
N ARG A 746 -19.84 23.49 3.41
CA ARG A 746 -20.18 22.63 4.54
C ARG A 746 -18.96 22.17 5.31
N ASP A 747 -17.83 21.97 4.64
CA ASP A 747 -16.62 21.57 5.34
C ASP A 747 -16.09 22.68 6.25
N PHE A 748 -16.29 23.94 5.87
CA PHE A 748 -15.84 25.04 6.71
C PHE A 748 -16.68 25.17 7.97
N ILE A 749 -18.00 25.08 7.83
CA ILE A 749 -18.90 25.24 8.97
C ILE A 749 -18.77 24.04 9.92
N ALA A 750 -18.60 22.85 9.37
CA ALA A 750 -18.54 21.64 10.18
C ALA A 750 -17.21 21.47 10.91
N HIS A 751 -16.30 22.44 10.82
CA HIS A 751 -15.03 22.34 11.51
C HIS A 751 -15.22 22.54 13.01
N THR A 752 -14.24 22.06 13.78
CA THR A 752 -14.35 22.11 15.23
C THR A 752 -14.39 23.55 15.75
N CYS A 753 -13.57 24.42 15.18
CA CYS A 753 -13.56 25.81 15.62
C CYS A 753 -14.90 26.49 15.37
N SER A 754 -15.48 26.26 14.19
CA SER A 754 -16.80 26.83 13.90
C SER A 754 -17.87 26.26 14.83
N GLN A 755 -17.78 24.96 15.13
CA GLN A 755 -18.76 24.34 16.01
C GLN A 755 -18.67 24.92 17.43
N MET A 756 -17.46 25.10 17.95
CA MET A 756 -17.33 25.67 19.28
C MET A 756 -17.71 27.15 19.31
N LEU A 757 -17.42 27.88 18.24
CA LEU A 757 -17.89 29.26 18.13
C LEU A 757 -19.42 29.31 18.15
N LEU A 758 -20.07 28.41 17.41
CA LEU A 758 -21.53 28.37 17.41
C LEU A 758 -22.07 27.97 18.76
N THR A 759 -21.39 27.06 19.47
CA THR A 759 -21.82 26.70 20.82
C THR A 759 -21.75 27.90 21.76
N ASP A 760 -20.65 28.65 21.71
CA ASP A 760 -20.52 29.84 22.53
C ASP A 760 -21.59 30.87 22.18
N MET A 761 -21.86 31.04 20.89
CA MET A 761 -22.89 31.98 20.44
C MET A 761 -24.28 31.54 20.90
N TRP A 762 -24.52 30.22 20.93
CA TRP A 762 -25.82 29.70 21.34
C TRP A 762 -26.03 29.80 22.83
N MET A 763 -24.97 29.62 23.61
CA MET A 763 -25.09 29.68 25.06
C MET A 763 -25.31 31.09 25.58
N GLY A 764 -25.16 32.11 24.73
CA GLY A 764 -25.37 33.47 25.17
C GLY A 764 -24.28 33.96 26.10
N ARG A 765 -24.67 34.79 27.06
CA ARG A 765 -23.76 35.35 28.05
C ARG A 765 -23.73 34.54 29.34
N LEU A 766 -24.03 33.26 29.26
CA LEU A 766 -24.02 32.36 30.41
C LEU A 766 -22.81 31.44 30.32
N ARG A 767 -22.18 31.18 31.47
CA ARG A 767 -20.96 30.40 31.54
C ARG A 767 -21.19 28.93 31.83
N MET A 768 -22.45 28.51 31.96
CA MET A 768 -22.74 27.12 32.30
C MET A 768 -22.38 26.20 31.13
N ARG A 769 -21.61 25.16 31.43
CA ARG A 769 -21.24 24.17 30.42
C ARG A 769 -21.44 22.75 30.95
N LYS A 770 -21.35 22.58 32.27
CA LYS A 770 -21.36 21.24 32.84
C LYS A 770 -22.76 20.63 32.82
N ASN A 771 -23.79 21.42 33.09
CA ASN A 771 -25.15 20.90 33.14
C ASN A 771 -26.10 22.03 32.73
N SER A 772 -26.51 22.02 31.47
CA SER A 772 -27.47 22.97 30.96
C SER A 772 -28.84 22.30 30.87
N GLY A 773 -29.82 23.03 30.32
CA GLY A 773 -31.16 22.49 30.20
C GLY A 773 -31.93 22.49 31.51
N LEU A 774 -31.47 21.70 32.48
CA LEU A 774 -32.15 21.64 33.77
C LEU A 774 -32.09 23.00 34.47
N LYS A 775 -30.93 23.64 34.47
CA LYS A 775 -30.81 24.96 35.08
C LYS A 775 -31.60 26.01 34.32
N VAL A 776 -31.60 25.93 32.99
CA VAL A 776 -32.36 26.88 32.18
C VAL A 776 -33.85 26.75 32.45
N ILE A 777 -34.34 25.51 32.49
CA ILE A 777 -35.75 25.26 32.75
C ILE A 777 -36.11 25.72 34.16
N LEU A 778 -35.24 25.45 35.14
CA LEU A 778 -35.48 25.89 36.51
C LEU A 778 -35.56 27.41 36.58
N GLY A 779 -34.66 28.10 35.89
CA GLY A 779 -34.70 29.56 35.88
C GLY A 779 -35.94 30.11 35.20
N ILE A 780 -36.38 29.46 34.11
CA ILE A 780 -37.61 29.89 33.44
C ILE A 780 -38.80 29.72 34.36
N LEU A 781 -38.89 28.57 35.04
CA LEU A 781 -40.02 28.31 35.93
C LEU A 781 -39.91 29.12 37.23
N LEU A 782 -38.69 29.36 37.71
CA LEU A 782 -38.45 30.10 38.94
C LEU A 782 -37.58 31.31 38.64
N PRO A 783 -38.18 32.46 38.33
CA PRO A 783 -37.39 33.67 38.04
C PRO A 783 -36.46 34.07 39.17
N PRO A 784 -36.84 33.89 40.45
CA PRO A 784 -35.86 34.19 41.51
C PRO A 784 -34.60 33.36 41.44
N SER A 785 -34.66 32.15 40.87
CA SER A 785 -33.50 31.28 40.81
C SER A 785 -32.46 31.73 39.79
N ILE A 786 -32.75 32.76 38.99
CA ILE A 786 -31.82 33.20 37.95
C ILE A 786 -30.54 33.75 38.58
N LEU A 787 -30.66 34.42 39.72
CA LEU A 787 -29.54 35.14 40.34
C LEU A 787 -28.46 34.23 40.90
N SER A 788 -28.48 32.91 40.70
CA SER A 788 -27.45 32.01 41.20
C SER A 788 -26.66 31.38 40.05
N LEU A 789 -26.38 32.17 39.01
CA LEU A 789 -25.67 31.69 37.84
C LEU A 789 -24.46 32.57 37.56
N GLU A 790 -23.43 31.98 36.97
CA GLU A 790 -22.21 32.70 36.61
C GLU A 790 -22.38 33.31 35.22
N PHE A 791 -22.22 34.62 35.14
CA PHE A 791 -22.38 35.37 33.91
C PHE A 791 -21.02 35.77 33.34
N LYS A 792 -21.00 35.97 32.02
CA LYS A 792 -19.79 36.44 31.36
C LYS A 792 -19.55 37.91 31.67
N ASN A 793 -18.30 38.33 31.54
CA ASN A 793 -17.91 39.70 31.81
C ASN A 793 -18.57 40.68 30.84
N GLY A 860 -30.37 43.05 38.68
CA GLY A 860 -31.14 43.95 37.86
C GLY A 860 -31.02 43.66 36.37
N ARG A 861 -29.79 43.72 35.86
CA ARG A 861 -29.51 43.47 34.46
C ARG A 861 -29.32 42.00 34.14
N LYS A 862 -29.27 41.13 35.16
CA LYS A 862 -29.13 39.70 34.91
C LYS A 862 -30.34 39.14 34.19
N ILE A 863 -31.53 39.66 34.47
CA ILE A 863 -32.74 39.14 33.85
C ILE A 863 -32.71 39.39 32.34
N TYR A 864 -32.31 40.59 31.93
CA TYR A 864 -32.28 40.92 30.51
C TYR A 864 -31.28 40.05 29.76
N GLU A 865 -30.09 39.85 30.33
CA GLU A 865 -29.10 39.00 29.68
C GLU A 865 -29.51 37.54 29.68
N PHE A 866 -30.21 37.09 30.72
CA PHE A 866 -30.65 35.70 30.78
C PHE A 866 -31.74 35.41 29.75
N TYR A 867 -32.76 36.27 29.69
CA TYR A 867 -33.89 35.99 28.82
C TYR A 867 -33.57 36.15 27.33
N ASN A 868 -32.54 36.93 26.99
CA ASN A 868 -32.19 37.15 25.60
C ASN A 868 -31.26 36.08 25.05
N ALA A 869 -30.84 35.12 25.87
CA ALA A 869 -30.04 34.01 25.36
C ALA A 869 -30.90 33.13 24.46
N PRO A 870 -30.36 32.66 23.34
CA PRO A 870 -31.15 31.81 22.43
C PRO A 870 -31.63 30.52 23.07
N ILE A 871 -30.85 29.93 23.97
CA ILE A 871 -31.25 28.66 24.58
C ILE A 871 -32.47 28.84 25.47
N VAL A 872 -32.53 29.96 26.20
CA VAL A 872 -33.69 30.23 27.03
C VAL A 872 -34.94 30.42 26.18
N LYS A 873 -34.82 31.14 25.07
CA LYS A 873 -35.95 31.30 24.16
C LYS A 873 -36.39 29.96 23.60
N PHE A 874 -35.43 29.10 23.25
CA PHE A 874 -35.77 27.78 22.72
C PHE A 874 -36.52 26.94 23.74
N TRP A 875 -36.06 26.96 25.00
CA TRP A 875 -36.75 26.18 26.03
C TRP A 875 -38.14 26.74 26.32
N PHE A 876 -38.28 28.07 26.32
CA PHE A 876 -39.60 28.66 26.49
C PHE A 876 -40.54 28.23 25.38
N TYR A 877 -40.05 28.25 24.13
CA TYR A 877 -40.83 27.83 23.00
C TYR A 877 -41.24 26.36 23.12
N THR A 878 -40.30 25.51 23.55
CA THR A 878 -40.59 24.09 23.71
C THR A 878 -41.67 23.86 24.77
N LEU A 879 -41.56 24.54 25.91
CA LEU A 879 -42.56 24.38 26.96
C LEU A 879 -43.94 24.85 26.48
N ALA A 880 -43.99 25.97 25.78
CA ALA A 880 -45.27 26.45 25.26
C ALA A 880 -45.87 25.47 24.26
N TYR A 881 -45.04 24.90 23.38
CA TYR A 881 -45.54 23.94 22.41
C TYR A 881 -46.04 22.68 23.10
N ILE A 882 -45.34 22.21 24.14
CA ILE A 882 -45.81 21.04 24.87
C ILE A 882 -47.14 21.32 25.53
N GLY A 883 -47.30 22.49 26.15
CA GLY A 883 -48.58 22.82 26.75
C GLY A 883 -49.71 22.90 25.74
N TYR A 884 -49.43 23.49 24.57
CA TYR A 884 -50.43 23.56 23.51
C TYR A 884 -50.83 22.17 23.03
N LEU A 885 -49.86 21.27 22.89
CA LEU A 885 -50.18 19.90 22.46
C LEU A 885 -51.02 19.19 23.50
N MET A 886 -50.70 19.39 24.78
CA MET A 886 -51.52 18.79 25.84
C MET A 886 -52.95 19.30 25.79
N LEU A 887 -53.12 20.61 25.61
CA LEU A 887 -54.48 21.17 25.52
C LEU A 887 -55.22 20.65 24.29
N PHE A 888 -54.51 20.50 23.17
CA PHE A 888 -55.15 19.94 21.97
C PHE A 888 -55.62 18.51 22.23
N ASN A 889 -54.78 17.70 22.87
CA ASN A 889 -55.19 16.34 23.21
C ASN A 889 -56.41 16.35 24.12
N TYR A 890 -56.43 17.25 25.11
CA TYR A 890 -57.57 17.31 26.02
C TYR A 890 -58.85 17.67 25.26
N ILE A 891 -58.78 18.67 24.38
CA ILE A 891 -60.00 19.10 23.69
C ILE A 891 -60.47 18.04 22.70
N VAL A 892 -59.56 17.26 22.11
CA VAL A 892 -60.02 16.24 21.16
C VAL A 892 -60.44 14.95 21.85
N LEU A 893 -60.03 14.71 23.10
CA LEU A 893 -60.37 13.45 23.75
C LEU A 893 -61.72 13.49 24.46
N VAL A 894 -62.20 14.66 24.86
CA VAL A 894 -63.40 14.77 25.67
C VAL A 894 -64.57 15.24 24.81
N LYS A 895 -65.76 15.21 25.38
CA LYS A 895 -66.97 15.58 24.66
C LYS A 895 -66.96 17.05 24.28
N MET A 896 -67.35 17.33 23.03
CA MET A 896 -67.40 18.68 22.50
C MET A 896 -68.81 19.25 22.64
N GLU A 897 -68.90 20.51 23.06
CA GLU A 897 -70.17 21.16 23.31
C GLU A 897 -70.49 22.16 22.20
N ARG A 898 -71.59 22.89 22.37
CA ARG A 898 -72.06 23.81 21.34
C ARG A 898 -71.05 24.93 21.10
N TRP A 899 -70.53 25.52 22.18
CA TRP A 899 -69.56 26.60 22.04
C TRP A 899 -68.21 26.17 22.59
N PRO A 900 -67.11 26.69 22.03
CA PRO A 900 -65.78 26.29 22.48
C PRO A 900 -65.56 26.60 23.95
N SER A 901 -64.84 25.71 24.63
CA SER A 901 -64.51 25.88 26.04
C SER A 901 -63.23 26.72 26.17
N THR A 902 -62.73 26.85 27.39
CA THR A 902 -61.54 27.67 27.62
C THR A 902 -60.32 27.10 26.92
N GLN A 903 -60.13 25.78 27.00
CA GLN A 903 -58.96 25.16 26.37
C GLN A 903 -59.00 25.31 24.85
N GLU A 904 -60.18 25.19 24.26
CA GLU A 904 -60.31 25.38 22.82
C GLU A 904 -59.98 26.82 22.44
N TRP A 905 -60.42 27.79 23.26
CA TRP A 905 -60.05 29.18 23.00
C TRP A 905 -58.54 29.37 23.09
N ILE A 906 -57.90 28.72 24.06
CA ILE A 906 -56.45 28.85 24.22
C ILE A 906 -55.74 28.29 22.99
N VAL A 907 -56.15 27.12 22.52
CA VAL A 907 -55.47 26.52 21.37
C VAL A 907 -55.73 27.33 20.10
N ILE A 908 -56.94 27.89 19.96
CA ILE A 908 -57.23 28.73 18.81
C ILE A 908 -56.37 29.99 18.84
N SER A 909 -56.23 30.60 20.02
CA SER A 909 -55.36 31.77 20.15
C SER A 909 -53.93 31.42 19.80
N TYR A 910 -53.45 30.26 20.28
CA TYR A 910 -52.10 29.83 19.96
C TYR A 910 -51.89 29.69 18.46
N ILE A 911 -52.82 29.00 17.79
CA ILE A 911 -52.64 28.74 16.36
C ILE A 911 -52.74 30.05 15.57
N PHE A 912 -53.63 30.95 15.97
CA PHE A 912 -53.76 32.23 15.28
C PHE A 912 -52.53 33.11 15.48
N THR A 913 -51.98 33.13 16.69
CA THR A 913 -50.76 33.89 16.93
C THR A 913 -49.59 33.31 16.16
N LEU A 914 -49.50 31.98 16.09
CA LEU A 914 -48.46 31.35 15.28
C LEU A 914 -48.63 31.73 13.81
N GLY A 915 -49.86 31.72 13.30
CA GLY A 915 -50.09 32.10 11.92
C GLY A 915 -49.71 33.54 11.63
N ILE A 916 -50.07 34.46 12.52
CA ILE A 916 -49.73 35.86 12.27
C ILE A 916 -48.23 36.09 12.42
N GLU A 917 -47.56 35.33 13.30
CA GLU A 917 -46.11 35.43 13.39
C GLU A 917 -45.45 34.92 12.11
N LYS A 918 -45.95 33.82 11.55
CA LYS A 918 -45.43 33.33 10.29
C LYS A 918 -45.68 34.33 9.16
N MET A 919 -46.84 35.00 9.19
CA MET A 919 -47.12 36.02 8.20
C MET A 919 -46.17 37.20 8.33
N ARG A 920 -45.86 37.61 9.58
CA ARG A 920 -44.96 38.74 9.78
C ARG A 920 -43.52 38.39 9.45
N GLU A 921 -43.14 37.12 9.58
CA GLU A 921 -41.77 36.73 9.27
C GLU A 921 -41.49 36.71 7.78
N ILE A 922 -42.53 36.83 6.93
CA ILE A 922 -42.33 36.86 5.49
C ILE A 922 -42.13 38.28 4.97
N LEU A 923 -42.50 39.30 5.75
CA LEU A 923 -42.33 40.69 5.36
C LEU A 923 -41.00 41.27 5.81
N MET A 924 -40.16 40.47 6.46
CA MET A 924 -38.84 40.91 6.90
C MET A 924 -37.73 40.20 6.12
N SER A 925 -38.07 39.58 5.01
CA SER A 925 -37.10 38.81 4.24
C SER A 925 -36.15 39.73 3.49
N GLU A 926 -34.99 39.17 3.12
CA GLU A 926 -33.99 39.92 2.37
C GLU A 926 -34.48 40.39 0.99
N PRO A 927 -35.15 39.56 0.17
CA PRO A 927 -35.54 40.02 -1.16
C PRO A 927 -36.50 41.21 -1.10
N GLY A 928 -36.48 42.00 -2.18
CA GLY A 928 -37.26 43.22 -2.25
C GLY A 928 -38.73 43.02 -2.58
N LYS A 929 -39.01 42.38 -3.71
CA LYS A 929 -40.38 42.23 -4.16
C LYS A 929 -41.17 41.35 -3.19
N LEU A 930 -42.45 41.70 -3.00
CA LEU A 930 -43.31 40.94 -2.10
C LEU A 930 -43.50 39.52 -2.60
N LEU A 931 -43.86 39.36 -3.88
CA LEU A 931 -44.03 38.03 -4.45
C LEU A 931 -42.72 37.26 -4.51
N GLN A 932 -41.58 37.95 -4.55
CA GLN A 932 -40.29 37.27 -4.49
C GLN A 932 -40.02 36.74 -3.10
N LYS A 933 -40.41 37.48 -2.07
CA LYS A 933 -40.22 37.02 -0.70
C LYS A 933 -41.08 35.78 -0.40
N VAL A 934 -42.27 35.69 -1.00
CA VAL A 934 -43.13 34.54 -0.76
C VAL A 934 -42.51 33.27 -1.30
N LYS A 935 -41.97 33.32 -2.52
CA LYS A 935 -41.35 32.14 -3.12
C LYS A 935 -40.00 31.81 -2.51
N VAL A 936 -39.40 32.75 -1.77
CA VAL A 936 -38.18 32.43 -1.04
C VAL A 936 -38.53 31.79 0.31
N TRP A 937 -39.59 32.29 0.96
CA TRP A 937 -40.05 31.67 2.20
C TRP A 937 -40.56 30.26 1.94
N LEU A 938 -41.26 30.05 0.83
CA LEU A 938 -41.78 28.73 0.47
C LEU A 938 -40.69 27.87 -0.18
N GLN A 939 -39.60 27.70 0.56
CA GLN A 939 -38.50 26.86 0.12
C GLN A 939 -38.14 25.76 1.12
N GLU A 940 -38.75 25.75 2.29
CA GLU A 940 -38.62 24.66 3.25
C GLU A 940 -39.95 23.92 3.34
N TYR A 941 -39.88 22.59 3.42
CA TYR A 941 -41.10 21.80 3.48
C TYR A 941 -41.89 22.09 4.75
N TRP A 942 -41.20 22.43 5.84
CA TRP A 942 -41.89 22.69 7.10
C TRP A 942 -42.83 23.88 7.00
N ASN A 943 -42.40 24.95 6.32
CA ASN A 943 -43.26 26.12 6.18
C ASN A 943 -44.52 25.80 5.37
N VAL A 944 -44.36 25.07 4.27
CA VAL A 944 -45.51 24.70 3.45
C VAL A 944 -46.48 23.83 4.24
N THR A 945 -45.94 22.84 4.96
CA THR A 945 -46.79 21.97 5.76
C THR A 945 -47.51 22.73 6.85
N ASP A 946 -46.81 23.69 7.49
CA ASP A 946 -47.45 24.52 8.51
C ASP A 946 -48.57 25.35 7.92
N LEU A 947 -48.35 25.93 6.74
CA LEU A 947 -49.40 26.73 6.10
C LEU A 947 -50.61 25.87 5.78
N ILE A 948 -50.37 24.67 5.24
CA ILE A 948 -51.48 23.77 4.90
C ILE A 948 -52.24 23.36 6.15
N ALA A 949 -51.51 23.04 7.22
CA ALA A 949 -52.16 22.63 8.46
C ALA A 949 -52.97 23.77 9.07
N ILE A 950 -52.44 24.99 9.02
CA ILE A 950 -53.17 26.13 9.56
C ILE A 950 -54.43 26.39 8.76
N LEU A 951 -54.36 26.30 7.43
CA LEU A 951 -55.55 26.49 6.61
C LEU A 951 -56.59 25.41 6.89
N LEU A 952 -56.15 24.15 7.03
CA LEU A 952 -57.08 23.07 7.32
C LEU A 952 -57.73 23.26 8.68
N PHE A 953 -56.95 23.68 9.68
CA PHE A 953 -57.51 23.94 11.00
C PHE A 953 -58.51 25.08 10.96
N SER A 954 -58.21 26.12 10.18
CA SER A 954 -59.16 27.23 10.03
C SER A 954 -60.46 26.77 9.40
N VAL A 955 -60.37 25.93 8.36
CA VAL A 955 -61.57 25.40 7.72
C VAL A 955 -62.38 24.58 8.71
N GLY A 956 -61.71 23.72 9.48
CA GLY A 956 -62.41 22.91 10.46
C GLY A 956 -63.07 23.75 11.54
N MET A 957 -62.38 24.78 12.02
CA MET A 957 -62.96 25.67 13.02
C MET A 957 -64.18 26.40 12.47
N ILE A 958 -64.10 26.89 11.23
CA ILE A 958 -65.23 27.58 10.62
C ILE A 958 -66.42 26.64 10.50
N LEU A 959 -66.17 25.39 10.07
CA LEU A 959 -67.25 24.42 9.97
C LEU A 959 -67.74 23.94 11.33
N ARG A 960 -66.95 24.15 12.38
CA ARG A 960 -67.30 23.63 13.71
C ARG A 960 -68.38 24.46 14.38
N LEU A 961 -68.37 25.77 14.20
CA LEU A 961 -69.33 26.66 14.86
C LEU A 961 -70.63 26.75 14.06
N GLN A 962 -71.25 25.59 13.86
CA GLN A 962 -72.46 25.49 13.06
C GLN A 962 -73.31 24.35 13.61
N ASP A 963 -74.26 23.87 12.83
CA ASP A 963 -75.19 22.84 13.26
C ASP A 963 -74.46 21.52 13.50
N GLN A 964 -75.22 20.51 13.91
CA GLN A 964 -74.63 19.25 14.35
C GLN A 964 -73.80 18.54 13.27
N PRO A 965 -74.27 18.38 12.02
CA PRO A 965 -73.41 17.69 11.04
C PRO A 965 -72.14 18.45 10.71
N PHE A 966 -72.21 19.77 10.55
CA PHE A 966 -71.01 20.55 10.31
C PHE A 966 -70.09 20.53 11.51
N ARG A 967 -70.65 20.53 12.73
CA ARG A 967 -69.83 20.42 13.92
C ARG A 967 -69.11 19.08 13.98
N SER A 968 -69.80 18.00 13.60
CA SER A 968 -69.15 16.69 13.56
C SER A 968 -68.03 16.65 12.52
N ASP A 969 -68.28 17.26 11.35
CA ASP A 969 -67.22 17.35 10.34
C ASP A 969 -66.03 18.13 10.85
N GLY A 970 -66.27 19.24 11.55
CA GLY A 970 -65.17 20.01 12.12
C GLY A 970 -64.41 19.24 13.17
N ARG A 971 -65.12 18.46 13.98
CA ARG A 971 -64.44 17.63 14.98
C ARG A 971 -63.57 16.58 14.32
N VAL A 972 -64.07 15.95 13.25
CA VAL A 972 -63.26 14.98 12.51
C VAL A 972 -62.04 15.67 11.90
N ILE A 973 -62.20 16.90 11.44
CA ILE A 973 -61.06 17.65 10.91
C ILE A 973 -60.03 17.91 12.01
N TYR A 974 -60.49 18.26 13.21
CA TYR A 974 -59.58 18.42 14.34
C TYR A 974 -58.81 17.14 14.62
N CYS A 975 -59.52 16.01 14.63
CA CYS A 975 -58.90 14.72 14.92
C CYS A 975 -57.84 14.38 13.87
N VAL A 976 -58.14 14.66 12.60
CA VAL A 976 -57.15 14.41 11.56
C VAL A 976 -55.97 15.36 11.69
N ASN A 977 -56.24 16.62 12.09
CA ASN A 977 -55.20 17.64 12.09
C ASN A 977 -54.22 17.47 13.26
N ILE A 978 -54.67 16.85 14.36
CA ILE A 978 -53.78 16.67 15.50
C ILE A 978 -52.55 15.82 15.15
N ILE A 979 -52.66 14.98 14.12
CA ILE A 979 -51.57 14.08 13.75
C ILE A 979 -50.35 14.88 13.30
N TYR A 980 -50.57 15.94 12.52
CA TYR A 980 -49.45 16.75 12.04
C TYR A 980 -48.72 17.42 13.19
N TRP A 981 -49.47 17.95 14.17
CA TRP A 981 -48.84 18.60 15.31
C TRP A 981 -48.13 17.60 16.20
N TYR A 982 -48.62 16.35 16.24
CA TYR A 982 -47.86 15.30 16.93
C TYR A 982 -46.55 14.99 16.20
N ILE A 983 -46.60 14.91 14.87
CA ILE A 983 -45.41 14.58 14.09
C ILE A 983 -44.38 15.70 14.15
N ARG A 984 -44.84 16.95 14.32
CA ARG A 984 -43.93 18.10 14.27
C ARG A 984 -42.89 18.06 15.39
N LEU A 985 -43.08 17.23 16.42
CA LEU A 985 -42.12 17.16 17.51
C LEU A 985 -40.72 16.73 17.04
N LEU A 986 -40.62 16.10 15.86
CA LEU A 986 -39.31 15.75 15.34
C LEU A 986 -38.48 16.99 15.03
N ASP A 987 -39.12 18.09 14.63
CA ASP A 987 -38.39 19.34 14.41
C ASP A 987 -37.74 19.82 15.70
N ILE A 988 -38.45 19.73 16.82
CA ILE A 988 -37.86 20.08 18.12
C ILE A 988 -36.77 19.08 18.48
N PHE A 989 -36.99 17.79 18.21
CA PHE A 989 -35.98 16.77 18.50
C PHE A 989 -34.70 17.03 17.73
N GLY A 990 -34.79 17.64 16.55
CA GLY A 990 -33.63 17.89 15.72
C GLY A 990 -32.56 18.76 16.34
N VAL A 991 -32.80 19.27 17.55
CA VAL A 991 -31.78 20.07 18.23
C VAL A 991 -30.80 19.17 18.97
N ASN A 992 -31.22 17.96 19.36
CA ASN A 992 -30.33 17.04 20.04
C ASN A 992 -29.19 16.60 19.13
N LYS A 993 -28.02 16.36 19.73
CA LYS A 993 -26.85 15.97 18.95
C LYS A 993 -27.00 14.60 18.32
N TYR A 994 -27.85 13.74 18.91
CA TYR A 994 -28.01 12.38 18.42
C TYR A 994 -29.33 12.15 17.67
N LEU A 995 -30.36 12.94 17.95
CA LEU A 995 -31.69 12.70 17.41
C LEU A 995 -31.97 13.44 16.10
N GLY A 996 -31.02 14.23 15.59
CA GLY A 996 -31.18 14.91 14.33
C GLY A 996 -30.77 14.07 13.14
N PRO A 997 -29.53 13.57 13.16
CA PRO A 997 -29.09 12.68 12.08
C PRO A 997 -29.96 11.45 11.90
N TYR A 998 -30.56 10.92 12.98
CA TYR A 998 -31.47 9.79 12.82
C TYR A 998 -32.69 10.17 11.99
N VAL A 999 -33.26 11.35 12.24
CA VAL A 999 -34.40 11.81 11.46
C VAL A 999 -34.00 12.03 10.01
N MET A 1000 -32.80 12.58 9.78
CA MET A 1000 -32.33 12.75 8.40
C MET A 1000 -32.16 11.40 7.71
N MET A 1001 -31.64 10.40 8.42
CA MET A 1001 -31.52 9.07 7.84
C MET A 1001 -32.88 8.48 7.50
N ILE A 1002 -33.87 8.68 8.37
CA ILE A 1002 -35.22 8.21 8.09
C ILE A 1002 -35.75 8.85 6.81
N GLY A 1003 -35.58 10.17 6.70
CA GLY A 1003 -36.01 10.87 5.50
C GLY A 1003 -35.32 10.37 4.25
N LYS A 1004 -34.04 10.01 4.37
CA LYS A 1004 -33.31 9.53 3.19
C LYS A 1004 -33.69 8.10 2.84
N MET A 1005 -34.08 7.28 3.82
CA MET A 1005 -34.45 5.89 3.56
C MET A 1005 -35.89 5.71 3.10
N MET A 1006 -36.74 6.72 3.32
CA MET A 1006 -38.13 6.60 2.85
C MET A 1006 -38.21 6.37 1.35
N ILE A 1007 -37.29 6.93 0.57
CA ILE A 1007 -37.31 6.74 -0.88
C ILE A 1007 -37.06 5.28 -1.24
N ASP A 1008 -36.06 4.67 -0.60
CA ASP A 1008 -35.78 3.25 -0.86
C ASP A 1008 -36.95 2.38 -0.42
N MET A 1009 -37.62 2.74 0.68
CA MET A 1009 -38.82 1.99 1.06
C MET A 1009 -39.92 2.12 0.01
N MET A 1010 -40.11 3.32 -0.53
N MET A 1010 -40.10 3.33 -0.53
CA MET A 1010 -41.14 3.53 -1.55
CA MET A 1010 -41.12 3.55 -1.55
C MET A 1010 -40.82 2.77 -2.83
C MET A 1010 -40.82 2.74 -2.81
N TYR A 1011 -39.54 2.60 -3.16
CA TYR A 1011 -39.19 1.87 -4.37
C TYR A 1011 -39.56 0.38 -4.30
N PHE A 1012 -39.77 -0.17 -3.09
CA PHE A 1012 -40.25 -1.54 -2.94
C PHE A 1012 -41.75 -1.63 -2.67
N VAL A 1013 -42.34 -0.54 -2.15
CA VAL A 1013 -43.78 -0.54 -1.89
C VAL A 1013 -44.56 -0.86 -3.17
N ILE A 1014 -44.08 -0.39 -4.33
CA ILE A 1014 -44.80 -0.59 -5.58
C ILE A 1014 -44.87 -2.08 -5.94
N ILE A 1015 -43.73 -2.77 -5.85
CA ILE A 1015 -43.71 -4.20 -6.17
C ILE A 1015 -44.58 -4.97 -5.18
N MET A 1016 -44.50 -4.61 -3.89
CA MET A 1016 -45.36 -5.27 -2.92
C MET A 1016 -46.83 -5.07 -3.26
N LEU A 1017 -47.21 -3.86 -3.67
CA LEU A 1017 -48.58 -3.58 -4.05
C LEU A 1017 -49.00 -4.41 -5.26
N VAL A 1018 -48.11 -4.55 -6.24
CA VAL A 1018 -48.44 -5.34 -7.44
C VAL A 1018 -48.76 -6.78 -7.04
N VAL A 1019 -47.88 -7.39 -6.23
CA VAL A 1019 -48.11 -8.78 -5.84
C VAL A 1019 -49.39 -8.90 -5.01
N LEU A 1020 -49.59 -7.98 -4.07
CA LEU A 1020 -50.78 -8.02 -3.22
C LEU A 1020 -52.06 -7.89 -4.03
N MET A 1021 -52.07 -6.96 -4.99
CA MET A 1021 -53.25 -6.75 -5.81
C MET A 1021 -53.55 -7.96 -6.67
N SER A 1022 -52.50 -8.58 -7.24
CA SER A 1022 -52.72 -9.80 -8.02
C SER A 1022 -53.37 -10.89 -7.18
N PHE A 1023 -52.81 -11.14 -5.99
CA PHE A 1023 -53.36 -12.19 -5.13
C PHE A 1023 -54.80 -11.87 -4.72
N GLY A 1024 -55.05 -10.63 -4.33
CA GLY A 1024 -56.40 -10.26 -3.89
C GLY A 1024 -57.42 -10.39 -4.99
N VAL A 1025 -57.09 -9.93 -6.20
CA VAL A 1025 -58.01 -10.05 -7.31
C VAL A 1025 -58.30 -11.51 -7.62
N ALA A 1026 -57.26 -12.35 -7.64
CA ALA A 1026 -57.46 -13.76 -7.92
C ALA A 1026 -58.38 -14.41 -6.89
N ARG A 1027 -58.12 -14.16 -5.59
CA ARG A 1027 -58.91 -14.79 -4.55
C ARG A 1027 -60.36 -14.31 -4.59
N GLN A 1028 -60.56 -13.00 -4.71
CA GLN A 1028 -61.92 -12.46 -4.73
C GLN A 1028 -62.70 -12.97 -5.93
N ALA A 1029 -62.05 -13.02 -7.10
CA ALA A 1029 -62.73 -13.52 -8.29
C ALA A 1029 -63.10 -15.00 -8.15
N ILE A 1030 -62.20 -15.81 -7.57
CA ILE A 1030 -62.48 -17.24 -7.45
C ILE A 1030 -63.58 -17.50 -6.45
N LEU A 1031 -63.56 -16.83 -5.29
CA LEU A 1031 -64.46 -17.21 -4.22
C LEU A 1031 -65.87 -16.65 -4.35
N PHE A 1032 -66.06 -15.53 -5.05
CA PHE A 1032 -67.37 -14.88 -5.15
C PHE A 1032 -67.72 -14.70 -6.62
N PRO A 1033 -68.33 -15.71 -7.25
CA PRO A 1033 -68.67 -15.64 -8.67
C PRO A 1033 -70.05 -15.09 -9.00
N ASN A 1034 -70.79 -14.58 -8.03
CA ASN A 1034 -72.16 -14.10 -8.25
C ASN A 1034 -72.35 -12.72 -7.64
N GLU A 1035 -71.42 -11.81 -7.92
CA GLU A 1035 -71.47 -10.46 -7.38
C GLU A 1035 -71.91 -9.47 -8.46
N GLU A 1036 -72.46 -8.35 -8.02
CA GLU A 1036 -72.89 -7.22 -8.81
C GLU A 1036 -71.88 -6.08 -8.69
N PRO A 1037 -71.77 -5.22 -9.70
CA PRO A 1037 -70.77 -4.14 -9.64
C PRO A 1037 -71.07 -3.17 -8.51
N SER A 1038 -70.09 -3.03 -7.60
CA SER A 1038 -70.22 -2.13 -6.47
C SER A 1038 -68.82 -1.77 -5.99
N TRP A 1039 -68.72 -0.64 -5.28
CA TRP A 1039 -67.44 -0.20 -4.75
C TRP A 1039 -66.94 -1.07 -3.60
N LYS A 1040 -67.80 -1.93 -3.05
CA LYS A 1040 -67.34 -2.90 -2.06
C LYS A 1040 -66.33 -3.87 -2.65
N LEU A 1041 -66.43 -4.13 -3.97
CA LEU A 1041 -65.48 -5.01 -4.62
C LEU A 1041 -64.08 -4.42 -4.63
N ALA A 1042 -63.97 -3.10 -4.80
CA ALA A 1042 -62.67 -2.45 -4.81
C ALA A 1042 -62.03 -2.37 -3.43
N LYS A 1043 -62.78 -2.68 -2.37
CA LYS A 1043 -62.24 -2.66 -1.02
C LYS A 1043 -61.68 -4.02 -0.60
N ASN A 1044 -62.36 -5.11 -1.00
CA ASN A 1044 -61.91 -6.44 -0.64
C ASN A 1044 -60.60 -6.85 -1.31
N ILE A 1045 -60.17 -6.11 -2.35
CA ILE A 1045 -58.94 -6.46 -3.04
C ILE A 1045 -57.73 -6.19 -2.17
N PHE A 1046 -57.73 -5.07 -1.45
CA PHE A 1046 -56.55 -4.62 -0.71
C PHE A 1046 -56.62 -4.92 0.78
N TYR A 1047 -57.81 -5.00 1.37
CA TYR A 1047 -57.96 -5.04 2.82
C TYR A 1047 -57.28 -6.25 3.45
N MET A 1048 -57.81 -7.43 3.18
CA MET A 1048 -57.34 -8.65 3.83
C MET A 1048 -55.95 -9.08 3.34
N PRO A 1049 -55.64 -9.01 2.04
CA PRO A 1049 -54.25 -9.30 1.64
C PRO A 1049 -53.23 -8.40 2.30
N TYR A 1050 -53.57 -7.14 2.58
CA TYR A 1050 -52.63 -6.26 3.29
C TYR A 1050 -52.56 -6.62 4.77
N TRP A 1051 -53.70 -6.93 5.39
CA TRP A 1051 -53.66 -7.28 6.80
C TRP A 1051 -52.97 -8.61 7.06
N MET A 1052 -52.93 -9.51 6.08
CA MET A 1052 -52.38 -10.84 6.28
C MET A 1052 -50.85 -10.88 6.35
N ILE A 1053 -50.16 -9.85 5.87
CA ILE A 1053 -48.71 -9.84 5.88
C ILE A 1053 -48.15 -9.20 7.15
N TYR A 1054 -49.01 -8.88 8.11
CA TYR A 1054 -48.59 -8.34 9.39
C TYR A 1054 -48.97 -9.28 10.53
N GLY A 1055 -48.97 -10.58 10.26
CA GLY A 1055 -49.25 -11.58 11.27
C GLY A 1055 -50.72 -11.92 11.45
N GLU A 1056 -51.62 -11.28 10.72
CA GLU A 1056 -53.06 -11.55 10.85
C GLU A 1056 -53.48 -12.55 9.77
N VAL A 1057 -52.99 -13.77 9.91
CA VAL A 1057 -53.32 -14.86 9.00
C VAL A 1057 -54.41 -15.70 9.63
N PHE A 1058 -55.47 -15.98 8.88
CA PHE A 1058 -56.59 -16.80 9.35
C PHE A 1058 -56.96 -17.76 8.23
N ALA A 1059 -56.49 -19.00 8.32
CA ALA A 1059 -56.77 -19.99 7.30
C ALA A 1059 -58.24 -20.38 7.23
N ASP A 1060 -59.02 -20.07 8.25
CA ASP A 1060 -60.45 -20.37 8.24
C ASP A 1060 -61.25 -19.38 7.40
N GLN A 1061 -60.62 -18.30 6.94
CA GLN A 1061 -61.30 -17.30 6.13
C GLN A 1061 -60.67 -17.07 4.76
N ILE A 1062 -59.41 -17.46 4.56
CA ILE A 1062 -58.83 -17.41 3.23
C ILE A 1062 -59.49 -18.45 2.33
N ASP A 1063 -59.79 -19.63 2.89
CA ASP A 1063 -60.46 -20.70 2.16
C ASP A 1063 -61.42 -21.37 3.12
N PRO A 1064 -62.66 -20.90 3.17
CA PRO A 1064 -63.63 -21.50 4.08
C PRO A 1064 -63.87 -22.96 3.75
N PRO A 1065 -64.10 -23.80 4.75
CA PRO A 1065 -64.33 -25.23 4.49
C PRO A 1065 -65.55 -25.45 3.63
N CYS A 1066 -65.43 -26.41 2.71
CA CYS A 1066 -66.50 -26.72 1.77
C CYS A 1066 -66.23 -28.03 1.04
N GLN A 1079 -73.74 -30.77 4.78
CA GLN A 1079 -74.08 -29.69 5.69
C GLN A 1079 -73.55 -28.35 5.19
N LEU A 1080 -72.26 -28.32 4.87
CA LEU A 1080 -71.63 -27.11 4.39
C LEU A 1080 -72.18 -26.74 3.00
N PRO A 1081 -72.16 -25.46 2.64
CA PRO A 1081 -72.57 -25.09 1.29
C PRO A 1081 -71.65 -25.69 0.26
N PRO A 1082 -72.14 -25.94 -0.96
CA PRO A 1082 -71.33 -26.65 -1.95
C PRO A 1082 -70.03 -25.93 -2.26
N CYS A 1083 -68.98 -26.73 -2.47
CA CYS A 1083 -67.66 -26.18 -2.75
C CYS A 1083 -67.64 -25.46 -4.09
N LYS A 1084 -67.00 -24.30 -4.11
CA LYS A 1084 -66.85 -23.54 -5.35
C LYS A 1084 -65.91 -24.26 -6.30
N THR A 1085 -66.10 -24.01 -7.60
CA THR A 1085 -65.24 -24.62 -8.61
C THR A 1085 -63.82 -24.06 -8.49
N GLY A 1086 -62.85 -24.95 -8.29
CA GLY A 1086 -61.47 -24.52 -8.14
C GLY A 1086 -61.20 -23.72 -6.89
N ALA A 1087 -61.80 -24.10 -5.77
CA ALA A 1087 -61.57 -23.38 -4.51
C ALA A 1087 -60.29 -23.80 -3.80
N TRP A 1088 -59.61 -24.84 -4.30
CA TRP A 1088 -58.37 -25.32 -3.70
C TRP A 1088 -57.14 -24.55 -4.17
N ILE A 1089 -57.27 -23.68 -5.18
CA ILE A 1089 -56.14 -22.89 -5.63
C ILE A 1089 -55.83 -21.76 -4.66
N VAL A 1090 -56.82 -21.34 -3.87
CA VAL A 1090 -56.63 -20.21 -2.97
C VAL A 1090 -55.54 -20.48 -1.92
N PRO A 1091 -55.54 -21.62 -1.22
CA PRO A 1091 -54.44 -21.86 -0.26
C PRO A 1091 -53.07 -21.92 -0.92
N ALA A 1092 -52.98 -22.47 -2.13
CA ALA A 1092 -51.68 -22.54 -2.81
C ALA A 1092 -51.17 -21.14 -3.19
N ILE A 1093 -52.04 -20.32 -3.77
CA ILE A 1093 -51.61 -18.97 -4.12
C ILE A 1093 -51.35 -18.15 -2.86
N MET A 1094 -52.07 -18.43 -1.77
CA MET A 1094 -51.80 -17.75 -0.51
C MET A 1094 -50.42 -18.12 0.03
N ALA A 1095 -50.06 -19.40 -0.04
CA ALA A 1095 -48.74 -19.83 0.40
C ALA A 1095 -47.64 -19.17 -0.44
N CYS A 1096 -47.83 -19.16 -1.77
CA CYS A 1096 -46.83 -18.52 -2.63
C CYS A 1096 -46.72 -17.03 -2.33
N TYR A 1097 -47.85 -16.36 -2.13
CA TYR A 1097 -47.85 -14.93 -1.82
C TYR A 1097 -47.15 -14.64 -0.50
N LEU A 1098 -47.41 -15.44 0.52
CA LEU A 1098 -46.73 -15.26 1.80
C LEU A 1098 -45.23 -15.49 1.67
N LEU A 1099 -44.83 -16.54 0.95
CA LEU A 1099 -43.41 -16.83 0.77
C LEU A 1099 -42.71 -15.68 0.04
N VAL A 1100 -43.36 -15.13 -0.98
CA VAL A 1100 -42.74 -14.03 -1.72
C VAL A 1100 -42.68 -12.76 -0.88
N ALA A 1101 -43.76 -12.44 -0.18
CA ALA A 1101 -43.84 -11.16 0.52
C ALA A 1101 -42.96 -11.13 1.77
N ASN A 1102 -43.03 -12.17 2.60
CA ASN A 1102 -42.44 -12.11 3.93
C ASN A 1102 -41.03 -12.66 4.01
N ILE A 1103 -40.47 -13.16 2.90
CA ILE A 1103 -39.15 -13.76 2.90
C ILE A 1103 -38.21 -13.06 1.92
N LEU A 1104 -38.68 -12.83 0.69
CA LEU A 1104 -37.81 -12.30 -0.36
C LEU A 1104 -37.68 -10.79 -0.28
N LEU A 1105 -38.80 -10.07 -0.43
CA LEU A 1105 -38.75 -8.62 -0.53
C LEU A 1105 -38.29 -7.98 0.78
N VAL A 1106 -38.76 -8.50 1.91
CA VAL A 1106 -38.38 -7.91 3.20
C VAL A 1106 -36.88 -8.05 3.44
N ASN A 1107 -36.33 -9.24 3.17
CA ASN A 1107 -34.90 -9.44 3.36
C ASN A 1107 -34.08 -8.62 2.36
N LEU A 1108 -34.57 -8.49 1.13
CA LEU A 1108 -33.88 -7.65 0.16
C LEU A 1108 -33.86 -6.19 0.61
N LEU A 1109 -34.98 -5.70 1.15
CA LEU A 1109 -35.02 -4.34 1.67
C LEU A 1109 -34.09 -4.18 2.87
N ILE A 1110 -34.01 -5.20 3.73
CA ILE A 1110 -33.08 -5.16 4.84
C ILE A 1110 -31.65 -5.05 4.34
N ALA A 1111 -31.30 -5.83 3.31
CA ALA A 1111 -29.96 -5.75 2.75
C ALA A 1111 -29.69 -4.38 2.13
N VAL A 1112 -30.69 -3.81 1.46
CA VAL A 1112 -30.53 -2.49 0.86
C VAL A 1112 -30.28 -1.44 1.93
N PHE A 1113 -31.05 -1.49 3.03
CA PHE A 1113 -30.82 -0.57 4.14
C PHE A 1113 -29.44 -0.77 4.76
N ASN A 1114 -29.01 -2.02 4.87
CA ASN A 1114 -27.76 -2.32 5.56
C ASN A 1114 -26.55 -1.86 4.75
N ASN A 1115 -26.60 -2.03 3.43
CA ASN A 1115 -25.43 -1.72 2.61
C ASN A 1115 -25.29 -0.24 2.27
N THR A 1116 -26.30 0.58 2.56
CA THR A 1116 -26.27 2.00 2.25
C THR A 1116 -26.45 2.85 3.50
N PHE A 1117 -25.73 2.51 4.57
CA PHE A 1117 -25.88 3.21 5.85
C PHE A 1117 -24.72 4.15 6.15
N PHE A 1118 -23.50 3.81 5.75
CA PHE A 1118 -22.33 4.60 6.13
C PHE A 1118 -22.36 5.98 5.48
N GLU A 1119 -22.57 6.03 4.17
CA GLU A 1119 -22.60 7.32 3.47
C GLU A 1119 -23.76 8.18 3.94
N VAL A 1120 -24.93 7.56 4.14
CA VAL A 1120 -26.09 8.32 4.63
C VAL A 1120 -25.80 8.91 6.01
N LYS A 1121 -25.18 8.12 6.89
CA LYS A 1121 -24.84 8.61 8.22
C LYS A 1121 -23.88 9.79 8.15
N SER A 1122 -22.83 9.67 7.32
CA SER A 1122 -21.85 10.74 7.22
C SER A 1122 -22.48 12.02 6.66
N ILE A 1123 -23.30 11.88 5.61
CA ILE A 1123 -23.94 13.04 5.01
C ILE A 1123 -24.90 13.69 6.00
N SER A 1124 -25.64 12.88 6.75
CA SER A 1124 -26.58 13.43 7.74
C SER A 1124 -25.83 14.20 8.81
N ASN A 1125 -24.72 13.66 9.30
CA ASN A 1125 -23.93 14.38 10.30
C ASN A 1125 -23.42 15.71 9.74
N GLN A 1126 -22.90 15.69 8.52
CA GLN A 1126 -22.38 16.92 7.93
C GLN A 1126 -23.47 17.97 7.75
N VAL A 1127 -24.64 17.54 7.26
CA VAL A 1127 -25.71 18.50 7.02
C VAL A 1127 -26.27 19.04 8.33
N TRP A 1128 -26.37 18.21 9.37
CA TRP A 1128 -26.81 18.71 10.66
C TRP A 1128 -25.83 19.73 11.24
N LYS A 1129 -24.53 19.45 11.13
CA LYS A 1129 -23.53 20.41 11.60
C LYS A 1129 -23.62 21.71 10.82
N PHE A 1130 -23.87 21.63 9.51
CA PHE A 1130 -24.03 22.85 8.71
C PHE A 1130 -25.28 23.63 9.11
N GLN A 1131 -26.38 22.93 9.37
CA GLN A 1131 -27.67 23.58 9.60
C GLN A 1131 -27.85 24.05 11.04
N ARG A 1132 -26.92 23.73 11.95
CA ARG A 1132 -26.98 24.35 13.28
C ARG A 1132 -26.99 25.87 13.20
N TYR A 1133 -26.29 26.45 12.23
CA TYR A 1133 -26.14 27.89 12.13
C TYR A 1133 -27.48 28.59 11.93
N GLN A 1134 -28.30 28.05 11.03
CA GLN A 1134 -29.60 28.66 10.75
C GLN A 1134 -30.51 28.59 11.97
N LEU A 1135 -30.48 27.47 12.70
CA LEU A 1135 -31.25 27.36 13.93
C LEU A 1135 -30.81 28.41 14.95
N ILE A 1136 -29.49 28.58 15.11
CA ILE A 1136 -28.98 29.55 16.08
C ILE A 1136 -29.42 30.96 15.70
N MET A 1137 -29.29 31.31 14.41
CA MET A 1137 -29.67 32.65 13.99
C MET A 1137 -31.18 32.87 14.12
N THR A 1138 -31.98 31.87 13.76
CA THR A 1138 -33.42 32.00 13.86
C THR A 1138 -33.86 32.22 15.31
N PHE A 1139 -33.29 31.48 16.25
CA PHE A 1139 -33.65 31.69 17.64
C PHE A 1139 -33.00 32.91 18.26
N HIS A 1140 -31.95 33.45 17.64
CA HIS A 1140 -31.41 34.73 18.09
C HIS A 1140 -32.27 35.90 17.63
N GLU A 1141 -32.88 35.80 16.45
CA GLU A 1141 -33.71 36.89 15.95
C GLU A 1141 -35.07 36.95 16.63
N ARG A 1142 -35.60 35.81 17.08
CA ARG A 1142 -36.98 35.72 17.52
C ARG A 1142 -37.21 36.53 18.81
N PRO A 1143 -38.46 36.96 19.04
CA PRO A 1143 -38.77 37.71 20.27
C PRO A 1143 -38.60 36.87 21.53
N VAL A 1144 -38.82 37.50 22.68
CA VAL A 1144 -38.56 36.86 23.97
C VAL A 1144 -39.84 36.26 24.57
N LEU A 1145 -40.89 36.09 23.76
CA LEU A 1145 -42.13 35.53 24.27
C LEU A 1145 -42.57 34.36 23.40
N PRO A 1146 -43.22 33.37 24.01
CA PRO A 1146 -43.71 32.22 23.25
C PRO A 1146 -44.92 32.61 22.41
N PRO A 1147 -45.23 31.82 21.38
CA PRO A 1147 -46.35 32.14 20.48
C PRO A 1147 -47.69 32.32 21.20
N PRO A 1148 -48.00 31.54 22.25
CA PRO A 1148 -49.30 31.74 22.91
C PRO A 1148 -49.51 33.15 23.44
N LEU A 1149 -48.44 33.87 23.76
CA LEU A 1149 -48.56 35.23 24.30
C LEU A 1149 -47.60 36.19 23.60
N ILE A 1150 -47.40 36.00 22.30
CA ILE A 1150 -46.64 37.00 21.52
C ILE A 1150 -47.48 38.19 21.12
N ILE A 1151 -48.76 38.22 21.52
CA ILE A 1151 -49.63 39.32 21.12
C ILE A 1151 -49.13 40.65 21.69
N PHE A 1152 -48.48 40.61 22.86
CA PHE A 1152 -47.86 41.81 23.41
C PHE A 1152 -46.71 42.27 22.52
N SER A 1153 -45.90 41.33 22.03
CA SER A 1153 -44.75 41.68 21.21
C SER A 1153 -45.13 42.05 19.77
N HIS A 1154 -46.31 41.66 19.31
CA HIS A 1154 -46.75 42.00 17.97
C HIS A 1154 -47.39 43.38 17.88
N MET A 1155 -47.72 44.00 19.00
CA MET A 1155 -48.23 45.37 19.01
C MET A 1155 -47.22 46.39 19.47
N THR A 1156 -46.21 45.98 20.26
CA THR A 1156 -45.17 46.91 20.66
C THR A 1156 -44.37 47.39 19.47
N MET A 1157 -44.05 46.49 18.53
CA MET A 1157 -43.30 46.88 17.35
C MET A 1157 -44.09 47.84 16.47
N ILE A 1158 -45.42 47.84 16.56
CA ILE A 1158 -46.21 48.79 15.78
C ILE A 1158 -46.04 50.20 16.32
N PHE A 1159 -46.08 50.37 17.65
CA PHE A 1159 -45.88 51.68 18.24
C PHE A 1159 -44.46 52.17 18.05
N GLN A 1160 -43.47 51.27 18.16
CA GLN A 1160 -42.09 51.66 17.95
C GLN A 1160 -41.78 51.87 16.47
N HIS A 1161 -42.59 51.32 15.57
CA HIS A 1161 -42.42 51.58 14.15
C HIS A 1161 -42.67 53.05 13.82
N VAL A 1162 -43.67 53.65 14.46
CA VAL A 1162 -43.99 55.05 14.26
C VAL A 1162 -43.39 55.94 15.36
N CYS A 1163 -42.45 55.40 16.12
CA CYS A 1163 -41.81 56.15 17.19
C CYS A 1163 -40.95 57.29 16.65
N ARG A 1176 -26.36 44.38 16.81
CA ARG A 1176 -25.70 43.08 16.75
C ARG A 1176 -24.28 43.15 17.31
N ASP A 1177 -24.15 43.51 18.59
CA ASP A 1177 -22.82 43.59 19.21
C ASP A 1177 -22.15 42.22 19.22
N TYR A 1178 -22.90 41.18 19.58
CA TYR A 1178 -22.41 39.82 19.47
C TYR A 1178 -23.58 38.91 19.13
N GLY A 1179 -23.26 37.74 18.61
CA GLY A 1179 -24.24 36.83 18.04
C GLY A 1179 -24.34 36.93 16.53
N LEU A 1180 -23.93 38.05 15.95
CA LEU A 1180 -23.78 38.19 14.51
C LEU A 1180 -22.36 38.60 14.12
N LYS A 1181 -21.81 39.62 14.77
CA LYS A 1181 -20.50 40.16 14.43
C LYS A 1181 -19.72 40.41 15.71
N LEU A 1182 -18.58 41.09 15.56
CA LEU A 1182 -17.75 41.46 16.70
C LEU A 1182 -16.91 42.66 16.27
N PHE A 1183 -17.18 43.82 16.86
CA PHE A 1183 -16.51 45.06 16.49
C PHE A 1183 -15.21 45.20 17.28
N ILE A 1184 -14.11 45.45 16.57
CA ILE A 1184 -12.78 45.48 17.17
C ILE A 1184 -12.09 46.76 16.77
N THR A 1185 -11.07 47.14 17.56
CA THR A 1185 -10.31 48.36 17.34
C THR A 1185 -9.20 48.12 16.31
N ASP A 1186 -8.28 49.08 16.20
CA ASP A 1186 -7.24 49.03 15.17
C ASP A 1186 -6.00 48.27 15.61
N ASP A 1187 -5.58 48.41 16.87
CA ASP A 1187 -4.40 47.68 17.35
C ASP A 1187 -4.65 46.19 17.33
N GLU A 1188 -5.83 45.75 17.79
CA GLU A 1188 -6.18 44.35 17.71
C GLU A 1188 -6.33 43.90 16.26
N LEU A 1189 -6.78 44.78 15.38
CA LEU A 1189 -6.84 44.46 13.96
C LEU A 1189 -5.44 44.20 13.40
N LYS A 1190 -4.47 45.01 13.78
CA LYS A 1190 -3.09 44.78 13.36
C LYS A 1190 -2.57 43.46 13.91
N LYS A 1191 -2.88 43.15 15.18
CA LYS A 1191 -2.46 41.88 15.75
C LYS A 1191 -3.07 40.70 15.00
N VAL A 1192 -4.35 40.82 14.62
CA VAL A 1192 -5.02 39.76 13.89
C VAL A 1192 -4.38 39.58 12.51
N HIS A 1193 -4.07 40.68 11.84
CA HIS A 1193 -3.42 40.58 10.54
C HIS A 1193 -2.04 39.91 10.65
N ASP A 1194 -1.27 40.27 11.68
CA ASP A 1194 0.02 39.64 11.89
C ASP A 1194 -0.13 38.14 12.15
N PHE A 1195 -1.11 37.78 12.98
CA PHE A 1195 -1.36 36.36 13.26
C PHE A 1195 -1.72 35.60 11.99
N GLU A 1196 -2.59 36.18 11.16
CA GLU A 1196 -2.99 35.51 9.93
C GLU A 1196 -1.81 35.33 8.97
N GLU A 1197 -0.97 36.37 8.86
CA GLU A 1197 0.21 36.26 7.99
C GLU A 1197 1.16 35.18 8.48
N GLN A 1198 1.38 35.12 9.80
CA GLN A 1198 2.23 34.06 10.36
C GLN A 1198 1.64 32.68 10.07
N CYS A 1199 0.32 32.54 10.22
CA CYS A 1199 -0.32 31.27 9.98
C CYS A 1199 -0.17 30.83 8.53
N ILE A 1200 -0.37 31.75 7.58
CA ILE A 1200 -0.28 31.36 6.17
C ILE A 1200 1.17 31.03 5.79
N GLU A 1201 2.13 31.77 6.34
CA GLU A 1201 3.53 31.46 6.09
C GLU A 1201 3.89 30.07 6.62
N GLU A 1202 3.43 29.76 7.84
CA GLU A 1202 3.69 28.44 8.41
C GLU A 1202 3.04 27.35 7.57
N TYR A 1203 1.83 27.59 7.09
CA TYR A 1203 1.13 26.61 6.25
C TYR A 1203 1.93 26.32 4.98
N PHE A 1204 2.39 27.36 4.29
CA PHE A 1204 3.15 27.14 3.06
C PHE A 1204 4.48 26.44 3.35
N ARG A 1205 5.15 26.82 4.44
CA ARG A 1205 6.41 26.17 4.77
C ARG A 1205 6.20 24.69 5.08
N GLU A 1206 5.15 24.36 5.84
CA GLU A 1206 4.86 22.96 6.12
C GLU A 1206 4.56 22.19 4.84
N LYS A 1207 3.80 22.79 3.92
CA LYS A 1207 3.51 22.13 2.66
C LYS A 1207 4.78 21.83 1.89
N ASP A 1208 5.68 22.81 1.78
CA ASP A 1208 6.92 22.62 1.04
C ASP A 1208 7.78 21.55 1.70
N ASP A 1209 7.90 21.59 3.04
CA ASP A 1209 8.72 20.62 3.74
C ASP A 1209 8.18 19.20 3.57
N ARG A 1210 6.85 19.04 3.64
CA ARG A 1210 6.27 17.73 3.42
C ARG A 1210 6.50 17.24 2.00
N PHE A 1211 6.37 18.13 1.02
CA PHE A 1211 6.56 17.72 -0.37
C PHE A 1211 8.00 17.30 -0.64
N ASN A 1212 8.97 18.03 -0.10
CA ASN A 1212 10.37 17.76 -0.44
C ASN A 1212 10.85 16.43 0.11
N SER A 1213 10.26 15.94 1.19
CA SER A 1213 10.75 14.74 1.87
C SER A 1213 9.97 13.48 1.51
N SER A 1214 9.12 13.54 0.49
CA SER A 1214 8.37 12.36 0.07
C SER A 1214 9.28 11.38 -0.67
N ASN A 1215 8.87 10.12 -0.67
CA ASN A 1215 9.67 9.07 -1.31
C ASN A 1215 9.75 9.28 -2.83
N ASP A 1216 8.63 9.67 -3.44
CA ASP A 1216 8.61 9.83 -4.90
C ASP A 1216 9.58 10.91 -5.37
N GLU A 1217 9.58 12.06 -4.68
CA GLU A 1217 10.49 13.14 -5.06
C GLU A 1217 11.94 12.74 -4.85
N ARG A 1218 12.22 12.05 -3.74
CA ARG A 1218 13.59 11.58 -3.50
C ARG A 1218 14.04 10.62 -4.58
N ILE A 1219 13.16 9.69 -4.98
CA ILE A 1219 13.51 8.73 -6.03
C ILE A 1219 13.77 9.46 -7.35
N ARG A 1220 12.91 10.42 -7.70
CA ARG A 1220 13.08 11.15 -8.96
C ARG A 1220 14.38 11.93 -8.97
N VAL A 1221 14.67 12.66 -7.88
CA VAL A 1221 15.88 13.47 -7.84
C VAL A 1221 17.11 12.57 -7.84
N THR A 1222 17.07 11.44 -7.13
CA THR A 1222 18.18 10.51 -7.15
C THR A 1222 18.41 9.95 -8.55
N SER A 1223 17.33 9.63 -9.26
CA SER A 1223 17.49 9.11 -10.62
C SER A 1223 18.11 10.15 -11.54
N GLU A 1224 17.65 11.40 -11.45
CA GLU A 1224 18.23 12.45 -12.30
C GLU A 1224 19.72 12.67 -11.97
N ARG A 1225 20.05 12.71 -10.68
CA ARG A 1225 21.44 12.91 -10.28
C ARG A 1225 22.31 11.74 -10.72
N VAL A 1226 21.79 10.52 -10.62
CA VAL A 1226 22.55 9.34 -11.05
C VAL A 1226 22.78 9.38 -12.56
N GLU A 1227 21.76 9.78 -13.33
CA GLU A 1227 21.93 9.88 -14.78
C GLU A 1227 23.00 10.89 -15.14
N ASN A 1228 22.93 12.09 -14.53
CA ASN A 1228 23.93 13.11 -14.82
C ASN A 1228 25.32 12.66 -14.39
N MET A 1229 25.42 12.01 -13.23
CA MET A 1229 26.71 11.54 -12.74
C MET A 1229 27.30 10.48 -13.65
N SER A 1230 26.46 9.56 -14.13
CA SER A 1230 26.94 8.53 -15.05
C SER A 1230 27.43 9.13 -16.35
N MET A 1231 26.68 10.10 -16.89
CA MET A 1231 27.12 10.75 -18.13
C MET A 1231 28.43 11.49 -17.92
N ARG A 1232 28.57 12.21 -16.80
CA ARG A 1232 29.80 12.95 -16.53
C ARG A 1232 30.97 12.01 -16.31
N LEU A 1233 30.74 10.87 -15.64
CA LEU A 1233 31.82 9.92 -15.42
C LEU A 1233 32.25 9.26 -16.72
N GLU A 1234 31.30 8.98 -17.61
CA GLU A 1234 31.66 8.48 -18.94
C GLU A 1234 32.49 9.50 -19.70
N GLU A 1235 32.11 10.78 -19.62
CA GLU A 1235 32.90 11.82 -20.26
C GLU A 1235 34.30 11.91 -19.67
N VAL A 1236 34.41 11.78 -18.35
CA VAL A 1236 35.72 11.82 -17.70
C VAL A 1236 36.59 10.65 -18.14
N ASN A 1237 36.00 9.45 -18.20
CA ASN A 1237 36.74 8.28 -18.66
C ASN A 1237 37.06 8.34 -20.14
N GLU A 1238 36.36 9.19 -20.89
CA GLU A 1238 36.64 9.32 -22.32
C GLU A 1238 38.06 9.84 -22.55
N ARG A 1239 38.53 10.76 -21.71
CA ARG A 1239 39.87 11.28 -21.85
C ARG A 1239 40.92 10.21 -21.59
N GLU A 1240 42.06 10.34 -22.25
CA GLU A 1240 43.19 9.40 -22.08
C GLU A 1240 44.47 10.22 -22.02
N HIS A 1241 44.88 10.60 -20.82
CA HIS A 1241 46.11 11.35 -20.63
C HIS A 1241 47.36 10.45 -20.61
N SER A 1242 47.18 9.14 -20.51
CA SER A 1242 48.31 8.22 -20.48
C SER A 1242 48.75 7.86 -21.90
N UNK B 1 -9.39 29.67 -56.44
CA UNK B 1 -8.47 29.88 -55.34
C UNK B 1 -7.70 31.18 -55.52
N UNK B 2 -7.24 31.77 -54.42
CA UNK B 2 -6.49 33.01 -54.46
C UNK B 2 -5.01 32.75 -54.78
N UNK B 3 -4.67 31.48 -54.97
CA UNK B 3 -3.30 31.09 -55.28
C UNK B 3 -3.05 31.17 -56.79
N UNK B 4 -3.93 31.86 -57.50
CA UNK B 4 -3.79 32.04 -58.94
C UNK B 4 -2.94 33.27 -59.24
N UNK B 5 -2.29 33.80 -58.21
CA UNK B 5 -1.42 34.96 -58.36
C UNK B 5 0.04 34.53 -58.40
N UNK B 6 0.25 33.22 -58.51
CA UNK B 6 1.60 32.67 -58.62
C UNK B 6 1.83 32.09 -60.01
N UNK B 7 2.93 32.51 -60.64
CA UNK B 7 3.23 32.08 -62.00
C UNK B 7 4.47 31.20 -62.04
N UNK B 8 4.38 30.11 -62.80
CA UNK B 8 5.51 29.21 -62.99
C UNK B 8 6.35 29.65 -64.19
N UNK B 9 7.23 28.77 -64.66
CA UNK B 9 8.10 29.09 -65.78
C UNK B 9 8.63 27.84 -66.46
N UNK B 10 7.95 27.39 -67.50
CA UNK B 10 8.39 26.22 -68.26
C UNK B 10 9.30 26.65 -69.40
N UNK B 11 10.42 25.96 -69.56
CA UNK B 11 11.40 26.31 -70.59
C UNK B 11 10.82 26.14 -71.99
N UNK B 12 11.26 27.00 -72.91
CA UNK B 12 10.76 26.98 -74.28
C UNK B 12 11.86 26.53 -75.25
N UNK B 13 11.98 27.24 -76.37
CA UNK B 13 12.95 26.90 -77.40
C UNK B 13 14.38 27.11 -76.90
N UNK B 14 15.03 26.02 -76.54
CA UNK B 14 16.42 26.07 -76.05
C UNK B 14 17.39 25.64 -77.14
N UNK B 15 18.58 26.23 -77.14
CA UNK B 15 19.60 25.92 -78.14
C UNK B 15 20.97 25.81 -77.49
N UNK B 16 21.46 24.58 -77.36
CA UNK B 16 22.78 24.33 -76.78
C UNK B 16 23.28 22.93 -77.17
N UNK B 17 23.56 22.12 -76.16
CA UNK B 17 24.03 20.75 -76.34
C UNK B 17 25.28 20.69 -77.21
N ILE C 128 52.25 -51.72 -35.31
CA ILE C 128 51.72 -52.17 -36.58
C ILE C 128 51.19 -50.98 -37.39
N SER C 129 50.79 -51.25 -38.63
CA SER C 129 50.28 -50.22 -39.52
C SER C 129 48.77 -50.07 -39.38
N LYS C 130 48.35 -49.70 -38.17
CA LYS C 130 46.94 -49.54 -37.83
C LYS C 130 46.15 -50.80 -38.14
N HIS C 131 46.73 -51.95 -37.82
CA HIS C 131 46.11 -53.25 -38.08
C HIS C 131 45.16 -53.58 -36.93
N THR C 132 43.89 -53.26 -37.11
CA THR C 132 42.86 -53.52 -36.13
C THR C 132 41.76 -54.38 -36.74
N GLN C 133 40.72 -54.64 -35.96
CA GLN C 133 39.56 -55.40 -36.41
C GLN C 133 38.38 -54.47 -36.58
N LEU C 134 37.76 -54.52 -37.76
CA LEU C 134 36.65 -53.60 -38.08
C LEU C 134 35.33 -54.15 -37.55
N SER C 135 35.29 -54.34 -36.24
CA SER C 135 34.08 -54.78 -35.57
C SER C 135 33.11 -53.61 -35.37
N PRO C 136 31.80 -53.88 -35.35
CA PRO C 136 30.84 -52.81 -35.13
C PRO C 136 30.96 -52.24 -33.72
N THR C 137 30.38 -51.06 -33.55
CA THR C 137 30.48 -50.36 -32.26
C THR C 137 29.74 -51.12 -31.18
N ASP C 138 30.30 -51.09 -29.96
CA ASP C 138 29.71 -51.74 -28.80
C ASP C 138 29.43 -50.73 -27.69
N ALA C 139 29.34 -49.45 -28.01
CA ALA C 139 29.16 -48.41 -27.00
C ALA C 139 28.38 -47.26 -27.63
N PHE C 140 27.10 -47.14 -27.26
CA PHE C 140 26.27 -46.02 -27.70
C PHE C 140 25.06 -45.93 -26.79
N GLY C 141 24.82 -44.75 -26.24
CA GLY C 141 23.70 -44.54 -25.35
C GLY C 141 23.74 -43.21 -24.63
N THR C 142 23.40 -43.22 -23.34
CA THR C 142 23.36 -42.01 -22.53
C THR C 142 24.15 -42.24 -21.24
N ILE C 143 24.88 -41.21 -20.81
CA ILE C 143 25.67 -41.27 -19.59
C ILE C 143 25.25 -40.10 -18.69
N GLU C 144 25.07 -40.39 -17.41
CA GLU C 144 24.76 -39.37 -16.41
C GLU C 144 25.98 -39.18 -15.52
N PHE C 145 26.39 -37.92 -15.35
CA PHE C 145 27.60 -37.61 -14.60
C PHE C 145 27.28 -37.53 -13.12
N GLN C 146 27.99 -38.33 -12.31
CA GLN C 146 27.83 -38.34 -10.86
C GLN C 146 29.09 -37.76 -10.24
N GLY C 147 28.92 -36.73 -9.42
CA GLY C 147 30.05 -36.08 -8.79
C GLY C 147 29.98 -34.57 -8.89
N GLY C 148 29.37 -34.06 -9.96
CA GLY C 148 29.21 -32.64 -10.12
C GLY C 148 28.02 -32.09 -9.36
N GLY C 149 27.90 -30.77 -9.38
CA GLY C 149 26.80 -30.09 -8.72
C GLY C 149 25.52 -30.01 -9.50
N HIS C 150 25.48 -30.54 -10.72
CA HIS C 150 24.30 -30.50 -11.57
C HIS C 150 23.99 -31.90 -12.08
N SER C 151 22.87 -32.02 -12.78
CA SER C 151 22.42 -33.27 -13.37
C SER C 151 22.34 -33.07 -14.88
N ASN C 152 23.29 -33.65 -15.60
CA ASN C 152 23.37 -33.51 -17.05
C ASN C 152 23.40 -34.87 -17.72
N LYS C 153 22.70 -34.99 -18.84
CA LYS C 153 22.66 -36.22 -19.62
C LYS C 153 23.30 -35.95 -20.98
N ALA C 154 24.25 -36.80 -21.37
CA ALA C 154 25.00 -36.63 -22.61
C ALA C 154 24.90 -37.90 -23.44
N MET C 155 24.35 -37.77 -24.64
CA MET C 155 24.34 -38.89 -25.58
C MET C 155 25.75 -39.11 -26.12
N TYR C 156 26.20 -40.36 -26.11
CA TYR C 156 27.55 -40.69 -26.54
C TYR C 156 27.50 -41.86 -27.52
N VAL C 157 28.33 -41.78 -28.56
CA VAL C 157 28.48 -42.83 -29.56
C VAL C 157 29.94 -42.89 -29.97
N ARG C 158 30.53 -44.08 -29.92
CA ARG C 158 31.91 -44.27 -30.35
C ARG C 158 31.94 -44.81 -31.77
N VAL C 159 32.82 -44.24 -32.59
CA VAL C 159 32.98 -44.63 -33.99
C VAL C 159 34.46 -44.66 -34.31
N SER C 160 34.78 -45.01 -35.55
CA SER C 160 36.15 -44.95 -36.04
C SER C 160 36.41 -43.61 -36.71
N PHE C 161 37.68 -43.35 -37.03
CA PHE C 161 38.05 -42.11 -37.67
C PHE C 161 37.75 -42.11 -39.17
N ASP C 162 37.32 -43.24 -39.72
CA ASP C 162 37.00 -43.35 -41.14
C ASP C 162 35.50 -43.23 -41.42
N THR C 163 34.70 -42.87 -40.43
CA THR C 163 33.27 -42.73 -40.64
C THR C 163 32.99 -41.53 -41.53
N LYS C 164 32.14 -41.73 -42.53
CA LYS C 164 31.83 -40.66 -43.48
C LYS C 164 31.02 -39.56 -42.80
N PRO C 165 31.28 -38.30 -43.14
CA PRO C 165 30.53 -37.20 -42.50
C PRO C 165 29.03 -37.26 -42.72
N ASP C 166 28.58 -37.78 -43.87
CA ASP C 166 27.15 -37.82 -44.15
C ASP C 166 26.41 -38.70 -43.14
N LEU C 167 26.97 -39.86 -42.83
CA LEU C 167 26.33 -40.75 -41.85
C LEU C 167 26.31 -40.12 -40.46
N LEU C 168 27.39 -39.42 -40.09
CA LEU C 168 27.42 -38.73 -38.80
C LEU C 168 26.36 -37.64 -38.74
N LEU C 169 26.21 -36.88 -39.83
CA LEU C 169 25.19 -35.83 -39.87
C LEU C 169 23.79 -36.43 -39.79
N HIS C 170 23.56 -37.55 -40.47
CA HIS C 170 22.27 -38.23 -40.37
C HIS C 170 22.00 -38.69 -38.95
N LEU C 171 23.01 -39.27 -38.29
CA LEU C 171 22.87 -39.69 -36.91
C LEU C 171 22.55 -38.53 -35.99
N MET C 172 23.22 -37.40 -36.17
CA MET C 172 22.98 -36.24 -35.34
C MET C 172 21.61 -35.64 -35.58
N THR C 173 21.13 -35.66 -36.83
CA THR C 173 19.86 -35.04 -37.16
C THR C 173 18.66 -35.93 -36.84
N LYS C 174 18.83 -37.25 -36.78
CA LYS C 174 17.72 -38.16 -36.55
C LYS C 174 17.79 -38.85 -35.19
N GLU C 175 18.89 -39.55 -34.91
CA GLU C 175 18.98 -40.29 -33.64
C GLU C 175 19.03 -39.35 -32.45
N TRP C 176 19.80 -38.27 -32.54
CA TRP C 176 19.91 -37.31 -31.45
C TRP C 176 18.89 -36.20 -31.53
N GLN C 177 18.12 -36.12 -32.62
CA GLN C 177 17.06 -35.13 -32.79
C GLN C 177 17.59 -33.71 -32.67
N LEU C 178 18.53 -33.37 -33.55
CA LEU C 178 19.13 -32.05 -33.61
C LEU C 178 18.90 -31.46 -34.99
N GLU C 179 18.23 -30.30 -35.04
CA GLU C 179 18.01 -29.62 -36.30
C GLU C 179 19.29 -28.95 -36.79
N LEU C 180 19.34 -28.67 -38.08
CA LEU C 180 20.50 -28.04 -38.67
C LEU C 180 20.70 -26.65 -38.09
N PRO C 181 21.91 -26.29 -37.67
CA PRO C 181 22.12 -24.98 -37.04
C PRO C 181 22.18 -23.87 -38.08
N LYS C 182 22.00 -22.65 -37.58
CA LYS C 182 22.15 -21.43 -38.38
C LYS C 182 23.51 -20.80 -38.20
N LEU C 183 24.40 -21.45 -37.43
CA LEU C 183 25.73 -20.95 -37.14
C LEU C 183 26.53 -22.10 -36.55
N LEU C 184 27.84 -22.13 -36.87
CA LEU C 184 28.74 -23.17 -36.38
C LEU C 184 29.98 -22.49 -35.81
N ILE C 185 30.23 -22.71 -34.52
CA ILE C 185 31.37 -22.12 -33.84
C ILE C 185 32.37 -23.23 -33.54
N SER C 186 33.60 -23.05 -34.02
CA SER C 186 34.69 -23.99 -33.77
C SER C 186 35.65 -23.37 -32.76
N VAL C 187 35.84 -24.04 -31.63
CA VAL C 187 36.68 -23.54 -30.54
C VAL C 187 37.97 -24.34 -30.55
N HIS C 188 39.10 -23.65 -30.68
CA HIS C 188 40.41 -24.26 -30.64
C HIS C 188 41.25 -23.61 -29.55
N GLY C 189 42.29 -24.31 -29.12
CA GLY C 189 43.14 -23.79 -28.07
C GLY C 189 44.25 -24.75 -27.74
N GLY C 190 44.96 -24.44 -26.65
CA GLY C 190 46.06 -25.28 -26.22
C GLY C 190 45.56 -26.45 -25.40
N LEU C 191 46.06 -27.64 -25.71
CA LEU C 191 45.71 -28.86 -24.99
C LEU C 191 46.32 -28.94 -23.59
N GLN C 192 46.98 -27.87 -23.14
CA GLN C 192 47.58 -27.82 -21.81
C GLN C 192 46.48 -27.51 -20.79
N ASN C 193 46.88 -27.14 -19.57
CA ASN C 193 45.94 -26.84 -18.52
C ASN C 193 46.18 -25.44 -17.98
N PHE C 194 46.31 -24.47 -18.90
CA PHE C 194 46.67 -23.10 -18.55
C PHE C 194 45.58 -22.42 -17.73
N GLU C 195 45.87 -21.19 -17.33
CA GLU C 195 44.91 -20.33 -16.65
C GLU C 195 45.01 -18.93 -17.25
N LEU C 196 43.87 -18.30 -17.47
CA LEU C 196 43.81 -16.97 -18.06
C LEU C 196 43.47 -15.93 -17.00
N GLN C 197 43.81 -14.68 -17.29
CA GLN C 197 43.68 -13.61 -16.32
C GLN C 197 42.21 -13.40 -15.97
N PRO C 198 41.88 -13.20 -14.69
CA PRO C 198 40.52 -12.82 -14.32
C PRO C 198 40.09 -11.51 -14.97
N LYS C 199 38.81 -11.20 -14.85
CA LYS C 199 38.11 -10.11 -15.51
C LYS C 199 37.99 -10.34 -17.01
N LEU C 200 38.56 -11.43 -17.54
CA LEU C 200 38.42 -11.83 -18.93
C LEU C 200 37.63 -13.10 -19.11
N LYS C 201 37.67 -14.01 -18.14
CA LYS C 201 36.87 -15.23 -18.22
C LYS C 201 35.38 -14.91 -18.19
N GLN C 202 34.98 -13.91 -17.38
CA GLN C 202 33.57 -13.55 -17.30
C GLN C 202 33.05 -13.03 -18.63
N VAL C 203 33.77 -12.08 -19.24
CA VAL C 203 33.29 -11.50 -20.49
C VAL C 203 33.37 -12.53 -21.62
N PHE C 204 34.40 -13.37 -21.63
CA PHE C 204 34.50 -14.42 -22.63
C PHE C 204 33.33 -15.38 -22.53
N GLY C 205 33.03 -15.84 -21.31
CA GLY C 205 31.90 -16.73 -21.12
C GLY C 205 30.58 -16.09 -21.51
N LYS C 206 30.37 -14.83 -21.10
CA LYS C 206 29.13 -14.14 -21.44
C LYS C 206 28.98 -14.00 -22.95
N GLY C 207 30.04 -13.60 -23.64
CA GLY C 207 29.96 -13.44 -25.07
C GLY C 207 29.69 -14.74 -25.79
N LEU C 208 30.42 -15.80 -25.42
CA LEU C 208 30.23 -17.10 -26.06
C LEU C 208 28.81 -17.63 -25.81
N ILE C 209 28.34 -17.53 -24.57
CA ILE C 209 27.02 -18.04 -24.23
C ILE C 209 25.94 -17.25 -24.95
N LYS C 210 26.06 -15.92 -24.99
CA LYS C 210 25.07 -15.11 -25.68
C LYS C 210 25.05 -15.41 -27.18
N ALA C 211 26.23 -15.56 -27.79
CA ALA C 211 26.28 -15.87 -29.21
C ALA C 211 25.67 -17.24 -29.50
N ALA C 212 25.91 -18.21 -28.63
CA ALA C 212 25.36 -19.55 -28.83
C ALA C 212 23.87 -19.63 -28.51
N MET C 213 23.35 -18.76 -27.65
CA MET C 213 21.97 -18.84 -27.20
C MET C 213 21.01 -18.00 -28.04
N THR C 214 21.44 -16.80 -28.45
CA THR C 214 20.52 -15.92 -29.18
C THR C 214 20.10 -16.55 -30.50
N THR C 215 21.02 -17.18 -31.20
CA THR C 215 20.73 -17.91 -32.42
C THR C 215 20.92 -19.41 -32.19
N GLY C 216 20.52 -20.19 -33.19
CA GLY C 216 20.70 -21.63 -33.11
C GLY C 216 22.05 -22.05 -33.65
N ALA C 217 23.01 -22.28 -32.75
CA ALA C 217 24.38 -22.56 -33.13
C ALA C 217 24.89 -23.80 -32.42
N TRP C 218 25.91 -24.41 -33.02
CA TRP C 218 26.61 -25.55 -32.44
C TRP C 218 28.01 -25.14 -32.05
N ILE C 219 28.52 -25.76 -30.98
CA ILE C 219 29.87 -25.49 -30.48
C ILE C 219 30.66 -26.79 -30.54
N PHE C 220 31.79 -26.77 -31.23
CA PHE C 220 32.66 -27.93 -31.34
C PHE C 220 33.89 -27.71 -30.45
N THR C 221 34.10 -28.62 -29.50
CA THR C 221 35.23 -28.57 -28.60
C THR C 221 35.91 -29.93 -28.56
N GLY C 222 37.03 -29.99 -27.85
CA GLY C 222 37.75 -31.24 -27.72
C GLY C 222 36.98 -32.29 -26.94
N GLY C 223 36.36 -31.89 -25.83
CA GLY C 223 35.55 -32.82 -25.06
C GLY C 223 36.13 -33.17 -23.70
N VAL C 224 37.44 -33.37 -23.63
CA VAL C 224 38.08 -33.70 -22.37
C VAL C 224 38.21 -32.44 -21.51
N ASN C 225 38.42 -32.64 -20.21
CA ASN C 225 38.42 -31.53 -19.26
C ASN C 225 39.83 -30.97 -19.06
N THR C 226 40.40 -30.47 -20.16
CA THR C 226 41.70 -29.82 -20.14
C THR C 226 41.70 -28.61 -21.06
N GLY C 227 42.26 -27.50 -20.58
CA GLY C 227 42.45 -26.33 -21.42
C GLY C 227 41.23 -25.45 -21.57
N VAL C 228 41.01 -24.94 -22.79
CA VAL C 228 39.87 -24.07 -23.06
C VAL C 228 38.56 -24.79 -22.84
N ILE C 229 38.56 -26.12 -22.94
CA ILE C 229 37.32 -26.88 -22.73
C ILE C 229 36.84 -26.73 -21.29
N ARG C 230 37.77 -26.67 -20.34
CA ARG C 230 37.38 -26.42 -18.96
C ARG C 230 36.74 -25.05 -18.81
N HIS C 231 37.28 -24.05 -19.50
CA HIS C 231 36.73 -22.70 -19.42
C HIS C 231 35.33 -22.63 -20.04
N VAL C 232 35.13 -23.29 -21.19
CA VAL C 232 33.79 -23.28 -21.79
C VAL C 232 32.81 -24.08 -20.94
N GLY C 233 33.28 -25.15 -20.28
CA GLY C 233 32.42 -25.86 -19.35
C GLY C 233 32.02 -25.00 -18.17
N ASP C 234 32.96 -24.23 -17.62
CA ASP C 234 32.63 -23.31 -16.54
C ASP C 234 31.64 -22.24 -17.01
N ALA C 235 31.82 -21.74 -18.23
CA ALA C 235 30.89 -20.75 -18.78
C ALA C 235 29.49 -21.34 -18.93
N LEU C 236 29.40 -22.58 -19.41
CA LEU C 236 28.10 -23.25 -19.50
C LEU C 236 27.49 -23.46 -18.11
N LYS C 237 28.31 -23.84 -17.13
CA LYS C 237 27.82 -24.06 -15.79
C LYS C 237 27.29 -22.78 -15.16
N ASP C 238 27.97 -21.66 -15.37
CA ASP C 238 27.52 -20.38 -14.85
C ASP C 238 26.29 -19.83 -15.57
N HIS C 239 25.91 -20.43 -16.71
CA HIS C 239 24.79 -19.95 -17.50
C HIS C 239 23.52 -20.77 -17.27
N ALA C 240 23.64 -22.10 -17.18
CA ALA C 240 22.45 -22.94 -17.07
C ALA C 240 21.70 -22.67 -15.77
N SER C 241 22.40 -22.21 -14.74
CA SER C 241 21.74 -21.94 -13.47
C SER C 241 20.94 -20.64 -13.49
N LYS C 242 21.18 -19.78 -14.48
CA LYS C 242 20.61 -18.44 -14.50
C LYS C 242 19.83 -18.14 -15.78
N SER C 243 19.39 -19.18 -16.49
CA SER C 243 18.68 -18.95 -17.75
C SER C 243 17.87 -20.18 -18.12
N ARG C 244 16.96 -19.99 -19.07
CA ARG C 244 16.21 -21.10 -19.67
C ARG C 244 16.92 -21.57 -20.93
N GLY C 245 16.28 -22.44 -21.70
CA GLY C 245 16.82 -22.87 -22.97
C GLY C 245 17.98 -23.84 -22.87
N LYS C 246 18.46 -24.32 -24.01
CA LYS C 246 19.56 -25.27 -24.08
C LYS C 246 20.56 -24.84 -25.14
N ILE C 247 21.82 -25.18 -24.91
CA ILE C 247 22.91 -24.92 -25.84
C ILE C 247 23.48 -26.26 -26.29
N CYS C 248 23.61 -26.44 -27.60
CA CYS C 248 24.10 -27.69 -28.18
C CYS C 248 25.62 -27.63 -28.26
N THR C 249 26.28 -28.22 -27.28
CA THR C 249 27.74 -28.32 -27.25
C THR C 249 28.14 -29.75 -27.55
N ILE C 250 29.02 -29.92 -28.54
CA ILE C 250 29.43 -31.24 -29.01
C ILE C 250 30.93 -31.39 -28.80
N GLY C 251 31.32 -32.48 -28.14
CA GLY C 251 32.72 -32.79 -27.90
C GLY C 251 33.16 -33.97 -28.74
N ILE C 252 34.23 -33.75 -29.50
CA ILE C 252 34.82 -34.78 -30.36
C ILE C 252 36.18 -35.11 -29.79
N ALA C 253 36.28 -36.21 -29.05
CA ALA C 253 37.50 -36.59 -28.35
C ALA C 253 37.94 -37.99 -28.76
N PRO C 254 39.24 -38.27 -28.67
CA PRO C 254 39.71 -39.64 -28.91
C PRO C 254 39.20 -40.60 -27.85
N TRP C 255 38.99 -41.85 -28.26
CA TRP C 255 38.45 -42.86 -27.35
C TRP C 255 39.48 -43.30 -26.32
N GLY C 256 40.76 -43.27 -26.65
CA GLY C 256 41.79 -43.80 -25.76
C GLY C 256 42.17 -42.92 -24.61
N ILE C 257 41.67 -41.68 -24.55
CA ILE C 257 42.08 -40.75 -23.51
C ILE C 257 41.11 -40.71 -22.33
N VAL C 258 39.87 -41.16 -22.51
CA VAL C 258 38.91 -41.17 -21.40
C VAL C 258 39.47 -42.03 -20.27
N GLU C 259 39.32 -41.53 -19.04
CA GLU C 259 39.94 -42.19 -17.89
C GLU C 259 39.35 -43.57 -17.66
N ASN C 260 38.04 -43.71 -17.80
CA ASN C 260 37.36 -44.99 -17.62
C ASN C 260 36.78 -45.41 -18.97
N GLN C 261 37.58 -46.13 -19.75
CA GLN C 261 37.07 -46.68 -21.01
C GLN C 261 35.96 -47.68 -20.75
N GLU C 262 36.11 -48.50 -19.71
CA GLU C 262 35.03 -49.36 -19.26
C GLU C 262 33.93 -48.52 -18.61
N ASP C 263 32.86 -49.19 -18.18
CA ASP C 263 31.67 -48.53 -17.63
C ASP C 263 31.01 -47.62 -18.65
N LEU C 264 31.34 -47.80 -19.93
CA LEU C 264 30.73 -47.04 -21.02
C LEU C 264 30.36 -47.97 -22.17
N ILE C 265 30.03 -49.22 -21.85
CA ILE C 265 29.79 -50.24 -22.86
C ILE C 265 28.31 -50.56 -23.05
N GLY C 266 27.47 -50.29 -22.05
CA GLY C 266 26.05 -50.56 -22.15
C GLY C 266 25.39 -49.85 -23.32
N ARG C 267 24.97 -50.62 -24.33
CA ARG C 267 24.41 -50.04 -25.54
C ARG C 267 22.94 -49.70 -25.32
N ASP C 268 22.56 -48.48 -25.70
CA ASP C 268 21.18 -48.00 -25.57
C ASP C 268 20.69 -48.09 -24.13
N VAL C 269 21.58 -47.82 -23.17
CA VAL C 269 21.24 -47.83 -21.75
C VAL C 269 21.97 -46.69 -21.08
N VAL C 270 21.50 -46.33 -19.89
CA VAL C 270 22.09 -45.26 -19.09
C VAL C 270 23.12 -45.85 -18.15
N ARG C 271 24.34 -45.32 -18.19
CA ARG C 271 25.42 -45.78 -17.34
C ARG C 271 26.02 -44.58 -16.61
N PRO C 272 26.15 -44.63 -15.28
CA PRO C 272 26.73 -43.51 -14.55
C PRO C 272 28.21 -43.33 -14.85
N TYR C 273 28.67 -42.09 -14.72
CA TYR C 273 30.07 -41.73 -14.94
C TYR C 273 30.55 -40.86 -13.80
N GLN C 274 31.77 -41.09 -13.35
CA GLN C 274 32.33 -40.39 -12.20
C GLN C 274 33.13 -39.17 -12.67
N THR C 275 32.73 -37.99 -12.21
CA THR C 275 33.42 -36.76 -12.60
C THR C 275 34.73 -36.57 -11.84
N MET C 276 34.90 -37.21 -10.68
CA MET C 276 36.12 -37.05 -9.91
C MET C 276 37.28 -37.73 -10.62
N SER C 277 38.40 -37.01 -10.73
CA SER C 277 39.59 -37.51 -11.40
C SER C 277 40.78 -37.48 -10.44
N ASN C 278 41.65 -38.48 -10.59
CA ASN C 278 42.82 -38.51 -9.72
C ASN C 278 44.07 -38.06 -10.49
N PRO C 279 44.95 -37.29 -9.84
CA PRO C 279 46.16 -36.81 -10.54
C PRO C 279 47.08 -37.92 -10.98
N MET C 280 47.11 -39.06 -10.28
CA MET C 280 48.06 -40.12 -10.59
C MET C 280 47.80 -40.75 -11.94
N SER C 281 46.60 -40.63 -12.48
CA SER C 281 46.28 -41.19 -13.78
C SER C 281 46.91 -40.37 -14.90
N LYS C 282 47.19 -41.04 -16.02
CA LYS C 282 47.71 -40.39 -17.21
C LYS C 282 46.62 -39.98 -18.19
N LEU C 283 45.36 -40.18 -17.84
CA LEU C 283 44.24 -39.95 -18.73
C LEU C 283 43.46 -38.71 -18.28
N THR C 284 42.37 -38.43 -18.99
CA THR C 284 41.53 -37.27 -18.70
C THR C 284 40.06 -37.69 -18.79
N VAL C 285 39.25 -37.20 -17.86
CA VAL C 285 37.84 -37.52 -17.83
C VAL C 285 37.09 -36.63 -18.82
N LEU C 286 35.96 -37.14 -19.32
CA LEU C 286 35.11 -36.34 -20.19
C LEU C 286 34.52 -35.16 -19.41
N ASN C 287 34.54 -33.98 -20.03
CA ASN C 287 34.02 -32.79 -19.39
C ASN C 287 32.50 -32.82 -19.37
N SER C 288 31.92 -32.54 -18.20
CA SER C 288 30.48 -32.45 -18.09
C SER C 288 29.98 -31.18 -18.78
N MET C 289 28.66 -30.96 -18.71
CA MET C 289 27.98 -29.84 -19.35
C MET C 289 28.10 -29.88 -20.86
N HIS C 290 28.41 -31.04 -21.43
CA HIS C 290 28.43 -31.26 -22.87
C HIS C 290 27.21 -32.07 -23.27
N SER C 291 26.50 -31.60 -24.29
CA SER C 291 25.25 -32.25 -24.68
C SER C 291 25.48 -33.57 -25.40
N HIS C 292 26.52 -33.66 -26.23
CA HIS C 292 26.76 -34.85 -27.03
C HIS C 292 28.25 -35.11 -27.13
N PHE C 293 28.59 -36.37 -27.42
CA PHE C 293 29.97 -36.79 -27.62
C PHE C 293 30.05 -37.68 -28.85
N ILE C 294 31.19 -37.60 -29.54
CA ILE C 294 31.50 -38.48 -30.66
C ILE C 294 32.94 -38.95 -30.43
N LEU C 295 33.11 -40.14 -29.88
CA LEU C 295 34.44 -40.68 -29.60
C LEU C 295 35.02 -41.26 -30.87
N ALA C 296 36.19 -40.78 -31.28
CA ALA C 296 36.88 -41.27 -32.47
C ALA C 296 38.01 -42.20 -32.07
N ASP C 297 37.99 -43.40 -32.61
CA ASP C 297 38.97 -44.43 -32.27
C ASP C 297 39.71 -44.88 -33.53
N ASN C 298 41.00 -45.17 -33.37
CA ASN C 298 41.81 -45.70 -34.46
C ASN C 298 42.56 -46.98 -34.09
N GLY C 299 42.52 -47.41 -32.83
CA GLY C 299 43.23 -48.60 -32.41
C GLY C 299 44.20 -48.32 -31.28
N THR C 300 44.88 -47.18 -31.35
CA THR C 300 45.80 -46.79 -30.29
C THR C 300 45.04 -46.35 -29.05
N THR C 301 45.72 -46.41 -27.91
CA THR C 301 45.16 -46.02 -26.62
C THR C 301 46.14 -45.12 -25.89
N GLY C 302 45.60 -44.08 -25.25
CA GLY C 302 46.44 -43.16 -24.50
C GLY C 302 47.25 -42.18 -25.32
N LYS C 303 46.88 -41.97 -26.58
CA LYS C 303 47.61 -41.08 -27.47
C LYS C 303 46.66 -40.09 -28.12
N TYR C 304 47.16 -38.87 -28.33
CA TYR C 304 46.41 -37.83 -29.03
C TYR C 304 46.63 -37.92 -30.53
N GLY C 305 45.76 -37.25 -31.27
CA GLY C 305 45.90 -37.15 -32.71
C GLY C 305 45.18 -38.23 -33.49
N ALA C 306 43.88 -38.39 -33.23
CA ALA C 306 43.09 -39.37 -33.97
C ALA C 306 41.70 -38.87 -34.32
N GLU C 307 41.42 -37.58 -34.16
CA GLU C 307 40.09 -37.05 -34.42
C GLU C 307 40.08 -35.72 -35.15
N VAL C 308 41.25 -35.13 -35.46
CA VAL C 308 41.27 -33.82 -36.10
C VAL C 308 40.71 -33.90 -37.51
N LYS C 309 41.11 -34.92 -38.28
CA LYS C 309 40.65 -35.04 -39.66
C LYS C 309 39.15 -35.25 -39.73
N LEU C 310 38.61 -36.10 -38.84
CA LEU C 310 37.17 -36.32 -38.82
C LEU C 310 36.42 -35.05 -38.50
N ARG C 311 36.90 -34.28 -37.52
CA ARG C 311 36.26 -33.02 -37.16
C ARG C 311 36.30 -32.03 -38.33
N ARG C 312 37.45 -31.92 -38.99
CA ARG C 312 37.55 -31.00 -40.12
C ARG C 312 36.63 -31.41 -41.25
N GLN C 313 36.58 -32.70 -41.57
CA GLN C 313 35.70 -33.17 -42.65
C GLN C 313 34.24 -32.97 -42.29
N LEU C 314 33.88 -33.19 -41.03
CA LEU C 314 32.50 -32.95 -40.61
C LEU C 314 32.13 -31.48 -40.73
N GLU C 315 33.04 -30.59 -40.32
CA GLU C 315 32.78 -29.16 -40.48
C GLU C 315 32.61 -28.78 -41.95
N LYS C 316 33.49 -29.30 -42.81
CA LYS C 316 33.40 -28.98 -44.23
C LYS C 316 32.11 -29.50 -44.84
N HIS C 317 31.67 -30.70 -44.44
CA HIS C 317 30.44 -31.24 -44.98
C HIS C 317 29.22 -30.48 -44.47
N ILE C 318 29.25 -30.04 -43.20
CA ILE C 318 28.14 -29.28 -42.65
C ILE C 318 28.05 -27.91 -43.33
N SER C 319 29.19 -27.29 -43.62
CA SER C 319 29.18 -25.99 -44.28
C SER C 319 28.54 -26.08 -45.67
N LEU C 320 28.84 -27.15 -46.41
CA LEU C 320 28.29 -27.30 -47.75
C LEU C 320 26.77 -27.49 -47.74
N GLN C 321 26.19 -27.92 -46.64
CA GLN C 321 24.75 -28.08 -46.56
C GLN C 321 24.06 -26.73 -46.71
N LYS C 322 22.90 -26.73 -47.37
CA LYS C 322 22.21 -25.50 -47.71
C LYS C 322 21.20 -25.15 -46.63
N ILE C 323 21.26 -23.90 -46.15
CA ILE C 323 20.32 -23.41 -45.15
C ILE C 323 18.98 -23.18 -45.83
N ASN C 324 17.93 -22.96 -45.02
CA ASN C 324 16.58 -22.86 -45.54
C ASN C 324 16.34 -21.64 -46.42
N THR C 325 17.25 -20.65 -46.41
CA THR C 325 17.07 -19.49 -47.25
C THR C 325 17.29 -19.83 -48.72
N ARG C 326 16.57 -19.12 -49.59
CA ARG C 326 16.65 -19.34 -51.03
C ARG C 326 17.69 -18.47 -51.71
N ILE C 327 18.43 -17.66 -50.95
CA ILE C 327 19.51 -16.87 -51.53
C ILE C 327 20.61 -17.78 -52.05
N GLY C 328 20.91 -18.85 -51.31
CA GLY C 328 22.00 -19.75 -51.64
C GLY C 328 23.09 -19.82 -50.59
N GLN C 329 22.96 -19.11 -49.47
CA GLN C 329 23.97 -19.15 -48.42
C GLN C 329 23.99 -20.51 -47.74
N GLY C 330 25.19 -20.97 -47.42
CA GLY C 330 25.36 -22.16 -46.60
C GLY C 330 25.45 -21.81 -45.12
N VAL C 331 25.71 -22.83 -44.32
CA VAL C 331 25.87 -22.64 -42.88
C VAL C 331 27.21 -21.95 -42.64
N PRO C 332 27.22 -20.76 -42.04
CA PRO C 332 28.50 -20.08 -41.81
C PRO C 332 29.31 -20.76 -40.72
N VAL C 333 30.63 -20.60 -40.81
CA VAL C 333 31.57 -21.19 -39.86
C VAL C 333 32.53 -20.11 -39.39
N VAL C 334 32.80 -20.09 -38.09
CA VAL C 334 33.76 -19.18 -37.49
C VAL C 334 34.65 -19.98 -36.55
N ALA C 335 35.86 -19.47 -36.32
CA ALA C 335 36.84 -20.12 -35.47
C ALA C 335 37.24 -19.18 -34.34
N LEU C 336 37.30 -19.72 -33.13
CA LEU C 336 37.69 -18.97 -31.94
C LEU C 336 38.98 -19.57 -31.39
N ILE C 337 39.97 -18.72 -31.13
CA ILE C 337 41.30 -19.15 -30.73
C ILE C 337 41.62 -18.55 -29.38
N VAL C 338 42.00 -19.40 -28.42
CA VAL C 338 42.43 -19.00 -27.09
C VAL C 338 43.70 -19.77 -26.75
N GLU C 339 44.69 -19.07 -26.18
CA GLU C 339 45.95 -19.69 -25.80
C GLU C 339 46.62 -20.33 -27.01
N GLY C 340 46.43 -21.63 -27.18
CA GLY C 340 46.99 -22.32 -28.34
C GLY C 340 48.44 -22.71 -28.14
N GLY C 341 49.15 -22.81 -29.26
CA GLY C 341 50.54 -23.18 -29.26
C GLY C 341 51.11 -23.22 -30.67
N PRO C 342 52.18 -24.00 -30.85
CA PRO C 342 52.75 -24.13 -32.21
C PRO C 342 51.78 -24.69 -33.23
N ASN C 343 50.88 -25.59 -32.82
CA ASN C 343 49.91 -26.14 -33.76
C ASN C 343 48.84 -25.11 -34.13
N VAL C 344 48.59 -24.12 -33.27
CA VAL C 344 47.53 -23.15 -33.54
C VAL C 344 47.87 -22.31 -34.76
N ILE C 345 49.15 -22.00 -34.97
CA ILE C 345 49.54 -21.24 -36.15
C ILE C 345 49.22 -22.02 -37.42
N SER C 346 49.55 -23.32 -37.43
CA SER C 346 49.23 -24.16 -38.57
C SER C 346 47.73 -24.28 -38.78
N ILE C 347 46.98 -24.39 -37.68
CA ILE C 347 45.52 -24.55 -37.79
C ILE C 347 44.90 -23.28 -38.37
N VAL C 348 45.30 -22.11 -37.88
CA VAL C 348 44.74 -20.87 -38.41
C VAL C 348 45.18 -20.65 -39.86
N LEU C 349 46.41 -21.06 -40.20
CA LEU C 349 46.84 -20.97 -41.59
C LEU C 349 45.98 -21.85 -42.49
N GLU C 350 45.68 -23.08 -42.03
CA GLU C 350 44.83 -23.96 -42.80
C GLU C 350 43.41 -23.40 -42.94
N TYR C 351 42.89 -22.80 -41.87
CA TYR C 351 41.56 -22.21 -41.92
C TYR C 351 41.51 -21.05 -42.91
N LEU C 352 42.53 -20.18 -42.89
CA LEU C 352 42.53 -19.04 -43.80
C LEU C 352 42.70 -19.48 -45.26
N ARG C 353 43.55 -20.48 -45.50
CA ARG C 353 43.85 -20.91 -46.86
C ARG C 353 42.69 -21.65 -47.52
N ASP C 354 41.63 -21.98 -46.80
CA ASP C 354 40.51 -22.69 -47.39
C ASP C 354 39.85 -21.82 -48.45
N THR C 355 39.30 -22.48 -49.49
CA THR C 355 38.69 -21.75 -50.59
C THR C 355 37.53 -20.86 -50.14
N PRO C 356 36.58 -21.33 -49.33
CA PRO C 356 35.70 -20.40 -48.62
C PRO C 356 36.26 -20.03 -47.26
N PRO C 357 37.19 -19.07 -47.20
CA PRO C 357 37.98 -18.88 -45.97
C PRO C 357 37.12 -18.60 -44.75
N VAL C 358 37.53 -19.18 -43.63
CA VAL C 358 36.80 -19.08 -42.38
C VAL C 358 37.37 -17.94 -41.53
N PRO C 359 36.55 -16.98 -41.10
CA PRO C 359 37.07 -15.92 -40.22
C PRO C 359 37.57 -16.49 -38.90
N VAL C 360 38.56 -15.81 -38.32
CA VAL C 360 39.24 -16.26 -37.12
C VAL C 360 39.17 -15.15 -36.08
N VAL C 361 38.84 -15.53 -34.84
CA VAL C 361 38.80 -14.60 -33.72
C VAL C 361 39.88 -15.01 -32.73
N VAL C 362 40.72 -14.06 -32.32
CA VAL C 362 41.87 -14.31 -31.48
C VAL C 362 41.75 -13.47 -30.21
N CYS C 363 42.02 -14.10 -29.06
CA CYS C 363 42.02 -13.41 -27.78
C CYS C 363 43.46 -13.02 -27.44
N ASP C 364 43.70 -11.71 -27.34
CA ASP C 364 45.06 -11.22 -27.12
C ASP C 364 45.55 -11.50 -25.70
N GLY C 365 44.65 -11.48 -24.72
CA GLY C 365 45.05 -11.62 -23.33
C GLY C 365 45.35 -13.01 -22.84
N SER C 366 45.33 -14.00 -23.73
CA SER C 366 45.60 -15.38 -23.32
C SER C 366 47.06 -15.55 -22.91
N GLY C 367 47.99 -15.08 -23.73
CA GLY C 367 49.40 -15.17 -23.41
C GLY C 367 50.20 -16.01 -24.37
N ARG C 368 49.62 -17.11 -24.83
CA ARG C 368 50.30 -18.04 -25.72
C ARG C 368 50.26 -17.53 -27.16
N ALA C 369 50.53 -18.43 -28.13
CA ALA C 369 50.62 -18.06 -29.54
C ALA C 369 49.47 -17.17 -30.03
N SER C 370 48.32 -17.23 -29.37
CA SER C 370 47.27 -16.25 -29.69
C SER C 370 47.74 -14.83 -29.40
N ASP C 371 48.44 -14.64 -28.28
CA ASP C 371 48.98 -13.32 -27.96
C ASP C 371 50.04 -12.90 -28.97
N ILE C 372 50.88 -13.85 -29.43
CA ILE C 372 51.86 -13.50 -30.43
C ILE C 372 51.18 -13.23 -31.78
N LEU C 373 50.05 -13.89 -32.04
CA LEU C 373 49.28 -13.57 -33.25
C LEU C 373 48.74 -12.15 -33.18
N ALA C 374 48.22 -11.74 -32.01
CA ALA C 374 47.79 -10.36 -31.85
C ALA C 374 48.95 -9.39 -31.98
N PHE C 375 50.10 -9.76 -31.43
CA PHE C 375 51.30 -8.92 -31.52
C PHE C 375 51.71 -8.71 -32.97
N GLY C 376 51.69 -9.78 -33.77
CA GLY C 376 51.98 -9.66 -35.19
C GLY C 376 50.89 -8.98 -35.99
N HIS C 377 49.66 -8.99 -35.48
CA HIS C 377 48.56 -8.31 -36.18
C HIS C 377 48.80 -6.81 -36.24
N LYS C 378 49.28 -6.21 -35.15
CA LYS C 378 49.59 -4.80 -35.13
C LYS C 378 50.88 -4.52 -35.90
N TYR C 379 50.98 -3.28 -36.41
CA TYR C 379 52.12 -2.81 -37.20
C TYR C 379 52.61 -3.86 -38.20
N SER C 380 51.68 -4.36 -39.00
CA SER C 380 51.98 -5.35 -40.02
C SER C 380 52.07 -4.66 -41.38
N GLU C 381 52.23 -5.46 -42.44
CA GLU C 381 52.35 -4.93 -43.78
C GLU C 381 51.00 -4.52 -44.34
N VAL C 396 60.95 -6.90 -38.04
CA VAL C 396 60.52 -7.21 -36.68
C VAL C 396 60.81 -8.67 -36.35
N THR C 397 62.07 -9.08 -36.50
CA THR C 397 62.49 -10.44 -36.23
C THR C 397 63.10 -10.61 -34.84
N ILE C 398 63.86 -9.63 -34.37
CA ILE C 398 64.42 -9.70 -33.02
C ILE C 398 63.32 -9.61 -31.98
N GLN C 399 62.33 -8.75 -32.22
CA GLN C 399 61.17 -8.68 -31.33
C GLN C 399 60.30 -9.93 -31.41
N LYS C 400 60.35 -10.63 -32.54
CA LYS C 400 59.59 -11.87 -32.67
C LYS C 400 60.23 -13.01 -31.89
N THR C 401 61.50 -12.90 -31.56
CA THR C 401 62.21 -13.94 -30.81
C THR C 401 61.61 -14.06 -29.42
N PHE C 402 60.87 -15.15 -29.18
CA PHE C 402 60.23 -15.38 -27.90
C PHE C 402 60.66 -16.70 -27.26
N THR C 403 61.64 -17.39 -27.85
CA THR C 403 62.19 -18.63 -27.31
C THR C 403 61.11 -19.70 -27.13
N TYR C 404 60.09 -19.67 -27.98
CA TYR C 404 59.02 -20.66 -27.86
C TYR C 404 59.48 -22.04 -28.31
N THR C 405 60.19 -22.12 -29.43
CA THR C 405 60.71 -23.38 -29.96
C THR C 405 62.12 -23.13 -30.49
N ARG C 406 63.11 -23.74 -29.84
CA ARG C 406 64.51 -23.63 -30.24
C ARG C 406 64.95 -22.17 -30.36
N THR C 407 64.64 -21.39 -29.31
CA THR C 407 65.16 -20.04 -29.05
C THR C 407 65.05 -19.21 -30.33
N GLN C 408 66.09 -18.46 -30.71
CA GLN C 408 66.11 -17.72 -31.97
C GLN C 408 66.59 -18.56 -33.14
N ALA C 409 67.13 -19.75 -32.88
CA ALA C 409 67.58 -20.62 -33.96
C ALA C 409 66.42 -21.04 -34.86
N GLN C 410 65.27 -21.35 -34.26
CA GLN C 410 64.07 -21.70 -35.02
C GLN C 410 63.11 -20.52 -34.96
N HIS C 411 62.94 -19.84 -36.09
CA HIS C 411 62.05 -18.68 -36.20
C HIS C 411 60.83 -19.09 -37.01
N LEU C 412 59.69 -19.19 -36.35
CA LEU C 412 58.44 -19.50 -37.05
C LEU C 412 57.97 -18.28 -37.81
N PHE C 413 58.39 -18.15 -39.06
CA PHE C 413 58.05 -16.98 -39.86
C PHE C 413 57.33 -17.28 -41.15
N ILE C 414 57.58 -18.43 -41.79
CA ILE C 414 56.88 -18.75 -43.03
C ILE C 414 55.38 -18.87 -42.79
N ILE C 415 55.00 -19.66 -41.78
CA ILE C 415 53.58 -19.82 -41.47
C ILE C 415 52.98 -18.53 -40.95
N LEU C 416 53.73 -17.76 -40.16
CA LEU C 416 53.22 -16.51 -39.62
C LEU C 416 52.96 -15.50 -40.73
N MET C 417 53.85 -15.41 -41.72
CA MET C 417 53.64 -14.48 -42.82
C MET C 417 52.54 -14.97 -43.77
N GLU C 418 52.43 -16.29 -43.95
CA GLU C 418 51.30 -16.81 -44.72
C GLU C 418 49.97 -16.50 -44.04
N CYS C 419 49.95 -16.50 -42.70
CA CYS C 419 48.76 -16.05 -41.97
C CYS C 419 48.52 -14.56 -42.18
N MET C 420 49.55 -13.75 -41.99
CA MET C 420 49.40 -12.30 -42.04
C MET C 420 49.16 -11.78 -43.45
N LYS C 421 49.40 -12.59 -44.49
CA LYS C 421 49.07 -12.16 -45.84
C LYS C 421 47.57 -11.91 -45.99
N LYS C 422 46.77 -12.84 -45.49
CA LYS C 422 45.32 -12.66 -45.43
C LYS C 422 44.90 -12.24 -44.03
N LYS C 423 45.36 -11.06 -43.61
CA LYS C 423 45.10 -10.56 -42.27
C LYS C 423 43.77 -9.81 -42.16
N GLU C 424 43.07 -9.59 -43.27
CA GLU C 424 41.78 -8.93 -43.20
C GLU C 424 40.72 -9.82 -42.53
N LEU C 425 40.81 -11.14 -42.73
CA LEU C 425 39.85 -12.05 -42.13
C LEU C 425 40.07 -12.23 -40.64
N ILE C 426 41.33 -12.22 -40.19
CA ILE C 426 41.61 -12.37 -38.77
C ILE C 426 41.08 -11.15 -38.01
N THR C 427 40.35 -11.40 -36.94
CA THR C 427 39.77 -10.34 -36.11
C THR C 427 40.22 -10.56 -34.67
N VAL C 428 41.16 -9.74 -34.22
CA VAL C 428 41.66 -9.83 -32.84
C VAL C 428 40.64 -9.21 -31.90
N PHE C 429 40.79 -9.48 -30.61
CA PHE C 429 39.89 -8.96 -29.59
C PHE C 429 40.70 -8.39 -28.44
N ARG C 430 40.17 -7.32 -27.83
CA ARG C 430 40.79 -6.70 -26.68
C ARG C 430 39.74 -5.91 -25.93
N MET C 431 39.97 -5.72 -24.63
CA MET C 431 39.03 -5.02 -23.77
C MET C 431 39.29 -3.51 -23.70
N GLY C 432 40.26 -3.00 -24.46
CA GLY C 432 40.62 -1.60 -24.38
C GLY C 432 40.15 -0.76 -25.54
N SER C 433 41.05 -0.50 -26.49
CA SER C 433 40.77 0.45 -27.57
C SER C 433 39.65 -0.06 -28.47
N GLU C 434 39.56 -1.37 -28.68
CA GLU C 434 38.58 -1.91 -29.60
C GLU C 434 37.16 -1.56 -29.17
N GLY C 435 36.35 -1.09 -30.13
CA GLY C 435 34.97 -0.80 -29.83
C GLY C 435 34.17 -2.06 -29.51
N HIS C 436 34.50 -3.17 -30.16
CA HIS C 436 33.82 -4.44 -29.93
C HIS C 436 34.42 -5.14 -28.70
N GLN C 437 34.15 -4.53 -27.53
CA GLN C 437 34.58 -5.13 -26.28
C GLN C 437 33.77 -6.38 -25.93
N ASP C 438 32.68 -6.65 -26.64
CA ASP C 438 31.85 -7.81 -26.40
C ASP C 438 32.18 -8.89 -27.44
N ILE C 439 32.54 -10.08 -26.97
CA ILE C 439 32.84 -11.19 -27.88
C ILE C 439 31.59 -11.60 -28.64
N ASP C 440 30.42 -11.43 -28.03
CA ASP C 440 29.17 -11.72 -28.75
C ASP C 440 29.04 -10.86 -30.00
N LEU C 441 29.35 -9.56 -29.89
CA LEU C 441 29.35 -8.70 -31.06
C LEU C 441 30.52 -9.04 -31.99
N ALA C 442 31.67 -9.40 -31.42
CA ALA C 442 32.86 -9.65 -32.23
C ALA C 442 32.66 -10.87 -33.14
N ILE C 443 32.07 -11.94 -32.61
CA ILE C 443 31.91 -13.17 -33.40
C ILE C 443 30.96 -12.94 -34.56
N LEU C 444 29.82 -12.27 -34.31
CA LEU C 444 28.81 -12.12 -35.35
C LEU C 444 29.26 -11.17 -36.44
N THR C 445 30.01 -10.11 -36.09
CA THR C 445 30.47 -9.17 -37.10
C THR C 445 31.50 -9.78 -38.03
N ALA C 446 32.25 -10.78 -37.54
CA ALA C 446 33.23 -11.45 -38.40
C ALA C 446 32.56 -12.20 -39.53
N LEU C 447 31.42 -12.83 -39.26
CA LEU C 447 30.71 -13.59 -40.29
C LEU C 447 30.08 -12.69 -41.34
N LEU C 448 29.83 -11.42 -41.03
CA LEU C 448 29.23 -10.51 -41.99
C LEU C 448 30.27 -9.94 -42.94
N LYS C 449 31.31 -9.29 -42.39
CA LYS C 449 32.35 -8.72 -43.24
C LYS C 449 33.24 -9.79 -43.85
N GLY C 450 33.37 -10.95 -43.18
CA GLY C 450 34.21 -12.01 -43.71
C GLY C 450 33.61 -12.75 -44.89
N ALA C 451 32.28 -12.72 -45.03
CA ALA C 451 31.64 -13.37 -46.16
C ALA C 451 31.83 -12.60 -47.46
N ASN C 452 32.07 -11.29 -47.38
CA ASN C 452 32.18 -10.43 -48.56
C ASN C 452 30.94 -10.54 -49.44
N ALA C 453 29.78 -10.60 -48.80
CA ALA C 453 28.51 -10.73 -49.49
C ALA C 453 27.81 -9.38 -49.56
N SER C 454 26.79 -9.32 -50.42
CA SER C 454 26.05 -8.08 -50.61
C SER C 454 25.11 -7.82 -49.43
N ALA C 455 24.53 -6.63 -49.41
CA ALA C 455 23.61 -6.26 -48.34
C ALA C 455 22.41 -7.19 -48.22
N PRO C 456 21.75 -7.62 -49.30
CA PRO C 456 20.65 -8.58 -49.11
C PRO C 456 21.07 -9.86 -48.42
N ASP C 457 22.28 -10.37 -48.69
CA ASP C 457 22.73 -11.59 -48.04
C ASP C 457 22.95 -11.37 -46.55
N GLN C 458 23.55 -10.25 -46.17
CA GLN C 458 23.72 -9.93 -44.76
C GLN C 458 22.37 -9.77 -44.06
N LEU C 459 21.42 -9.12 -44.73
CA LEU C 459 20.10 -8.95 -44.15
C LEU C 459 19.41 -10.29 -43.97
N SER C 460 19.55 -11.20 -44.94
CA SER C 460 18.97 -12.53 -44.82
C SER C 460 19.59 -13.30 -43.66
N LEU C 461 20.92 -13.21 -43.50
CA LEU C 461 21.57 -13.87 -42.39
C LEU C 461 21.09 -13.30 -41.05
N ALA C 462 20.99 -11.97 -40.96
CA ALA C 462 20.51 -11.36 -39.72
C ALA C 462 19.07 -11.76 -39.42
N LEU C 463 18.23 -11.86 -40.46
CA LEU C 463 16.85 -12.29 -40.29
C LEU C 463 16.79 -13.73 -39.80
N ALA C 464 17.66 -14.58 -40.34
CA ALA C 464 17.72 -15.98 -39.89
C ALA C 464 18.16 -16.06 -38.43
N TRP C 465 19.13 -15.24 -38.04
CA TRP C 465 19.62 -15.22 -36.66
C TRP C 465 18.68 -14.49 -35.71
N ASN C 466 17.66 -13.80 -36.22
CA ASN C 466 16.73 -13.02 -35.40
C ASN C 466 17.48 -11.99 -34.55
N ARG C 467 18.48 -11.36 -35.15
CA ARG C 467 19.24 -10.27 -34.53
C ARG C 467 18.94 -8.99 -35.30
N VAL C 468 18.24 -8.06 -34.67
CA VAL C 468 17.81 -6.84 -35.33
C VAL C 468 18.80 -5.73 -35.06
N ASP C 469 19.47 -5.79 -33.91
CA ASP C 469 20.49 -4.79 -33.59
C ASP C 469 21.67 -4.86 -34.55
N ILE C 470 22.07 -6.08 -34.92
CA ILE C 470 23.17 -6.25 -35.87
C ILE C 470 22.81 -5.62 -37.21
N ALA C 471 21.59 -5.89 -37.69
CA ALA C 471 21.15 -5.32 -38.96
C ALA C 471 21.06 -3.81 -38.87
N ARG C 472 20.58 -3.28 -37.74
CA ARG C 472 20.46 -1.84 -37.58
C ARG C 472 21.82 -1.16 -37.58
N SER C 473 22.80 -1.75 -36.91
CA SER C 473 24.11 -1.13 -36.76
C SER C 473 25.05 -1.45 -37.93
N GLN C 474 25.14 -2.73 -38.30
CA GLN C 474 26.12 -3.16 -39.30
C GLN C 474 25.61 -3.01 -40.73
N ILE C 475 24.37 -3.40 -41.00
CA ILE C 475 23.89 -3.48 -42.37
C ILE C 475 23.39 -2.11 -42.85
N PHE C 476 22.38 -1.57 -42.19
CA PHE C 476 21.82 -0.29 -42.60
C PHE C 476 22.74 0.86 -42.23
N ILE C 477 23.60 1.25 -43.16
CA ILE C 477 24.61 2.29 -42.91
C ILE C 477 24.55 3.33 -44.02
N TYR C 478 25.51 4.25 -44.01
CA TYR C 478 25.57 5.35 -44.96
C TYR C 478 25.76 4.85 -46.39
N GLY C 479 24.70 4.95 -47.20
CA GLY C 479 24.80 4.61 -48.62
C GLY C 479 25.05 3.15 -48.92
N GLN C 480 24.06 2.30 -48.66
CA GLN C 480 24.20 0.87 -48.92
C GLN C 480 23.82 0.48 -50.34
N GLN C 481 23.30 1.41 -51.13
CA GLN C 481 22.89 1.21 -52.54
C GLN C 481 22.20 -0.15 -52.73
N TRP C 482 21.06 -0.31 -52.05
CA TRP C 482 20.30 -1.54 -52.17
C TRP C 482 19.81 -1.73 -53.60
N PRO C 483 19.79 -2.98 -54.10
CA PRO C 483 19.24 -3.22 -55.44
C PRO C 483 17.75 -2.95 -55.51
N VAL C 484 17.18 -3.05 -56.70
CA VAL C 484 15.75 -2.80 -56.90
C VAL C 484 14.96 -4.04 -56.52
N GLY C 485 14.02 -3.88 -55.59
CA GLY C 485 13.17 -4.97 -55.16
C GLY C 485 13.72 -5.84 -54.05
N SER C 486 14.91 -5.53 -53.54
CA SER C 486 15.48 -6.35 -52.47
C SER C 486 14.71 -6.16 -51.16
N LEU C 487 14.35 -4.91 -50.83
CA LEU C 487 13.67 -4.65 -49.57
C LEU C 487 12.28 -5.26 -49.53
N GLU C 488 11.57 -5.28 -50.66
CA GLU C 488 10.26 -5.92 -50.69
C GLU C 488 10.38 -7.43 -50.47
N GLN C 489 11.38 -8.05 -51.07
CA GLN C 489 11.62 -9.48 -50.83
C GLN C 489 11.99 -9.73 -49.38
N ALA C 490 12.78 -8.84 -48.78
CA ALA C 490 13.12 -8.98 -47.37
C ALA C 490 11.89 -8.86 -46.49
N MET C 491 11.00 -7.92 -46.81
CA MET C 491 9.75 -7.79 -46.06
C MET C 491 8.88 -9.03 -46.20
N LEU C 492 8.81 -9.59 -47.40
CA LEU C 492 8.03 -10.81 -47.61
C LEU C 492 8.62 -11.97 -46.81
N ASP C 493 9.95 -12.07 -46.75
CA ASP C 493 10.58 -13.13 -45.98
C ASP C 493 10.41 -12.93 -44.48
N ALA C 494 10.37 -11.67 -44.03
CA ALA C 494 10.22 -11.39 -42.61
C ALA C 494 8.78 -11.57 -42.13
N LEU C 495 7.80 -11.31 -43.00
CA LEU C 495 6.41 -11.47 -42.60
C LEU C 495 6.08 -12.92 -42.28
N VAL C 496 6.57 -13.86 -43.09
CA VAL C 496 6.24 -15.27 -42.88
C VAL C 496 6.97 -15.85 -41.68
N LEU C 497 8.05 -15.22 -41.23
CA LEU C 497 8.81 -15.72 -40.09
C LEU C 497 8.39 -15.08 -38.77
N ASP C 498 7.36 -14.22 -38.78
CA ASP C 498 6.88 -13.55 -37.56
C ASP C 498 7.99 -12.74 -36.90
N ARG C 499 8.72 -11.98 -37.71
CA ARG C 499 9.78 -11.08 -37.23
C ARG C 499 9.21 -9.68 -37.21
N VAL C 500 8.64 -9.29 -36.07
CA VAL C 500 7.97 -7.99 -35.97
C VAL C 500 9.00 -6.86 -36.01
N ASP C 501 10.12 -7.03 -35.32
CA ASP C 501 11.13 -5.96 -35.29
C ASP C 501 11.72 -5.72 -36.67
N PHE C 502 11.91 -6.78 -37.46
CA PHE C 502 12.44 -6.59 -38.81
C PHE C 502 11.41 -5.91 -39.71
N VAL C 503 10.12 -6.22 -39.53
CA VAL C 503 9.09 -5.53 -40.29
C VAL C 503 9.09 -4.04 -39.95
N LYS C 504 9.20 -3.71 -38.66
CA LYS C 504 9.26 -2.31 -38.25
C LYS C 504 10.49 -1.61 -38.82
N LEU C 505 11.65 -2.29 -38.78
CA LEU C 505 12.87 -1.71 -39.32
C LEU C 505 12.76 -1.44 -40.81
N LEU C 506 12.19 -2.40 -41.55
CA LEU C 506 12.06 -2.22 -43.00
C LEU C 506 11.05 -1.13 -43.32
N ILE C 507 9.98 -1.02 -42.53
CA ILE C 507 9.03 0.07 -42.71
C ILE C 507 9.72 1.41 -42.48
N GLU C 508 10.58 1.48 -41.46
CA GLU C 508 11.33 2.70 -41.20
C GLU C 508 12.35 3.04 -42.27
N ASN C 509 12.62 2.13 -43.21
CA ASN C 509 13.67 2.31 -44.21
C ASN C 509 13.10 2.31 -45.63
N GLY C 510 11.98 3.00 -45.83
CA GLY C 510 11.46 3.28 -47.16
C GLY C 510 10.39 2.32 -47.65
N VAL C 511 10.26 1.15 -47.05
CA VAL C 511 9.28 0.18 -47.52
C VAL C 511 7.88 0.68 -47.18
N SER C 512 6.99 0.64 -48.17
CA SER C 512 5.62 1.09 -48.03
C SER C 512 4.67 -0.06 -48.32
N MET C 513 3.66 -0.23 -47.47
CA MET C 513 2.71 -1.32 -47.62
C MET C 513 1.68 -1.07 -48.71
N HIS C 514 1.49 0.18 -49.14
CA HIS C 514 0.51 0.47 -50.18
C HIS C 514 0.96 -0.07 -51.53
N ARG C 515 2.26 -0.20 -51.74
CA ARG C 515 2.80 -0.74 -52.99
C ARG C 515 3.30 -2.17 -52.84
N PHE C 516 3.71 -2.56 -51.64
CA PHE C 516 4.21 -3.91 -51.42
C PHE C 516 3.10 -4.94 -51.52
N LEU C 517 1.97 -4.69 -50.85
CA LEU C 517 0.93 -5.71 -50.71
C LEU C 517 0.13 -5.82 -52.01
N THR C 518 -0.02 -7.06 -52.49
CA THR C 518 -0.83 -7.37 -53.65
C THR C 518 -1.65 -8.63 -53.35
N ILE C 519 -2.48 -9.02 -54.30
CA ILE C 519 -3.28 -10.23 -54.12
C ILE C 519 -2.39 -11.46 -54.06
N SER C 520 -1.41 -11.55 -54.96
CA SER C 520 -0.52 -12.71 -54.97
C SER C 520 0.29 -12.81 -53.69
N ARG C 521 0.83 -11.68 -53.22
CA ARG C 521 1.61 -11.70 -51.99
C ARG C 521 0.73 -12.06 -50.78
N LEU C 522 -0.51 -11.55 -50.76
CA LEU C 522 -1.42 -11.89 -49.67
C LEU C 522 -1.74 -13.38 -49.67
N GLU C 523 -1.97 -13.96 -50.86
CA GLU C 523 -2.23 -15.40 -50.93
C GLU C 523 -1.00 -16.20 -50.50
N GLU C 524 0.20 -15.74 -50.87
CA GLU C 524 1.41 -16.42 -50.41
C GLU C 524 1.53 -16.34 -48.90
N LEU C 525 1.16 -15.21 -48.31
CA LEU C 525 1.16 -15.08 -46.86
C LEU C 525 0.17 -16.04 -46.22
N TYR C 526 -1.01 -16.20 -46.81
CA TYR C 526 -2.03 -17.06 -46.24
C TYR C 526 -1.70 -18.55 -46.37
N ASN C 527 -0.69 -18.91 -47.14
CA ASN C 527 -0.31 -20.31 -47.35
C ASN C 527 1.09 -20.60 -46.86
N THR C 528 1.54 -19.90 -45.83
CA THR C 528 2.88 -20.11 -45.29
C THR C 528 2.87 -21.20 -44.22
N ARG C 529 4.07 -21.66 -43.85
CA ARG C 529 4.24 -22.68 -42.85
C ARG C 529 5.32 -22.36 -41.83
N HIS C 530 6.03 -21.24 -41.97
CA HIS C 530 7.16 -20.91 -41.10
C HIS C 530 6.73 -20.11 -39.87
N GLY C 531 5.75 -20.63 -39.13
CA GLY C 531 5.25 -19.94 -37.97
C GLY C 531 4.56 -20.86 -36.98
N PRO C 532 4.02 -20.30 -35.91
CA PRO C 532 3.32 -21.11 -34.91
C PRO C 532 2.06 -21.73 -35.49
N SER C 533 1.67 -22.87 -34.92
CA SER C 533 0.51 -23.60 -35.41
C SER C 533 -0.77 -22.81 -35.21
N ASN C 534 -1.69 -22.95 -36.16
CA ASN C 534 -2.98 -22.26 -36.12
C ASN C 534 -4.08 -23.24 -36.49
N THR C 535 -5.32 -22.80 -36.31
CA THR C 535 -6.50 -23.63 -36.58
C THR C 535 -7.24 -23.20 -37.84
N LEU C 536 -6.57 -22.49 -38.75
CA LEU C 536 -7.24 -22.01 -39.95
C LEU C 536 -7.69 -23.15 -40.84
N TYR C 537 -6.85 -24.18 -41.02
CA TYR C 537 -7.18 -25.25 -41.95
C TYR C 537 -8.40 -26.03 -41.50
N HIS C 538 -8.56 -26.24 -40.19
CA HIS C 538 -9.75 -26.92 -39.69
C HIS C 538 -11.01 -26.12 -40.00
N LEU C 539 -10.96 -24.81 -39.80
CA LEU C 539 -12.11 -23.97 -40.13
C LEU C 539 -12.42 -24.02 -41.62
N VAL C 540 -11.39 -23.97 -42.46
CA VAL C 540 -11.60 -24.03 -43.91
C VAL C 540 -12.23 -25.36 -44.30
N ARG C 541 -11.74 -26.46 -43.73
CA ARG C 541 -12.31 -27.77 -44.02
C ARG C 541 -13.76 -27.86 -43.59
N ASP C 542 -14.07 -27.34 -42.40
CA ASP C 542 -15.46 -27.38 -41.91
C ASP C 542 -16.38 -26.53 -42.80
N VAL C 543 -15.91 -25.37 -43.23
CA VAL C 543 -16.73 -24.52 -44.10
C VAL C 543 -16.97 -25.20 -45.44
N LYS C 544 -15.93 -25.81 -46.02
CA LYS C 544 -16.04 -26.48 -47.31
C LYS C 544 -16.70 -27.85 -47.21
N LYS C 545 -17.34 -28.16 -46.08
CA LYS C 545 -18.07 -29.41 -45.88
C LYS C 545 -17.18 -30.63 -46.04
N GLY C 546 -15.91 -30.51 -45.68
CA GLY C 546 -15.00 -31.64 -45.72
C GLY C 546 -14.81 -32.25 -47.09
N ASN C 547 -14.66 -31.41 -48.11
CA ASN C 547 -14.49 -31.88 -49.47
C ASN C 547 -13.16 -31.48 -50.10
N LEU C 548 -12.32 -30.74 -49.39
CA LEU C 548 -11.04 -30.33 -49.94
C LEU C 548 -10.09 -31.52 -50.05
N PRO C 549 -9.31 -31.61 -51.12
CA PRO C 549 -8.31 -32.67 -51.22
C PRO C 549 -7.09 -32.35 -50.39
N PRO C 550 -6.26 -33.34 -50.06
CA PRO C 550 -5.00 -33.03 -49.37
C PRO C 550 -4.10 -32.16 -50.22
N ASP C 551 -3.31 -31.31 -49.54
CA ASP C 551 -2.45 -30.33 -50.18
C ASP C 551 -3.27 -29.35 -51.02
N TYR C 552 -4.22 -28.70 -50.35
CA TYR C 552 -5.15 -27.78 -51.00
C TYR C 552 -4.59 -26.37 -50.98
N ARG C 553 -4.82 -25.64 -52.08
CA ARG C 553 -4.38 -24.27 -52.22
C ARG C 553 -5.49 -23.34 -51.76
N ILE C 554 -5.25 -22.63 -50.66
CA ILE C 554 -6.27 -21.74 -50.08
C ILE C 554 -6.27 -20.43 -50.84
N SER C 555 -7.45 -20.00 -51.27
CA SER C 555 -7.63 -18.74 -51.99
C SER C 555 -8.33 -17.73 -51.08
N LEU C 556 -8.50 -16.51 -51.60
CA LEU C 556 -9.11 -15.45 -50.81
C LEU C 556 -10.61 -15.66 -50.64
N ILE C 557 -11.25 -16.38 -51.57
CA ILE C 557 -12.68 -16.63 -51.43
C ILE C 557 -12.97 -17.55 -50.25
N ASP C 558 -12.12 -18.55 -50.01
CA ASP C 558 -12.27 -19.39 -48.83
C ASP C 558 -12.09 -18.59 -47.55
N ILE C 559 -11.12 -17.66 -47.54
CA ILE C 559 -10.94 -16.80 -46.38
C ILE C 559 -12.17 -15.93 -46.16
N GLY C 560 -12.75 -15.41 -47.24
CA GLY C 560 -13.96 -14.62 -47.11
C GLY C 560 -15.12 -15.43 -46.56
N LEU C 561 -15.26 -16.69 -47.02
CA LEU C 561 -16.30 -17.55 -46.48
C LEU C 561 -16.08 -17.82 -45.00
N VAL C 562 -14.82 -18.06 -44.60
CA VAL C 562 -14.52 -18.28 -43.18
C VAL C 562 -14.87 -17.05 -42.36
N ILE C 563 -14.54 -15.86 -42.87
CA ILE C 563 -14.85 -14.62 -42.16
C ILE C 563 -16.36 -14.45 -42.02
N GLU C 564 -17.11 -14.74 -43.09
CA GLU C 564 -18.56 -14.63 -43.02
C GLU C 564 -19.14 -15.60 -42.01
N TYR C 565 -18.60 -16.83 -41.97
CA TYR C 565 -19.07 -17.81 -41.00
C TYR C 565 -18.77 -17.38 -39.56
N LEU C 566 -17.58 -16.81 -39.34
CA LEU C 566 -17.18 -16.44 -37.99
C LEU C 566 -17.94 -15.21 -37.49
N MET C 567 -18.07 -14.18 -38.34
CA MET C 567 -18.62 -12.91 -37.87
C MET C 567 -20.08 -13.06 -37.43
N GLY C 568 -20.89 -13.77 -38.19
CA GLY C 568 -22.28 -13.93 -37.80
C GLY C 568 -23.14 -14.25 -39.01
N GLY C 569 -24.42 -13.90 -38.88
CA GLY C 569 -25.41 -14.23 -39.90
C GLY C 569 -25.45 -13.28 -41.08
N ALA C 570 -25.71 -12.00 -40.83
CA ALA C 570 -25.91 -11.02 -41.88
C ALA C 570 -24.61 -10.40 -42.39
N TYR C 571 -23.47 -10.75 -41.80
CA TYR C 571 -22.21 -10.17 -42.22
C TYR C 571 -21.82 -10.66 -43.62
N ARG C 572 -21.30 -9.74 -44.42
CA ARG C 572 -20.87 -10.03 -45.79
C ARG C 572 -19.44 -9.55 -45.96
N CYS C 573 -18.53 -10.48 -46.23
CA CYS C 573 -17.13 -10.12 -46.44
C CYS C 573 -16.94 -9.46 -47.81
N ASN C 574 -15.89 -8.64 -47.91
CA ASN C 574 -15.62 -7.95 -49.17
C ASN C 574 -15.03 -8.87 -50.22
N TYR C 575 -14.45 -10.01 -49.81
CA TYR C 575 -13.87 -10.94 -50.77
C TYR C 575 -14.93 -11.63 -51.62
N THR C 576 -16.09 -11.92 -51.03
CA THR C 576 -17.14 -12.67 -51.71
C THR C 576 -18.06 -11.78 -52.55
N ARG C 577 -17.83 -10.47 -52.55
CA ARG C 577 -18.66 -9.59 -53.37
C ARG C 577 -18.34 -9.77 -54.85
N LYS C 578 -19.31 -9.38 -55.69
CA LYS C 578 -19.22 -9.69 -57.11
C LYS C 578 -18.06 -8.95 -57.78
N ARG C 579 -17.80 -7.70 -57.38
CA ARG C 579 -16.71 -6.95 -58.00
C ARG C 579 -15.37 -7.63 -57.77
N PHE C 580 -15.12 -8.07 -56.54
CA PHE C 580 -13.86 -8.75 -56.25
C PHE C 580 -13.77 -10.09 -56.96
N ARG C 581 -14.89 -10.80 -57.08
CA ARG C 581 -14.89 -12.06 -57.82
C ARG C 581 -14.56 -11.84 -59.29
N THR C 582 -15.13 -10.79 -59.90
CA THR C 582 -14.81 -10.48 -61.28
C THR C 582 -13.34 -10.10 -61.43
N LEU C 583 -12.82 -9.29 -60.51
CA LEU C 583 -11.42 -8.89 -60.59
C LEU C 583 -10.48 -10.07 -60.36
N TYR C 584 -10.91 -11.06 -59.59
CA TYR C 584 -10.10 -12.23 -59.26
C TYR C 584 -10.13 -13.29 -60.36
N HIS C 585 -11.28 -13.46 -61.02
CA HIS C 585 -11.38 -14.43 -62.10
C HIS C 585 -10.66 -13.95 -63.35
N ASN C 586 -10.59 -12.63 -63.57
CA ASN C 586 -9.96 -12.05 -64.74
C ASN C 586 -8.50 -11.68 -64.49
N LEU C 587 -7.82 -12.37 -63.60
CA LEU C 587 -6.41 -12.09 -63.32
C LEU C 587 -5.73 -13.30 -62.68
N ASN C 631 -3.70 -7.04 -57.33
CA ASN C 631 -3.72 -5.73 -57.97
C ASN C 631 -3.31 -4.63 -57.00
N HIS C 632 -4.24 -4.24 -56.13
CA HIS C 632 -3.97 -3.18 -55.17
C HIS C 632 -4.98 -3.26 -54.04
N PHE C 633 -4.64 -2.63 -52.93
CA PHE C 633 -5.53 -2.53 -51.78
C PHE C 633 -5.51 -1.12 -51.24
N PRO C 634 -6.65 -0.42 -51.23
CA PRO C 634 -6.69 0.94 -50.69
C PRO C 634 -6.30 1.02 -49.22
N PHE C 635 -6.62 0.00 -48.43
CA PHE C 635 -6.32 -0.03 -46.99
C PHE C 635 -5.63 -1.35 -46.68
N PRO C 636 -4.32 -1.45 -46.98
CA PRO C 636 -3.63 -2.73 -46.79
C PRO C 636 -3.61 -3.21 -45.34
N PHE C 637 -3.58 -2.29 -44.38
CA PHE C 637 -3.48 -2.70 -42.99
C PHE C 637 -4.72 -3.43 -42.51
N HIS C 638 -5.88 -3.18 -43.11
CA HIS C 638 -7.07 -3.97 -42.77
C HIS C 638 -6.84 -5.44 -43.08
N GLU C 639 -6.40 -5.74 -44.30
CA GLU C 639 -6.12 -7.12 -44.69
C GLU C 639 -4.99 -7.71 -43.86
N LEU C 640 -3.95 -6.92 -43.57
CA LEU C 640 -2.84 -7.44 -42.78
C LEU C 640 -3.27 -7.79 -41.37
N MET C 641 -4.09 -6.94 -40.75
CA MET C 641 -4.57 -7.24 -39.40
C MET C 641 -5.51 -8.43 -39.39
N VAL C 642 -6.37 -8.55 -40.41
CA VAL C 642 -7.25 -9.72 -40.48
C VAL C 642 -6.43 -11.00 -40.62
N TRP C 643 -5.39 -10.96 -41.47
CA TRP C 643 -4.52 -12.11 -41.63
C TRP C 643 -3.80 -12.46 -40.33
N ALA C 644 -3.32 -11.44 -39.62
CA ALA C 644 -2.64 -11.69 -38.35
C ALA C 644 -3.58 -12.28 -37.31
N VAL C 645 -4.84 -11.82 -37.29
CA VAL C 645 -5.80 -12.34 -36.33
C VAL C 645 -6.17 -13.79 -36.67
N LEU C 646 -6.38 -14.08 -37.95
CA LEU C 646 -6.79 -15.43 -38.33
C LEU C 646 -5.70 -16.46 -38.10
N MET C 647 -4.43 -16.08 -38.26
CA MET C 647 -3.31 -17.00 -38.08
C MET C 647 -2.77 -16.99 -36.65
N LYS C 648 -3.42 -16.28 -35.74
CA LYS C 648 -3.08 -16.29 -34.32
C LYS C 648 -1.66 -15.78 -34.08
N ARG C 649 -1.39 -14.58 -34.55
CA ARG C 649 -0.12 -13.88 -34.30
C ARG C 649 -0.47 -12.57 -33.62
N GLN C 650 -0.55 -12.62 -32.28
CA GLN C 650 -1.06 -11.48 -31.51
C GLN C 650 -0.14 -10.27 -31.63
N LYS C 651 1.18 -10.47 -31.57
CA LYS C 651 2.10 -9.34 -31.63
C LYS C 651 2.02 -8.62 -32.97
N MET C 652 1.95 -9.38 -34.06
CA MET C 652 1.83 -8.78 -35.38
C MET C 652 0.51 -8.03 -35.52
N ALA C 653 -0.57 -8.61 -35.00
CA ALA C 653 -1.87 -7.94 -35.05
C ALA C 653 -1.86 -6.64 -34.26
N LEU C 654 -1.24 -6.65 -33.08
CA LEU C 654 -1.14 -5.43 -32.28
C LEU C 654 -0.30 -4.37 -32.99
N PHE C 655 0.77 -4.79 -33.66
CA PHE C 655 1.55 -3.83 -34.44
C PHE C 655 0.74 -3.24 -35.58
N PHE C 656 -0.03 -4.08 -36.28
CA PHE C 656 -0.82 -3.60 -37.42
C PHE C 656 -2.03 -2.78 -37.00
N TRP C 657 -2.51 -2.95 -35.76
CA TRP C 657 -3.74 -2.28 -35.35
C TRP C 657 -3.57 -0.76 -35.32
N GLN C 658 -2.42 -0.28 -34.84
CA GLN C 658 -2.23 1.16 -34.65
C GLN C 658 -1.86 1.88 -35.94
N HIS C 659 -1.60 1.17 -37.03
CA HIS C 659 -1.27 1.78 -38.31
C HIS C 659 -2.48 1.68 -39.22
N GLY C 660 -2.97 2.84 -39.67
CA GLY C 660 -4.12 2.91 -40.56
C GLY C 660 -5.27 3.66 -39.92
N GLU C 661 -6.41 3.62 -40.61
CA GLU C 661 -7.62 4.28 -40.14
C GLU C 661 -8.61 3.27 -39.58
N GLU C 662 -9.63 3.79 -38.91
CA GLU C 662 -10.72 2.99 -38.34
C GLU C 662 -10.19 1.96 -37.34
N ALA C 663 -9.51 2.48 -36.31
CA ALA C 663 -8.88 1.59 -35.33
C ALA C 663 -9.91 0.90 -34.44
N MET C 664 -10.96 1.63 -34.02
CA MET C 664 -11.93 1.06 -33.11
C MET C 664 -12.74 -0.05 -33.76
N ALA C 665 -13.15 0.15 -35.02
CA ALA C 665 -13.86 -0.90 -35.74
C ALA C 665 -12.98 -2.13 -35.92
N LYS C 666 -11.70 -1.92 -36.23
CA LYS C 666 -10.77 -3.03 -36.36
C LYS C 666 -10.63 -3.79 -35.05
N ALA C 667 -10.55 -3.07 -33.92
CA ALA C 667 -10.46 -3.74 -32.63
C ALA C 667 -11.71 -4.55 -32.33
N LEU C 668 -12.88 -3.99 -32.60
CA LEU C 668 -14.12 -4.72 -32.35
C LEU C 668 -14.22 -5.98 -33.23
N VAL C 669 -13.84 -5.85 -34.50
CA VAL C 669 -13.86 -7.00 -35.40
C VAL C 669 -12.88 -8.07 -34.94
N ALA C 670 -11.69 -7.66 -34.51
CA ALA C 670 -10.72 -8.62 -34.01
C ALA C 670 -11.23 -9.34 -32.76
N CYS C 671 -11.88 -8.59 -31.85
CA CYS C 671 -12.43 -9.21 -30.65
C CYS C 671 -13.49 -10.25 -31.01
N LYS C 672 -14.41 -9.89 -31.91
CA LYS C 672 -15.45 -10.83 -32.31
C LYS C 672 -14.86 -12.06 -32.98
N LEU C 673 -13.89 -11.86 -33.87
CA LEU C 673 -13.27 -13.00 -34.55
C LEU C 673 -12.56 -13.92 -33.57
N CYS C 674 -11.82 -13.34 -32.61
CA CYS C 674 -11.14 -14.17 -31.62
C CYS C 674 -12.13 -14.93 -30.76
N LYS C 675 -13.24 -14.30 -30.37
CA LYS C 675 -14.25 -14.99 -29.59
C LYS C 675 -14.85 -16.17 -30.36
N ALA C 676 -15.18 -15.94 -31.63
CA ALA C 676 -15.75 -17.01 -32.45
C ALA C 676 -14.75 -18.14 -32.65
N MET C 677 -13.47 -17.80 -32.89
CA MET C 677 -12.45 -18.82 -33.07
C MET C 677 -12.25 -19.62 -31.79
N ALA C 678 -12.28 -18.96 -30.63
CA ALA C 678 -12.16 -19.67 -29.36
C ALA C 678 -13.33 -20.63 -29.16
N HIS C 679 -14.54 -20.18 -29.48
CA HIS C 679 -15.70 -21.06 -29.38
C HIS C 679 -15.55 -22.28 -30.29
N GLU C 680 -15.15 -22.05 -31.54
CA GLU C 680 -14.99 -23.15 -32.49
C GLU C 680 -13.90 -24.12 -32.02
N ALA C 681 -12.78 -23.59 -31.53
CA ALA C 681 -11.70 -24.46 -31.06
C ALA C 681 -12.14 -25.27 -29.85
N SER C 682 -12.84 -24.66 -28.91
CA SER C 682 -13.29 -25.40 -27.73
C SER C 682 -14.40 -26.40 -28.07
N GLU C 683 -15.12 -26.19 -29.16
CA GLU C 683 -16.19 -27.12 -29.52
C GLU C 683 -15.65 -28.47 -29.97
N ASN C 684 -14.50 -28.49 -30.65
CA ASN C 684 -14.00 -29.68 -31.34
C ASN C 684 -12.72 -30.23 -30.71
N ASP C 685 -12.69 -30.31 -29.38
CA ASP C 685 -11.67 -30.99 -28.60
C ASP C 685 -10.25 -30.70 -29.07
N MET C 686 -9.82 -29.45 -28.97
CA MET C 686 -8.43 -29.07 -29.28
C MET C 686 -7.55 -29.42 -28.08
N VAL C 687 -6.32 -28.89 -28.07
CA VAL C 687 -5.38 -29.14 -26.98
C VAL C 687 -5.79 -28.36 -25.74
N ASP C 688 -6.89 -27.62 -25.83
CA ASP C 688 -7.61 -26.97 -24.73
C ASP C 688 -6.93 -25.71 -24.22
N ASP C 689 -5.74 -25.34 -24.71
CA ASP C 689 -5.12 -24.07 -24.38
C ASP C 689 -5.24 -23.03 -25.48
N ILE C 690 -5.48 -23.46 -26.72
CA ILE C 690 -5.73 -22.51 -27.80
C ILE C 690 -6.97 -21.68 -27.49
N SER C 691 -7.97 -22.30 -26.87
CA SER C 691 -9.19 -21.59 -26.53
C SER C 691 -8.92 -20.47 -25.54
N GLN C 692 -8.12 -20.74 -24.50
CA GLN C 692 -7.82 -19.70 -23.53
C GLN C 692 -6.92 -18.62 -24.12
N GLU C 693 -6.00 -19.00 -25.03
CA GLU C 693 -5.19 -17.98 -25.69
C GLU C 693 -6.06 -17.05 -26.54
N LEU C 694 -6.99 -17.63 -27.30
CA LEU C 694 -7.89 -16.81 -28.11
C LEU C 694 -8.79 -15.94 -27.24
N ASN C 695 -9.25 -16.47 -26.10
CA ASN C 695 -10.05 -15.66 -25.18
C ASN C 695 -9.25 -14.50 -24.63
N HIS C 696 -7.98 -14.72 -24.29
CA HIS C 696 -7.14 -13.63 -23.80
C HIS C 696 -6.92 -12.58 -24.89
N ASN C 697 -6.72 -13.02 -26.13
CA ASN C 697 -6.58 -12.07 -27.23
C ASN C 697 -7.84 -11.23 -27.40
N SER C 698 -9.01 -11.87 -27.33
CA SER C 698 -10.26 -11.14 -27.44
C SER C 698 -10.42 -10.13 -26.32
N ARG C 699 -10.06 -10.51 -25.09
CA ARG C 699 -10.14 -9.58 -23.97
C ARG C 699 -9.21 -8.40 -24.18
N ASP C 700 -8.00 -8.66 -24.67
CA ASP C 700 -7.06 -7.57 -24.92
C ASP C 700 -7.60 -6.59 -25.97
N PHE C 701 -8.15 -7.12 -27.07
CA PHE C 701 -8.71 -6.24 -28.09
C PHE C 701 -9.91 -5.45 -27.57
N GLY C 702 -10.76 -6.09 -26.77
CA GLY C 702 -11.88 -5.36 -26.19
C GLY C 702 -11.44 -4.26 -25.26
N GLN C 703 -10.41 -4.52 -24.44
CA GLN C 703 -9.88 -3.49 -23.55
C GLN C 703 -9.29 -2.33 -24.35
N LEU C 704 -8.58 -2.64 -25.45
CA LEU C 704 -8.06 -1.58 -26.30
C LEU C 704 -9.19 -0.73 -26.87
N ALA C 705 -10.26 -1.37 -27.34
CA ALA C 705 -11.39 -0.63 -27.88
C ALA C 705 -12.02 0.27 -26.82
N VAL C 706 -12.17 -0.25 -25.60
CA VAL C 706 -12.78 0.54 -24.52
C VAL C 706 -11.91 1.74 -24.19
N GLU C 707 -10.59 1.54 -24.10
CA GLU C 707 -9.69 2.65 -23.79
C GLU C 707 -9.71 3.70 -24.89
N LEU C 708 -9.74 3.26 -26.15
CA LEU C 708 -9.82 4.22 -27.26
C LEU C 708 -11.13 5.02 -27.20
N LEU C 709 -12.24 4.35 -26.91
CA LEU C 709 -13.51 5.06 -26.78
C LEU C 709 -13.46 6.07 -25.65
N ASP C 710 -12.86 5.69 -24.51
CA ASP C 710 -12.76 6.61 -23.39
C ASP C 710 -11.93 7.83 -23.74
N GLN C 711 -10.79 7.61 -24.42
CA GLN C 711 -9.96 8.74 -24.84
C GLN C 711 -10.72 9.65 -25.80
N SER C 712 -11.43 9.06 -26.77
CA SER C 712 -12.16 9.86 -27.74
C SER C 712 -13.25 10.68 -27.07
N TYR C 713 -13.99 10.08 -26.14
CA TYR C 713 -15.02 10.83 -25.42
C TYR C 713 -14.41 11.94 -24.57
N LYS C 714 -13.29 11.66 -23.91
CA LYS C 714 -12.67 12.67 -23.06
C LYS C 714 -12.10 13.83 -23.87
N GLN C 715 -11.72 13.59 -25.13
CA GLN C 715 -11.13 14.66 -25.92
C GLN C 715 -12.20 15.55 -26.56
N ASP C 716 -13.21 14.94 -27.17
CA ASP C 716 -14.28 15.72 -27.81
C ASP C 716 -15.53 14.86 -27.89
N GLU C 717 -16.61 15.32 -27.25
CA GLU C 717 -17.81 14.50 -27.11
C GLU C 717 -18.58 14.37 -28.41
N GLN C 718 -18.77 15.47 -29.14
CA GLN C 718 -19.59 15.41 -30.35
C GLN C 718 -18.95 14.55 -31.42
N LEU C 719 -17.63 14.71 -31.65
CA LEU C 719 -16.95 13.87 -32.61
C LEU C 719 -16.89 12.42 -32.15
N ALA C 720 -16.81 12.19 -30.84
CA ALA C 720 -16.84 10.82 -30.32
C ALA C 720 -18.18 10.16 -30.61
N MET C 721 -19.29 10.89 -30.42
CA MET C 721 -20.60 10.34 -30.74
C MET C 721 -20.75 10.12 -32.24
N LYS C 722 -20.22 11.05 -33.05
CA LYS C 722 -20.26 10.86 -34.50
C LYS C 722 -19.44 9.66 -34.93
N LEU C 723 -18.40 9.32 -34.17
CA LEU C 723 -17.54 8.19 -34.51
C LEU C 723 -18.23 6.85 -34.30
N LEU C 724 -19.23 6.79 -33.42
CA LEU C 724 -19.89 5.54 -33.08
C LEU C 724 -21.08 5.22 -33.98
N THR C 725 -21.46 6.10 -34.89
CA THR C 725 -22.70 5.93 -35.66
C THR C 725 -22.53 5.95 -37.16
N TYR C 726 -21.41 6.43 -37.69
CA TYR C 726 -21.27 6.53 -39.14
C TYR C 726 -21.11 5.15 -39.76
N GLU C 727 -21.56 5.04 -41.01
CA GLU C 727 -21.57 3.74 -41.70
C GLU C 727 -20.17 3.34 -42.12
N LEU C 728 -19.84 2.07 -41.91
CA LEU C 728 -18.54 1.52 -42.25
C LEU C 728 -18.68 0.76 -43.57
N LYS C 729 -18.27 1.40 -44.66
CA LYS C 729 -18.40 0.78 -45.98
C LYS C 729 -17.49 -0.45 -46.14
N ASN C 730 -16.41 -0.54 -45.37
CA ASN C 730 -15.46 -1.63 -45.49
C ASN C 730 -15.76 -2.81 -44.57
N TRP C 731 -16.79 -2.70 -43.72
CA TRP C 731 -17.12 -3.73 -42.74
C TRP C 731 -18.59 -4.11 -42.86
N SER C 732 -19.03 -4.38 -44.09
CA SER C 732 -20.37 -4.87 -44.38
C SER C 732 -21.44 -3.86 -43.96
N ASN C 733 -21.12 -2.57 -44.10
CA ASN C 733 -22.08 -1.48 -43.84
C ASN C 733 -22.67 -1.56 -42.44
N ALA C 734 -21.81 -1.78 -41.46
CA ALA C 734 -22.20 -1.81 -40.05
C ALA C 734 -21.68 -0.58 -39.34
N THR C 735 -21.99 -0.48 -38.05
CA THR C 735 -21.52 0.60 -37.21
C THR C 735 -20.81 0.03 -35.99
N CYS C 736 -20.04 0.87 -35.31
CA CYS C 736 -19.29 0.43 -34.14
C CYS C 736 -20.22 -0.05 -33.03
N LEU C 737 -21.38 0.59 -32.89
CA LEU C 737 -22.34 0.15 -31.87
C LEU C 737 -22.87 -1.25 -32.18
N GLN C 738 -23.20 -1.51 -33.45
CA GLN C 738 -23.67 -2.84 -33.82
C GLN C 738 -22.58 -3.88 -33.64
N LEU C 739 -21.33 -3.54 -33.98
CA LEU C 739 -20.22 -4.47 -33.79
C LEU C 739 -20.02 -4.77 -32.31
N ALA C 740 -20.13 -3.75 -31.45
CA ALA C 740 -19.98 -3.97 -30.02
C ALA C 740 -21.11 -4.82 -29.46
N VAL C 741 -22.33 -4.61 -29.96
CA VAL C 741 -23.45 -5.43 -29.50
C VAL C 741 -23.29 -6.87 -29.95
N ALA C 742 -22.82 -7.08 -31.18
CA ALA C 742 -22.64 -8.43 -31.69
C ALA C 742 -21.56 -9.19 -30.92
N ALA C 743 -20.56 -8.48 -30.40
CA ALA C 743 -19.49 -9.10 -29.62
C ALA C 743 -19.84 -9.21 -28.14
N LYS C 744 -21.04 -8.76 -27.74
CA LYS C 744 -21.49 -8.82 -26.34
C LYS C 744 -20.50 -8.12 -25.42
N HIS C 745 -20.01 -6.95 -25.85
CA HIS C 745 -19.06 -6.16 -25.07
C HIS C 745 -19.86 -5.26 -24.15
N ARG C 746 -20.02 -5.68 -22.89
CA ARG C 746 -20.84 -4.93 -21.94
C ARG C 746 -20.15 -3.68 -21.44
N ASP C 747 -18.82 -3.70 -21.32
CA ASP C 747 -18.11 -2.51 -20.87
C ASP C 747 -18.17 -1.38 -21.90
N PHE C 748 -18.23 -1.74 -23.18
CA PHE C 748 -18.30 -0.72 -24.23
C PHE C 748 -19.67 -0.06 -24.26
N ILE C 749 -20.74 -0.86 -24.17
CA ILE C 749 -22.09 -0.31 -24.22
C ILE C 749 -22.40 0.49 -22.96
N ALA C 750 -21.92 0.05 -21.81
CA ALA C 750 -22.20 0.70 -20.54
C ALA C 750 -21.41 1.98 -20.33
N HIS C 751 -20.64 2.42 -21.31
CA HIS C 751 -19.88 3.65 -21.19
C HIS C 751 -20.81 4.87 -21.27
N THR C 752 -20.33 5.99 -20.74
CA THR C 752 -21.16 7.19 -20.67
C THR C 752 -21.52 7.69 -22.06
N CYS C 753 -20.58 7.67 -23.00
CA CYS C 753 -20.86 8.14 -24.35
C CYS C 753 -21.92 7.29 -25.02
N SER C 754 -21.82 5.97 -24.88
CA SER C 754 -22.84 5.09 -25.45
C SER C 754 -24.20 5.31 -24.80
N GLN C 755 -24.21 5.54 -23.48
CA GLN C 755 -25.47 5.76 -22.78
C GLN C 755 -26.13 7.06 -23.25
N MET C 756 -25.36 8.13 -23.41
CA MET C 756 -25.95 9.38 -23.87
C MET C 756 -26.36 9.30 -25.34
N LEU C 757 -25.61 8.57 -26.15
CA LEU C 757 -26.04 8.32 -27.53
C LEU C 757 -27.36 7.57 -27.56
N LEU C 758 -27.51 6.55 -26.71
CA LEU C 758 -28.76 5.81 -26.65
C LEU C 758 -29.89 6.69 -26.15
N THR C 759 -29.62 7.58 -25.19
CA THR C 759 -30.64 8.50 -24.71
C THR C 759 -31.11 9.42 -25.83
N ASP C 760 -30.18 9.97 -26.61
CA ASP C 760 -30.54 10.82 -27.74
C ASP C 760 -31.34 10.04 -28.78
N MET C 761 -30.93 8.80 -29.04
CA MET C 761 -31.65 7.95 -29.99
C MET C 761 -33.05 7.62 -29.50
N TRP C 762 -33.21 7.44 -28.19
CA TRP C 762 -34.51 7.10 -27.61
C TRP C 762 -35.45 8.30 -27.59
N MET C 763 -34.91 9.50 -27.37
CA MET C 763 -35.75 10.69 -27.32
C MET C 763 -36.26 11.10 -28.69
N GLY C 764 -35.74 10.52 -29.77
CA GLY C 764 -36.22 10.86 -31.09
C GLY C 764 -35.77 12.25 -31.52
N ARG C 765 -36.63 12.92 -32.27
CA ARG C 765 -36.36 14.28 -32.76
C ARG C 765 -36.95 15.35 -31.85
N LEU C 766 -37.04 15.07 -30.56
CA LEU C 766 -37.59 16.00 -29.58
C LEU C 766 -36.47 16.48 -28.66
N ARG C 767 -36.46 17.78 -28.38
CA ARG C 767 -35.37 18.40 -27.64
C ARG C 767 -35.59 18.44 -26.13
N MET C 768 -36.78 18.07 -25.66
CA MET C 768 -37.07 18.17 -24.23
C MET C 768 -36.26 17.16 -23.44
N ARG C 769 -35.63 17.63 -22.36
CA ARG C 769 -34.85 16.77 -21.48
C ARG C 769 -35.21 17.02 -20.02
N LYS C 770 -35.69 18.23 -19.71
CA LYS C 770 -35.90 18.60 -18.31
C LYS C 770 -37.10 17.88 -17.71
N ASN C 771 -38.18 17.70 -18.47
CA ASN C 771 -39.38 17.07 -17.95
C ASN C 771 -40.05 16.30 -19.09
N SER C 772 -39.78 15.01 -19.17
CA SER C 772 -40.41 14.13 -20.14
C SER C 772 -41.51 13.33 -19.47
N GLY C 773 -42.13 12.43 -20.21
CA GLY C 773 -43.20 11.61 -19.68
C GLY C 773 -44.52 12.34 -19.57
N LEU C 774 -44.58 13.36 -18.71
CA LEU C 774 -45.82 14.12 -18.55
C LEU C 774 -46.20 14.81 -19.85
N LYS C 775 -45.23 15.45 -20.51
CA LYS C 775 -45.52 16.11 -21.78
C LYS C 775 -45.86 15.09 -22.88
N VAL C 776 -45.18 13.94 -22.87
CA VAL C 776 -45.48 12.90 -23.86
C VAL C 776 -46.90 12.40 -23.69
N ILE C 777 -47.29 12.13 -22.44
CA ILE C 777 -48.65 11.65 -22.16
C ILE C 777 -49.68 12.71 -22.52
N LEU C 778 -49.39 13.98 -22.19
CA LEU C 778 -50.29 15.06 -22.54
C LEU C 778 -50.47 15.18 -24.05
N GLY C 779 -49.38 15.05 -24.80
CA GLY C 779 -49.48 15.11 -26.26
C GLY C 779 -50.24 13.93 -26.84
N ILE C 780 -50.04 12.74 -26.26
CA ILE C 780 -50.77 11.56 -26.73
C ILE C 780 -52.27 11.73 -26.47
N LEU C 781 -52.63 12.21 -25.27
CA LEU C 781 -54.04 12.40 -24.94
C LEU C 781 -54.63 13.63 -25.64
N LEU C 782 -53.83 14.66 -25.86
CA LEU C 782 -54.28 15.91 -26.50
C LEU C 782 -53.44 16.16 -27.74
N PRO C 783 -53.86 15.66 -28.90
CA PRO C 783 -53.09 15.88 -30.14
C PRO C 783 -52.88 17.35 -30.46
N PRO C 784 -53.83 18.25 -30.19
CA PRO C 784 -53.54 19.67 -30.40
C PRO C 784 -52.35 20.19 -29.59
N SER C 785 -52.08 19.60 -28.43
CA SER C 785 -50.99 20.07 -27.58
C SER C 785 -49.61 19.76 -28.13
N ILE C 786 -49.52 18.97 -29.21
CA ILE C 786 -48.22 18.58 -29.74
C ILE C 786 -47.46 19.79 -30.27
N LEU C 787 -48.18 20.76 -30.84
CA LEU C 787 -47.58 21.90 -31.54
C LEU C 787 -46.87 22.88 -30.61
N SER C 788 -46.70 22.61 -29.32
CA SER C 788 -46.01 23.52 -28.41
C SER C 788 -44.74 22.89 -27.86
N LEU C 789 -43.99 22.20 -28.73
CA LEU C 789 -42.76 21.52 -28.34
C LEU C 789 -41.62 21.95 -29.24
N GLU C 790 -40.41 21.90 -28.71
CA GLU C 790 -39.21 22.25 -29.46
C GLU C 790 -38.69 21.01 -30.19
N PHE C 791 -38.58 21.10 -31.51
CA PHE C 791 -38.14 19.99 -32.34
C PHE C 791 -36.71 20.21 -32.81
N LYS C 792 -36.03 19.11 -33.10
CA LYS C 792 -34.69 19.18 -33.64
C LYS C 792 -34.72 19.65 -35.10
N ASN C 793 -33.60 20.19 -35.54
CA ASN C 793 -33.47 20.71 -36.90
C ASN C 793 -33.60 19.58 -37.92
N GLY C 860 -47.83 20.54 -39.52
CA GLY C 860 -48.13 19.49 -40.48
C GLY C 860 -47.25 18.25 -40.30
N ARG C 861 -45.94 18.44 -40.43
CA ARG C 861 -44.99 17.35 -40.29
C ARG C 861 -44.59 17.09 -38.84
N LYS C 862 -45.01 17.96 -37.90
CA LYS C 862 -44.70 17.72 -36.50
C LYS C 862 -45.35 16.45 -35.98
N ILE C 863 -46.54 16.12 -36.46
CA ILE C 863 -47.25 14.94 -35.97
C ILE C 863 -46.47 13.67 -36.33
N TYR C 864 -45.98 13.59 -37.58
CA TYR C 864 -45.25 12.40 -38.01
C TYR C 864 -43.97 12.22 -37.22
N GLU C 865 -43.22 13.30 -36.99
CA GLU C 865 -41.99 13.19 -36.20
C GLU C 865 -42.28 12.89 -34.75
N PHE C 866 -43.39 13.41 -34.21
CA PHE C 866 -43.73 13.16 -32.82
C PHE C 866 -44.12 11.70 -32.59
N TYR C 867 -45.02 11.18 -33.43
CA TYR C 867 -45.55 9.84 -33.20
C TYR C 867 -44.53 8.74 -33.48
N ASN C 868 -43.52 9.01 -34.30
CA ASN C 868 -42.51 8.00 -34.64
C ASN C 868 -41.38 7.93 -33.62
N ALA C 869 -41.38 8.80 -32.60
CA ALA C 869 -40.39 8.69 -31.55
C ALA C 869 -40.63 7.44 -30.72
N PRO C 870 -39.57 6.71 -30.36
CA PRO C 870 -39.76 5.47 -29.56
C PRO C 870 -40.43 5.71 -28.22
N ILE C 871 -40.18 6.84 -27.58
CA ILE C 871 -40.77 7.09 -26.26
C ILE C 871 -42.28 7.24 -26.36
N VAL C 872 -42.76 7.91 -27.41
CA VAL C 872 -44.19 8.06 -27.60
C VAL C 872 -44.85 6.71 -27.84
N LYS C 873 -44.22 5.85 -28.65
CA LYS C 873 -44.74 4.51 -28.86
C LYS C 873 -44.78 3.73 -27.56
N PHE C 874 -43.73 3.85 -26.75
CA PHE C 874 -43.69 3.15 -25.47
C PHE C 874 -44.81 3.60 -24.54
N TRP C 875 -45.05 4.91 -24.47
CA TRP C 875 -46.13 5.40 -23.61
C TRP C 875 -47.50 4.99 -24.12
N PHE C 876 -47.68 5.00 -25.45
CA PHE C 876 -48.93 4.51 -26.02
C PHE C 876 -49.16 3.05 -25.66
N TYR C 877 -48.11 2.23 -25.78
CA TYR C 877 -48.20 0.82 -25.43
C TYR C 877 -48.54 0.65 -23.95
N THR C 878 -47.91 1.44 -23.08
CA THR C 878 -48.16 1.34 -21.64
C THR C 878 -49.61 1.70 -21.32
N LEU C 879 -50.13 2.77 -21.91
CA LEU C 879 -51.51 3.16 -21.66
C LEU C 879 -52.48 2.09 -22.14
N ALA C 880 -52.23 1.52 -23.32
CA ALA C 880 -53.10 0.46 -23.82
C ALA C 880 -53.07 -0.76 -22.91
N TYR C 881 -51.88 -1.13 -22.42
CA TYR C 881 -51.77 -2.28 -21.53
C TYR C 881 -52.49 -2.03 -20.22
N ILE C 882 -52.38 -0.80 -19.68
CA ILE C 882 -53.09 -0.47 -18.45
C ILE C 882 -54.59 -0.57 -18.65
N GLY C 883 -55.10 -0.04 -19.77
CA GLY C 883 -56.52 -0.15 -20.04
C GLY C 883 -56.99 -1.59 -20.18
N TYR C 884 -56.19 -2.42 -20.87
CA TYR C 884 -56.53 -3.83 -21.01
C TYR C 884 -56.56 -4.53 -19.65
N LEU C 885 -55.60 -4.22 -18.77
CA LEU C 885 -55.59 -4.83 -17.44
C LEU C 885 -56.81 -4.40 -16.64
N MET C 886 -57.19 -3.12 -16.74
CA MET C 886 -58.40 -2.66 -16.05
C MET C 886 -59.63 -3.39 -16.55
N LEU C 887 -59.76 -3.56 -17.86
CA LEU C 887 -60.91 -4.29 -18.41
C LEU C 887 -60.90 -5.75 -17.98
N PHE C 888 -59.72 -6.37 -17.92
CA PHE C 888 -59.64 -7.76 -17.45
C PHE C 888 -60.09 -7.86 -16.00
N ASN C 889 -59.66 -6.92 -15.15
CA ASN C 889 -60.12 -6.93 -13.77
C ASN C 889 -61.63 -6.76 -13.69
N TYR C 890 -62.18 -5.86 -14.51
CA TYR C 890 -63.63 -5.65 -14.49
C TYR C 890 -64.37 -6.94 -14.88
N ILE C 891 -63.91 -7.60 -15.95
CA ILE C 891 -64.64 -8.78 -16.42
C ILE C 891 -64.51 -9.93 -15.42
N VAL C 892 -63.38 -10.02 -14.70
CA VAL C 892 -63.25 -11.13 -13.75
C VAL C 892 -63.90 -10.83 -12.41
N LEU C 893 -64.15 -9.57 -12.09
CA LEU C 893 -64.72 -9.25 -10.77
C LEU C 893 -66.24 -9.32 -10.74
N VAL C 894 -66.91 -9.15 -11.87
CA VAL C 894 -68.36 -9.05 -11.90
C VAL C 894 -68.95 -10.36 -12.42
N LYS C 895 -70.28 -10.47 -12.34
CA LYS C 895 -70.97 -11.68 -12.74
C LYS C 895 -70.84 -11.91 -14.24
N MET C 896 -70.59 -13.17 -14.61
CA MET C 896 -70.43 -13.57 -16.00
C MET C 896 -71.74 -14.13 -16.54
N GLU C 897 -72.10 -13.74 -17.75
CA GLU C 897 -73.36 -14.13 -18.37
C GLU C 897 -73.11 -15.19 -19.45
N ARG C 898 -74.20 -15.54 -20.15
CA ARG C 898 -74.12 -16.61 -21.14
C ARG C 898 -73.18 -16.24 -22.28
N TRP C 899 -73.28 -15.02 -22.79
CA TRP C 899 -72.45 -14.58 -23.89
C TRP C 899 -71.52 -13.45 -23.44
N PRO C 900 -70.33 -13.34 -24.03
CA PRO C 900 -69.39 -12.29 -23.60
C PRO C 900 -69.95 -10.91 -23.80
N SER C 901 -69.63 -10.01 -22.87
CA SER C 901 -70.06 -8.62 -22.93
C SER C 901 -69.07 -7.82 -23.77
N THR C 902 -69.26 -6.51 -23.82
CA THR C 902 -68.39 -5.66 -24.64
C THR C 902 -66.95 -5.68 -24.13
N GLN C 903 -66.76 -5.59 -22.82
CA GLN C 903 -65.41 -5.58 -22.26
C GLN C 903 -64.69 -6.90 -22.53
N GLU C 904 -65.40 -8.01 -22.44
CA GLU C 904 -64.79 -9.30 -22.74
C GLU C 904 -64.39 -9.37 -24.22
N TRP C 905 -65.23 -8.84 -25.11
CA TRP C 905 -64.86 -8.79 -26.52
C TRP C 905 -63.61 -7.94 -26.71
N ILE C 906 -63.51 -6.81 -26.01
CA ILE C 906 -62.35 -5.95 -26.14
C ILE C 906 -61.08 -6.68 -25.69
N VAL C 907 -61.14 -7.36 -24.54
CA VAL C 907 -59.95 -8.04 -24.06
C VAL C 907 -59.58 -9.22 -24.95
N ILE C 908 -60.57 -9.92 -25.51
CA ILE C 908 -60.29 -11.00 -26.44
C ILE C 908 -59.62 -10.46 -27.70
N SER C 909 -60.12 -9.35 -28.22
CA SER C 909 -59.50 -8.73 -29.38
C SER C 909 -58.07 -8.30 -29.07
N TYR C 910 -57.85 -7.74 -27.89
CA TYR C 910 -56.50 -7.34 -27.50
C TYR C 910 -55.56 -8.55 -27.48
N ILE C 911 -55.99 -9.63 -26.84
CA ILE C 911 -55.10 -10.78 -26.70
C ILE C 911 -54.85 -11.44 -28.05
N PHE C 912 -55.87 -11.48 -28.92
CA PHE C 912 -55.71 -12.07 -30.24
C PHE C 912 -54.78 -11.23 -31.11
N THR C 913 -54.91 -9.90 -31.05
CA THR C 913 -54.01 -9.03 -31.81
C THR C 913 -52.58 -9.14 -31.29
N LEU C 914 -52.41 -9.24 -29.98
CA LEU C 914 -51.08 -9.45 -29.42
C LEU C 914 -50.50 -10.78 -29.91
N GLY C 915 -51.32 -11.83 -29.94
CA GLY C 915 -50.84 -13.12 -30.40
C GLY C 915 -50.43 -13.09 -31.87
N ILE C 916 -51.24 -12.46 -32.72
CA ILE C 916 -50.89 -12.41 -34.14
C ILE C 916 -49.68 -11.52 -34.36
N GLU C 917 -49.51 -10.47 -33.56
CA GLU C 917 -48.30 -9.65 -33.67
C GLU C 917 -47.07 -10.45 -33.27
N LYS C 918 -47.17 -11.25 -32.21
CA LYS C 918 -46.05 -12.10 -31.82
C LYS C 918 -45.76 -13.13 -32.90
N MET C 919 -46.79 -13.65 -33.55
CA MET C 919 -46.59 -14.59 -34.64
C MET C 919 -45.90 -13.92 -35.83
N ARG C 920 -46.27 -12.68 -36.13
CA ARG C 920 -45.66 -11.99 -37.27
C ARG C 920 -44.23 -11.55 -36.95
N GLU C 921 -43.91 -11.32 -35.68
CA GLU C 921 -42.56 -10.91 -35.33
C GLU C 921 -41.56 -12.06 -35.44
N ILE C 922 -42.02 -13.29 -35.61
CA ILE C 922 -41.12 -14.42 -35.76
C ILE C 922 -40.77 -14.69 -37.22
N LEU C 923 -41.54 -14.14 -38.16
CA LEU C 923 -41.28 -14.30 -39.58
C LEU C 923 -40.38 -13.21 -40.14
N MET C 924 -39.93 -12.27 -39.31
CA MET C 924 -39.04 -11.20 -39.72
C MET C 924 -37.66 -11.34 -39.10
N SER C 925 -37.36 -12.52 -38.54
CA SER C 925 -36.10 -12.73 -37.86
C SER C 925 -34.95 -12.83 -38.86
N GLU C 926 -33.73 -12.61 -38.35
CA GLU C 926 -32.54 -12.70 -39.19
C GLU C 926 -32.32 -14.09 -39.77
N PRO C 927 -32.42 -15.20 -39.02
CA PRO C 927 -32.17 -16.51 -39.62
C PRO C 927 -33.11 -16.82 -40.77
N GLY C 928 -32.61 -17.57 -41.74
CA GLY C 928 -33.36 -17.90 -42.93
C GLY C 928 -34.41 -18.97 -42.74
N LYS C 929 -34.01 -20.11 -42.18
CA LYS C 929 -34.92 -21.24 -42.02
C LYS C 929 -36.03 -20.90 -41.02
N LEU C 930 -37.25 -21.34 -41.34
CA LEU C 930 -38.39 -21.06 -40.46
C LEU C 930 -38.22 -21.75 -39.11
N LEU C 931 -37.88 -23.04 -39.11
CA LEU C 931 -37.69 -23.77 -37.87
C LEU C 931 -36.51 -23.24 -37.06
N GLN C 932 -35.53 -22.62 -37.71
CA GLN C 932 -34.43 -22.00 -36.98
C GLN C 932 -34.88 -20.71 -36.30
N LYS C 933 -35.79 -19.96 -36.93
CA LYS C 933 -36.27 -18.71 -36.33
C LYS C 933 -37.06 -18.97 -35.06
N VAL C 934 -37.80 -20.08 -34.99
CA VAL C 934 -38.55 -20.39 -33.78
C VAL C 934 -37.61 -20.66 -32.61
N LYS C 935 -36.56 -21.45 -32.85
CA LYS C 935 -35.65 -21.81 -31.76
C LYS C 935 -34.80 -20.64 -31.31
N VAL C 936 -34.64 -19.60 -32.14
CA VAL C 936 -33.92 -18.40 -31.70
C VAL C 936 -34.87 -17.37 -31.11
N TRP C 937 -36.15 -17.39 -31.48
CA TRP C 937 -37.12 -16.52 -30.84
C TRP C 937 -37.52 -17.03 -29.47
N LEU C 938 -37.45 -18.35 -29.25
CA LEU C 938 -37.77 -18.94 -27.96
C LEU C 938 -36.61 -18.91 -26.98
N GLN C 939 -35.63 -18.03 -27.18
CA GLN C 939 -34.48 -17.93 -26.30
C GLN C 939 -34.69 -16.95 -25.16
N GLU C 940 -35.86 -16.32 -25.08
CA GLU C 940 -36.20 -15.42 -23.99
C GLU C 940 -37.36 -16.00 -23.19
N TYR C 941 -37.26 -15.91 -21.86
CA TYR C 941 -38.28 -16.47 -21.00
C TYR C 941 -39.62 -15.77 -21.18
N TRP C 942 -39.60 -14.45 -21.42
CA TRP C 942 -40.83 -13.70 -21.55
C TRP C 942 -41.67 -14.20 -22.73
N ASN C 943 -41.03 -14.48 -23.86
CA ASN C 943 -41.76 -14.97 -25.02
C ASN C 943 -42.43 -16.32 -24.75
N VAL C 944 -41.69 -17.23 -24.10
CA VAL C 944 -42.25 -18.54 -23.79
C VAL C 944 -43.43 -18.40 -22.83
N THR C 945 -43.27 -17.57 -21.80
CA THR C 945 -44.36 -17.37 -20.84
C THR C 945 -45.58 -16.74 -21.52
N ASP C 946 -45.35 -15.78 -22.43
CA ASP C 946 -46.46 -15.18 -23.16
C ASP C 946 -47.18 -16.20 -24.01
N LEU C 947 -46.42 -17.07 -24.70
CA LEU C 947 -47.04 -18.10 -25.52
C LEU C 947 -47.88 -19.05 -24.67
N ILE C 948 -47.34 -19.47 -23.52
CA ILE C 948 -48.08 -20.37 -22.64
C ILE C 948 -49.35 -19.70 -22.12
N ALA C 949 -49.24 -18.43 -21.73
CA ALA C 949 -50.40 -17.71 -21.21
C ALA C 949 -51.47 -17.53 -22.29
N ILE C 950 -51.04 -17.23 -23.52
CA ILE C 950 -52.00 -17.07 -24.61
C ILE C 950 -52.70 -18.38 -24.91
N LEU C 951 -51.96 -19.50 -24.92
CA LEU C 951 -52.59 -20.79 -25.16
C LEU C 951 -53.57 -21.14 -24.05
N LEU C 952 -53.20 -20.87 -22.79
CA LEU C 952 -54.10 -21.16 -21.68
C LEU C 952 -55.36 -20.30 -21.75
N PHE C 953 -55.21 -19.02 -22.10
CA PHE C 953 -56.36 -18.15 -22.25
C PHE C 953 -57.27 -18.62 -23.38
N SER C 954 -56.67 -19.09 -24.48
CA SER C 954 -57.47 -19.62 -25.59
C SER C 954 -58.24 -20.85 -25.16
N VAL C 955 -57.60 -21.75 -24.41
CA VAL C 955 -58.29 -22.94 -23.91
C VAL C 955 -59.45 -22.54 -23.01
N GLY C 956 -59.21 -21.60 -22.10
CA GLY C 956 -60.27 -21.15 -21.21
C GLY C 956 -61.42 -20.51 -21.95
N MET C 957 -61.12 -19.69 -22.95
CA MET C 957 -62.17 -19.07 -23.76
C MET C 957 -62.98 -20.11 -24.51
N ILE C 958 -62.31 -21.11 -25.08
CA ILE C 958 -63.01 -22.16 -25.81
C ILE C 958 -63.93 -22.92 -24.87
N LEU C 959 -63.44 -23.24 -23.67
CA LEU C 959 -64.28 -23.93 -22.70
C LEU C 959 -65.35 -23.03 -22.10
N ARG C 960 -65.22 -21.71 -22.23
CA ARG C 960 -66.15 -20.78 -21.60
C ARG C 960 -67.47 -20.71 -22.35
N LEU C 961 -67.43 -20.78 -23.69
CA LEU C 961 -68.64 -20.65 -24.50
C LEU C 961 -69.36 -21.99 -24.64
N GLN C 962 -69.72 -22.55 -23.49
CA GLN C 962 -70.37 -23.85 -23.44
C GLN C 962 -71.33 -23.87 -22.25
N ASP C 963 -71.72 -25.06 -21.83
CA ASP C 963 -72.70 -25.21 -20.75
C ASP C 963 -72.12 -24.72 -19.43
N GLN C 964 -72.94 -24.80 -18.37
CA GLN C 964 -72.57 -24.20 -17.09
C GLN C 964 -71.28 -24.75 -16.48
N PRO C 965 -71.05 -26.07 -16.40
CA PRO C 965 -69.79 -26.53 -15.81
C PRO C 965 -68.56 -26.12 -16.61
N PHE C 966 -68.62 -26.22 -17.93
CA PHE C 966 -67.50 -25.78 -18.76
C PHE C 966 -67.30 -24.28 -18.65
N ARG C 967 -68.39 -23.52 -18.55
CA ARG C 967 -68.29 -22.07 -18.35
C ARG C 967 -67.62 -21.75 -17.02
N SER C 968 -67.97 -22.49 -15.96
CA SER C 968 -67.32 -22.28 -14.67
C SER C 968 -65.84 -22.60 -14.73
N ASP C 969 -65.49 -23.70 -15.43
CA ASP C 969 -64.08 -24.03 -15.61
C ASP C 969 -63.34 -22.94 -16.36
N GLY C 970 -63.96 -22.39 -17.41
CA GLY C 970 -63.34 -21.30 -18.15
C GLY C 970 -63.17 -20.05 -17.31
N ARG C 971 -64.15 -19.76 -16.45
CA ARG C 971 -64.03 -18.61 -15.57
C ARG C 971 -62.89 -18.80 -14.58
N VAL C 972 -62.75 -20.01 -14.03
CA VAL C 972 -61.63 -20.30 -13.13
C VAL C 972 -60.30 -20.16 -13.88
N ILE C 973 -60.27 -20.57 -15.14
CA ILE C 973 -59.06 -20.40 -15.94
C ILE C 973 -58.74 -18.92 -16.13
N TYR C 974 -59.76 -18.09 -16.38
CA TYR C 974 -59.55 -16.65 -16.47
C TYR C 974 -58.96 -16.11 -15.17
N CYS C 975 -59.53 -16.52 -14.04
CA CYS C 975 -59.06 -16.04 -12.75
C CYS C 975 -57.61 -16.42 -12.49
N VAL C 976 -57.24 -17.65 -12.87
CA VAL C 976 -55.85 -18.06 -12.71
C VAL C 976 -54.95 -17.29 -13.68
N ASN C 977 -55.44 -17.01 -14.89
CA ASN C 977 -54.60 -16.42 -15.91
C ASN C 977 -54.34 -14.94 -15.67
N ILE C 978 -55.24 -14.25 -14.97
CA ILE C 978 -55.03 -12.82 -14.72
C ILE C 978 -53.77 -12.56 -13.90
N ILE C 979 -53.30 -13.56 -13.14
CA ILE C 979 -52.12 -13.37 -12.29
C ILE C 979 -50.89 -13.10 -13.14
N TYR C 980 -50.73 -13.83 -14.25
CA TYR C 980 -49.57 -13.62 -15.11
C TYR C 980 -49.55 -12.22 -15.70
N TRP C 981 -50.72 -11.73 -16.15
CA TRP C 981 -50.77 -10.38 -16.71
C TRP C 981 -50.56 -9.33 -15.65
N TYR C 982 -50.94 -9.61 -14.40
CA TYR C 982 -50.58 -8.69 -13.31
C TYR C 982 -49.07 -8.68 -13.07
N ILE C 983 -48.44 -9.86 -13.10
CA ILE C 983 -47.00 -9.95 -12.84
C ILE C 983 -46.20 -9.31 -13.97
N ARG C 984 -46.73 -9.32 -15.19
CA ARG C 984 -46.00 -8.82 -16.35
C ARG C 984 -45.67 -7.33 -16.26
N LEU C 985 -46.30 -6.59 -15.34
CA LEU C 985 -46.00 -5.17 -15.19
C LEU C 985 -44.55 -4.90 -14.82
N LEU C 986 -43.84 -5.90 -14.30
CA LEU C 986 -42.42 -5.71 -13.99
C LEU C 986 -41.61 -5.48 -15.27
N ASP C 987 -42.03 -6.08 -16.38
CA ASP C 987 -41.35 -5.82 -17.65
C ASP C 987 -41.45 -4.36 -18.05
N ILE C 988 -42.63 -3.76 -17.86
CA ILE C 988 -42.79 -2.33 -18.11
C ILE C 988 -41.97 -1.52 -17.11
N PHE C 989 -41.96 -1.95 -15.84
CA PHE C 989 -41.20 -1.25 -14.82
C PHE C 989 -39.70 -1.24 -15.15
N GLY C 990 -39.22 -2.27 -15.84
CA GLY C 990 -37.82 -2.38 -16.17
C GLY C 990 -37.25 -1.25 -17.03
N VAL C 991 -38.10 -0.31 -17.42
CA VAL C 991 -37.61 0.84 -18.19
C VAL C 991 -37.09 1.93 -17.24
N ASN C 992 -37.57 1.97 -16.00
CA ASN C 992 -37.10 2.96 -15.05
C ASN C 992 -35.65 2.71 -14.69
N LYS C 993 -34.93 3.81 -14.41
CA LYS C 993 -33.51 3.70 -14.10
C LYS C 993 -33.25 3.00 -12.78
N TYR C 994 -34.22 3.03 -11.87
CA TYR C 994 -34.06 2.45 -10.54
C TYR C 994 -34.80 1.12 -10.36
N LEU C 995 -35.87 0.89 -11.12
CA LEU C 995 -36.74 -0.26 -10.90
C LEU C 995 -36.36 -1.48 -11.73
N GLY C 996 -35.33 -1.39 -12.57
CA GLY C 996 -34.87 -2.52 -13.34
C GLY C 996 -33.87 -3.40 -12.61
N PRO C 997 -32.79 -2.77 -12.12
CA PRO C 997 -31.82 -3.54 -11.32
C PRO C 997 -32.42 -4.21 -10.10
N TYR C 998 -33.44 -3.61 -9.48
CA TYR C 998 -34.10 -4.28 -8.36
C TYR C 998 -34.75 -5.59 -8.78
N VAL C 999 -35.43 -5.59 -9.93
CA VAL C 999 -36.04 -6.80 -10.44
C VAL C 999 -34.98 -7.84 -10.77
N MET C 1000 -33.86 -7.40 -11.34
CA MET C 1000 -32.77 -8.33 -11.64
C MET C 1000 -32.20 -8.93 -10.35
N MET C 1001 -32.06 -8.12 -9.29
CA MET C 1001 -31.60 -8.63 -8.02
C MET C 1001 -32.58 -9.65 -7.44
N ILE C 1002 -33.88 -9.39 -7.56
CA ILE C 1002 -34.87 -10.35 -7.09
C ILE C 1002 -34.72 -11.68 -7.83
N GLY C 1003 -34.58 -11.59 -9.15
CA GLY C 1003 -34.39 -12.80 -9.94
C GLY C 1003 -33.14 -13.57 -9.56
N LYS C 1004 -32.06 -12.85 -9.21
CA LYS C 1004 -30.82 -13.50 -8.81
C LYS C 1004 -30.88 -14.08 -7.39
N MET C 1005 -31.70 -13.50 -6.51
CA MET C 1005 -31.81 -14.00 -5.14
C MET C 1005 -32.82 -15.13 -4.98
N MET C 1006 -33.72 -15.31 -5.95
CA MET C 1006 -34.67 -16.41 -5.86
C MET C 1006 -33.98 -17.76 -5.73
N ILE C 1007 -32.81 -17.94 -6.37
CA ILE C 1007 -32.10 -19.21 -6.29
C ILE C 1007 -31.62 -19.47 -4.87
N ASP C 1008 -31.05 -18.45 -4.21
CA ASP C 1008 -30.61 -18.62 -2.83
C ASP C 1008 -31.79 -18.90 -1.91
N MET C 1009 -32.94 -18.27 -2.18
CA MET C 1009 -34.13 -18.58 -1.39
C MET C 1009 -34.56 -20.04 -1.58
N MET C 1010 -34.51 -20.53 -2.82
N MET C 1010 -34.50 -20.53 -2.82
CA MET C 1010 -34.89 -21.91 -3.10
CA MET C 1010 -34.88 -21.91 -3.11
C MET C 1010 -33.94 -22.90 -2.44
C MET C 1010 -33.95 -22.89 -2.41
N TYR C 1011 -32.66 -22.55 -2.31
CA TYR C 1011 -31.71 -23.45 -1.68
C TYR C 1011 -31.99 -23.66 -0.18
N PHE C 1012 -32.75 -22.77 0.46
CA PHE C 1012 -33.17 -22.96 1.84
C PHE C 1012 -34.60 -23.49 1.97
N VAL C 1013 -35.42 -23.28 0.94
CA VAL C 1013 -36.80 -23.79 0.98
C VAL C 1013 -36.81 -25.30 1.21
N ILE C 1014 -35.84 -26.02 0.64
CA ILE C 1014 -35.82 -27.48 0.75
C ILE C 1014 -35.62 -27.91 2.21
N ILE C 1015 -34.65 -27.30 2.89
CA ILE C 1015 -34.40 -27.64 4.30
C ILE C 1015 -35.61 -27.29 5.15
N MET C 1016 -36.21 -26.11 4.89
CA MET C 1016 -37.41 -25.74 5.62
C MET C 1016 -38.52 -26.77 5.42
N LEU C 1017 -38.69 -27.24 4.19
CA LEU C 1017 -39.71 -28.25 3.91
C LEU C 1017 -39.41 -29.56 4.64
N VAL C 1018 -38.14 -29.95 4.70
CA VAL C 1018 -37.79 -31.19 5.39
C VAL C 1018 -38.19 -31.11 6.86
N VAL C 1019 -37.81 -30.01 7.52
CA VAL C 1019 -38.13 -29.86 8.94
C VAL C 1019 -39.65 -29.80 9.14
N LEU C 1020 -40.34 -29.04 8.30
CA LEU C 1020 -41.79 -28.91 8.42
C LEU C 1020 -42.49 -30.25 8.25
N MET C 1021 -42.07 -31.02 7.24
CA MET C 1021 -42.69 -32.31 6.99
C MET C 1021 -42.45 -33.28 8.13
N SER C 1022 -41.22 -33.28 8.69
CA SER C 1022 -40.95 -34.14 9.85
C SER C 1022 -41.89 -33.80 11.01
N PHE C 1023 -41.99 -32.51 11.35
CA PHE C 1023 -42.85 -32.11 12.46
C PHE C 1023 -44.31 -32.46 12.20
N GLY C 1024 -44.79 -32.18 10.99
CA GLY C 1024 -46.19 -32.46 10.67
C GLY C 1024 -46.52 -33.93 10.73
N VAL C 1025 -45.64 -34.78 10.18
CA VAL C 1025 -45.87 -36.21 10.23
C VAL C 1025 -45.89 -36.70 11.67
N ALA C 1026 -44.94 -36.25 12.48
CA ALA C 1026 -44.90 -36.68 13.87
C ALA C 1026 -46.19 -36.29 14.61
N ARG C 1027 -46.62 -35.04 14.46
CA ARG C 1027 -47.79 -34.57 15.17
C ARG C 1027 -49.05 -35.31 14.71
N GLN C 1028 -49.24 -35.44 13.40
CA GLN C 1028 -50.42 -36.10 12.88
C GLN C 1028 -50.46 -37.56 13.31
N ALA C 1029 -49.32 -38.24 13.26
CA ALA C 1029 -49.28 -39.64 13.67
C ALA C 1029 -49.59 -39.80 15.16
N ILE C 1030 -49.07 -38.89 16.00
CA ILE C 1030 -49.29 -39.03 17.43
C ILE C 1030 -50.75 -38.73 17.79
N LEU C 1031 -51.33 -37.68 17.21
CA LEU C 1031 -52.64 -37.23 17.69
C LEU C 1031 -53.82 -38.01 17.13
N PHE C 1032 -53.67 -38.66 15.97
CA PHE C 1032 -54.78 -39.36 15.33
C PHE C 1032 -54.37 -40.81 15.03
N PRO C 1033 -54.53 -41.71 16.00
CA PRO C 1033 -54.09 -43.10 15.83
C PRO C 1033 -55.15 -44.05 15.29
N ASN C 1034 -56.31 -43.55 14.85
CA ASN C 1034 -57.40 -44.41 14.38
C ASN C 1034 -57.95 -43.89 13.05
N GLU C 1035 -57.05 -43.61 12.11
CA GLU C 1035 -57.42 -43.10 10.81
C GLU C 1035 -57.31 -44.19 9.75
N GLU C 1036 -58.07 -44.02 8.67
CA GLU C 1036 -58.10 -44.85 7.48
C GLU C 1036 -57.35 -44.17 6.34
N PRO C 1037 -56.79 -44.92 5.40
CA PRO C 1037 -56.01 -44.30 4.32
C PRO C 1037 -56.89 -43.42 3.44
N SER C 1038 -56.51 -42.15 3.36
CA SER C 1038 -57.23 -41.18 2.55
C SER C 1038 -56.28 -40.03 2.21
N TRP C 1039 -56.62 -39.31 1.15
CA TRP C 1039 -55.79 -38.18 0.73
C TRP C 1039 -55.91 -36.99 1.67
N LYS C 1040 -56.87 -37.01 2.59
CA LYS C 1040 -56.93 -35.98 3.63
C LYS C 1040 -55.70 -36.04 4.54
N LEU C 1041 -55.12 -37.23 4.69
CA LEU C 1041 -53.92 -37.37 5.51
C LEU C 1041 -52.74 -36.63 4.90
N ALA C 1042 -52.63 -36.64 3.56
CA ALA C 1042 -51.52 -35.96 2.89
C ALA C 1042 -51.68 -34.44 2.93
N LYS C 1043 -52.84 -33.93 3.32
CA LYS C 1043 -53.06 -32.48 3.40
C LYS C 1043 -52.72 -31.92 4.78
N ASN C 1044 -53.04 -32.67 5.84
CA ASN C 1044 -52.77 -32.22 7.20
C ASN C 1044 -51.28 -32.17 7.54
N ILE C 1045 -50.44 -32.80 6.71
CA ILE C 1045 -49.00 -32.80 6.99
C ILE C 1045 -48.40 -31.41 6.78
N PHE C 1046 -48.83 -30.72 5.72
CA PHE C 1046 -48.20 -29.46 5.32
C PHE C 1046 -48.99 -28.23 5.74
N TYR C 1047 -50.31 -28.33 5.87
CA TYR C 1047 -51.17 -27.16 6.00
C TYR C 1047 -50.85 -26.35 7.26
N MET C 1048 -51.14 -26.91 8.42
CA MET C 1048 -50.99 -26.22 9.70
C MET C 1048 -49.53 -25.93 10.04
N PRO C 1049 -48.60 -26.89 9.86
CA PRO C 1049 -47.18 -26.55 10.11
C PRO C 1049 -46.67 -25.41 9.25
N TYR C 1050 -47.16 -25.27 8.03
CA TYR C 1050 -46.75 -24.14 7.20
C TYR C 1050 -47.41 -22.85 7.65
N TRP C 1051 -48.69 -22.90 8.03
CA TRP C 1051 -49.35 -21.69 8.48
C TRP C 1051 -48.81 -21.20 9.83
N MET C 1052 -48.24 -22.10 10.64
CA MET C 1052 -47.80 -21.72 11.98
C MET C 1052 -46.52 -20.90 12.01
N ILE C 1053 -45.74 -20.89 10.93
CA ILE C 1053 -44.49 -20.14 10.91
C ILE C 1053 -44.67 -18.73 10.35
N TYR C 1054 -45.91 -18.32 10.12
CA TYR C 1054 -46.23 -16.96 9.69
C TYR C 1054 -47.08 -16.23 10.72
N GLY C 1055 -46.88 -16.54 11.99
CA GLY C 1055 -47.59 -15.88 13.07
C GLY C 1055 -48.92 -16.48 13.45
N GLU C 1056 -49.36 -17.54 12.76
CA GLU C 1056 -50.65 -18.17 13.06
C GLU C 1056 -50.44 -19.37 13.98
N VAL C 1057 -49.99 -19.08 15.20
CA VAL C 1057 -49.77 -20.09 16.22
C VAL C 1057 -50.99 -20.14 17.13
N PHE C 1058 -51.51 -21.35 17.35
CA PHE C 1058 -52.68 -21.56 18.21
C PHE C 1058 -52.39 -22.76 19.09
N ALA C 1059 -51.96 -22.51 20.32
CA ALA C 1059 -51.64 -23.59 21.25
C ALA C 1059 -52.86 -24.42 21.65
N ASP C 1060 -54.07 -23.91 21.43
CA ASP C 1060 -55.27 -24.67 21.75
C ASP C 1060 -55.58 -25.74 20.70
N GLN C 1061 -54.87 -25.75 19.58
CA GLN C 1061 -55.10 -26.73 18.53
C GLN C 1061 -53.88 -27.58 18.19
N ILE C 1062 -52.68 -27.13 18.55
CA ILE C 1062 -51.51 -27.99 18.38
C ILE C 1062 -51.58 -29.15 19.36
N ASP C 1063 -52.06 -28.89 20.58
CA ASP C 1063 -52.21 -29.93 21.61
C ASP C 1063 -53.49 -29.63 22.36
N PRO C 1064 -54.61 -30.19 21.92
CA PRO C 1064 -55.88 -29.92 22.59
C PRO C 1064 -55.83 -30.42 24.02
N PRO C 1065 -56.50 -29.71 24.94
CA PRO C 1065 -56.49 -30.15 26.35
C PRO C 1065 -57.10 -31.52 26.52
N CYS C 1066 -56.49 -32.31 27.40
CA CYS C 1066 -56.92 -33.68 27.65
C CYS C 1066 -56.25 -34.25 28.90
N GLN C 1079 -64.48 -34.99 32.02
CA GLN C 1079 -65.29 -34.32 31.01
C GLN C 1079 -64.65 -34.40 29.64
N LEU C 1080 -63.37 -34.01 29.57
CA LEU C 1080 -62.65 -34.05 28.31
C LEU C 1080 -62.44 -35.49 27.85
N PRO C 1081 -62.31 -35.72 26.55
CA PRO C 1081 -62.01 -37.06 26.08
C PRO C 1081 -60.66 -37.52 26.59
N PRO C 1082 -60.46 -38.83 26.74
CA PRO C 1082 -59.23 -39.32 27.36
C PRO C 1082 -57.99 -38.89 26.61
N CYS C 1083 -56.93 -38.58 27.37
CA CYS C 1083 -55.68 -38.12 26.79
C CYS C 1083 -55.02 -39.23 25.96
N LYS C 1084 -54.52 -38.85 24.79
CA LYS C 1084 -53.81 -39.79 23.94
C LYS C 1084 -52.48 -40.18 24.58
N THR C 1085 -52.00 -41.37 24.23
CA THR C 1085 -50.72 -41.84 24.74
C THR C 1085 -49.59 -41.00 24.18
N GLY C 1086 -48.81 -40.39 25.07
CA GLY C 1086 -47.71 -39.54 24.65
C GLY C 1086 -48.13 -38.28 23.93
N ALA C 1087 -49.20 -37.63 24.39
CA ALA C 1087 -49.67 -36.40 23.78
C ALA C 1087 -48.89 -35.17 24.24
N TRP C 1088 -48.00 -35.31 25.23
CA TRP C 1088 -47.22 -34.20 25.73
C TRP C 1088 -45.96 -33.94 24.91
N ILE C 1089 -45.61 -34.82 23.99
CA ILE C 1089 -44.45 -34.59 23.13
C ILE C 1089 -44.73 -33.53 22.07
N VAL C 1090 -46.01 -33.32 21.73
CA VAL C 1090 -46.35 -32.38 20.67
C VAL C 1090 -45.93 -30.95 21.01
N PRO C 1091 -46.22 -30.41 22.19
CA PRO C 1091 -45.73 -29.04 22.49
C PRO C 1091 -44.22 -28.92 22.49
N ALA C 1092 -43.50 -29.96 22.94
CA ALA C 1092 -42.04 -29.90 22.94
C ALA C 1092 -41.48 -29.88 21.51
N ILE C 1093 -41.98 -30.76 20.66
CA ILE C 1093 -41.51 -30.77 19.28
C ILE C 1093 -41.95 -29.50 18.56
N MET C 1094 -43.11 -28.94 18.91
CA MET C 1094 -43.53 -27.68 18.33
C MET C 1094 -42.60 -26.54 18.73
N ALA C 1095 -42.19 -26.50 19.99
CA ALA C 1095 -41.26 -25.47 20.44
C ALA C 1095 -39.93 -25.61 19.72
N CYS C 1096 -39.41 -26.84 19.60
CA CYS C 1096 -38.16 -27.04 18.89
C CYS C 1096 -38.28 -26.63 17.42
N TYR C 1097 -39.40 -26.98 16.78
CA TYR C 1097 -39.61 -26.64 15.38
C TYR C 1097 -39.69 -25.13 15.18
N LEU C 1098 -40.39 -24.43 16.07
CA LEU C 1098 -40.46 -22.98 15.98
C LEU C 1098 -39.08 -22.35 16.17
N LEU C 1099 -38.32 -22.83 17.16
CA LEU C 1099 -36.99 -22.28 17.41
C LEU C 1099 -36.08 -22.49 16.21
N VAL C 1100 -36.16 -23.66 15.58
CA VAL C 1100 -35.31 -23.92 14.42
C VAL C 1100 -35.74 -23.08 13.22
N ALA C 1101 -37.05 -23.01 12.97
CA ALA C 1101 -37.52 -22.37 11.74
C ALA C 1101 -37.40 -20.85 11.80
N ASN C 1102 -37.83 -20.23 12.90
CA ASN C 1102 -37.98 -18.79 12.93
C ASN C 1102 -36.78 -18.04 13.48
N ILE C 1103 -35.71 -18.74 13.88
CA ILE C 1103 -34.54 -18.11 14.46
C ILE C 1103 -33.28 -18.45 13.68
N LEU C 1104 -33.08 -19.72 13.36
CA LEU C 1104 -31.82 -20.16 12.74
C LEU C 1104 -31.83 -19.93 11.24
N LEU C 1105 -32.75 -20.57 10.52
CA LEU C 1105 -32.73 -20.56 9.06
C LEU C 1105 -33.03 -19.15 8.52
N VAL C 1106 -33.98 -18.45 9.13
CA VAL C 1106 -34.33 -17.11 8.64
C VAL C 1106 -33.15 -16.16 8.78
N ASN C 1107 -32.48 -16.19 9.94
CA ASN C 1107 -31.33 -15.31 10.13
C ASN C 1107 -30.17 -15.71 9.23
N LEU C 1108 -29.98 -17.01 9.01
CA LEU C 1108 -28.93 -17.44 8.08
C LEU C 1108 -29.21 -16.96 6.66
N LEU C 1109 -30.47 -17.02 6.23
CA LEU C 1109 -30.84 -16.51 4.92
C LEU C 1109 -30.65 -15.00 4.85
N ILE C 1110 -30.96 -14.29 5.93
CA ILE C 1110 -30.72 -12.85 5.96
C ILE C 1110 -29.24 -12.56 5.79
N ALA C 1111 -28.38 -13.31 6.48
CA ALA C 1111 -26.94 -13.13 6.34
C ALA C 1111 -26.47 -13.43 4.92
N VAL C 1112 -27.02 -14.48 4.31
CA VAL C 1112 -26.65 -14.84 2.95
C VAL C 1112 -27.03 -13.73 1.98
N PHE C 1113 -28.24 -13.17 2.13
CA PHE C 1113 -28.64 -12.05 1.29
C PHE C 1113 -27.76 -10.82 1.53
N ASN C 1114 -27.38 -10.58 2.78
CA ASN C 1114 -26.62 -9.38 3.12
C ASN C 1114 -25.21 -9.44 2.58
N ASN C 1115 -24.57 -10.61 2.64
CA ASN C 1115 -23.16 -10.71 2.26
C ASN C 1115 -22.97 -10.85 0.75
N THR C 1116 -24.02 -11.06 -0.03
CA THR C 1116 -23.89 -11.20 -1.47
C THR C 1116 -24.72 -10.17 -2.22
N PHE C 1117 -24.63 -8.91 -1.81
CA PHE C 1117 -25.42 -7.84 -2.39
C PHE C 1117 -24.63 -6.94 -3.34
N PHE C 1118 -23.36 -6.69 -3.04
CA PHE C 1118 -22.58 -5.72 -3.82
C PHE C 1118 -22.35 -6.22 -5.25
N GLU C 1119 -21.88 -7.45 -5.39
CA GLU C 1119 -21.62 -7.99 -6.73
C GLU C 1119 -22.90 -8.13 -7.54
N VAL C 1120 -23.98 -8.58 -6.89
CA VAL C 1120 -25.26 -8.70 -7.59
C VAL C 1120 -25.74 -7.33 -8.07
N LYS C 1121 -25.60 -6.30 -7.23
CA LYS C 1121 -26.01 -4.96 -7.61
C LYS C 1121 -25.19 -4.46 -8.80
N SER C 1122 -23.87 -4.65 -8.76
CA SER C 1122 -23.03 -4.18 -9.86
C SER C 1122 -23.35 -4.91 -11.17
N ILE C 1123 -23.53 -6.23 -11.10
CA ILE C 1123 -23.83 -7.01 -12.29
C ILE C 1123 -25.19 -6.60 -12.85
N SER C 1124 -26.17 -6.37 -11.98
CA SER C 1124 -27.50 -5.96 -12.44
C SER C 1124 -27.44 -4.61 -13.13
N ASN C 1125 -26.69 -3.66 -12.57
CA ASN C 1125 -26.55 -2.36 -13.22
C ASN C 1125 -25.90 -2.50 -14.59
N GLN C 1126 -24.83 -3.30 -14.68
CA GLN C 1126 -24.15 -3.46 -15.95
C GLN C 1126 -25.05 -4.11 -17.00
N VAL C 1127 -25.79 -5.15 -16.60
CA VAL C 1127 -26.65 -5.84 -17.56
C VAL C 1127 -27.82 -4.96 -17.99
N TRP C 1128 -28.38 -4.16 -17.08
CA TRP C 1128 -29.44 -3.25 -17.47
C TRP C 1128 -28.94 -2.20 -18.46
N LYS C 1129 -27.74 -1.65 -18.21
CA LYS C 1129 -27.17 -0.68 -19.14
C LYS C 1129 -26.91 -1.32 -20.50
N PHE C 1130 -26.46 -2.58 -20.51
CA PHE C 1130 -26.26 -3.28 -21.77
C PHE C 1130 -27.58 -3.51 -22.52
N GLN C 1131 -28.63 -3.90 -21.78
CA GLN C 1131 -29.89 -4.30 -22.40
C GLN C 1131 -30.79 -3.13 -22.76
N ARG C 1132 -30.43 -1.89 -22.37
CA ARG C 1132 -31.18 -0.74 -22.88
C ARG C 1132 -31.23 -0.72 -24.41
N TYR C 1133 -30.17 -1.17 -25.06
CA TYR C 1133 -30.07 -1.09 -26.52
C TYR C 1133 -31.16 -1.90 -27.21
N GLN C 1134 -31.38 -3.13 -26.73
CA GLN C 1134 -32.39 -3.98 -27.34
C GLN C 1134 -33.79 -3.40 -27.17
N LEU C 1135 -34.07 -2.82 -26.00
CA LEU C 1135 -35.35 -2.15 -25.79
C LEU C 1135 -35.54 -1.00 -26.76
N ILE C 1136 -34.49 -0.18 -26.93
CA ILE C 1136 -34.58 0.96 -27.83
C ILE C 1136 -34.83 0.50 -29.26
N MET C 1137 -34.10 -0.52 -29.71
CA MET C 1137 -34.29 -0.99 -31.08
C MET C 1137 -35.65 -1.63 -31.27
N THR C 1138 -36.12 -2.39 -30.27
CA THR C 1138 -37.43 -3.03 -30.38
C THR C 1138 -38.54 -2.00 -30.49
N PHE C 1139 -38.48 -0.94 -29.68
CA PHE C 1139 -39.51 0.08 -29.78
C PHE C 1139 -39.31 1.02 -30.96
N HIS C 1140 -38.12 1.05 -31.56
CA HIS C 1140 -37.94 1.77 -32.80
C HIS C 1140 -38.51 1.02 -34.00
N GLU C 1141 -38.44 -0.31 -33.98
CA GLU C 1141 -38.96 -1.10 -35.09
C GLU C 1141 -40.48 -1.18 -35.10
N ARG C 1142 -41.11 -1.15 -33.92
CA ARG C 1142 -42.53 -1.44 -33.81
C ARG C 1142 -43.38 -0.38 -34.52
N PRO C 1143 -44.59 -0.75 -34.95
CA PRO C 1143 -45.48 0.23 -35.60
C PRO C 1143 -45.97 1.31 -34.64
N VAL C 1144 -46.78 2.23 -35.15
CA VAL C 1144 -47.19 3.42 -34.41
C VAL C 1144 -48.54 3.22 -33.73
N LEU C 1145 -49.00 1.97 -33.61
CA LEU C 1145 -50.29 1.72 -32.97
C LEU C 1145 -50.15 0.69 -31.88
N PRO C 1146 -50.95 0.80 -30.82
CA PRO C 1146 -50.90 -0.19 -29.74
C PRO C 1146 -51.60 -1.47 -30.14
N PRO C 1147 -51.35 -2.57 -29.44
CA PRO C 1147 -51.91 -3.88 -29.84
C PRO C 1147 -53.42 -3.90 -29.92
N PRO C 1148 -54.17 -3.18 -29.06
CA PRO C 1148 -55.63 -3.26 -29.18
C PRO C 1148 -56.17 -2.84 -30.54
N LEU C 1149 -55.46 -1.97 -31.26
CA LEU C 1149 -55.92 -1.51 -32.57
C LEU C 1149 -54.80 -1.55 -33.59
N ILE C 1150 -53.94 -2.58 -33.53
CA ILE C 1150 -52.96 -2.80 -34.58
C ILE C 1150 -53.53 -3.50 -35.79
N ILE C 1151 -54.84 -3.81 -35.78
CA ILE C 1151 -55.43 -4.53 -36.90
C ILE C 1151 -55.35 -3.71 -38.18
N PHE C 1152 -55.38 -2.38 -38.05
CA PHE C 1152 -55.17 -1.53 -39.23
C PHE C 1152 -53.76 -1.67 -39.77
N SER C 1153 -52.76 -1.76 -38.89
CA SER C 1153 -51.38 -1.86 -39.33
C SER C 1153 -51.00 -3.27 -39.78
N HIS C 1154 -51.77 -4.28 -39.43
CA HIS C 1154 -51.50 -5.65 -39.85
C HIS C 1154 -52.06 -5.97 -41.23
N MET C 1155 -52.95 -5.12 -41.77
CA MET C 1155 -53.46 -5.30 -43.12
C MET C 1155 -52.88 -4.32 -44.12
N THR C 1156 -52.38 -3.15 -43.66
CA THR C 1156 -51.74 -2.22 -44.57
C THR C 1156 -50.46 -2.82 -45.16
N MET C 1157 -49.67 -3.52 -44.33
CA MET C 1157 -48.46 -4.13 -44.83
C MET C 1157 -48.74 -5.23 -45.84
N ILE C 1158 -49.93 -5.82 -45.81
CA ILE C 1158 -50.27 -6.84 -46.81
C ILE C 1158 -50.46 -6.19 -48.18
N PHE C 1159 -51.18 -5.07 -48.24
CA PHE C 1159 -51.37 -4.38 -49.51
C PHE C 1159 -50.07 -3.80 -50.03
N GLN C 1160 -49.23 -3.26 -49.13
CA GLN C 1160 -47.95 -2.72 -49.55
C GLN C 1160 -46.95 -3.82 -49.89
N HIS C 1161 -47.17 -5.05 -49.39
CA HIS C 1161 -46.32 -6.16 -49.77
C HIS C 1161 -46.44 -6.48 -51.25
N VAL C 1162 -47.66 -6.40 -51.79
CA VAL C 1162 -47.91 -6.65 -53.20
C VAL C 1162 -47.98 -5.36 -54.00
N CYS C 1163 -47.53 -4.25 -53.43
CA CYS C 1163 -47.55 -2.96 -54.10
C CYS C 1163 -46.59 -2.93 -55.28
N ARG C 1176 -33.43 3.80 -42.59
CA ARG C 1176 -32.77 4.02 -41.31
C ARG C 1176 -31.83 5.22 -41.36
N ASP C 1177 -32.38 6.41 -41.62
CA ASP C 1177 -31.55 7.61 -41.67
C ASP C 1177 -30.91 7.89 -40.32
N TYR C 1178 -31.69 7.76 -39.24
CA TYR C 1178 -31.14 7.82 -37.90
C TYR C 1178 -31.94 6.90 -37.01
N GLY C 1179 -31.33 6.53 -35.88
CA GLY C 1179 -31.84 5.49 -35.01
C GLY C 1179 -31.18 4.15 -35.22
N LEU C 1180 -30.59 3.92 -36.39
CA LEU C 1180 -29.73 2.76 -36.63
C LEU C 1180 -28.34 3.16 -37.09
N LYS C 1181 -28.25 4.07 -38.06
CA LYS C 1181 -26.96 4.46 -38.64
C LYS C 1181 -26.95 5.98 -38.81
N LEU C 1182 -25.93 6.47 -39.51
CA LEU C 1182 -25.81 7.89 -39.81
C LEU C 1182 -24.93 8.02 -41.05
N PHE C 1183 -25.52 8.47 -42.16
CA PHE C 1183 -24.81 8.56 -43.43
C PHE C 1183 -24.10 9.90 -43.52
N ILE C 1184 -22.80 9.85 -43.84
CA ILE C 1184 -21.96 11.05 -43.85
C ILE C 1184 -21.21 11.14 -45.17
N THR C 1185 -20.75 12.34 -45.48
CA THR C 1185 -20.06 12.61 -46.73
C THR C 1185 -18.57 12.28 -46.59
N ASP C 1186 -17.76 12.69 -47.56
CA ASP C 1186 -16.35 12.33 -47.62
C ASP C 1186 -15.46 13.30 -46.84
N ASP C 1187 -15.75 14.60 -46.89
CA ASP C 1187 -14.94 15.56 -46.15
C ASP C 1187 -15.06 15.34 -44.64
N GLU C 1188 -16.29 15.12 -44.17
CA GLU C 1188 -16.48 14.78 -42.76
C GLU C 1188 -15.85 13.43 -42.43
N LEU C 1189 -15.84 12.50 -43.37
CA LEU C 1189 -15.17 11.23 -43.16
C LEU C 1189 -13.67 11.43 -42.95
N LYS C 1190 -13.06 12.31 -43.75
CA LYS C 1190 -11.64 12.63 -43.57
C LYS C 1190 -11.40 13.29 -42.22
N LYS C 1191 -12.30 14.19 -41.82
CA LYS C 1191 -12.16 14.83 -40.51
C LYS C 1191 -12.25 13.79 -39.39
N VAL C 1192 -13.16 12.84 -39.51
CA VAL C 1192 -13.32 11.80 -38.50
C VAL C 1192 -12.07 10.93 -38.43
N HIS C 1193 -11.51 10.57 -39.59
CA HIS C 1193 -10.29 9.77 -39.60
C HIS C 1193 -9.13 10.53 -38.94
N ASP C 1194 -9.00 11.82 -39.24
CA ASP C 1194 -7.96 12.62 -38.60
C ASP C 1194 -8.15 12.68 -37.09
N PHE C 1195 -9.39 12.88 -36.64
CA PHE C 1195 -9.68 12.91 -35.21
C PHE C 1195 -9.31 11.59 -34.54
N GLU C 1196 -9.66 10.47 -35.17
CA GLU C 1196 -9.36 9.17 -34.59
C GLU C 1196 -7.85 8.93 -34.52
N GLU C 1197 -7.12 9.31 -35.56
CA GLU C 1197 -5.67 9.16 -35.53
C GLU C 1197 -5.04 10.01 -34.44
N GLN C 1198 -5.51 11.24 -34.28
CA GLN C 1198 -5.00 12.08 -33.20
C GLN C 1198 -5.31 11.46 -31.83
N CYS C 1199 -6.51 10.91 -31.67
CA CYS C 1199 -6.87 10.30 -30.39
C CYS C 1199 -5.99 9.10 -30.07
N ILE C 1200 -5.72 8.24 -31.06
CA ILE C 1200 -4.92 7.05 -30.78
C ILE C 1200 -3.46 7.44 -30.51
N GLU C 1201 -2.95 8.45 -31.22
CA GLU C 1201 -1.59 8.92 -30.94
C GLU C 1201 -1.50 9.49 -29.52
N GLU C 1202 -2.49 10.28 -29.11
CA GLU C 1202 -2.48 10.81 -27.76
C GLU C 1202 -2.57 9.70 -26.72
N TYR C 1203 -3.38 8.68 -26.99
CA TYR C 1203 -3.50 7.55 -26.07
C TYR C 1203 -2.16 6.85 -25.88
N PHE C 1204 -1.47 6.55 -26.98
CA PHE C 1204 -0.18 5.88 -26.87
C PHE C 1204 0.85 6.75 -26.16
N ARG C 1205 0.87 8.05 -26.46
CA ARG C 1205 1.81 8.94 -25.80
C ARG C 1205 1.55 9.01 -24.31
N GLU C 1206 0.28 9.10 -23.91
CA GLU C 1206 -0.05 9.11 -22.48
C GLU C 1206 0.39 7.81 -21.81
N LYS C 1207 0.16 6.67 -22.47
CA LYS C 1207 0.58 5.40 -21.89
C LYS C 1207 2.08 5.36 -21.68
N ASP C 1208 2.86 5.78 -22.69
CA ASP C 1208 4.31 5.76 -22.56
C ASP C 1208 4.78 6.70 -21.46
N ASP C 1209 4.21 7.91 -21.40
CA ASP C 1209 4.61 8.88 -20.38
C ASP C 1209 4.29 8.37 -18.98
N ARG C 1210 3.13 7.74 -18.80
CA ARG C 1210 2.79 7.18 -17.49
C ARG C 1210 3.74 6.05 -17.12
N PHE C 1211 4.07 5.18 -18.08
CA PHE C 1211 4.95 4.06 -17.78
C PHE C 1211 6.35 4.53 -17.40
N ASN C 1212 6.89 5.53 -18.10
CA ASN C 1212 8.27 5.93 -17.88
C ASN C 1212 8.49 6.57 -16.52
N SER C 1213 7.45 7.17 -15.93
CA SER C 1213 7.59 7.93 -14.69
C SER C 1213 7.17 7.14 -13.46
N SER C 1214 6.94 5.84 -13.58
CA SER C 1214 6.57 5.03 -12.43
C SER C 1214 7.77 4.79 -11.53
N ASN C 1215 7.48 4.52 -10.25
CA ASN C 1215 8.55 4.30 -9.28
C ASN C 1215 9.36 3.05 -9.60
N ASP C 1216 8.69 1.98 -10.03
CA ASP C 1216 9.40 0.72 -10.29
C ASP C 1216 10.41 0.87 -11.41
N GLU C 1217 10.01 1.53 -12.52
CA GLU C 1217 10.93 1.73 -13.63
C GLU C 1217 12.09 2.62 -13.23
N ARG C 1218 11.82 3.68 -12.46
CA ARG C 1218 12.90 4.55 -12.00
C ARG C 1218 13.88 3.78 -11.13
N ILE C 1219 13.38 2.94 -10.22
CA ILE C 1219 14.25 2.16 -9.35
C ILE C 1219 15.10 1.21 -10.18
N ARG C 1220 14.49 0.52 -11.15
CA ARG C 1220 15.23 -0.44 -11.97
C ARG C 1220 16.32 0.26 -12.78
N VAL C 1221 15.98 1.38 -13.42
CA VAL C 1221 16.96 2.08 -14.24
C VAL C 1221 18.08 2.66 -13.36
N THR C 1222 17.73 3.17 -12.18
CA THR C 1222 18.75 3.66 -11.27
C THR C 1222 19.68 2.54 -10.82
N SER C 1223 19.13 1.36 -10.55
CA SER C 1223 19.97 0.24 -10.14
C SER C 1223 20.92 -0.18 -11.25
N GLU C 1224 20.42 -0.25 -12.49
CA GLU C 1224 21.29 -0.63 -13.61
C GLU C 1224 22.40 0.41 -13.81
N ARG C 1225 22.03 1.70 -13.76
CA ARG C 1225 23.02 2.76 -13.95
C ARG C 1225 24.05 2.74 -12.82
N VAL C 1226 23.61 2.50 -11.59
CA VAL C 1226 24.54 2.44 -10.46
C VAL C 1226 25.50 1.26 -10.62
N GLU C 1227 24.99 0.10 -11.06
CA GLU C 1227 25.86 -1.05 -11.28
C GLU C 1227 26.92 -0.76 -12.33
N ASN C 1228 26.48 -0.20 -13.48
CA ASN C 1228 27.44 0.12 -14.53
C ASN C 1228 28.44 1.17 -14.07
N MET C 1229 27.98 2.18 -13.33
CA MET C 1229 28.87 3.23 -12.85
C MET C 1229 29.89 2.67 -11.86
N SER C 1230 29.45 1.78 -10.97
CA SER C 1230 30.38 1.17 -10.02
C SER C 1230 31.43 0.34 -10.74
N MET C 1231 31.01 -0.45 -11.73
CA MET C 1231 31.98 -1.26 -12.48
C MET C 1231 32.97 -0.37 -13.22
N ARG C 1232 32.48 0.71 -13.84
CA ARG C 1232 33.37 1.60 -14.58
C ARG C 1232 34.32 2.33 -13.64
N LEU C 1233 33.84 2.72 -12.45
CA LEU C 1233 34.71 3.40 -11.50
C LEU C 1233 35.77 2.46 -10.95
N GLU C 1234 35.41 1.19 -10.73
CA GLU C 1234 36.41 0.20 -10.33
C GLU C 1234 37.46 0.03 -11.43
N GLU C 1235 37.03 -0.02 -12.68
CA GLU C 1235 37.98 -0.11 -13.78
C GLU C 1235 38.89 1.11 -13.85
N VAL C 1236 38.32 2.30 -13.61
CA VAL C 1236 39.12 3.53 -13.63
C VAL C 1236 40.16 3.51 -12.51
N ASN C 1237 39.74 3.09 -11.31
CA ASN C 1237 40.67 3.01 -10.19
C ASN C 1237 41.69 1.88 -10.36
N GLU C 1238 41.42 0.94 -11.26
CA GLU C 1238 42.37 -0.14 -11.51
C GLU C 1238 43.69 0.41 -12.06
N ARG C 1239 43.62 1.43 -12.92
CA ARG C 1239 44.83 2.02 -13.47
C ARG C 1239 45.65 2.70 -12.38
N GLU C 1240 46.97 2.72 -12.58
CA GLU C 1240 47.90 3.38 -11.65
C GLU C 1240 48.94 4.12 -12.48
N HIS C 1241 48.65 5.40 -12.77
CA HIS C 1241 49.59 6.23 -13.52
C HIS C 1241 50.70 6.81 -12.64
N SER C 1242 50.57 6.73 -11.32
CA SER C 1242 51.57 7.27 -10.42
C SER C 1242 52.68 6.26 -10.18
N UNK D 1 18.79 -51.56 -33.81
CA UNK D 1 19.01 -50.13 -33.95
C UNK D 1 19.72 -49.81 -35.27
N UNK D 2 19.52 -48.60 -35.77
CA UNK D 2 20.13 -48.18 -37.03
C UNK D 2 21.57 -47.74 -36.82
N UNK D 3 22.03 -47.80 -35.56
CA UNK D 3 23.39 -47.41 -35.21
C UNK D 3 24.36 -48.56 -35.42
N UNK D 4 23.93 -49.58 -36.15
CA UNK D 4 24.76 -50.73 -36.44
C UNK D 4 25.59 -50.49 -37.70
N UNK D 5 25.60 -49.24 -38.16
CA UNK D 5 26.36 -48.86 -39.34
C UNK D 5 27.67 -48.18 -38.93
N UNK D 6 27.98 -48.25 -37.64
CA UNK D 6 29.21 -47.70 -37.12
C UNK D 6 30.15 -48.81 -36.66
N UNK D 7 31.40 -48.77 -37.13
CA UNK D 7 32.36 -49.81 -36.82
C UNK D 7 33.49 -49.28 -35.94
N UNK D 8 33.85 -50.05 -34.92
CA UNK D 8 34.96 -49.70 -34.06
C UNK D 8 36.27 -50.27 -34.60
N UNK D 9 37.30 -50.28 -33.76
CA UNK D 9 38.60 -50.78 -34.19
C UNK D 9 39.47 -51.17 -33.00
N UNK D 10 39.43 -52.44 -32.61
CA UNK D 10 40.24 -52.95 -31.52
C UNK D 10 41.58 -53.45 -32.05
N UNK D 11 42.66 -53.06 -31.39
CA UNK D 11 44.01 -53.43 -31.83
C UNK D 11 44.22 -54.94 -31.76
N UNK D 12 45.03 -55.46 -32.69
CA UNK D 12 45.28 -56.89 -32.77
C UNK D 12 46.75 -57.20 -32.41
N UNK D 13 47.37 -58.06 -33.21
CA UNK D 13 48.74 -58.47 -32.97
C UNK D 13 49.72 -57.31 -33.16
N UNK D 14 50.16 -56.74 -32.04
CA UNK D 14 51.10 -55.61 -32.08
C UNK D 14 52.51 -56.09 -31.75
N UNK D 15 53.50 -55.45 -32.35
CA UNK D 15 54.90 -55.81 -32.13
C UNK D 15 55.77 -54.56 -31.99
N UNK D 16 56.19 -54.28 -30.76
CA UNK D 16 57.05 -53.14 -30.49
C UNK D 16 57.74 -53.30 -29.14
N UNK D 17 57.51 -52.34 -28.25
CA UNK D 17 58.08 -52.35 -26.90
C UNK D 17 59.60 -52.45 -26.93
N ILE E 128 65.43 -7.09 48.08
CA ILE E 128 65.67 -8.48 48.46
C ILE E 128 65.58 -9.39 47.24
N SER E 129 65.82 -10.67 47.45
CA SER E 129 65.81 -11.66 46.36
C SER E 129 64.42 -12.29 46.23
N LYS E 130 63.43 -11.43 45.96
CA LYS E 130 62.03 -11.83 45.85
C LYS E 130 61.56 -12.57 47.10
N HIS E 131 61.97 -12.07 48.25
CA HIS E 131 61.63 -12.68 49.54
C HIS E 131 60.26 -12.18 49.96
N THR E 132 59.23 -12.95 49.64
CA THR E 132 57.85 -12.64 49.99
C THR E 132 57.27 -13.77 50.82
N GLN E 133 55.99 -13.65 51.16
CA GLN E 133 55.26 -14.66 51.91
C GLN E 133 54.28 -15.36 50.97
N LEU E 134 54.34 -16.69 50.94
CA LEU E 134 53.51 -17.48 50.03
C LEU E 134 52.13 -17.74 50.66
N SER E 135 51.39 -16.65 50.85
CA SER E 135 50.04 -16.71 51.39
C SER E 135 49.04 -16.95 50.27
N PRO E 136 47.92 -17.60 50.56
CA PRO E 136 46.90 -17.83 49.52
C PRO E 136 46.27 -16.52 49.07
N THR E 137 45.64 -16.58 47.91
CA THR E 137 45.05 -15.40 47.31
C THR E 137 43.90 -14.87 48.16
N ASP E 138 43.79 -13.54 48.23
CA ASP E 138 42.72 -12.88 48.96
C ASP E 138 41.88 -12.00 48.04
N ALA E 139 41.90 -12.24 46.74
CA ALA E 139 41.17 -11.41 45.79
C ALA E 139 40.75 -12.27 44.60
N PHE E 140 39.47 -12.59 44.53
CA PHE E 140 38.92 -13.33 43.39
C PHE E 140 37.41 -13.16 43.39
N GLY E 141 36.87 -12.72 42.25
CA GLY E 141 35.44 -12.51 42.14
C GLY E 141 35.05 -11.80 40.86
N THR E 142 34.11 -10.86 40.97
CA THR E 142 33.60 -10.10 39.83
C THR E 142 33.65 -8.62 40.15
N ILE E 143 34.01 -7.82 39.15
CA ILE E 143 34.08 -6.36 39.29
C ILE E 143 33.21 -5.73 38.20
N GLU E 144 32.42 -4.74 38.59
CA GLU E 144 31.60 -3.97 37.65
C GLU E 144 32.20 -2.58 37.52
N PHE E 145 32.40 -2.16 36.27
CA PHE E 145 33.05 -0.87 36.01
C PHE E 145 32.03 0.25 36.05
N GLN E 146 32.27 1.24 36.89
CA GLN E 146 31.41 2.42 37.02
C GLN E 146 32.16 3.63 36.48
N GLY E 147 31.56 4.30 35.50
CA GLY E 147 32.17 5.46 34.89
C GLY E 147 32.09 5.43 33.38
N GLY E 148 32.07 4.23 32.81
CA GLY E 148 31.94 4.09 31.37
C GLY E 148 30.50 4.18 30.91
N GLY E 149 30.34 4.18 29.59
CA GLY E 149 29.02 4.24 28.99
C GLY E 149 28.29 2.92 28.87
N HIS E 150 28.93 1.82 29.27
CA HIS E 150 28.33 0.49 29.19
C HIS E 150 28.39 -0.19 30.55
N SER E 151 27.77 -1.36 30.62
CA SER E 151 27.76 -2.17 31.84
C SER E 151 28.42 -3.50 31.53
N ASN E 152 29.64 -3.68 32.04
CA ASN E 152 30.43 -4.87 31.77
C ASN E 152 30.86 -5.51 33.08
N LYS E 153 30.82 -6.84 33.12
CA LYS E 153 31.25 -7.62 34.29
C LYS E 153 32.47 -8.44 33.91
N ALA E 154 33.52 -8.34 34.71
CA ALA E 154 34.78 -9.02 34.43
C ALA E 154 35.18 -9.87 35.63
N MET E 155 35.30 -11.18 35.43
CA MET E 155 35.84 -12.05 36.48
C MET E 155 37.33 -11.81 36.63
N TYR E 156 37.78 -11.66 37.88
CA TYR E 156 39.18 -11.38 38.16
C TYR E 156 39.68 -12.31 39.24
N VAL E 157 40.92 -12.78 39.07
CA VAL E 157 41.60 -13.63 40.04
C VAL E 157 43.07 -13.24 40.04
N ARG E 158 43.62 -12.97 41.23
CA ARG E 158 45.03 -12.66 41.37
C ARG E 158 45.80 -13.90 41.80
N VAL E 159 46.95 -14.13 41.16
CA VAL E 159 47.80 -15.27 41.43
C VAL E 159 49.25 -14.80 41.42
N SER E 160 50.16 -15.73 41.67
CA SER E 160 51.58 -15.46 41.55
C SER E 160 52.08 -15.82 40.16
N PHE E 161 53.32 -15.44 39.86
CA PHE E 161 53.91 -15.73 38.57
C PHE E 161 54.40 -17.17 38.46
N ASP E 162 54.36 -17.93 39.55
CA ASP E 162 54.80 -19.32 39.55
C ASP E 162 53.66 -20.31 39.43
N THR E 163 52.44 -19.84 39.15
CA THR E 163 51.30 -20.74 39.02
C THR E 163 51.45 -21.57 37.76
N LYS E 164 51.22 -22.88 37.90
CA LYS E 164 51.38 -23.78 36.77
C LYS E 164 50.29 -23.54 35.73
N PRO E 165 50.62 -23.64 34.44
CA PRO E 165 49.60 -23.38 33.40
C PRO E 165 48.41 -24.34 33.46
N ASP E 166 48.63 -25.59 33.90
CA ASP E 166 47.53 -26.56 33.94
C ASP E 166 46.44 -26.12 34.90
N LEU E 167 46.81 -25.63 36.08
CA LEU E 167 45.83 -25.16 37.04
C LEU E 167 45.08 -23.94 36.52
N LEU E 168 45.78 -23.04 35.85
CA LEU E 168 45.13 -21.88 35.26
C LEU E 168 44.13 -22.29 34.18
N LEU E 169 44.51 -23.26 33.35
CA LEU E 169 43.59 -23.74 32.31
C LEU E 169 42.37 -24.40 32.94
N HIS E 170 42.57 -25.18 34.00
CA HIS E 170 41.45 -25.80 34.69
C HIS E 170 40.52 -24.74 35.28
N LEU E 171 41.10 -23.69 35.88
CA LEU E 171 40.29 -22.60 36.42
C LEU E 171 39.50 -21.90 35.34
N MET E 172 40.12 -21.65 34.18
CA MET E 172 39.43 -20.98 33.10
C MET E 172 38.33 -21.85 32.51
N THR E 173 38.55 -23.16 32.42
CA THR E 173 37.59 -24.05 31.80
C THR E 173 36.44 -24.43 32.73
N LYS E 174 36.62 -24.37 34.04
CA LYS E 174 35.58 -24.79 34.98
C LYS E 174 35.01 -23.63 35.78
N GLU E 175 35.85 -22.87 36.49
CA GLU E 175 35.34 -21.79 37.32
C GLU E 175 34.72 -20.67 36.48
N TRP E 176 35.38 -20.31 35.38
CA TRP E 176 34.87 -19.25 34.50
C TRP E 176 33.97 -19.77 33.40
N GLN E 177 33.85 -21.09 33.25
CA GLN E 177 32.97 -21.72 32.27
C GLN E 177 33.30 -21.26 30.85
N LEU E 178 34.54 -21.52 30.44
CA LEU E 178 35.03 -21.18 29.11
C LEU E 178 35.48 -22.46 28.41
N GLU E 179 34.87 -22.76 27.27
CA GLU E 179 35.28 -23.93 26.49
C GLU E 179 36.60 -23.65 25.78
N LEU E 180 37.28 -24.73 25.40
CA LEU E 180 38.54 -24.60 24.71
C LEU E 180 38.34 -23.92 23.36
N PRO E 181 39.17 -22.95 23.00
CA PRO E 181 38.97 -22.22 21.74
C PRO E 181 39.49 -23.01 20.55
N LYS E 182 39.02 -22.60 19.38
CA LYS E 182 39.49 -23.13 18.10
C LYS E 182 40.55 -22.24 17.47
N LEU E 183 40.96 -21.18 18.17
CA LEU E 183 41.94 -20.22 17.69
C LEU E 183 42.40 -19.39 18.87
N LEU E 184 43.68 -18.99 18.85
CA LEU E 184 44.26 -18.19 19.91
C LEU E 184 45.02 -17.02 19.28
N ILE E 185 44.58 -15.80 19.56
CA ILE E 185 45.20 -14.60 19.02
C ILE E 185 45.97 -13.91 20.13
N SER E 186 47.25 -13.68 19.90
CA SER E 186 48.12 -12.98 20.85
C SER E 186 48.40 -11.60 20.29
N VAL E 187 48.03 -10.57 21.04
CA VAL E 187 48.20 -9.19 20.62
C VAL E 187 49.35 -8.58 21.41
N HIS E 188 50.35 -8.08 20.70
CA HIS E 188 51.51 -7.42 21.29
C HIS E 188 51.63 -6.01 20.71
N GLY E 189 52.34 -5.16 21.44
CA GLY E 189 52.51 -3.79 20.99
C GLY E 189 53.36 -3.00 21.96
N GLY E 190 53.41 -1.70 21.72
CA GLY E 190 54.20 -0.81 22.57
C GLY E 190 53.42 -0.42 23.81
N LEU E 191 54.07 -0.50 24.96
CA LEU E 191 53.46 -0.14 26.24
C LEU E 191 53.30 1.37 26.41
N GLN E 192 53.58 2.16 25.37
CA GLN E 192 53.41 3.60 25.42
C GLN E 192 51.94 3.94 25.20
N ASN E 193 51.65 5.21 24.91
CA ASN E 193 50.29 5.67 24.71
C ASN E 193 50.15 6.34 23.35
N PHE E 194 50.67 5.67 22.32
CA PHE E 194 50.75 6.25 20.98
C PHE E 194 49.37 6.46 20.39
N GLU E 195 49.35 7.04 19.19
CA GLU E 195 48.14 7.20 18.39
C GLU E 195 48.47 6.84 16.95
N LEU E 196 47.56 6.15 16.28
CA LEU E 196 47.78 5.69 14.91
C LEU E 196 46.83 6.40 13.95
N GLN E 197 47.10 6.21 12.66
CA GLN E 197 46.41 6.96 11.62
C GLN E 197 44.92 6.63 11.61
N PRO E 198 44.04 7.63 11.56
CA PRO E 198 42.61 7.34 11.41
C PRO E 198 42.31 6.61 10.11
N LYS E 199 41.25 5.82 10.14
CA LYS E 199 40.82 4.88 9.09
C LYS E 199 41.71 3.64 9.03
N LEU E 200 42.80 3.60 9.80
CA LEU E 200 43.54 2.37 10.02
C LEU E 200 43.10 1.65 11.27
N LYS E 201 42.67 2.39 12.30
CA LYS E 201 42.11 1.76 13.49
C LYS E 201 40.73 1.18 13.22
N GLN E 202 39.97 1.79 12.31
CA GLN E 202 38.65 1.26 12.00
C GLN E 202 38.74 -0.10 11.31
N VAL E 203 39.58 -0.20 10.28
CA VAL E 203 39.72 -1.48 9.58
C VAL E 203 40.38 -2.52 10.48
N PHE E 204 41.35 -2.09 11.31
CA PHE E 204 41.98 -3.00 12.25
C PHE E 204 40.96 -3.56 13.24
N GLY E 205 40.12 -2.69 13.80
CA GLY E 205 39.08 -3.16 14.71
C GLY E 205 38.08 -4.07 14.03
N LYS E 206 37.64 -3.71 12.82
CA LYS E 206 36.69 -4.55 12.11
C LYS E 206 37.28 -5.94 11.84
N GLY E 207 38.52 -5.99 11.37
CA GLY E 207 39.14 -7.27 11.10
C GLY E 207 39.31 -8.11 12.35
N LEU E 208 39.81 -7.49 13.42
CA LEU E 208 40.02 -8.23 14.66
C LEU E 208 38.70 -8.76 15.22
N ILE E 209 37.66 -7.91 15.24
CA ILE E 209 36.37 -8.32 15.77
C ILE E 209 35.76 -9.43 14.92
N LYS E 210 35.84 -9.30 13.59
CA LYS E 210 35.29 -10.34 12.73
C LYS E 210 36.03 -11.66 12.92
N ALA E 211 37.35 -11.61 13.00
CA ALA E 211 38.13 -12.84 13.20
C ALA E 211 37.82 -13.48 14.54
N ALA E 212 37.64 -12.67 15.59
CA ALA E 212 37.36 -13.22 16.91
C ALA E 212 35.91 -13.67 17.06
N MET E 213 35.00 -13.15 16.25
CA MET E 213 33.58 -13.45 16.39
C MET E 213 33.10 -14.57 15.49
N THR E 214 33.62 -14.66 14.25
CA THR E 214 33.17 -15.71 13.34
C THR E 214 33.48 -17.09 13.89
N THR E 215 34.66 -17.27 14.47
CA THR E 215 35.04 -18.51 15.11
C THR E 215 35.19 -18.29 16.62
N GLY E 216 35.37 -19.39 17.34
CA GLY E 216 35.58 -19.32 18.77
C GLY E 216 37.04 -19.13 19.11
N ALA E 217 37.44 -17.90 19.39
CA ALA E 217 38.84 -17.56 19.62
C ALA E 217 38.98 -16.75 20.89
N TRP E 218 40.19 -16.81 21.45
CA TRP E 218 40.57 -16.03 22.62
C TRP E 218 41.56 -14.95 22.22
N ILE E 219 41.49 -13.81 22.91
CA ILE E 219 42.38 -12.68 22.67
C ILE E 219 43.15 -12.41 23.95
N PHE E 220 44.49 -12.43 23.85
CA PHE E 220 45.36 -12.15 24.99
C PHE E 220 45.95 -10.75 24.83
N THR E 221 45.70 -9.89 25.80
CA THR E 221 46.22 -8.53 25.81
C THR E 221 46.86 -8.23 27.16
N GLY E 222 47.47 -7.06 27.26
CA GLY E 222 48.10 -6.66 28.51
C GLY E 222 47.09 -6.44 29.62
N GLY E 223 45.97 -5.78 29.32
CA GLY E 223 44.94 -5.58 30.31
C GLY E 223 44.77 -4.14 30.76
N VAL E 224 45.87 -3.43 30.94
CA VAL E 224 45.80 -2.04 31.36
C VAL E 224 45.43 -1.16 30.17
N ASN E 225 44.96 0.06 30.47
CA ASN E 225 44.43 0.95 29.43
C ASN E 225 45.53 1.86 28.87
N THR E 226 46.54 1.23 28.28
CA THR E 226 47.63 1.95 27.63
C THR E 226 48.02 1.22 26.34
N GLY E 227 48.21 1.99 25.28
CA GLY E 227 48.72 1.44 24.03
C GLY E 227 47.70 0.74 23.16
N VAL E 228 48.09 -0.38 22.56
CA VAL E 228 47.21 -1.13 21.69
C VAL E 228 46.01 -1.67 22.44
N ILE E 229 46.11 -1.83 23.76
CA ILE E 229 44.99 -2.32 24.55
C ILE E 229 43.85 -1.32 24.52
N ARG E 230 44.16 -0.02 24.52
CA ARG E 230 43.11 0.99 24.38
C ARG E 230 42.41 0.87 23.03
N HIS E 231 43.18 0.61 21.98
CA HIS E 231 42.59 0.47 20.65
C HIS E 231 41.69 -0.76 20.55
N VAL E 232 42.13 -1.89 21.12
CA VAL E 232 41.29 -3.08 21.08
C VAL E 232 40.05 -2.89 21.97
N GLY E 233 40.18 -2.15 23.06
CA GLY E 233 39.00 -1.83 23.86
C GLY E 233 38.02 -0.97 23.11
N ASP E 234 38.52 0.02 22.36
CA ASP E 234 37.65 0.84 21.53
C ASP E 234 36.96 0.00 20.45
N ALA E 235 37.71 -0.94 19.85
CA ALA E 235 37.13 -1.82 18.84
C ALA E 235 36.03 -2.68 19.43
N LEU E 236 36.25 -3.23 20.63
CA LEU E 236 35.22 -4.00 21.32
C LEU E 236 34.01 -3.13 21.63
N LYS E 237 34.24 -1.90 22.07
CA LYS E 237 33.15 -0.99 22.41
C LYS E 237 32.31 -0.65 21.18
N ASP E 238 32.95 -0.45 20.03
CA ASP E 238 32.23 -0.15 18.80
C ASP E 238 31.46 -1.35 18.26
N HIS E 239 31.76 -2.56 18.75
CA HIS E 239 31.13 -3.79 18.26
C HIS E 239 30.05 -4.32 19.19
N ALA E 240 30.20 -4.14 20.51
CA ALA E 240 29.24 -4.70 21.45
C ALA E 240 27.86 -4.08 21.27
N SER E 241 27.81 -2.80 20.91
CA SER E 241 26.54 -2.12 20.71
C SER E 241 25.96 -2.32 19.32
N LYS E 242 26.64 -3.05 18.44
CA LYS E 242 26.21 -3.18 17.05
C LYS E 242 25.95 -4.63 16.64
N SER E 243 26.12 -5.59 17.55
CA SER E 243 25.99 -6.99 17.17
C SER E 243 25.70 -7.82 18.42
N ARG E 244 25.26 -9.06 18.18
CA ARG E 244 25.01 -10.01 19.24
C ARG E 244 26.28 -10.78 19.59
N GLY E 245 26.16 -11.82 20.41
CA GLY E 245 27.29 -12.66 20.72
C GLY E 245 28.27 -12.05 21.71
N LYS E 246 29.25 -12.84 22.12
CA LYS E 246 30.27 -12.40 23.06
C LYS E 246 31.65 -12.78 22.56
N ILE E 247 32.63 -11.95 22.87
CA ILE E 247 34.02 -12.18 22.52
C ILE E 247 34.82 -12.34 23.81
N CYS E 248 35.60 -13.42 23.90
CA CYS E 248 36.36 -13.74 25.11
C CYS E 248 37.71 -13.04 25.02
N THR E 249 37.81 -11.88 25.67
CA THR E 249 39.06 -11.12 25.75
C THR E 249 39.63 -11.26 27.15
N ILE E 250 40.89 -11.68 27.23
CA ILE E 250 41.55 -11.97 28.49
C ILE E 250 42.74 -11.04 28.65
N GLY E 251 42.81 -10.35 29.79
CA GLY E 251 43.91 -9.45 30.09
C GLY E 251 44.77 -10.04 31.19
N ILE E 252 46.08 -10.10 30.93
CA ILE E 252 47.06 -10.61 31.87
C ILE E 252 47.97 -9.45 32.22
N ALA E 253 47.75 -8.85 33.38
CA ALA E 253 48.47 -7.65 33.79
C ALA E 253 49.12 -7.85 35.15
N PRO E 254 50.21 -7.14 35.43
CA PRO E 254 50.81 -7.20 36.77
C PRO E 254 49.88 -6.59 37.82
N TRP E 255 49.97 -7.14 39.03
CA TRP E 255 49.09 -6.69 40.10
C TRP E 255 49.47 -5.31 40.60
N GLY E 256 50.75 -4.94 40.55
CA GLY E 256 51.21 -3.69 41.13
C GLY E 256 50.91 -2.45 40.33
N ILE E 257 50.40 -2.58 39.10
CA ILE E 257 50.19 -1.42 38.25
C ILE E 257 48.76 -0.89 38.32
N VAL E 258 47.80 -1.69 38.77
CA VAL E 258 46.43 -1.23 38.87
C VAL E 258 46.36 -0.03 39.82
N GLU E 259 45.59 0.99 39.41
CA GLU E 259 45.58 2.25 40.16
C GLU E 259 45.03 2.06 41.56
N ASN E 260 43.96 1.28 41.71
CA ASN E 260 43.34 1.02 43.00
C ASN E 260 43.55 -0.47 43.31
N GLN E 261 44.67 -0.78 43.96
CA GLN E 261 44.90 -2.14 44.42
C GLN E 261 43.87 -2.54 45.46
N GLU E 262 43.51 -1.63 46.35
CA GLU E 262 42.40 -1.84 47.26
C GLU E 262 41.08 -1.79 46.49
N ASP E 263 39.98 -1.99 47.20
CA ASP E 263 38.64 -2.08 46.61
C ASP E 263 38.52 -3.24 45.63
N LEU E 264 39.47 -4.19 45.70
CA LEU E 264 39.47 -5.39 44.87
C LEU E 264 39.75 -6.62 45.72
N ILE E 265 39.37 -6.59 46.99
CA ILE E 265 39.74 -7.64 47.93
C ILE E 265 38.56 -8.56 48.25
N GLY E 266 37.32 -8.12 48.07
CA GLY E 266 36.17 -8.94 48.35
C GLY E 266 36.15 -10.24 47.55
N ARG E 267 36.33 -11.35 48.25
CA ARG E 267 36.42 -12.65 47.59
C ARG E 267 35.04 -13.20 47.29
N ASP E 268 34.83 -13.63 46.04
CA ASP E 268 33.55 -14.19 45.60
C ASP E 268 32.41 -13.20 45.81
N VAL E 269 32.68 -11.91 45.60
CA VAL E 269 31.68 -10.87 45.73
C VAL E 269 31.91 -9.84 44.62
N VAL E 270 30.88 -9.04 44.37
CA VAL E 270 30.94 -7.99 43.36
C VAL E 270 31.39 -6.69 44.00
N ARG E 271 32.43 -6.09 43.46
CA ARG E 271 32.96 -4.82 43.96
C ARG E 271 33.06 -3.82 42.82
N PRO E 272 32.50 -2.63 42.98
CA PRO E 272 32.57 -1.64 41.90
C PRO E 272 33.99 -1.14 41.69
N TYR E 273 34.26 -0.72 40.44
CA TYR E 273 35.56 -0.19 40.06
C TYR E 273 35.35 1.10 39.27
N GLN E 274 36.20 2.09 39.52
CA GLN E 274 36.07 3.41 38.92
C GLN E 274 36.92 3.48 37.65
N THR E 275 36.28 3.73 36.51
CA THR E 275 36.99 3.83 35.25
C THR E 275 37.76 5.13 35.11
N MET E 276 37.30 6.21 35.76
CA MET E 276 37.98 7.49 35.66
C MET E 276 39.37 7.41 36.27
N SER E 277 40.36 7.95 35.56
CA SER E 277 41.75 7.93 36.00
C SER E 277 42.31 9.34 36.04
N ASN E 278 43.12 9.62 37.09
CA ASN E 278 43.75 10.92 37.19
C ASN E 278 45.18 10.87 36.64
N PRO E 279 45.65 11.95 36.01
CA PRO E 279 46.98 11.92 35.39
C PRO E 279 48.13 12.02 36.38
N MET E 280 47.92 12.60 37.57
CA MET E 280 49.01 12.75 38.53
C MET E 280 49.53 11.40 39.03
N SER E 281 48.71 10.36 38.97
CA SER E 281 49.16 9.04 39.42
C SER E 281 50.08 8.41 38.38
N LYS E 282 51.00 7.57 38.87
CA LYS E 282 51.92 6.84 38.02
C LYS E 282 51.39 5.47 37.63
N LEU E 283 50.16 5.12 38.03
CA LEU E 283 49.59 3.82 37.79
C LEU E 283 48.63 3.87 36.60
N THR E 284 48.02 2.73 36.31
CA THR E 284 47.09 2.62 35.19
C THR E 284 45.89 1.78 35.60
N VAL E 285 44.70 2.22 35.21
CA VAL E 285 43.47 1.50 35.54
C VAL E 285 43.30 0.33 34.59
N LEU E 286 42.61 -0.70 35.06
CA LEU E 286 42.27 -1.83 34.20
C LEU E 286 41.32 -1.38 33.10
N ASN E 287 41.59 -1.84 31.88
CA ASN E 287 40.75 -1.47 30.75
C ASN E 287 39.44 -2.22 30.80
N SER E 288 38.34 -1.50 30.61
CA SER E 288 37.02 -2.12 30.54
C SER E 288 36.89 -2.89 29.23
N MET E 289 35.70 -3.48 29.04
CA MET E 289 35.38 -4.30 27.88
C MET E 289 36.24 -5.56 27.80
N HIS E 290 36.85 -5.95 28.91
CA HIS E 290 37.61 -7.18 29.02
C HIS E 290 36.80 -8.20 29.81
N SER E 291 36.69 -9.42 29.28
CA SER E 291 35.83 -10.42 29.91
C SER E 291 36.45 -11.00 31.17
N HIS E 292 37.77 -11.20 31.18
CA HIS E 292 38.44 -11.84 32.31
C HIS E 292 39.79 -11.18 32.54
N PHE E 293 40.30 -11.34 33.77
CA PHE E 293 41.60 -10.84 34.15
C PHE E 293 42.35 -11.91 34.94
N ILE E 294 43.66 -11.93 34.79
CA ILE E 294 44.56 -12.78 35.58
C ILE E 294 45.71 -11.88 36.04
N LEU E 295 45.62 -11.40 37.27
CA LEU E 295 46.66 -10.52 37.81
C LEU E 295 47.84 -11.36 38.29
N ALA E 296 49.03 -11.08 37.76
CA ALA E 296 50.24 -11.79 38.14
C ALA E 296 51.06 -10.92 39.08
N ASP E 297 51.38 -11.47 40.26
CA ASP E 297 52.10 -10.75 41.28
C ASP E 297 53.39 -11.49 41.63
N ASN E 298 54.45 -10.72 41.89
CA ASN E 298 55.72 -11.28 42.31
C ASN E 298 56.24 -10.67 43.61
N GLY E 299 55.60 -9.64 44.13
CA GLY E 299 56.04 -8.99 45.35
C GLY E 299 56.29 -7.51 45.16
N THR E 300 56.85 -7.14 44.01
CA THR E 300 57.10 -5.73 43.72
C THR E 300 55.80 -5.02 43.36
N THR E 301 55.83 -3.70 43.50
CA THR E 301 54.68 -2.85 43.21
C THR E 301 55.11 -1.68 42.35
N GLY E 302 54.27 -1.33 41.37
CA GLY E 302 54.56 -0.21 40.50
C GLY E 302 55.63 -0.46 39.46
N LYS E 303 55.93 -1.71 39.15
CA LYS E 303 56.96 -2.05 38.18
C LYS E 303 56.41 -3.04 37.16
N TYR E 304 56.89 -2.90 35.93
CA TYR E 304 56.55 -3.82 34.85
C TYR E 304 57.50 -5.01 34.83
N GLY E 305 57.09 -6.06 34.12
CA GLY E 305 57.94 -7.22 33.92
C GLY E 305 57.76 -8.32 34.94
N ALA E 306 56.51 -8.75 35.14
CA ALA E 306 56.23 -9.84 36.07
C ALA E 306 55.18 -10.82 35.54
N GLU E 307 54.81 -10.74 34.27
CA GLU E 307 53.77 -11.61 33.73
C GLU E 307 54.08 -12.17 32.35
N VAL E 308 55.21 -11.81 31.74
CA VAL E 308 55.52 -12.30 30.39
C VAL E 308 55.75 -13.80 30.39
N LYS E 309 56.50 -14.30 31.39
CA LYS E 309 56.80 -15.72 31.44
C LYS E 309 55.53 -16.55 31.63
N LEU E 310 54.64 -16.10 32.51
CA LEU E 310 53.40 -16.83 32.74
C LEU E 310 52.53 -16.84 31.49
N ARG E 311 52.44 -15.71 30.78
CA ARG E 311 51.65 -15.65 29.57
C ARG E 311 52.22 -16.57 28.49
N ARG E 312 53.54 -16.56 28.32
CA ARG E 312 54.17 -17.42 27.32
C ARG E 312 53.96 -18.89 27.65
N GLN E 313 54.13 -19.27 28.93
CA GLN E 313 53.93 -20.66 29.32
C GLN E 313 52.48 -21.08 29.15
N LEU E 314 51.54 -20.19 29.47
CA LEU E 314 50.13 -20.52 29.29
C LEU E 314 49.80 -20.71 27.81
N GLU E 315 50.34 -19.86 26.94
CA GLU E 315 50.13 -20.04 25.51
C GLU E 315 50.71 -21.36 25.02
N LYS E 316 51.92 -21.69 25.47
CA LYS E 316 52.55 -22.94 25.05
C LYS E 316 51.75 -24.15 25.53
N HIS E 317 51.24 -24.09 26.76
CA HIS E 317 50.45 -25.21 27.28
C HIS E 317 49.11 -25.33 26.57
N ILE E 318 48.49 -24.20 26.23
CA ILE E 318 47.22 -24.25 25.52
C ILE E 318 47.41 -24.79 24.10
N SER E 319 48.51 -24.43 23.45
CA SER E 319 48.77 -24.93 22.11
C SER E 319 48.91 -26.44 22.09
N LEU E 320 49.60 -27.00 23.09
CA LEU E 320 49.80 -28.44 23.15
C LEU E 320 48.51 -29.22 23.36
N GLN E 321 47.47 -28.58 23.88
CA GLN E 321 46.20 -29.26 24.07
C GLN E 321 45.61 -29.65 22.72
N LYS E 322 44.95 -30.80 22.69
CA LYS E 322 44.45 -31.38 21.46
C LYS E 322 43.02 -30.94 21.20
N ILE E 323 42.76 -30.43 19.99
CA ILE E 323 41.43 -30.01 19.59
C ILE E 323 40.59 -31.26 19.31
N ASN E 324 39.27 -31.08 19.18
CA ASN E 324 38.35 -32.20 19.06
C ASN E 324 38.54 -32.99 17.77
N THR E 325 39.26 -32.47 16.79
CA THR E 325 39.47 -33.21 15.55
C THR E 325 40.42 -34.38 15.78
N ARG E 326 40.20 -35.45 15.01
CA ARG E 326 41.01 -36.66 15.12
C ARG E 326 42.20 -36.68 14.17
N ILE E 327 42.41 -35.60 13.42
CA ILE E 327 43.60 -35.51 12.57
C ILE E 327 44.87 -35.45 13.44
N GLY E 328 44.79 -34.75 14.56
CA GLY E 328 45.94 -34.53 15.43
C GLY E 328 46.35 -33.08 15.56
N GLN E 329 45.64 -32.15 14.95
CA GLN E 329 46.00 -30.73 15.04
C GLN E 329 45.74 -30.21 16.45
N GLY E 330 46.64 -29.35 16.92
CA GLY E 330 46.44 -28.62 18.15
C GLY E 330 45.76 -27.29 17.92
N VAL E 331 45.62 -26.52 18.99
CA VAL E 331 45.03 -25.19 18.91
C VAL E 331 46.02 -24.27 18.23
N PRO E 332 45.68 -23.68 17.09
CA PRO E 332 46.63 -22.78 16.40
C PRO E 332 46.82 -21.49 17.16
N VAL E 333 48.00 -20.89 16.98
CA VAL E 333 48.36 -19.64 17.63
C VAL E 333 48.90 -18.68 16.59
N VAL E 334 48.48 -17.43 16.66
CA VAL E 334 48.97 -16.37 15.78
C VAL E 334 49.30 -15.16 16.64
N ALA E 335 50.20 -14.32 16.13
CA ALA E 335 50.66 -13.13 16.83
C ALA E 335 50.39 -11.89 15.98
N LEU E 336 49.85 -10.86 16.61
CA LEU E 336 49.56 -9.59 15.95
C LEU E 336 50.42 -8.50 16.57
N ILE E 337 51.10 -7.73 15.73
CA ILE E 337 52.07 -6.74 16.18
C ILE E 337 51.64 -5.37 15.68
N VAL E 338 51.52 -4.41 16.60
CA VAL E 338 51.21 -3.03 16.28
C VAL E 338 52.16 -2.14 17.07
N GLU E 339 52.72 -1.12 16.42
CA GLU E 339 53.65 -0.19 17.04
C GLU E 339 54.86 -0.93 17.59
N GLY E 340 54.83 -1.27 18.88
CA GLY E 340 55.91 -2.03 19.46
C GLY E 340 57.10 -1.15 19.85
N GLY E 341 58.28 -1.77 19.86
CA GLY E 341 59.50 -1.10 20.22
C GLY E 341 60.70 -2.01 20.14
N PRO E 342 61.76 -1.69 20.88
CA PRO E 342 62.94 -2.56 20.89
C PRO E 342 62.65 -3.97 21.39
N ASN E 343 61.73 -4.13 22.34
CA ASN E 343 61.39 -5.46 22.82
C ASN E 343 60.60 -6.25 21.79
N VAL E 344 59.90 -5.56 20.87
CA VAL E 344 59.07 -6.27 19.90
C VAL E 344 59.93 -7.10 18.95
N ILE E 345 61.13 -6.63 18.62
CA ILE E 345 62.02 -7.40 17.75
C ILE E 345 62.41 -8.71 18.44
N SER E 346 62.77 -8.63 19.71
CA SER E 346 63.11 -9.84 20.47
C SER E 346 61.90 -10.77 20.59
N ILE E 347 60.71 -10.21 20.81
CA ILE E 347 59.52 -11.02 20.98
C ILE E 347 59.19 -11.76 19.68
N VAL E 348 59.25 -11.06 18.55
CA VAL E 348 58.95 -11.72 17.27
C VAL E 348 60.05 -12.73 16.94
N LEU E 349 61.30 -12.46 17.29
CA LEU E 349 62.36 -13.44 17.08
C LEU E 349 62.09 -14.69 17.90
N GLU E 350 61.67 -14.53 19.15
CA GLU E 350 61.35 -15.69 19.98
C GLU E 350 60.16 -16.46 19.42
N TYR E 351 59.13 -15.74 18.96
CA TYR E 351 57.96 -16.42 18.39
C TYR E 351 58.33 -17.21 17.14
N LEU E 352 59.15 -16.64 16.26
CA LEU E 352 59.55 -17.35 15.05
C LEU E 352 60.40 -18.58 15.37
N ARG E 353 61.31 -18.46 16.33
CA ARG E 353 62.24 -19.54 16.63
C ARG E 353 61.60 -20.70 17.37
N ASP E 354 60.34 -20.58 17.79
CA ASP E 354 59.68 -21.68 18.49
C ASP E 354 59.59 -22.90 17.58
N THR E 355 59.72 -24.08 18.19
CA THR E 355 59.70 -25.32 17.39
C THR E 355 58.41 -25.48 16.60
N PRO E 356 57.22 -25.27 17.17
CA PRO E 356 56.03 -25.02 16.33
C PRO E 356 55.91 -23.55 15.98
N PRO E 357 56.58 -23.09 14.93
CA PRO E 357 56.70 -21.65 14.71
C PRO E 357 55.34 -20.97 14.58
N VAL E 358 55.25 -19.78 15.16
CA VAL E 358 54.00 -19.03 15.24
C VAL E 358 54.02 -17.95 14.15
N PRO E 359 53.05 -17.91 13.24
CA PRO E 359 53.02 -16.84 12.25
C PRO E 359 52.82 -15.49 12.91
N VAL E 360 53.35 -14.45 12.27
CA VAL E 360 53.34 -13.09 12.82
C VAL E 360 52.72 -12.16 11.80
N VAL E 361 51.82 -11.30 12.26
CA VAL E 361 51.17 -10.29 11.42
C VAL E 361 51.62 -8.92 11.89
N VAL E 362 52.10 -8.10 10.97
CA VAL E 362 52.69 -6.80 11.28
C VAL E 362 51.90 -5.72 10.55
N CYS E 363 51.60 -4.63 11.25
CA CYS E 363 50.92 -3.48 10.68
C CYS E 363 51.96 -2.43 10.31
N ASP E 364 52.03 -2.10 9.01
CA ASP E 364 53.07 -1.20 8.53
C ASP E 364 52.79 0.25 8.92
N GLY E 365 51.53 0.65 8.99
CA GLY E 365 51.17 2.03 9.23
C GLY E 365 51.28 2.51 10.67
N SER E 366 51.75 1.66 11.58
CA SER E 366 51.85 2.06 12.97
C SER E 366 52.93 3.13 13.16
N GLY E 367 54.11 2.91 12.61
CA GLY E 367 55.18 3.90 12.70
C GLY E 367 56.41 3.42 13.45
N ARG E 368 56.19 2.65 14.53
CA ARG E 368 57.28 2.17 15.37
C ARG E 368 57.93 0.94 14.75
N ALA E 369 58.67 0.18 15.55
CA ALA E 369 59.46 -0.96 15.06
C ALA E 369 58.67 -1.91 14.17
N SER E 370 57.33 -1.91 14.27
CA SER E 370 56.55 -2.64 13.29
C SER E 370 56.74 -2.08 11.89
N ASP E 371 56.77 -0.75 11.78
CA ASP E 371 57.01 -0.12 10.49
C ASP E 371 58.40 -0.43 9.97
N ILE E 372 59.40 -0.46 10.86
CA ILE E 372 60.75 -0.82 10.42
C ILE E 372 60.81 -2.30 10.05
N LEU E 373 60.00 -3.14 10.71
CA LEU E 373 59.93 -4.55 10.30
C LEU E 373 59.35 -4.68 8.90
N ALA E 374 58.30 -3.90 8.60
CA ALA E 374 57.77 -3.90 7.24
C ALA E 374 58.79 -3.35 6.25
N PHE E 375 59.53 -2.32 6.65
CA PHE E 375 60.56 -1.75 5.78
C PHE E 375 61.64 -2.78 5.45
N GLY E 376 62.08 -3.54 6.45
CA GLY E 376 63.04 -4.60 6.22
C GLY E 376 62.46 -5.80 5.50
N HIS E 377 61.14 -6.00 5.55
CA HIS E 377 60.52 -7.11 4.84
C HIS E 377 60.68 -6.95 3.34
N LYS E 378 60.52 -5.73 2.82
CA LYS E 378 60.70 -5.47 1.41
C LYS E 378 62.18 -5.47 1.05
N TYR E 379 62.47 -5.78 -0.22
CA TYR E 379 63.82 -5.86 -0.77
C TYR E 379 64.80 -6.53 0.20
N SER E 380 64.43 -7.72 0.65
CA SER E 380 65.24 -8.50 1.55
C SER E 380 65.97 -9.59 0.76
N GLU E 381 66.68 -10.46 1.48
CA GLU E 381 67.44 -11.54 0.84
C GLU E 381 66.53 -12.68 0.41
N VAL E 396 72.10 -2.27 3.10
CA VAL E 396 71.05 -1.36 3.53
C VAL E 396 71.22 -1.04 5.02
N THR E 397 72.41 -0.56 5.39
CA THR E 397 72.71 -0.22 6.78
C THR E 397 72.52 1.26 7.08
N ILE E 398 72.89 2.15 6.14
CA ILE E 398 72.69 3.58 6.35
C ILE E 398 71.21 3.92 6.35
N GLN E 399 70.43 3.28 5.47
CA GLN E 399 68.99 3.50 5.45
C GLN E 399 68.33 2.91 6.70
N LYS E 400 68.93 1.89 7.29
CA LYS E 400 68.37 1.28 8.49
C LYS E 400 68.58 2.15 9.73
N THR E 401 69.54 3.06 9.69
CA THR E 401 69.78 3.97 10.82
C THR E 401 68.59 4.91 10.96
N PHE E 402 67.84 4.77 12.06
CA PHE E 402 66.64 5.56 12.27
C PHE E 402 66.62 6.31 13.58
N THR E 403 67.71 6.29 14.34
CA THR E 403 67.87 7.00 15.61
C THR E 403 66.88 6.56 16.68
N TYR E 404 66.12 5.48 16.43
CA TYR E 404 65.26 4.91 17.47
C TYR E 404 66.05 4.26 18.58
N THR E 405 67.35 4.03 18.37
CA THR E 405 68.26 3.49 19.37
C THR E 405 69.45 4.44 19.50
N ARG E 406 70.54 3.99 20.11
CA ARG E 406 71.69 4.85 20.37
C ARG E 406 72.35 5.18 19.03
N THR E 407 71.75 6.14 18.33
CA THR E 407 72.24 6.68 17.07
C THR E 407 72.62 5.58 16.09
N GLN E 408 73.74 5.77 15.38
CA GLN E 408 74.29 4.74 14.51
C GLN E 408 75.29 3.85 15.25
N ALA E 409 75.61 4.17 16.50
CA ALA E 409 76.50 3.33 17.28
C ALA E 409 75.82 2.06 17.79
N GLN E 410 74.49 2.03 17.81
CA GLN E 410 73.75 0.84 18.19
C GLN E 410 72.93 0.39 16.98
N HIS E 411 73.24 -0.80 16.48
CA HIS E 411 72.51 -1.41 15.38
C HIS E 411 71.91 -2.73 15.85
N LEU E 412 70.60 -2.90 15.62
CA LEU E 412 69.89 -4.12 15.94
C LEU E 412 69.94 -5.14 14.82
N PHE E 413 70.97 -5.07 13.96
CA PHE E 413 71.01 -5.89 12.76
C PHE E 413 71.03 -7.38 13.10
N ILE E 414 71.63 -7.77 14.23
CA ILE E 414 71.72 -9.20 14.54
C ILE E 414 70.32 -9.78 14.72
N ILE E 415 69.51 -9.16 15.58
CA ILE E 415 68.16 -9.66 15.81
C ILE E 415 67.29 -9.44 14.57
N LEU E 416 67.49 -8.33 13.86
CA LEU E 416 66.68 -8.06 12.68
C LEU E 416 66.91 -9.12 11.60
N MET E 417 68.16 -9.52 11.38
CA MET E 417 68.46 -10.54 10.39
C MET E 417 68.08 -11.93 10.88
N GLU E 418 68.16 -12.18 12.20
CA GLU E 418 67.64 -13.44 12.71
C GLU E 418 66.13 -13.54 12.49
N CYS E 419 65.43 -12.41 12.58
CA CYS E 419 64.01 -12.40 12.23
C CYS E 419 63.80 -12.62 10.73
N MET E 420 64.55 -11.87 9.91
CA MET E 420 64.36 -11.91 8.47
C MET E 420 64.82 -13.21 7.82
N LYS E 421 65.60 -14.04 8.52
CA LYS E 421 66.00 -15.32 7.97
C LYS E 421 64.78 -16.20 7.72
N LYS E 422 63.87 -16.26 8.69
CA LYS E 422 62.59 -16.93 8.53
C LYS E 422 61.48 -15.92 8.21
N LYS E 423 61.63 -15.26 7.07
CA LYS E 423 60.70 -14.21 6.66
C LYS E 423 59.46 -14.75 5.96
N GLU E 424 59.40 -16.05 5.68
CA GLU E 424 58.21 -16.60 5.05
C GLU E 424 57.02 -16.64 6.01
N LEU E 425 57.29 -16.82 7.30
CA LEU E 425 56.20 -16.87 8.28
C LEU E 425 55.62 -15.48 8.54
N ILE E 426 56.47 -14.45 8.54
CA ILE E 426 56.00 -13.09 8.79
C ILE E 426 55.10 -12.65 7.64
N THR E 427 53.94 -12.10 7.98
CA THR E 427 52.96 -11.64 7.00
C THR E 427 52.64 -10.18 7.30
N VAL E 428 53.28 -9.27 6.58
CA VAL E 428 53.03 -7.84 6.75
C VAL E 428 51.65 -7.50 6.19
N PHE E 429 51.13 -6.33 6.54
CA PHE E 429 49.81 -5.92 6.08
C PHE E 429 49.86 -4.45 5.66
N ARG E 430 49.19 -4.16 4.54
CA ARG E 430 49.01 -2.79 4.07
C ARG E 430 47.54 -2.61 3.70
N MET E 431 46.94 -1.53 4.20
CA MET E 431 45.49 -1.37 4.10
C MET E 431 45.03 -1.25 2.65
N GLY E 432 45.78 -0.52 1.83
CA GLY E 432 45.36 -0.29 0.46
C GLY E 432 46.45 -0.39 -0.58
N SER E 433 47.66 -0.76 -0.17
CA SER E 433 48.79 -0.79 -1.11
C SER E 433 48.74 -2.02 -2.00
N GLU E 434 48.84 -3.21 -1.41
CA GLU E 434 48.89 -4.45 -2.17
C GLU E 434 48.57 -5.61 -1.24
N GLY E 435 48.63 -6.82 -1.78
CA GLY E 435 48.38 -8.01 -0.99
C GLY E 435 46.97 -8.03 -0.43
N HIS E 436 46.85 -8.49 0.81
CA HIS E 436 45.56 -8.51 1.48
C HIS E 436 45.21 -7.12 2.01
N GLN E 437 43.95 -6.73 1.83
CA GLN E 437 43.46 -5.47 2.35
C GLN E 437 42.58 -5.63 3.59
N ASP E 438 42.22 -6.86 3.95
CA ASP E 438 41.39 -7.14 5.10
C ASP E 438 42.22 -7.88 6.15
N ILE E 439 42.27 -7.33 7.37
CA ILE E 439 43.00 -8.00 8.45
C ILE E 439 42.33 -9.31 8.82
N ASP E 440 40.99 -9.38 8.74
CA ASP E 440 40.30 -10.63 9.03
C ASP E 440 40.76 -11.75 8.10
N LEU E 441 40.92 -11.44 6.81
CA LEU E 441 41.45 -12.43 5.88
C LEU E 441 42.93 -12.67 6.12
N ALA E 442 43.67 -11.62 6.51
CA ALA E 442 45.11 -11.77 6.70
C ALA E 442 45.44 -12.72 7.84
N ILE E 443 44.70 -12.62 8.96
CA ILE E 443 45.00 -13.44 10.12
C ILE E 443 44.74 -14.91 9.82
N LEU E 444 43.61 -15.23 9.18
CA LEU E 444 43.25 -16.62 8.96
C LEU E 444 44.15 -17.28 7.92
N THR E 445 44.56 -16.54 6.89
CA THR E 445 45.41 -17.12 5.87
C THR E 445 46.81 -17.43 6.40
N ALA E 446 47.26 -16.68 7.42
CA ALA E 446 48.56 -16.95 8.01
C ALA E 446 48.60 -18.32 8.68
N LEU E 447 47.51 -18.71 9.34
CA LEU E 447 47.45 -19.99 10.03
C LEU E 447 47.39 -21.16 9.06
N LEU E 448 46.96 -20.94 7.82
CA LEU E 448 46.87 -22.01 6.85
C LEU E 448 48.22 -22.27 6.18
N LYS E 449 48.81 -21.23 5.57
CA LYS E 449 50.11 -21.40 4.93
C LYS E 449 51.23 -21.54 5.94
N GLY E 450 51.07 -20.98 7.14
CA GLY E 450 52.11 -21.06 8.15
C GLY E 450 52.22 -22.42 8.80
N ALA E 451 51.15 -23.21 8.78
CA ALA E 451 51.19 -24.55 9.35
C ALA E 451 51.96 -25.53 8.48
N ASN E 452 52.08 -25.27 7.18
CA ASN E 452 52.72 -26.17 6.23
C ASN E 452 52.09 -27.56 6.29
N ALA E 453 50.77 -27.60 6.41
CA ALA E 453 50.03 -28.84 6.50
C ALA E 453 49.39 -29.18 5.16
N SER E 454 48.94 -30.42 5.04
CA SER E 454 48.33 -30.90 3.80
C SER E 454 46.92 -30.34 3.65
N ALA E 455 46.35 -30.55 2.46
CA ALA E 455 45.00 -30.06 2.19
C ALA E 455 43.95 -30.61 3.14
N PRO E 456 43.94 -31.92 3.50
CA PRO E 456 42.95 -32.37 4.50
C PRO E 456 43.03 -31.63 5.82
N ASP E 457 44.23 -31.28 6.28
CA ASP E 457 44.36 -30.57 7.55
C ASP E 457 43.78 -29.16 7.44
N GLN E 458 44.06 -28.46 6.34
CA GLN E 458 43.48 -27.14 6.13
C GLN E 458 41.96 -27.22 6.05
N LEU E 459 41.44 -28.24 5.36
CA LEU E 459 40.00 -28.40 5.26
C LEU E 459 39.38 -28.67 6.61
N SER E 460 40.03 -29.48 7.43
CA SER E 460 39.54 -29.75 8.78
C SER E 460 39.53 -28.48 9.63
N LEU E 461 40.59 -27.67 9.53
CA LEU E 461 40.64 -26.42 10.28
C LEU E 461 39.52 -25.47 9.82
N ALA E 462 39.31 -25.37 8.50
CA ALA E 462 38.25 -24.52 7.99
C ALA E 462 36.87 -25.01 8.43
N LEU E 463 36.68 -26.33 8.45
CA LEU E 463 35.42 -26.91 8.92
C LEU E 463 35.20 -26.60 10.39
N ALA E 464 36.26 -26.68 11.19
CA ALA E 464 36.16 -26.34 12.61
C ALA E 464 35.81 -24.87 12.80
N TRP E 465 36.41 -23.99 12.00
CA TRP E 465 36.13 -22.56 12.08
C TRP E 465 34.81 -22.17 11.45
N ASN E 466 34.15 -23.08 10.72
CA ASN E 466 32.90 -22.79 10.02
C ASN E 466 33.07 -21.63 9.05
N ARG E 467 34.20 -21.61 8.36
CA ARG E 467 34.49 -20.62 7.32
C ARG E 467 34.55 -21.36 5.99
N VAL E 468 33.58 -21.11 5.12
CA VAL E 468 33.48 -21.83 3.86
C VAL E 468 34.14 -21.02 2.75
N ASP E 469 34.15 -19.69 2.89
CA ASP E 469 34.81 -18.84 1.90
C ASP E 469 36.31 -19.08 1.89
N ILE E 470 36.91 -19.27 3.07
CA ILE E 470 38.35 -19.54 3.15
C ILE E 470 38.68 -20.84 2.43
N ALA E 471 37.88 -21.89 2.68
CA ALA E 471 38.12 -23.17 2.02
C ALA E 471 37.91 -23.05 0.51
N ARG E 472 36.91 -22.29 0.08
CA ARG E 472 36.64 -22.13 -1.34
C ARG E 472 37.78 -21.40 -2.03
N SER E 473 38.32 -20.36 -1.41
CA SER E 473 39.35 -19.53 -2.04
C SER E 473 40.76 -20.07 -1.82
N GLN E 474 41.09 -20.43 -0.56
CA GLN E 474 42.45 -20.82 -0.23
C GLN E 474 42.74 -22.30 -0.48
N ILE E 475 41.81 -23.18 -0.10
CA ILE E 475 42.10 -24.61 -0.12
C ILE E 475 41.84 -25.19 -1.50
N PHE E 476 40.60 -25.10 -1.98
CA PHE E 476 40.27 -25.68 -3.28
C PHE E 476 40.81 -24.80 -4.41
N ILE E 477 42.01 -25.15 -4.89
CA ILE E 477 42.69 -24.37 -5.92
C ILE E 477 43.15 -25.30 -7.03
N TYR E 478 43.91 -24.75 -7.98
CA TYR E 478 44.38 -25.49 -9.15
C TYR E 478 45.29 -26.64 -8.76
N GLY E 479 44.81 -27.88 -8.87
CA GLY E 479 45.64 -29.05 -8.64
C GLY E 479 46.07 -29.26 -7.21
N GLN E 480 45.13 -29.59 -6.32
CA GLN E 480 45.45 -29.84 -4.93
C GLN E 480 45.87 -31.27 -4.63
N GLN E 481 45.77 -32.16 -5.62
CA GLN E 481 46.14 -33.59 -5.51
C GLN E 481 45.71 -34.19 -4.17
N TRP E 482 44.39 -34.19 -3.96
CA TRP E 482 43.84 -34.75 -2.73
C TRP E 482 44.15 -36.24 -2.65
N PRO E 483 44.44 -36.77 -1.46
CA PRO E 483 44.65 -38.20 -1.31
C PRO E 483 43.37 -39.00 -1.56
N VAL E 484 43.49 -40.32 -1.56
CA VAL E 484 42.34 -41.20 -1.82
C VAL E 484 41.54 -41.34 -0.53
N GLY E 485 40.25 -41.01 -0.61
CA GLY E 485 39.35 -41.13 0.52
C GLY E 485 39.32 -39.95 1.46
N SER E 486 40.07 -38.88 1.18
CA SER E 486 40.06 -37.73 2.07
C SER E 486 38.74 -36.97 2.00
N LEU E 487 38.20 -36.80 0.78
CA LEU E 487 36.96 -36.04 0.63
C LEU E 487 35.77 -36.75 1.26
N GLU E 488 35.73 -38.08 1.19
CA GLU E 488 34.64 -38.80 1.85
C GLU E 488 34.71 -38.65 3.37
N GLN E 489 35.91 -38.69 3.93
CA GLN E 489 36.07 -38.46 5.37
C GLN E 489 35.67 -37.03 5.73
N ALA E 490 36.01 -36.06 4.88
CA ALA E 490 35.60 -34.69 5.12
C ALA E 490 34.09 -34.54 5.09
N MET E 491 33.43 -35.22 4.14
CA MET E 491 31.98 -35.19 4.08
C MET E 491 31.35 -35.83 5.32
N LEU E 492 31.92 -36.93 5.79
CA LEU E 492 31.42 -37.57 7.00
C LEU E 492 31.58 -36.65 8.21
N ASP E 493 32.71 -35.95 8.30
CA ASP E 493 32.92 -35.03 9.40
C ASP E 493 32.01 -33.81 9.32
N ALA E 494 31.68 -33.36 8.09
CA ALA E 494 30.82 -32.20 7.93
C ALA E 494 29.36 -32.53 8.17
N LEU E 495 28.93 -33.75 7.85
CA LEU E 495 27.53 -34.13 8.06
C LEU E 495 27.16 -34.10 9.54
N VAL E 496 28.04 -34.62 10.41
CA VAL E 496 27.72 -34.69 11.82
C VAL E 496 27.77 -33.32 12.50
N LEU E 497 28.45 -32.34 11.89
CA LEU E 497 28.56 -31.01 12.45
C LEU E 497 27.50 -30.04 11.93
N ASP E 498 26.58 -30.51 11.08
CA ASP E 498 25.53 -29.68 10.51
C ASP E 498 26.11 -28.49 9.74
N ARG E 499 27.09 -28.78 8.89
CA ARG E 499 27.72 -27.77 8.03
C ARG E 499 27.15 -27.95 6.63
N VAL E 500 26.04 -27.25 6.36
CA VAL E 500 25.36 -27.42 5.08
C VAL E 500 26.21 -26.87 3.93
N ASP E 501 26.85 -25.72 4.14
CA ASP E 501 27.64 -25.11 3.08
C ASP E 501 28.84 -25.99 2.72
N PHE E 502 29.46 -26.64 3.71
CA PHE E 502 30.58 -27.53 3.41
C PHE E 502 30.11 -28.77 2.68
N VAL E 503 28.93 -29.29 3.02
CA VAL E 503 28.37 -30.42 2.28
C VAL E 503 28.14 -30.04 0.83
N LYS E 504 27.57 -28.85 0.59
CA LYS E 504 27.34 -28.39 -0.77
C LYS E 504 28.65 -28.21 -1.53
N LEU E 505 29.66 -27.64 -0.86
CA LEU E 505 30.97 -27.45 -1.51
C LEU E 505 31.61 -28.77 -1.87
N LEU E 506 31.54 -29.76 -0.97
CA LEU E 506 32.14 -31.05 -1.26
C LEU E 506 31.38 -31.78 -2.37
N ILE E 507 30.05 -31.63 -2.40
CA ILE E 507 29.27 -32.20 -3.49
C ILE E 507 29.68 -31.57 -4.81
N GLU E 508 29.91 -30.26 -4.81
CA GLU E 508 30.36 -29.58 -6.03
C GLU E 508 31.77 -29.97 -6.46
N ASN E 509 32.52 -30.69 -5.63
CA ASN E 509 33.91 -31.02 -5.89
C ASN E 509 34.13 -32.53 -6.00
N GLY E 510 33.24 -33.23 -6.68
CA GLY E 510 33.43 -34.61 -7.05
C GLY E 510 32.81 -35.64 -6.13
N VAL E 511 32.45 -35.25 -4.91
CA VAL E 511 31.89 -36.21 -3.96
C VAL E 511 30.49 -36.61 -4.42
N SER E 512 30.24 -37.91 -4.46
CA SER E 512 28.96 -38.47 -4.89
C SER E 512 28.34 -39.26 -3.74
N MET E 513 27.05 -39.03 -3.49
CA MET E 513 26.36 -39.69 -2.40
C MET E 513 26.01 -41.14 -2.72
N HIS E 514 25.99 -41.53 -4.00
CA HIS E 514 25.65 -42.90 -4.35
C HIS E 514 26.74 -43.87 -3.92
N ARG E 515 27.99 -43.41 -3.83
CA ARG E 515 29.10 -44.24 -3.39
C ARG E 515 29.53 -43.96 -1.97
N PHE E 516 29.30 -42.73 -1.49
CA PHE E 516 29.69 -42.37 -0.13
C PHE E 516 28.83 -43.09 0.91
N LEU E 517 27.51 -43.06 0.72
CA LEU E 517 26.59 -43.53 1.76
C LEU E 517 26.56 -45.06 1.79
N THR E 518 26.73 -45.61 2.98
CA THR E 518 26.64 -47.04 3.22
C THR E 518 25.85 -47.28 4.51
N ILE E 519 25.62 -48.54 4.84
CA ILE E 519 24.90 -48.86 6.06
C ILE E 519 25.70 -48.43 7.29
N SER E 520 27.01 -48.72 7.29
CA SER E 520 27.84 -48.35 8.43
C SER E 520 27.90 -46.84 8.62
N ARG E 521 28.08 -46.09 7.52
CA ARG E 521 28.12 -44.63 7.63
C ARG E 521 26.77 -44.07 8.09
N LEU E 522 25.67 -44.65 7.60
CA LEU E 522 24.36 -44.19 8.04
C LEU E 522 24.16 -44.44 9.53
N GLU E 523 24.58 -45.61 10.02
CA GLU E 523 24.47 -45.89 11.45
C GLU E 523 25.35 -44.95 12.26
N GLU E 524 26.55 -44.64 11.77
CA GLU E 524 27.40 -43.67 12.46
C GLU E 524 26.74 -42.30 12.51
N LEU E 525 26.06 -41.92 11.42
CA LEU E 525 25.33 -40.66 11.40
C LEU E 525 24.20 -40.66 12.42
N TYR E 526 23.49 -41.78 12.55
CA TYR E 526 22.36 -41.86 13.47
C TYR E 526 22.79 -41.88 14.93
N ASN E 527 24.07 -42.07 15.22
CA ASN E 527 24.56 -42.14 16.60
C ASN E 527 25.55 -41.02 16.90
N THR E 528 25.38 -39.86 16.29
CA THR E 528 26.28 -38.74 16.52
C THR E 528 25.79 -37.89 17.69
N ARG E 529 26.66 -36.99 18.14
CA ARG E 529 26.35 -36.10 19.25
C ARG E 529 26.76 -34.66 18.99
N HIS E 530 27.38 -34.35 17.85
CA HIS E 530 27.90 -33.02 17.57
C HIS E 530 26.87 -32.13 16.88
N GLY E 531 25.68 -32.02 17.46
CA GLY E 531 24.63 -31.23 16.88
C GLY E 531 23.59 -30.78 17.88
N PRO E 532 22.55 -30.09 17.40
CA PRO E 532 21.49 -29.65 18.31
C PRO E 532 20.72 -30.82 18.90
N SER E 533 20.16 -30.58 20.08
CA SER E 533 19.45 -31.63 20.80
C SER E 533 18.20 -32.06 20.03
N ASN E 534 17.89 -33.36 20.11
CA ASN E 534 16.73 -33.93 19.45
C ASN E 534 16.02 -34.87 20.41
N THR E 535 14.83 -35.31 20.00
CA THR E 535 13.99 -36.17 20.82
C THR E 535 13.96 -37.61 20.31
N LEU E 536 14.95 -38.02 19.52
CA LEU E 536 14.96 -39.36 18.95
C LEU E 536 15.07 -40.44 20.03
N TYR E 537 15.92 -40.22 21.03
CA TYR E 537 16.18 -41.25 22.03
C TYR E 537 14.92 -41.53 22.86
N HIS E 538 14.14 -40.49 23.17
CA HIS E 538 12.90 -40.71 23.90
C HIS E 538 11.92 -41.55 23.10
N LEU E 539 11.80 -41.28 21.79
CA LEU E 539 10.93 -42.09 20.94
C LEU E 539 11.41 -43.53 20.88
N VAL E 540 12.73 -43.74 20.76
CA VAL E 540 13.27 -45.09 20.71
C VAL E 540 12.98 -45.83 22.01
N ARG E 541 13.16 -45.15 23.16
CA ARG E 541 12.88 -45.78 24.43
C ARG E 541 11.41 -46.13 24.57
N ASP E 542 10.51 -45.24 24.14
CA ASP E 542 9.08 -45.52 24.21
C ASP E 542 8.69 -46.69 23.32
N VAL E 543 9.28 -46.76 22.12
CA VAL E 543 8.97 -47.87 21.22
C VAL E 543 9.46 -49.19 21.80
N LYS E 544 10.65 -49.19 22.40
CA LYS E 544 11.22 -50.39 23.00
C LYS E 544 10.66 -50.70 24.39
N LYS E 545 9.52 -50.10 24.74
CA LYS E 545 8.82 -50.35 26.00
C LYS E 545 9.69 -49.99 27.21
N GLY E 546 10.57 -49.02 27.05
CA GLY E 546 11.40 -48.56 28.16
C GLY E 546 12.28 -49.62 28.77
N ASN E 547 12.89 -50.47 27.93
CA ASN E 547 13.73 -51.55 28.41
C ASN E 547 15.14 -51.51 27.83
N LEU E 548 15.52 -50.41 27.18
CA LEU E 548 16.86 -50.33 26.61
C LEU E 548 17.91 -50.22 27.70
N PRO E 549 19.08 -50.80 27.48
CA PRO E 549 20.18 -50.63 28.42
C PRO E 549 20.75 -49.23 28.36
N PRO E 550 21.43 -48.76 29.40
CA PRO E 550 22.06 -47.44 29.35
C PRO E 550 23.12 -47.39 28.25
N ASP E 551 23.31 -46.18 27.71
CA ASP E 551 24.23 -45.91 26.59
C ASP E 551 24.11 -46.97 25.49
N TYR E 552 22.87 -47.27 25.13
CA TYR E 552 22.59 -48.23 24.07
C TYR E 552 22.89 -47.61 22.70
N ARG E 553 23.24 -48.47 21.74
CA ARG E 553 23.56 -48.05 20.39
C ARG E 553 22.38 -48.34 19.47
N ILE E 554 21.93 -47.32 18.75
CA ILE E 554 20.74 -47.44 17.91
C ILE E 554 21.12 -48.07 16.57
N SER E 555 20.33 -49.04 16.14
CA SER E 555 20.49 -49.69 14.84
C SER E 555 19.39 -49.21 13.90
N LEU E 556 19.45 -49.72 12.66
CA LEU E 556 18.47 -49.29 11.65
C LEU E 556 17.10 -49.92 11.88
N ILE E 557 17.05 -51.08 12.54
CA ILE E 557 15.75 -51.70 12.82
C ILE E 557 14.96 -50.87 13.81
N ASP E 558 15.64 -50.29 14.80
CA ASP E 558 14.96 -49.39 15.74
C ASP E 558 14.42 -48.16 15.02
N ILE E 559 15.20 -47.61 14.09
CA ILE E 559 14.74 -46.46 13.31
C ILE E 559 13.52 -46.85 12.47
N GLY E 560 13.54 -48.04 11.88
CA GLY E 560 12.38 -48.50 11.13
C GLY E 560 11.15 -48.65 12.00
N LEU E 561 11.32 -49.19 13.21
CA LEU E 561 10.19 -49.29 14.12
C LEU E 561 9.66 -47.92 14.52
N VAL E 562 10.55 -46.96 14.75
CA VAL E 562 10.12 -45.60 15.08
C VAL E 562 9.34 -44.99 13.92
N ILE E 563 9.82 -45.20 12.69
CA ILE E 563 9.13 -44.67 11.52
C ILE E 563 7.75 -45.30 11.38
N GLU E 564 7.66 -46.62 11.59
CA GLU E 564 6.36 -47.29 11.51
C GLU E 564 5.40 -46.77 12.58
N TYR E 565 5.91 -46.54 13.79
CA TYR E 565 5.06 -46.00 14.84
C TYR E 565 4.58 -44.58 14.52
N LEU E 566 5.46 -43.76 13.96
CA LEU E 566 5.11 -42.37 13.69
C LEU E 566 4.14 -42.24 12.50
N MET E 567 4.40 -42.98 11.42
CA MET E 567 3.63 -42.79 10.20
C MET E 567 2.16 -43.14 10.39
N GLY E 568 1.88 -44.25 11.05
CA GLY E 568 0.49 -44.63 11.28
C GLY E 568 0.37 -46.13 11.49
N GLY E 569 -0.83 -46.64 11.19
CA GLY E 569 -1.15 -48.03 11.42
C GLY E 569 -0.62 -49.01 10.41
N ALA E 570 -1.05 -48.86 9.15
CA ALA E 570 -0.73 -49.82 8.10
C ALA E 570 0.61 -49.55 7.43
N TYR E 571 1.32 -48.49 7.80
CA TYR E 571 2.59 -48.18 7.17
C TYR E 571 3.65 -49.20 7.54
N ARG E 572 4.45 -49.58 6.56
CA ARG E 572 5.53 -50.56 6.75
C ARG E 572 6.82 -49.96 6.23
N CYS E 573 7.80 -49.79 7.12
CA CYS E 573 9.08 -49.24 6.73
C CYS E 573 9.91 -50.28 5.97
N ASN E 574 10.82 -49.79 5.12
CA ASN E 574 11.65 -50.69 4.34
C ASN E 574 12.74 -51.35 5.17
N TYR E 575 13.09 -50.79 6.33
CA TYR E 575 14.12 -51.37 7.17
C TYR E 575 13.66 -52.68 7.81
N THR E 576 12.38 -52.78 8.16
CA THR E 576 11.85 -53.93 8.86
C THR E 576 11.44 -55.07 7.92
N ARG E 577 11.57 -54.88 6.62
CA ARG E 577 11.22 -55.95 5.69
C ARG E 577 12.26 -57.07 5.75
N LYS E 578 11.82 -58.26 5.31
CA LYS E 578 12.64 -59.46 5.51
C LYS E 578 13.93 -59.40 4.71
N ARG E 579 13.89 -58.85 3.49
CA ARG E 579 15.10 -58.79 2.68
C ARG E 579 16.18 -57.95 3.35
N PHE E 580 15.80 -56.79 3.88
CA PHE E 580 16.78 -55.95 4.56
C PHE E 580 17.28 -56.60 5.84
N ARG E 581 16.40 -57.31 6.55
CA ARG E 581 16.85 -58.01 7.76
C ARG E 581 17.86 -59.11 7.42
N THR E 582 17.62 -59.85 6.33
CA THR E 582 18.58 -60.87 5.90
C THR E 582 19.90 -60.23 5.50
N LEU E 583 19.84 -59.12 4.76
CA LEU E 583 21.08 -58.45 4.34
C LEU E 583 21.83 -57.86 5.52
N TYR E 584 21.11 -57.47 6.57
CA TYR E 584 21.71 -56.85 7.75
C TYR E 584 22.28 -57.88 8.72
N HIS E 585 21.64 -59.03 8.86
CA HIS E 585 22.15 -60.07 9.76
C HIS E 585 23.37 -60.77 9.17
N ASN E 586 23.47 -60.82 7.84
CA ASN E 586 24.58 -61.48 7.17
C ASN E 586 25.69 -60.51 6.77
N LEU E 587 25.87 -59.44 7.54
CA LEU E 587 26.92 -58.47 7.26
C LEU E 587 27.26 -57.67 8.51
N ASN E 631 26.00 -51.64 2.64
CA ASN E 631 26.24 -52.13 1.29
C ASN E 631 26.05 -51.02 0.26
N HIS E 632 24.79 -50.71 -0.05
CA HIS E 632 24.48 -49.70 -1.04
C HIS E 632 23.05 -49.24 -0.85
N PHE E 633 22.75 -48.07 -1.40
CA PHE E 633 21.40 -47.52 -1.40
C PHE E 633 21.07 -46.96 -2.77
N PRO E 634 20.05 -47.49 -3.45
CA PRO E 634 19.68 -46.95 -4.76
C PRO E 634 19.28 -45.50 -4.74
N PHE E 635 18.64 -45.04 -3.65
CA PHE E 635 18.19 -43.65 -3.52
C PHE E 635 18.69 -43.11 -2.18
N PRO E 636 19.97 -42.72 -2.12
CA PRO E 636 20.54 -42.28 -0.84
C PRO E 636 19.86 -41.06 -0.25
N PHE E 637 19.36 -40.15 -1.10
CA PHE E 637 18.76 -38.93 -0.58
C PHE E 637 17.47 -39.19 0.20
N HIS E 638 16.76 -40.27 -0.08
CA HIS E 638 15.61 -40.63 0.74
C HIS E 638 16.04 -40.87 2.19
N GLU E 639 17.05 -41.71 2.39
CA GLU E 639 17.56 -41.99 3.73
C GLU E 639 18.14 -40.74 4.36
N LEU E 640 18.85 -39.92 3.58
CA LEU E 640 19.45 -38.71 4.15
C LEU E 640 18.38 -37.73 4.61
N MET E 641 17.31 -37.56 3.83
CA MET E 641 16.24 -36.65 4.23
C MET E 641 15.48 -37.20 5.43
N VAL E 642 15.25 -38.52 5.49
CA VAL E 642 14.59 -39.09 6.66
C VAL E 642 15.43 -38.87 7.91
N TRP E 643 16.76 -39.07 7.79
CA TRP E 643 17.65 -38.85 8.92
C TRP E 643 17.63 -37.38 9.35
N ALA E 644 17.63 -36.46 8.39
CA ALA E 644 17.60 -35.05 8.73
C ALA E 644 16.29 -34.67 9.41
N VAL E 645 15.18 -35.25 8.96
CA VAL E 645 13.89 -34.94 9.58
C VAL E 645 13.81 -35.50 10.99
N LEU E 646 14.30 -36.73 11.19
CA LEU E 646 14.20 -37.35 12.52
C LEU E 646 15.08 -36.65 13.55
N MET E 647 16.22 -36.11 13.12
CA MET E 647 17.14 -35.44 14.04
C MET E 647 16.89 -33.94 14.13
N LYS E 648 15.83 -33.44 13.51
CA LYS E 648 15.40 -32.05 13.63
C LYS E 648 16.48 -31.09 13.12
N ARG E 649 16.93 -31.33 11.90
CA ARG E 649 17.87 -30.43 11.19
C ARG E 649 17.14 -29.95 9.95
N GLN E 650 16.40 -28.83 10.10
CA GLN E 650 15.52 -28.36 9.03
C GLN E 650 16.31 -27.92 7.80
N LYS E 651 17.43 -27.22 7.99
CA LYS E 651 18.18 -26.73 6.84
C LYS E 651 18.76 -27.89 6.02
N MET E 652 19.29 -28.91 6.70
CA MET E 652 19.82 -30.06 6.00
C MET E 652 18.71 -30.80 5.26
N ALA E 653 17.54 -30.93 5.89
CA ALA E 653 16.41 -31.60 5.23
C ALA E 653 15.96 -30.83 4.00
N LEU E 654 15.91 -29.50 4.09
CA LEU E 654 15.53 -28.69 2.94
C LEU E 654 16.54 -28.81 1.83
N PHE E 655 17.83 -28.88 2.17
CA PHE E 655 18.85 -29.09 1.14
C PHE E 655 18.69 -30.45 0.48
N PHE E 656 18.43 -31.49 1.27
CA PHE E 656 18.29 -32.84 0.71
C PHE E 656 17.00 -33.04 -0.05
N TRP E 657 15.97 -32.23 0.21
CA TRP E 657 14.67 -32.45 -0.41
C TRP E 657 14.72 -32.25 -1.92
N GLN E 658 15.44 -31.23 -2.39
CA GLN E 658 15.45 -30.89 -3.80
C GLN E 658 16.38 -31.76 -4.63
N HIS E 659 17.19 -32.61 -4.01
CA HIS E 659 18.08 -33.51 -4.72
C HIS E 659 17.50 -34.93 -4.67
N GLY E 660 17.24 -35.48 -5.85
CA GLY E 660 16.70 -36.82 -5.98
C GLY E 660 15.35 -36.81 -6.66
N GLU E 661 14.71 -37.98 -6.66
CA GLU E 661 13.40 -38.15 -7.27
C GLU E 661 12.32 -38.23 -6.20
N GLU E 662 11.07 -38.13 -6.66
CA GLU E 662 9.88 -38.24 -5.80
C GLU E 662 9.89 -37.17 -4.71
N ALA E 663 9.93 -35.92 -5.15
CA ALA E 663 10.02 -34.80 -4.20
C ALA E 663 8.72 -34.60 -3.43
N MET E 664 7.57 -34.73 -4.11
CA MET E 664 6.30 -34.47 -3.45
C MET E 664 5.99 -35.50 -2.39
N ALA E 665 6.26 -36.78 -2.68
CA ALA E 665 6.06 -37.82 -1.68
C ALA E 665 6.97 -37.61 -0.48
N LYS E 666 8.23 -37.21 -0.73
CA LYS E 666 9.14 -36.93 0.35
C LYS E 666 8.64 -35.78 1.21
N ALA E 667 8.11 -34.72 0.58
CA ALA E 667 7.57 -33.60 1.35
C ALA E 667 6.39 -34.02 2.20
N LEU E 668 5.48 -34.82 1.63
CA LEU E 668 4.32 -35.27 2.40
C LEU E 668 4.75 -36.15 3.58
N VAL E 669 5.70 -37.05 3.35
CA VAL E 669 6.20 -37.90 4.43
C VAL E 669 6.86 -37.07 5.52
N ALA E 670 7.65 -36.07 5.13
CA ALA E 670 8.29 -35.21 6.11
C ALA E 670 7.26 -34.44 6.93
N CYS E 671 6.21 -33.94 6.27
CA CYS E 671 5.15 -33.22 6.98
C CYS E 671 4.47 -34.12 8.00
N LYS E 672 4.12 -35.35 7.59
CA LYS E 672 3.46 -36.27 8.50
C LYS E 672 4.37 -36.62 9.68
N LEU E 673 5.65 -36.88 9.40
CA LEU E 673 6.59 -37.23 10.47
C LEU E 673 6.75 -36.08 11.45
N CYS E 674 6.87 -34.85 10.94
CA CYS E 674 7.01 -33.70 11.83
C CYS E 674 5.76 -33.50 12.67
N LYS E 675 4.57 -33.69 12.08
CA LYS E 675 3.34 -33.57 12.84
C LYS E 675 3.27 -34.61 13.97
N ALA E 676 3.61 -35.86 13.65
CA ALA E 676 3.59 -36.91 14.66
C ALA E 676 4.61 -36.65 15.76
N MET E 677 5.81 -36.19 15.38
CA MET E 677 6.84 -35.89 16.38
C MET E 677 6.41 -34.73 17.27
N ALA E 678 5.77 -33.71 16.70
CA ALA E 678 5.27 -32.60 17.50
C ALA E 678 4.21 -33.08 18.49
N HIS E 679 3.30 -33.94 18.03
CA HIS E 679 2.29 -34.49 18.94
C HIS E 679 2.94 -35.27 20.08
N GLU E 680 3.90 -36.13 19.74
CA GLU E 680 4.57 -36.92 20.77
C GLU E 680 5.33 -36.04 21.76
N ALA E 681 6.02 -35.01 21.25
CA ALA E 681 6.76 -34.12 22.14
C ALA E 681 5.82 -33.34 23.05
N SER E 682 4.70 -32.85 22.53
CA SER E 682 3.76 -32.11 23.35
C SER E 682 3.03 -33.02 24.34
N GLU E 683 2.94 -34.32 24.05
CA GLU E 683 2.25 -35.22 24.98
C GLU E 683 3.01 -35.41 26.28
N ASN E 684 4.34 -35.42 26.23
CA ASN E 684 5.17 -35.83 27.35
C ASN E 684 5.99 -34.68 27.93
N ASP E 685 5.34 -33.52 28.12
CA ASP E 685 5.88 -32.36 28.84
C ASP E 685 7.33 -32.05 28.50
N MET E 686 7.59 -31.67 27.25
CA MET E 686 8.90 -31.21 26.84
C MET E 686 9.09 -29.75 27.25
N VAL E 687 10.11 -29.09 26.72
CA VAL E 687 10.40 -27.70 27.04
C VAL E 687 9.38 -26.78 26.36
N ASP E 688 8.43 -27.37 25.64
CA ASP E 688 7.24 -26.75 25.08
C ASP E 688 7.49 -25.88 23.86
N ASP E 689 8.75 -25.71 23.43
CA ASP E 689 9.05 -25.02 22.18
C ASP E 689 9.45 -25.97 21.06
N ILE E 690 9.90 -27.18 21.39
CA ILE E 690 10.17 -28.17 20.37
C ILE E 690 8.91 -28.49 19.58
N SER E 691 7.76 -28.50 20.27
CA SER E 691 6.50 -28.78 19.60
C SER E 691 6.18 -27.72 18.55
N GLN E 692 6.36 -26.44 18.90
CA GLN E 692 6.08 -25.38 17.93
C GLN E 692 7.10 -25.38 16.79
N GLU E 693 8.37 -25.71 17.08
CA GLU E 693 9.36 -25.82 16.01
C GLU E 693 8.98 -26.93 15.03
N LEU E 694 8.58 -28.09 15.56
CA LEU E 694 8.17 -29.19 14.69
C LEU E 694 6.91 -28.84 13.91
N ASN E 695 5.97 -28.13 14.53
CA ASN E 695 4.78 -27.70 13.80
C ASN E 695 5.14 -26.75 12.67
N HIS E 696 6.07 -25.82 12.90
CA HIS E 696 6.50 -24.91 11.85
C HIS E 696 7.18 -25.68 10.71
N ASN E 697 8.00 -26.67 11.05
CA ASN E 697 8.63 -27.49 10.02
C ASN E 697 7.58 -28.22 9.19
N SER E 698 6.58 -28.79 9.85
CA SER E 698 5.51 -29.48 9.13
C SER E 698 4.75 -28.53 8.20
N ARG E 699 4.47 -27.31 8.68
CA ARG E 699 3.79 -26.33 7.83
C ARG E 699 4.63 -25.97 6.63
N ASP E 700 5.94 -25.80 6.83
CA ASP E 700 6.82 -25.47 5.71
C ASP E 700 6.84 -26.59 4.67
N PHE E 701 6.94 -27.85 5.11
CA PHE E 701 6.93 -28.96 4.17
C PHE E 701 5.59 -29.06 3.44
N GLY E 702 4.49 -28.85 4.14
CA GLY E 702 3.19 -28.87 3.48
C GLY E 702 3.05 -27.78 2.45
N GLN E 703 3.54 -26.58 2.76
CA GLN E 703 3.50 -25.48 1.79
C GLN E 703 4.35 -25.80 0.57
N LEU E 704 5.53 -26.40 0.78
CA LEU E 704 6.35 -26.81 -0.35
C LEU E 704 5.62 -27.82 -1.23
N ALA E 705 4.97 -28.80 -0.61
CA ALA E 705 4.23 -29.79 -1.37
C ALA E 705 3.10 -29.14 -2.18
N VAL E 706 2.38 -28.20 -1.56
CA VAL E 706 1.28 -27.54 -2.25
C VAL E 706 1.80 -26.74 -3.44
N GLU E 707 2.90 -26.01 -3.25
CA GLU E 707 3.47 -25.22 -4.35
C GLU E 707 3.95 -26.11 -5.49
N LEU E 708 4.58 -27.25 -5.14
CA LEU E 708 5.02 -28.17 -6.18
C LEU E 708 3.84 -28.73 -6.96
N LEU E 709 2.75 -29.09 -6.25
CA LEU E 709 1.56 -29.58 -6.93
C LEU E 709 0.98 -28.51 -7.86
N ASP E 710 0.94 -27.26 -7.39
CA ASP E 710 0.42 -26.19 -8.22
C ASP E 710 1.25 -26.00 -9.48
N GLN E 711 2.58 -26.02 -9.33
CA GLN E 711 3.46 -25.89 -10.50
C GLN E 711 3.24 -27.05 -11.47
N SER E 712 3.15 -28.27 -10.95
CA SER E 712 2.96 -29.44 -11.81
C SER E 712 1.65 -29.36 -12.57
N TYR E 713 0.56 -28.97 -11.88
CA TYR E 713 -0.72 -28.82 -12.56
C TYR E 713 -0.68 -27.72 -13.61
N LYS E 714 -0.03 -26.60 -13.29
CA LYS E 714 0.03 -25.49 -14.24
C LYS E 714 0.86 -25.84 -15.47
N GLN E 715 1.84 -26.74 -15.33
CA GLN E 715 2.69 -27.06 -16.47
C GLN E 715 2.05 -28.10 -17.39
N ASP E 716 1.51 -29.17 -16.82
CA ASP E 716 0.88 -30.22 -17.63
C ASP E 716 -0.12 -30.96 -16.76
N GLU E 717 -1.40 -30.93 -17.16
CA GLU E 717 -2.46 -31.46 -16.32
C GLU E 717 -2.47 -32.98 -16.27
N GLN E 718 -2.32 -33.64 -17.43
CA GLN E 718 -2.41 -35.10 -17.45
C GLN E 718 -1.28 -35.75 -16.68
N LEU E 719 -0.04 -35.27 -16.87
CA LEU E 719 1.08 -35.81 -16.12
C LEU E 719 0.97 -35.47 -14.64
N ALA E 720 0.39 -34.31 -14.31
CA ALA E 720 0.18 -33.97 -12.90
C ALA E 720 -0.81 -34.93 -12.25
N MET E 721 -1.89 -35.28 -12.95
CA MET E 721 -2.83 -36.25 -12.41
C MET E 721 -2.20 -37.63 -12.31
N LYS E 722 -1.38 -38.01 -13.30
CA LYS E 722 -0.68 -39.29 -13.23
C LYS E 722 0.31 -39.31 -12.07
N LEU E 723 0.84 -38.15 -11.69
CA LEU E 723 1.81 -38.08 -10.60
C LEU E 723 1.18 -38.33 -9.23
N LEU E 724 -0.13 -38.08 -9.09
CA LEU E 724 -0.80 -38.20 -7.81
C LEU E 724 -1.36 -39.60 -7.54
N THR E 725 -1.27 -40.52 -8.49
CA THR E 725 -1.94 -41.80 -8.35
C THR E 725 -1.04 -43.03 -8.50
N TYR E 726 0.17 -42.87 -9.03
CA TYR E 726 1.01 -44.05 -9.25
C TYR E 726 1.55 -44.58 -7.93
N GLU E 727 1.75 -45.89 -7.89
CA GLU E 727 2.15 -46.57 -6.66
C GLU E 727 3.60 -46.26 -6.31
N LEU E 728 3.85 -45.98 -5.03
CA LEU E 728 5.18 -45.64 -4.53
C LEU E 728 5.76 -46.90 -3.87
N LYS E 729 6.63 -47.60 -4.60
CA LYS E 729 7.21 -48.83 -4.08
C LYS E 729 8.13 -48.59 -2.90
N ASN E 730 8.69 -47.39 -2.76
CA ASN E 730 9.61 -47.07 -1.69
C ASN E 730 8.94 -46.51 -0.44
N TRP E 731 7.64 -46.28 -0.47
CA TRP E 731 6.90 -45.67 0.63
C TRP E 731 5.72 -46.54 1.04
N SER E 732 5.98 -47.83 1.23
CA SER E 732 4.99 -48.80 1.70
C SER E 732 3.80 -48.91 0.74
N ASN E 733 4.08 -48.78 -0.55
CA ASN E 733 3.09 -48.99 -1.62
C ASN E 733 1.86 -48.09 -1.42
N ALA E 734 2.12 -46.82 -1.14
CA ALA E 734 1.08 -45.80 -0.98
C ALA E 734 1.11 -44.86 -2.18
N THR E 735 0.18 -43.90 -2.16
CA THR E 735 0.11 -42.87 -3.18
C THR E 735 0.14 -41.50 -2.53
N CYS E 736 0.43 -40.47 -3.33
CA CYS E 736 0.50 -39.11 -2.81
C CYS E 736 -0.83 -38.65 -2.24
N LEU E 737 -1.94 -39.08 -2.85
CA LEU E 737 -3.25 -38.72 -2.31
C LEU E 737 -3.48 -39.33 -0.94
N GLN E 738 -3.13 -40.61 -0.77
CA GLN E 738 -3.27 -41.25 0.54
C GLN E 738 -2.37 -40.61 1.57
N LEU E 739 -1.13 -40.24 1.18
CA LEU E 739 -0.24 -39.58 2.11
C LEU E 739 -0.78 -38.22 2.53
N ALA E 740 -1.36 -37.47 1.58
CA ALA E 740 -1.94 -36.17 1.92
C ALA E 740 -3.16 -36.32 2.81
N VAL E 741 -3.97 -37.35 2.58
CA VAL E 741 -5.12 -37.57 3.44
C VAL E 741 -4.69 -37.96 4.85
N ALA E 742 -3.65 -38.79 4.95
CA ALA E 742 -3.17 -39.22 6.27
C ALA E 742 -2.59 -38.05 7.06
N ALA E 743 -2.01 -37.07 6.38
CA ALA E 743 -1.46 -35.90 7.03
C ALA E 743 -2.50 -34.81 7.28
N LYS E 744 -3.75 -35.04 6.87
CA LYS E 744 -4.84 -34.07 7.05
C LYS E 744 -4.49 -32.73 6.40
N HIS E 745 -3.91 -32.79 5.20
CA HIS E 745 -3.52 -31.59 4.46
C HIS E 745 -4.73 -31.14 3.65
N ARG E 746 -5.47 -30.17 4.17
CA ARG E 746 -6.69 -29.71 3.50
C ARG E 746 -6.41 -28.86 2.28
N ASP E 747 -5.33 -28.09 2.29
CA ASP E 747 -5.00 -27.27 1.13
C ASP E 747 -4.58 -28.12 -0.06
N PHE E 748 -3.98 -29.28 0.19
CA PHE E 748 -3.57 -30.15 -0.91
C PHE E 748 -4.77 -30.83 -1.55
N ILE E 749 -5.69 -31.34 -0.73
CA ILE E 749 -6.87 -32.03 -1.27
C ILE E 749 -7.80 -31.06 -1.97
N ALA E 750 -7.94 -29.85 -1.44
CA ALA E 750 -8.86 -28.86 -1.99
C ALA E 750 -8.35 -28.20 -3.26
N HIS E 751 -7.21 -28.63 -3.79
CA HIS E 751 -6.68 -28.06 -5.01
C HIS E 751 -7.50 -28.53 -6.22
N THR E 752 -7.41 -27.77 -7.30
CA THR E 752 -8.22 -28.06 -8.48
C THR E 752 -7.86 -29.41 -9.09
N CYS E 753 -6.58 -29.73 -9.15
CA CYS E 753 -6.16 -31.01 -9.72
C CYS E 753 -6.70 -32.18 -8.91
N SER E 754 -6.62 -32.08 -7.58
CA SER E 754 -7.16 -33.15 -6.73
C SER E 754 -8.68 -33.25 -6.89
N GLN E 755 -9.36 -32.12 -7.01
CA GLN E 755 -10.81 -32.14 -7.18
C GLN E 755 -11.21 -32.80 -8.49
N MET E 756 -10.51 -32.48 -9.58
CA MET E 756 -10.86 -33.10 -10.86
C MET E 756 -10.47 -34.58 -10.89
N LEU E 757 -9.37 -34.95 -10.22
CA LEU E 757 -9.04 -36.36 -10.08
C LEU E 757 -10.13 -37.10 -9.31
N LEU E 758 -10.63 -36.50 -8.23
CA LEU E 758 -11.70 -37.12 -7.47
C LEU E 758 -12.98 -37.21 -8.28
N THR E 759 -13.27 -36.20 -9.11
CA THR E 759 -14.44 -36.26 -9.97
C THR E 759 -14.33 -37.40 -10.97
N ASP E 760 -13.16 -37.56 -11.59
CA ASP E 760 -12.95 -38.67 -12.52
C ASP E 760 -13.07 -40.01 -11.81
N MET E 761 -12.52 -40.10 -10.60
CA MET E 761 -12.62 -41.34 -9.82
C MET E 761 -14.06 -41.64 -9.43
N TRP E 762 -14.85 -40.60 -9.15
CA TRP E 762 -16.25 -40.78 -8.75
C TRP E 762 -17.12 -41.16 -9.93
N MET E 763 -16.83 -40.64 -11.12
CA MET E 763 -17.65 -40.95 -12.28
C MET E 763 -17.43 -42.37 -12.79
N GLY E 764 -16.41 -43.07 -12.29
CA GLY E 764 -16.18 -44.44 -12.73
C GLY E 764 -15.66 -44.50 -14.15
N ARG E 765 -16.05 -45.54 -14.87
CA ARG E 765 -15.64 -45.74 -16.26
C ARG E 765 -16.67 -45.20 -17.25
N LEU E 766 -17.41 -44.16 -16.86
CA LEU E 766 -18.40 -43.53 -17.72
C LEU E 766 -17.91 -42.16 -18.15
N ARG E 767 -18.17 -41.80 -19.40
CA ARG E 767 -17.67 -40.56 -19.98
C ARG E 767 -18.68 -39.42 -19.90
N MET E 768 -19.85 -39.65 -19.30
CA MET E 768 -20.87 -38.61 -19.24
C MET E 768 -20.44 -37.48 -18.33
N ARG E 769 -20.48 -36.25 -18.85
CA ARG E 769 -20.16 -35.07 -18.05
C ARG E 769 -21.23 -34.00 -18.19
N LYS E 770 -21.88 -33.95 -19.35
CA LYS E 770 -22.80 -32.85 -19.65
C LYS E 770 -24.08 -32.96 -18.82
N ASN E 771 -24.60 -34.17 -18.63
CA ASN E 771 -25.85 -34.34 -17.89
C ASN E 771 -25.81 -35.71 -17.21
N SER E 772 -25.46 -35.72 -15.93
CA SER E 772 -25.46 -36.93 -15.13
C SER E 772 -26.71 -36.95 -14.25
N GLY E 773 -26.81 -37.95 -13.40
CA GLY E 773 -27.96 -38.07 -12.52
C GLY E 773 -29.20 -38.60 -13.22
N LEU E 774 -29.74 -37.83 -14.18
CA LEU E 774 -30.91 -38.26 -14.91
C LEU E 774 -30.62 -39.54 -15.70
N LYS E 775 -29.47 -39.56 -16.40
CA LYS E 775 -29.11 -40.75 -17.16
C LYS E 775 -28.81 -41.93 -16.25
N VAL E 776 -28.16 -41.68 -15.11
CA VAL E 776 -27.87 -42.76 -14.17
C VAL E 776 -29.15 -43.35 -13.61
N ILE E 777 -30.09 -42.49 -13.22
CA ILE E 777 -31.36 -42.96 -12.69
C ILE E 777 -32.14 -43.71 -13.75
N LEU E 778 -32.14 -43.21 -14.99
CA LEU E 778 -32.82 -43.90 -16.08
C LEU E 778 -32.23 -45.28 -16.32
N GLY E 779 -30.89 -45.38 -16.28
CA GLY E 779 -30.26 -46.68 -16.46
C GLY E 779 -30.55 -47.63 -15.31
N ILE E 780 -30.61 -47.12 -14.08
CA ILE E 780 -30.95 -47.96 -12.94
C ILE E 780 -32.38 -48.47 -13.06
N LEU E 781 -33.32 -47.60 -13.44
CA LEU E 781 -34.70 -48.01 -13.58
C LEU E 781 -34.93 -48.85 -14.84
N LEU E 782 -34.18 -48.57 -15.91
CA LEU E 782 -34.31 -49.28 -17.18
C LEU E 782 -32.97 -49.91 -17.53
N PRO E 783 -32.73 -51.15 -17.12
CA PRO E 783 -31.45 -51.81 -17.45
C PRO E 783 -31.18 -51.90 -18.94
N PRO E 784 -32.19 -52.09 -19.80
CA PRO E 784 -31.90 -52.06 -21.24
C PRO E 784 -31.32 -50.73 -21.72
N SER E 785 -31.62 -49.62 -21.04
CA SER E 785 -31.14 -48.31 -21.47
C SER E 785 -29.65 -48.10 -21.21
N ILE E 786 -28.99 -49.03 -20.51
CA ILE E 786 -27.57 -48.85 -20.18
C ILE E 786 -26.72 -48.86 -21.45
N LEU E 787 -27.10 -49.66 -22.44
CA LEU E 787 -26.29 -49.89 -23.63
C LEU E 787 -26.18 -48.67 -24.55
N SER E 788 -26.68 -47.49 -24.20
CA SER E 788 -26.59 -46.30 -25.04
C SER E 788 -25.74 -45.23 -24.38
N LEU E 789 -24.62 -45.63 -23.78
CA LEU E 789 -23.73 -44.72 -23.08
C LEU E 789 -22.31 -44.90 -23.59
N GLU E 790 -21.52 -43.82 -23.52
CA GLU E 790 -20.13 -43.83 -23.94
C GLU E 790 -19.25 -44.26 -22.77
N PHE E 791 -18.53 -45.36 -22.95
CA PHE E 791 -17.66 -45.91 -21.92
C PHE E 791 -16.21 -45.58 -22.20
N LYS E 792 -15.42 -45.56 -21.13
CA LYS E 792 -13.99 -45.34 -21.26
C LYS E 792 -13.30 -46.57 -21.85
N ASN E 793 -12.13 -46.35 -22.43
CA ASN E 793 -11.36 -47.43 -23.05
C ASN E 793 -10.90 -48.45 -22.02
N GLY E 860 -22.42 -56.96 -22.88
CA GLY E 860 -22.15 -57.99 -21.91
C GLY E 860 -21.42 -57.48 -20.68
N ARG E 861 -20.24 -56.91 -20.90
CA ARG E 861 -19.43 -56.38 -19.81
C ARG E 861 -19.80 -54.94 -19.45
N LYS E 862 -20.68 -54.29 -20.22
CA LYS E 862 -21.10 -52.94 -19.89
C LYS E 862 -21.86 -52.89 -18.57
N ILE E 863 -22.64 -53.93 -18.27
CA ILE E 863 -23.43 -53.95 -17.04
C ILE E 863 -22.52 -53.94 -15.82
N TYR E 864 -21.47 -54.77 -15.84
CA TYR E 864 -20.56 -54.85 -14.70
C TYR E 864 -19.84 -53.53 -14.46
N GLU E 865 -19.36 -52.89 -15.54
CA GLU E 865 -18.70 -51.60 -15.39
C GLU E 865 -19.66 -50.50 -14.97
N PHE E 866 -20.91 -50.57 -15.42
CA PHE E 866 -21.90 -49.55 -15.06
C PHE E 866 -22.27 -49.65 -13.60
N TYR E 867 -22.60 -50.87 -13.13
CA TYR E 867 -23.10 -51.01 -11.77
C TYR E 867 -22.03 -50.81 -10.70
N ASN E 868 -20.75 -50.98 -11.05
CA ASN E 868 -19.68 -50.82 -10.09
C ASN E 868 -19.20 -49.38 -9.95
N ALA E 869 -19.76 -48.46 -10.73
CA ALA E 869 -19.42 -47.05 -10.57
C ALA E 869 -19.99 -46.53 -9.25
N PRO E 870 -19.22 -45.73 -8.51
CA PRO E 870 -19.71 -45.22 -7.22
C PRO E 870 -20.98 -44.38 -7.33
N ILE E 871 -21.15 -43.63 -8.42
CA ILE E 871 -22.33 -42.78 -8.55
C ILE E 871 -23.59 -43.61 -8.70
N VAL E 872 -23.51 -44.73 -9.44
CA VAL E 872 -24.65 -45.61 -9.58
C VAL E 872 -25.04 -46.23 -8.24
N LYS E 873 -24.05 -46.66 -7.46
CA LYS E 873 -24.33 -47.19 -6.13
C LYS E 873 -24.97 -46.13 -5.25
N PHE E 874 -24.48 -44.89 -5.33
CA PHE E 874 -25.05 -43.81 -4.53
C PHE E 874 -26.51 -43.56 -4.89
N TRP E 875 -26.82 -43.53 -6.19
CA TRP E 875 -28.20 -43.30 -6.60
C TRP E 875 -29.10 -44.47 -6.21
N PHE E 876 -28.60 -45.69 -6.32
CA PHE E 876 -29.37 -46.84 -5.86
C PHE E 876 -29.68 -46.74 -4.37
N TYR E 877 -28.67 -46.36 -3.58
CA TYR E 877 -28.85 -46.19 -2.15
C TYR E 877 -29.87 -45.10 -1.85
N THR E 878 -29.80 -43.99 -2.58
CA THR E 878 -30.74 -42.89 -2.37
C THR E 878 -32.17 -43.32 -2.68
N LEU E 879 -32.37 -44.03 -3.79
CA LEU E 879 -33.71 -44.48 -4.14
C LEU E 879 -34.25 -45.46 -3.09
N ALA E 880 -33.42 -46.37 -2.62
CA ALA E 880 -33.86 -47.30 -1.59
C ALA E 880 -34.23 -46.57 -0.31
N TYR E 881 -33.43 -45.58 0.09
CA TYR E 881 -33.73 -44.83 1.30
C TYR E 881 -35.02 -44.05 1.15
N ILE E 882 -35.26 -43.46 -0.03
CA ILE E 882 -36.51 -42.73 -0.25
C ILE E 882 -37.70 -43.68 -0.15
N GLY E 883 -37.60 -44.86 -0.76
CA GLY E 883 -38.68 -45.82 -0.65
C GLY E 883 -38.94 -46.26 0.78
N TYR E 884 -37.87 -46.50 1.54
CA TYR E 884 -38.02 -46.87 2.94
C TYR E 884 -38.69 -45.77 3.75
N LEU E 885 -38.32 -44.51 3.49
CA LEU E 885 -38.95 -43.40 4.21
C LEU E 885 -40.43 -43.29 3.86
N MET E 886 -40.77 -43.49 2.58
CA MET E 886 -42.18 -43.48 2.19
C MET E 886 -42.96 -44.58 2.90
N LEU E 887 -42.40 -45.79 2.97
CA LEU E 887 -43.08 -46.88 3.66
C LEU E 887 -43.22 -46.59 5.15
N PHE E 888 -42.20 -45.99 5.76
CA PHE E 888 -42.29 -45.62 7.18
C PHE E 888 -43.42 -44.61 7.40
N ASN E 889 -43.51 -43.60 6.53
CA ASN E 889 -44.60 -42.65 6.64
C ASN E 889 -45.95 -43.33 6.50
N TYR E 890 -46.06 -44.26 5.55
CA TYR E 890 -47.33 -44.96 5.36
C TYR E 890 -47.71 -45.75 6.62
N ILE E 891 -46.75 -46.48 7.19
CA ILE E 891 -47.08 -47.32 8.34
C ILE E 891 -47.40 -46.47 9.57
N VAL E 892 -46.79 -45.29 9.70
CA VAL E 892 -47.10 -44.47 10.87
C VAL E 892 -48.34 -43.63 10.69
N LEU E 893 -48.79 -43.39 9.46
CA LEU E 893 -49.95 -42.53 9.25
C LEU E 893 -51.28 -43.27 9.35
N VAL E 894 -51.30 -44.57 9.09
CA VAL E 894 -52.54 -45.32 9.02
C VAL E 894 -52.73 -46.15 10.28
N LYS E 895 -53.91 -46.76 10.41
CA LYS E 895 -54.24 -47.53 11.60
C LYS E 895 -53.37 -48.77 11.72
N MET E 896 -52.90 -49.03 12.94
CA MET E 896 -52.04 -50.18 13.22
C MET E 896 -52.87 -51.33 13.77
N GLU E 897 -52.59 -52.54 13.29
CA GLU E 897 -53.35 -53.73 13.64
C GLU E 897 -52.54 -54.59 14.61
N ARG E 898 -53.10 -55.77 14.92
CA ARG E 898 -52.48 -56.65 15.91
C ARG E 898 -51.12 -57.13 15.44
N TRP E 899 -51.01 -57.55 14.18
CA TRP E 899 -49.76 -58.05 13.65
C TRP E 899 -49.25 -57.13 12.54
N PRO E 900 -47.92 -57.02 12.38
CA PRO E 900 -47.38 -56.12 11.36
C PRO E 900 -47.84 -56.49 9.96
N SER E 901 -48.07 -55.47 9.14
CA SER E 901 -48.48 -55.66 7.76
C SER E 901 -47.24 -55.83 6.88
N THR E 902 -47.45 -55.89 5.57
CA THR E 902 -46.33 -56.11 4.65
C THR E 902 -45.34 -54.95 4.69
N GLN E 903 -45.84 -53.71 4.70
CA GLN E 903 -44.96 -52.55 4.71
C GLN E 903 -44.13 -52.50 6.00
N GLU E 904 -44.74 -52.84 7.12
CA GLU E 904 -44.00 -52.88 8.38
C GLU E 904 -42.91 -53.94 8.34
N TRP E 905 -43.22 -55.11 7.74
CA TRP E 905 -42.18 -56.13 7.58
C TRP E 905 -41.04 -55.62 6.70
N ILE E 906 -41.38 -54.89 5.62
CA ILE E 906 -40.35 -54.37 4.74
C ILE E 906 -39.45 -53.38 5.48
N VAL E 907 -40.04 -52.47 6.26
CA VAL E 907 -39.22 -51.48 6.95
C VAL E 907 -38.39 -52.14 8.05
N ILE E 908 -38.94 -53.16 8.72
CA ILE E 908 -38.18 -53.88 9.73
C ILE E 908 -36.99 -54.60 9.09
N SER E 909 -37.22 -55.23 7.94
CA SER E 909 -36.13 -55.88 7.22
C SER E 909 -35.07 -54.87 6.82
N TYR E 910 -35.49 -53.70 6.33
CA TYR E 910 -34.55 -52.66 5.95
C TYR E 910 -33.69 -52.24 7.14
N ILE E 911 -34.32 -51.97 8.28
CA ILE E 911 -33.57 -51.47 9.43
C ILE E 911 -32.64 -52.55 9.97
N PHE E 912 -33.09 -53.81 9.97
CA PHE E 912 -32.24 -54.90 10.45
C PHE E 912 -31.05 -55.13 9.53
N THR E 913 -31.26 -55.07 8.21
CA THR E 913 -30.16 -55.23 7.28
C THR E 913 -29.18 -54.06 7.41
N LEU E 914 -29.68 -52.84 7.59
CA LEU E 914 -28.80 -51.72 7.83
C LEU E 914 -27.99 -51.91 9.11
N GLY E 915 -28.63 -52.41 10.17
CA GLY E 915 -27.91 -52.66 11.41
C GLY E 915 -26.82 -53.71 11.27
N ILE E 916 -27.13 -54.82 10.58
CA ILE E 916 -26.11 -55.85 10.42
C ILE E 916 -25.00 -55.38 9.49
N GLU E 917 -25.31 -54.54 8.50
CA GLU E 917 -24.26 -53.97 7.66
C GLU E 917 -23.35 -53.05 8.47
N LYS E 918 -23.94 -52.24 9.36
CA LYS E 918 -23.12 -51.38 10.22
C LYS E 918 -22.27 -52.22 11.17
N MET E 919 -22.82 -53.35 11.65
CA MET E 919 -22.04 -54.24 12.50
C MET E 919 -20.88 -54.86 11.73
N ARG E 920 -21.11 -55.25 10.47
CA ARG E 920 -20.05 -55.87 9.69
C ARG E 920 -19.00 -54.86 9.26
N GLU E 921 -19.37 -53.58 9.12
CA GLU E 921 -18.40 -52.57 8.73
C GLU E 921 -17.44 -52.21 9.85
N ILE E 922 -17.70 -52.67 11.08
CA ILE E 922 -16.78 -52.41 12.19
C ILE E 922 -15.74 -53.50 12.35
N LEU E 923 -15.95 -54.67 11.74
CA LEU E 923 -14.99 -55.77 11.79
C LEU E 923 -14.00 -55.74 10.64
N MET E 924 -14.11 -54.75 9.75
CA MET E 924 -13.19 -54.59 8.63
C MET E 924 -12.30 -53.36 8.79
N SER E 925 -12.26 -52.78 9.99
CA SER E 925 -11.49 -51.57 10.21
C SER E 925 -10.00 -51.87 10.22
N GLU E 926 -9.20 -50.82 10.08
CA GLU E 926 -7.75 -50.97 10.05
C GLU E 926 -7.17 -51.53 11.35
N PRO E 927 -7.52 -51.03 12.55
CA PRO E 927 -6.89 -51.56 13.76
C PRO E 927 -7.15 -53.04 13.94
N GLY E 928 -6.13 -53.76 14.43
CA GLY E 928 -6.28 -55.18 14.66
C GLY E 928 -7.20 -55.50 15.84
N LYS E 929 -7.09 -54.73 16.91
CA LYS E 929 -7.84 -55.03 18.12
C LYS E 929 -9.33 -54.76 17.94
N LEU E 930 -10.15 -55.65 18.50
CA LEU E 930 -11.60 -55.51 18.37
C LEU E 930 -12.10 -54.28 19.11
N LEU E 931 -11.70 -54.13 20.37
CA LEU E 931 -12.16 -53.00 21.17
C LEU E 931 -11.60 -51.68 20.68
N GLN E 932 -10.46 -51.69 19.98
CA GLN E 932 -9.95 -50.47 19.39
C GLN E 932 -10.76 -50.06 18.17
N LYS E 933 -11.28 -51.03 17.41
CA LYS E 933 -12.09 -50.71 16.24
C LYS E 933 -13.39 -50.02 16.62
N VAL E 934 -13.99 -50.40 17.76
CA VAL E 934 -15.23 -49.77 18.19
C VAL E 934 -14.99 -48.30 18.54
N LYS E 935 -13.91 -48.02 19.28
CA LYS E 935 -13.65 -46.65 19.71
C LYS E 935 -13.22 -45.75 18.57
N VAL E 936 -12.72 -46.31 17.46
CA VAL E 936 -12.40 -45.50 16.30
C VAL E 936 -13.57 -45.41 15.33
N TRP E 937 -14.49 -46.38 15.34
CA TRP E 937 -15.71 -46.28 14.55
C TRP E 937 -16.72 -45.33 15.19
N LEU E 938 -16.68 -45.18 16.51
CA LEU E 938 -17.57 -44.27 17.22
C LEU E 938 -17.06 -42.84 17.24
N GLN E 939 -16.16 -42.47 16.33
CA GLN E 939 -15.62 -41.12 16.27
C GLN E 939 -16.43 -40.19 15.39
N GLU E 940 -17.50 -40.68 14.78
CA GLU E 940 -18.40 -39.86 13.98
C GLU E 940 -19.77 -39.80 14.64
N TYR E 941 -20.35 -38.59 14.66
CA TYR E 941 -21.65 -38.41 15.32
C TYR E 941 -22.75 -39.19 14.61
N TRP E 942 -22.66 -39.31 13.28
CA TRP E 942 -23.71 -40.00 12.54
C TRP E 942 -23.81 -41.47 12.95
N ASN E 943 -22.67 -42.13 13.14
CA ASN E 943 -22.70 -43.54 13.55
C ASN E 943 -23.33 -43.73 14.92
N VAL E 944 -22.99 -42.85 15.87
CA VAL E 944 -23.56 -42.94 17.20
C VAL E 944 -25.07 -42.70 17.16
N THR E 945 -25.49 -41.69 16.41
CA THR E 945 -26.92 -41.40 16.29
C THR E 945 -27.66 -42.56 15.63
N ASP E 946 -27.06 -43.16 14.60
CA ASP E 946 -27.67 -44.32 13.96
C ASP E 946 -27.81 -45.49 14.92
N LEU E 947 -26.77 -45.75 15.73
CA LEU E 947 -26.85 -46.83 16.70
C LEU E 947 -27.95 -46.57 17.71
N ILE E 948 -28.04 -45.34 18.22
CA ILE E 948 -29.07 -45.00 19.20
C ILE E 948 -30.46 -45.16 18.59
N ALA E 949 -30.63 -44.68 17.36
CA ALA E 949 -31.93 -44.79 16.69
C ALA E 949 -32.31 -46.24 16.45
N ILE E 950 -31.34 -47.07 16.04
CA ILE E 950 -31.63 -48.48 15.81
C ILE E 950 -32.02 -49.18 17.10
N LEU E 951 -31.32 -48.88 18.20
CA LEU E 951 -31.67 -49.48 19.48
C LEU E 951 -33.06 -49.04 19.93
N LEU E 952 -33.39 -47.75 19.76
CA LEU E 952 -34.71 -47.27 20.14
C LEU E 952 -35.80 -47.91 19.30
N PHE E 953 -35.56 -48.06 17.99
CA PHE E 953 -36.53 -48.72 17.12
C PHE E 953 -36.71 -50.18 17.52
N SER E 954 -35.62 -50.85 17.89
CA SER E 954 -35.72 -52.24 18.35
C SER E 954 -36.55 -52.34 19.62
N VAL E 955 -36.33 -51.42 20.56
CA VAL E 955 -37.11 -51.41 21.80
C VAL E 955 -38.58 -51.20 21.49
N GLY E 956 -38.89 -50.24 20.61
CA GLY E 956 -40.27 -49.98 20.25
C GLY E 956 -40.93 -51.15 19.57
N MET E 957 -40.20 -51.82 18.67
CA MET E 957 -40.73 -53.01 18.00
C MET E 957 -41.00 -54.13 18.99
N ILE E 958 -40.08 -54.34 19.93
CA ILE E 958 -40.27 -55.38 20.94
C ILE E 958 -41.50 -55.09 21.78
N LEU E 959 -41.67 -53.82 22.18
CA LEU E 959 -42.85 -53.45 22.96
C LEU E 959 -44.12 -53.43 22.12
N ARG E 960 -43.99 -53.39 20.79
CA ARG E 960 -45.17 -53.27 19.93
C ARG E 960 -45.93 -54.57 19.81
N LEU E 961 -45.22 -55.71 19.79
CA LEU E 961 -45.86 -57.02 19.60
C LEU E 961 -46.35 -57.58 20.94
N GLN E 962 -47.21 -56.81 21.58
CA GLN E 962 -47.73 -57.16 22.90
C GLN E 962 -49.15 -56.63 23.02
N ASP E 963 -49.65 -56.53 24.25
CA ASP E 963 -51.02 -56.11 24.50
C ASP E 963 -51.21 -54.65 24.09
N GLN E 964 -52.44 -54.15 24.27
CA GLN E 964 -52.81 -52.84 23.77
C GLN E 964 -51.97 -51.70 24.34
N PRO E 965 -51.75 -51.59 25.66
CA PRO E 965 -50.93 -50.47 26.15
C PRO E 965 -49.49 -50.51 25.66
N PHE E 966 -48.86 -51.68 25.67
CA PHE E 966 -47.50 -51.80 25.15
C PHE E 966 -47.47 -51.51 23.65
N ARG E 967 -48.50 -51.93 22.92
CA ARG E 967 -48.57 -51.63 21.51
C ARG E 967 -48.69 -50.12 21.26
N SER E 968 -49.49 -49.43 22.09
CA SER E 968 -49.59 -47.98 21.97
C SER E 968 -48.25 -47.31 22.28
N ASP E 969 -47.55 -47.79 23.30
CA ASP E 969 -46.23 -47.25 23.60
C ASP E 969 -45.27 -47.47 22.44
N GLY E 970 -45.30 -48.65 21.83
CA GLY E 970 -44.46 -48.91 20.68
C GLY E 970 -44.79 -48.02 19.49
N ARG E 971 -46.08 -47.77 19.27
CA ARG E 971 -46.48 -46.87 18.20
C ARG E 971 -45.98 -45.45 18.45
N VAL E 972 -46.07 -44.99 19.70
CA VAL E 972 -45.55 -43.66 20.03
C VAL E 972 -44.04 -43.62 19.83
N ILE E 973 -43.35 -44.72 20.14
CA ILE E 973 -41.91 -44.79 19.89
C ILE E 973 -41.62 -44.70 18.41
N TYR E 974 -42.41 -45.38 17.57
CA TYR E 974 -42.26 -45.26 16.12
C TYR E 974 -42.43 -43.82 15.67
N CYS E 975 -43.46 -43.16 16.18
CA CYS E 975 -43.74 -41.78 15.79
C CYS E 975 -42.60 -40.85 16.17
N VAL E 976 -42.03 -41.06 17.36
CA VAL E 976 -40.88 -40.25 17.77
C VAL E 976 -39.66 -40.57 16.91
N ASN E 977 -39.49 -41.85 16.55
CA ASN E 977 -38.28 -42.27 15.87
C ASN E 977 -38.25 -41.83 14.41
N ILE E 978 -39.42 -41.65 13.79
CA ILE E 978 -39.43 -41.24 12.38
C ILE E 978 -38.77 -39.89 12.16
N ILE E 979 -38.70 -39.06 13.21
CA ILE E 979 -38.12 -37.72 13.07
C ILE E 979 -36.64 -37.81 12.72
N TYR E 980 -35.91 -38.73 13.36
CA TYR E 980 -34.48 -38.87 13.07
C TYR E 980 -34.24 -39.28 11.62
N TRP E 981 -35.05 -40.23 11.12
CA TRP E 981 -34.88 -40.66 9.73
C TRP E 981 -35.28 -39.58 8.76
N TYR E 982 -36.23 -38.70 9.14
CA TYR E 982 -36.51 -37.54 8.31
C TYR E 982 -35.33 -36.57 8.30
N ILE E 983 -34.71 -36.33 9.46
CA ILE E 983 -33.60 -35.40 9.55
C ILE E 983 -32.37 -35.93 8.82
N ARG E 984 -32.21 -37.25 8.74
CA ARG E 984 -31.02 -37.84 8.14
C ARG E 984 -30.86 -37.50 6.66
N LEU E 985 -31.90 -36.99 6.00
CA LEU E 985 -31.79 -36.64 4.59
C LEU E 985 -30.74 -35.56 4.33
N LEU E 986 -30.34 -34.81 5.36
CA LEU E 986 -29.28 -33.83 5.18
C LEU E 986 -27.94 -34.50 4.84
N ASP E 987 -27.72 -35.70 5.36
CA ASP E 987 -26.50 -36.44 4.99
C ASP E 987 -26.47 -36.74 3.50
N ILE E 988 -27.61 -37.14 2.94
CA ILE E 988 -27.70 -37.35 1.49
C ILE E 988 -27.54 -36.02 0.75
N PHE E 989 -28.14 -34.96 1.28
CA PHE E 989 -28.03 -33.64 0.65
C PHE E 989 -26.58 -33.18 0.60
N GLY E 990 -25.76 -33.60 1.56
CA GLY E 990 -24.38 -33.17 1.63
C GLY E 990 -23.51 -33.55 0.43
N VAL E 991 -24.10 -34.27 -0.53
CA VAL E 991 -23.35 -34.60 -1.75
C VAL E 991 -23.42 -33.47 -2.76
N ASN E 992 -24.46 -32.64 -2.70
CA ASN E 992 -24.59 -31.52 -3.62
C ASN E 992 -23.51 -30.49 -3.36
N LYS E 993 -23.08 -29.83 -4.44
CA LYS E 993 -22.00 -28.85 -4.34
C LYS E 993 -22.41 -27.62 -3.54
N TYR E 994 -23.71 -27.33 -3.48
CA TYR E 994 -24.21 -26.14 -2.80
C TYR E 994 -24.88 -26.44 -1.46
N LEU E 995 -25.41 -27.64 -1.27
CA LEU E 995 -26.21 -27.97 -0.09
C LEU E 995 -25.40 -28.56 1.06
N GLY E 996 -24.10 -28.75 0.88
CA GLY E 996 -23.25 -29.26 1.95
C GLY E 996 -22.71 -28.16 2.86
N PRO E 997 -22.05 -27.17 2.26
CA PRO E 997 -21.58 -26.03 3.08
C PRO E 997 -22.68 -25.33 3.84
N TYR E 998 -23.91 -25.28 3.31
CA TYR E 998 -25.00 -24.68 4.07
C TYR E 998 -25.29 -25.45 5.35
N VAL E 999 -25.29 -26.78 5.27
CA VAL E 999 -25.51 -27.61 6.46
C VAL E 999 -24.37 -27.41 7.45
N MET E 1000 -23.13 -27.32 6.95
CA MET E 1000 -22.00 -27.08 7.84
C MET E 1000 -22.13 -25.72 8.53
N MET E 1001 -22.58 -24.69 7.80
CA MET E 1001 -22.80 -23.39 8.40
C MET E 1001 -23.88 -23.44 9.48
N ILE E 1002 -24.96 -24.19 9.22
CA ILE E 1002 -26.00 -24.34 10.23
C ILE E 1002 -25.43 -24.98 11.50
N GLY E 1003 -24.65 -26.05 11.31
CA GLY E 1003 -24.03 -26.70 12.45
C GLY E 1003 -23.10 -25.79 13.23
N LYS E 1004 -22.38 -24.90 12.52
CA LYS E 1004 -21.48 -23.97 13.19
C LYS E 1004 -22.22 -22.81 13.88
N MET E 1005 -23.40 -22.44 13.38
CA MET E 1005 -24.16 -21.34 13.98
C MET E 1005 -25.05 -21.77 15.13
N MET E 1006 -25.33 -23.08 15.25
CA MET E 1006 -26.14 -23.54 16.37
C MET E 1006 -25.54 -23.17 17.72
N ILE E 1007 -24.20 -23.13 17.83
CA ILE E 1007 -23.57 -22.79 19.09
C ILE E 1007 -23.85 -21.34 19.46
N ASP E 1008 -23.74 -20.42 18.48
CA ASP E 1008 -24.05 -19.02 18.75
C ASP E 1008 -25.52 -18.85 19.11
N MET E 1009 -26.41 -19.62 18.48
CA MET E 1009 -27.81 -19.55 18.87
C MET E 1009 -28.01 -20.02 20.31
N MET E 1010 -27.32 -21.09 20.71
N MET E 1010 -27.31 -21.10 20.69
CA MET E 1010 -27.45 -21.60 22.06
CA MET E 1010 -27.42 -21.61 22.07
C MET E 1010 -26.90 -20.62 23.09
C MET E 1010 -26.92 -20.60 23.08
N TYR E 1011 -25.88 -19.84 22.74
CA TYR E 1011 -25.33 -18.87 23.67
C TYR E 1011 -26.31 -17.74 24.00
N PHE E 1012 -27.34 -17.53 23.17
CA PHE E 1012 -28.39 -16.55 23.47
C PHE E 1012 -29.66 -17.20 24.03
N VAL E 1013 -29.86 -18.49 23.75
CA VAL E 1013 -31.04 -19.17 24.28
C VAL E 1013 -31.10 -19.08 25.81
N ILE E 1014 -29.93 -19.11 26.46
CA ILE E 1014 -29.90 -19.09 27.93
C ILE E 1014 -30.44 -17.77 28.47
N ILE E 1015 -29.98 -16.66 27.90
CA ILE E 1015 -30.45 -15.34 28.35
C ILE E 1015 -31.94 -15.19 28.07
N MET E 1016 -32.38 -15.66 26.90
CA MET E 1016 -33.81 -15.61 26.59
C MET E 1016 -34.61 -16.40 27.62
N LEU E 1017 -34.12 -17.58 28.00
CA LEU E 1017 -34.80 -18.39 29.00
C LEU E 1017 -34.85 -17.70 30.35
N VAL E 1018 -33.76 -17.02 30.73
CA VAL E 1018 -33.74 -16.32 32.01
C VAL E 1018 -34.83 -15.25 32.05
N VAL E 1019 -34.89 -14.43 31.00
CA VAL E 1019 -35.89 -13.36 30.97
C VAL E 1019 -37.31 -13.94 30.94
N LEU E 1020 -37.52 -14.98 30.12
CA LEU E 1020 -38.84 -15.60 30.02
C LEU E 1020 -39.29 -16.18 31.35
N MET E 1021 -38.38 -16.87 32.04
CA MET E 1021 -38.72 -17.49 33.32
C MET E 1021 -39.04 -16.43 34.36
N SER E 1022 -38.26 -15.34 34.40
CA SER E 1022 -38.58 -14.27 35.34
C SER E 1022 -39.98 -13.72 35.11
N PHE E 1023 -40.30 -13.40 33.84
CA PHE E 1023 -41.62 -12.85 33.54
C PHE E 1023 -42.73 -13.84 33.89
N GLY E 1024 -42.55 -15.11 33.52
CA GLY E 1024 -43.58 -16.10 33.80
C GLY E 1024 -43.82 -16.30 35.27
N VAL E 1025 -42.74 -16.38 36.06
CA VAL E 1025 -42.90 -16.55 37.50
C VAL E 1025 -43.61 -15.35 38.10
N ALA E 1026 -43.23 -14.13 37.69
CA ALA E 1026 -43.87 -12.95 38.23
C ALA E 1026 -45.37 -12.94 37.92
N ARG E 1027 -45.73 -13.21 36.67
CA ARG E 1027 -47.13 -13.16 36.26
C ARG E 1027 -47.94 -14.24 36.98
N GLN E 1028 -47.43 -15.47 37.02
CA GLN E 1028 -48.17 -16.55 37.66
C GLN E 1028 -48.34 -16.29 39.15
N ALA E 1029 -47.29 -15.80 39.80
CA ALA E 1029 -47.39 -15.50 41.23
C ALA E 1029 -48.40 -14.39 41.50
N ILE E 1030 -48.42 -13.35 40.66
CA ILE E 1030 -49.32 -12.23 40.90
C ILE E 1030 -50.78 -12.64 40.65
N LEU E 1031 -51.05 -13.38 39.57
CA LEU E 1031 -52.43 -13.60 39.17
C LEU E 1031 -53.13 -14.72 39.94
N PHE E 1032 -52.39 -15.69 40.49
CA PHE E 1032 -52.99 -16.84 41.16
C PHE E 1032 -52.41 -16.97 42.56
N PRO E 1033 -53.00 -16.28 43.54
CA PRO E 1033 -52.47 -16.29 44.91
C PRO E 1033 -53.06 -17.35 45.83
N ASN E 1034 -53.86 -18.29 45.33
CA ASN E 1034 -54.53 -19.29 46.14
C ASN E 1034 -54.36 -20.67 45.54
N GLU E 1035 -53.12 -21.01 45.17
CA GLU E 1035 -52.81 -22.30 44.56
C GLU E 1035 -52.13 -23.22 45.57
N GLU E 1036 -52.25 -24.52 45.31
CA GLU E 1036 -51.63 -25.60 46.06
C GLU E 1036 -50.44 -26.17 45.28
N PRO E 1037 -49.45 -26.73 45.96
CA PRO E 1037 -48.27 -27.24 45.24
C PRO E 1037 -48.61 -28.38 44.31
N SER E 1038 -48.32 -28.18 43.02
CA SER E 1038 -48.58 -29.19 42.01
C SER E 1038 -47.66 -28.93 40.83
N TRP E 1039 -47.44 -29.97 40.02
CA TRP E 1039 -46.58 -29.85 38.85
C TRP E 1039 -47.21 -29.01 37.75
N LYS E 1040 -48.51 -28.73 37.84
CA LYS E 1040 -49.12 -27.80 36.89
C LYS E 1040 -48.53 -26.40 37.01
N LEU E 1041 -48.04 -26.05 38.21
CA LEU E 1041 -47.41 -24.74 38.39
C LEU E 1041 -46.12 -24.63 37.59
N ALA E 1042 -45.35 -25.72 37.51
CA ALA E 1042 -44.11 -25.70 36.76
C ALA E 1042 -44.32 -25.66 35.24
N LYS E 1043 -45.56 -25.87 34.78
CA LYS E 1043 -45.86 -25.83 33.35
C LYS E 1043 -46.29 -24.44 32.89
N ASN E 1044 -47.06 -23.73 33.73
CA ASN E 1044 -47.53 -22.40 33.37
C ASN E 1044 -46.42 -21.36 33.33
N ILE E 1045 -45.23 -21.68 33.87
CA ILE E 1045 -44.14 -20.71 33.88
C ILE E 1045 -43.59 -20.52 32.47
N PHE E 1046 -43.46 -21.60 31.72
CA PHE E 1046 -42.78 -21.55 30.42
C PHE E 1046 -43.73 -21.53 29.24
N TYR E 1047 -44.94 -22.08 29.37
CA TYR E 1047 -45.81 -22.32 28.23
C TYR E 1047 -46.19 -21.02 27.50
N MET E 1048 -46.98 -20.19 28.17
CA MET E 1048 -47.53 -18.99 27.54
C MET E 1048 -46.46 -17.91 27.29
N PRO E 1049 -45.53 -17.66 28.22
CA PRO E 1049 -44.45 -16.71 27.89
C PRO E 1049 -43.63 -17.13 26.67
N TYR E 1050 -43.46 -18.43 26.44
CA TYR E 1050 -42.74 -18.87 25.24
C TYR E 1050 -43.61 -18.74 24.00
N TRP E 1051 -44.90 -19.06 24.11
CA TRP E 1051 -45.76 -18.93 22.94
C TRP E 1051 -46.01 -17.47 22.55
N MET E 1052 -45.87 -16.53 23.49
CA MET E 1052 -46.19 -15.14 23.20
C MET E 1052 -45.13 -14.43 22.37
N ILE E 1053 -43.91 -14.95 22.27
CA ILE E 1053 -42.86 -14.29 21.51
C ILE E 1053 -42.82 -14.78 20.07
N TYR E 1054 -43.78 -15.59 19.66
CA TYR E 1054 -43.90 -16.04 18.27
C TYR E 1054 -45.20 -15.55 17.64
N GLY E 1055 -45.64 -14.35 18.03
CA GLY E 1055 -46.83 -13.75 17.46
C GLY E 1055 -48.14 -14.13 18.11
N GLU E 1056 -48.13 -15.00 19.11
CA GLU E 1056 -49.35 -15.42 19.79
C GLU E 1056 -49.56 -14.60 21.05
N VAL E 1057 -49.83 -13.31 20.85
CA VAL E 1057 -50.09 -12.38 21.94
C VAL E 1057 -51.60 -12.23 22.07
N PHE E 1058 -52.10 -12.37 23.30
CA PHE E 1058 -53.53 -12.23 23.59
C PHE E 1058 -53.66 -11.40 24.86
N ALA E 1059 -53.93 -10.11 24.71
CA ALA E 1059 -54.06 -9.22 25.85
C ALA E 1059 -55.27 -9.53 26.71
N ASP E 1060 -56.23 -10.30 26.22
CA ASP E 1060 -57.39 -10.68 27.01
C ASP E 1060 -57.09 -11.81 28.00
N GLN E 1061 -55.90 -12.41 27.91
CA GLN E 1061 -55.52 -13.49 28.81
C GLN E 1061 -54.25 -13.22 29.61
N ILE E 1062 -53.41 -12.27 29.18
CA ILE E 1062 -52.28 -11.88 30.01
C ILE E 1062 -52.77 -11.14 31.24
N ASP E 1063 -53.81 -10.32 31.09
CA ASP E 1063 -54.40 -9.57 32.20
C ASP E 1063 -55.91 -9.55 31.98
N PRO E 1064 -56.62 -10.54 32.51
CA PRO E 1064 -58.07 -10.58 32.32
C PRO E 1064 -58.72 -9.35 32.92
N PRO E 1065 -59.79 -8.86 32.30
CA PRO E 1065 -60.47 -7.67 32.84
C PRO E 1065 -61.02 -7.91 34.23
N CYS E 1066 -60.89 -6.89 35.07
CA CYS E 1066 -61.33 -6.98 36.47
C CYS E 1066 -61.34 -5.60 37.12
N GLN E 1079 -69.97 -7.11 38.21
CA GLN E 1079 -70.20 -8.35 37.47
C GLN E 1079 -68.95 -9.21 37.44
N LEU E 1080 -67.84 -8.60 37.03
CA LEU E 1080 -66.58 -9.33 36.96
C LEU E 1080 -66.09 -9.70 38.36
N PRO E 1081 -65.31 -10.77 38.49
CA PRO E 1081 -64.75 -11.11 39.78
C PRO E 1081 -63.82 -10.01 40.26
N PRO E 1082 -63.66 -9.85 41.58
CA PRO E 1082 -62.89 -8.72 42.10
C PRO E 1082 -61.45 -8.73 41.59
N CYS E 1083 -60.94 -7.52 41.33
CA CYS E 1083 -59.59 -7.36 40.81
C CYS E 1083 -58.55 -7.81 41.84
N LYS E 1084 -57.54 -8.53 41.37
CA LYS E 1084 -56.46 -8.96 42.24
C LYS E 1084 -55.62 -7.77 42.65
N THR E 1085 -54.97 -7.90 43.81
CA THR E 1085 -54.10 -6.83 44.31
C THR E 1085 -52.88 -6.70 43.40
N GLY E 1086 -52.68 -5.50 42.85
CA GLY E 1086 -51.57 -5.27 41.95
C GLY E 1086 -51.64 -6.02 40.64
N ALA E 1087 -52.83 -6.12 40.06
CA ALA E 1087 -52.99 -6.81 38.78
C ALA E 1087 -52.62 -5.96 37.58
N TRP E 1088 -52.33 -4.67 37.79
CA TRP E 1088 -51.96 -3.77 36.71
C TRP E 1088 -50.48 -3.81 36.36
N ILE E 1089 -49.66 -4.50 37.17
CA ILE E 1089 -48.24 -4.62 36.86
C ILE E 1089 -48.01 -5.61 35.72
N VAL E 1090 -48.94 -6.54 35.51
CA VAL E 1090 -48.76 -7.57 34.49
C VAL E 1090 -48.63 -6.98 33.08
N PRO E 1091 -49.51 -6.07 32.64
CA PRO E 1091 -49.31 -5.49 31.30
C PRO E 1091 -48.01 -4.72 31.16
N ALA E 1092 -47.56 -4.03 32.21
CA ALA E 1092 -46.31 -3.29 32.13
C ALA E 1092 -45.11 -4.24 31.99
N ILE E 1093 -45.06 -5.27 32.82
CA ILE E 1093 -43.95 -6.22 32.71
C ILE E 1093 -44.04 -6.99 31.40
N MET E 1094 -45.25 -7.22 30.89
CA MET E 1094 -45.39 -7.87 29.58
C MET E 1094 -44.84 -6.99 28.47
N ALA E 1095 -45.13 -5.69 28.51
CA ALA E 1095 -44.59 -4.77 27.52
C ALA E 1095 -43.08 -4.73 27.58
N CYS E 1096 -42.51 -4.65 28.79
CA CYS E 1096 -41.06 -4.65 28.92
C CYS E 1096 -40.45 -5.94 28.40
N TYR E 1097 -41.07 -7.08 28.72
CA TYR E 1097 -40.58 -8.37 28.27
C TYR E 1097 -40.61 -8.49 26.75
N LEU E 1098 -41.70 -8.04 26.13
CA LEU E 1098 -41.79 -8.07 24.68
C LEU E 1098 -40.73 -7.17 24.05
N LEU E 1099 -40.55 -5.96 24.59
CA LEU E 1099 -39.55 -5.05 24.04
C LEU E 1099 -38.15 -5.63 24.15
N VAL E 1100 -37.84 -6.27 25.27
CA VAL E 1100 -36.52 -6.86 25.43
C VAL E 1100 -36.32 -8.07 24.51
N ALA E 1101 -37.33 -8.94 24.43
CA ALA E 1101 -37.16 -10.20 23.71
C ALA E 1101 -37.15 -10.00 22.20
N ASN E 1102 -38.10 -9.23 21.67
CA ASN E 1102 -38.33 -9.18 20.23
C ASN E 1102 -37.59 -8.07 19.52
N ILE E 1103 -36.87 -7.21 20.24
CA ILE E 1103 -36.16 -6.09 19.63
C ILE E 1103 -34.66 -6.14 19.90
N LEU E 1104 -34.26 -6.40 21.14
CA LEU E 1104 -32.85 -6.32 21.50
C LEU E 1104 -32.11 -7.60 21.16
N LEU E 1105 -32.52 -8.72 21.76
CA LEU E 1105 -31.77 -9.97 21.63
C LEU E 1105 -31.82 -10.50 20.20
N VAL E 1106 -32.97 -10.41 19.54
CA VAL E 1106 -33.10 -10.93 18.18
C VAL E 1106 -32.20 -10.16 17.23
N ASN E 1107 -32.21 -8.83 17.33
CA ASN E 1107 -31.36 -8.03 16.46
C ASN E 1107 -29.87 -8.24 16.77
N LEU E 1108 -29.53 -8.41 18.05
CA LEU E 1108 -28.15 -8.70 18.39
C LEU E 1108 -27.70 -10.04 17.81
N LEU E 1109 -28.57 -11.05 17.86
CA LEU E 1109 -28.25 -12.34 17.24
C LEU E 1109 -28.12 -12.21 15.74
N ILE E 1110 -28.98 -11.40 15.11
CA ILE E 1110 -28.85 -11.16 13.68
C ILE E 1110 -27.50 -10.54 13.36
N ALA E 1111 -27.08 -9.56 14.15
CA ALA E 1111 -25.77 -8.94 13.92
C ALA E 1111 -24.64 -9.94 14.12
N VAL E 1112 -24.76 -10.81 15.13
CA VAL E 1112 -23.73 -11.81 15.38
C VAL E 1112 -23.62 -12.77 14.20
N PHE E 1113 -24.77 -13.22 13.67
CA PHE E 1113 -24.76 -14.08 12.49
C PHE E 1113 -24.17 -13.36 11.28
N ASN E 1114 -24.49 -12.08 11.14
CA ASN E 1114 -24.07 -11.34 9.95
C ASN E 1114 -22.56 -11.09 9.95
N ASN E 1115 -21.99 -10.78 11.12
CA ASN E 1115 -20.58 -10.40 11.16
C ASN E 1115 -19.64 -11.60 11.17
N THR E 1116 -20.14 -12.82 11.33
CA THR E 1116 -19.31 -14.01 11.39
C THR E 1116 -19.71 -15.02 10.31
N PHE E 1117 -19.89 -14.54 9.08
CA PHE E 1117 -20.34 -15.39 7.97
C PHE E 1117 -19.23 -15.74 6.99
N PHE E 1118 -18.29 -14.83 6.75
CA PHE E 1118 -17.28 -15.04 5.71
C PHE E 1118 -16.33 -16.18 6.09
N GLU E 1119 -15.79 -16.14 7.30
CA GLU E 1119 -14.86 -17.19 7.74
C GLU E 1119 -15.56 -18.54 7.82
N VAL E 1120 -16.79 -18.56 8.34
CA VAL E 1120 -17.54 -19.82 8.42
C VAL E 1120 -17.78 -20.39 7.03
N LYS E 1121 -18.14 -19.54 6.07
CA LYS E 1121 -18.35 -19.99 4.70
C LYS E 1121 -17.08 -20.58 4.10
N SER E 1122 -15.95 -19.89 4.28
CA SER E 1122 -14.70 -20.38 3.72
C SER E 1122 -14.28 -21.71 4.34
N ILE E 1123 -14.40 -21.82 5.67
CA ILE E 1123 -14.03 -23.05 6.35
C ILE E 1123 -14.94 -24.19 5.92
N SER E 1124 -16.24 -23.92 5.78
CA SER E 1124 -17.17 -24.96 5.35
C SER E 1124 -16.84 -25.45 3.95
N ASN E 1125 -16.52 -24.53 3.04
CA ASN E 1125 -16.14 -24.94 1.68
C ASN E 1125 -14.88 -25.80 1.71
N GLN E 1126 -13.88 -25.38 2.48
CA GLN E 1126 -12.64 -26.14 2.54
C GLN E 1126 -12.86 -27.54 3.12
N VAL E 1127 -13.65 -27.64 4.18
CA VAL E 1127 -13.87 -28.93 4.83
C VAL E 1127 -14.70 -29.84 3.93
N TRP E 1128 -15.69 -29.29 3.21
CA TRP E 1128 -16.45 -30.11 2.28
C TRP E 1128 -15.57 -30.65 1.15
N LYS E 1129 -14.70 -29.79 0.61
CA LYS E 1129 -13.78 -30.25 -0.44
C LYS E 1129 -12.85 -31.32 0.09
N PHE E 1130 -12.39 -31.19 1.34
CA PHE E 1130 -11.54 -32.22 1.93
C PHE E 1130 -12.30 -33.53 2.13
N GLN E 1131 -13.55 -33.45 2.59
CA GLN E 1131 -14.31 -34.65 2.95
C GLN E 1131 -14.97 -35.34 1.77
N ARG E 1132 -14.91 -34.75 0.56
CA ARG E 1132 -15.36 -35.50 -0.61
C ARG E 1132 -14.64 -36.84 -0.75
N TYR E 1133 -13.37 -36.89 -0.37
CA TYR E 1133 -12.55 -38.09 -0.56
C TYR E 1133 -13.10 -39.28 0.21
N GLN E 1134 -13.47 -39.06 1.47
CA GLN E 1134 -13.99 -40.15 2.29
C GLN E 1134 -15.31 -40.67 1.74
N LEU E 1135 -16.18 -39.77 1.26
CA LEU E 1135 -17.42 -40.20 0.62
C LEU E 1135 -17.15 -41.05 -0.60
N ILE E 1136 -16.20 -40.62 -1.44
CA ILE E 1136 -15.89 -41.38 -2.65
C ILE E 1136 -15.37 -42.76 -2.30
N MET E 1137 -14.45 -42.84 -1.33
CA MET E 1137 -13.90 -44.14 -0.95
C MET E 1137 -14.96 -45.04 -0.32
N THR E 1138 -15.82 -44.47 0.52
CA THR E 1138 -16.87 -45.26 1.17
C THR E 1138 -17.82 -45.84 0.14
N PHE E 1139 -18.23 -45.05 -0.85
CA PHE E 1139 -19.12 -45.60 -1.86
C PHE E 1139 -18.40 -46.45 -2.89
N HIS E 1140 -17.07 -46.36 -2.97
CA HIS E 1140 -16.33 -47.31 -3.80
C HIS E 1140 -16.20 -48.66 -3.14
N GLU E 1141 -16.08 -48.70 -1.81
CA GLU E 1141 -15.93 -49.97 -1.10
C GLU E 1141 -17.24 -50.74 -0.98
N ARG E 1142 -18.37 -50.03 -0.92
CA ARG E 1142 -19.65 -50.64 -0.58
C ARG E 1142 -20.09 -51.63 -1.65
N PRO E 1143 -20.93 -52.62 -1.27
CA PRO E 1143 -21.45 -53.59 -2.25
C PRO E 1143 -22.34 -52.95 -3.31
N VAL E 1144 -22.82 -53.75 -4.25
CA VAL E 1144 -23.60 -53.26 -5.38
C VAL E 1144 -25.10 -53.40 -5.14
N LEU E 1145 -25.52 -53.58 -3.89
CA LEU E 1145 -26.94 -53.73 -3.60
C LEU E 1145 -27.36 -52.78 -2.49
N PRO E 1146 -28.59 -52.29 -2.54
CA PRO E 1146 -29.08 -51.40 -1.48
C PRO E 1146 -29.34 -52.18 -0.20
N PRO E 1147 -29.39 -51.49 0.94
CA PRO E 1147 -29.59 -52.17 2.24
C PRO E 1147 -30.85 -53.02 2.29
N PRO E 1148 -31.97 -52.62 1.67
CA PRO E 1148 -33.16 -53.47 1.76
C PRO E 1148 -32.95 -54.89 1.23
N LEU E 1149 -32.01 -55.08 0.31
CA LEU E 1149 -31.76 -56.40 -0.28
C LEU E 1149 -30.27 -56.72 -0.32
N ILE E 1150 -29.53 -56.28 0.72
CA ILE E 1150 -28.13 -56.71 0.85
C ILE E 1150 -27.99 -58.08 1.45
N ILE E 1151 -29.11 -58.75 1.77
CA ILE E 1151 -29.04 -60.06 2.41
C ILE E 1151 -28.36 -61.07 1.49
N PHE E 1152 -28.52 -60.91 0.17
CA PHE E 1152 -27.80 -61.75 -0.77
C PHE E 1152 -26.30 -61.51 -0.68
N SER E 1153 -25.88 -60.25 -0.56
CA SER E 1153 -24.46 -59.93 -0.50
C SER E 1153 -23.83 -60.23 0.85
N HIS E 1154 -24.63 -60.36 1.91
CA HIS E 1154 -24.10 -60.67 3.23
C HIS E 1154 -23.89 -62.16 3.45
N MET E 1155 -24.43 -63.02 2.58
CA MET E 1155 -24.18 -64.45 2.66
C MET E 1155 -23.22 -64.96 1.60
N THR E 1156 -23.08 -64.24 0.48
CA THR E 1156 -22.11 -64.64 -0.53
C THR E 1156 -20.69 -64.54 -0.01
N MET E 1157 -20.39 -63.47 0.74
CA MET E 1157 -19.06 -63.32 1.31
C MET E 1157 -18.73 -64.40 2.32
N ILE E 1158 -19.75 -65.00 2.95
CA ILE E 1158 -19.49 -66.10 3.88
C ILE E 1158 -18.98 -67.33 3.13
N PHE E 1159 -19.63 -67.67 2.02
CA PHE E 1159 -19.19 -68.82 1.24
C PHE E 1159 -17.83 -68.58 0.60
N GLN E 1160 -17.60 -67.37 0.10
CA GLN E 1160 -16.29 -67.04 -0.47
C GLN E 1160 -15.22 -66.88 0.59
N HIS E 1161 -15.60 -66.66 1.84
CA HIS E 1161 -14.62 -66.61 2.93
C HIS E 1161 -13.97 -67.98 3.12
N VAL E 1162 -14.75 -69.05 3.03
CA VAL E 1162 -14.24 -70.41 3.18
C VAL E 1162 -13.98 -71.05 1.82
N CYS E 1163 -13.93 -70.26 0.75
CA CYS E 1163 -13.68 -70.77 -0.60
C CYS E 1163 -12.25 -71.31 -0.72
N ARG E 1176 -7.62 -53.33 -6.63
CA ARG E 1176 -7.71 -51.88 -6.76
C ARG E 1176 -6.92 -51.37 -7.96
N ASP E 1177 -7.33 -51.81 -9.16
CA ASP E 1177 -6.65 -51.36 -10.38
C ASP E 1177 -6.80 -49.86 -10.56
N TYR E 1178 -8.00 -49.33 -10.34
CA TYR E 1178 -8.21 -47.89 -10.31
C TYR E 1178 -9.30 -47.58 -9.30
N GLY E 1179 -9.32 -46.33 -8.86
CA GLY E 1179 -10.14 -45.90 -7.75
C GLY E 1179 -9.40 -45.82 -6.44
N LEU E 1180 -8.29 -46.55 -6.30
CA LEU E 1180 -7.37 -46.39 -5.18
C LEU E 1180 -5.96 -46.06 -5.64
N LYS E 1181 -5.44 -46.80 -6.62
CA LYS E 1181 -4.06 -46.62 -7.07
C LYS E 1181 -4.03 -46.67 -8.60
N LEU E 1182 -2.83 -46.73 -9.16
CA LEU E 1182 -2.64 -46.84 -10.60
C LEU E 1182 -1.27 -47.45 -10.84
N PHE E 1183 -1.24 -48.67 -11.35
CA PHE E 1183 0.00 -49.41 -11.55
C PHE E 1183 0.60 -49.05 -12.91
N ILE E 1184 1.88 -48.67 -12.90
CA ILE E 1184 2.55 -48.17 -14.10
C ILE E 1184 3.85 -48.94 -14.30
N THR E 1185 4.35 -48.90 -15.54
CA THR E 1185 5.57 -49.62 -15.91
C THR E 1185 6.79 -48.76 -15.59
N ASP E 1186 7.95 -49.17 -16.10
CA ASP E 1186 9.22 -48.52 -15.76
C ASP E 1186 9.55 -47.34 -16.67
N ASP E 1187 9.27 -47.45 -17.97
CA ASP E 1187 9.54 -46.33 -18.88
C ASP E 1187 8.69 -45.12 -18.54
N GLU E 1188 7.41 -45.34 -18.26
CA GLU E 1188 6.54 -44.25 -17.82
C GLU E 1188 6.98 -43.73 -16.46
N LEU E 1189 7.51 -44.60 -15.59
CA LEU E 1189 8.05 -44.14 -14.32
C LEU E 1189 9.24 -43.19 -14.53
N LYS E 1190 10.12 -43.53 -15.48
CA LYS E 1190 11.23 -42.64 -15.81
C LYS E 1190 10.73 -41.31 -16.35
N LYS E 1191 9.71 -41.36 -17.21
CA LYS E 1191 9.13 -40.12 -17.75
C LYS E 1191 8.55 -39.27 -16.63
N VAL E 1192 7.86 -39.89 -15.68
CA VAL E 1192 7.27 -39.17 -14.56
C VAL E 1192 8.36 -38.53 -13.70
N HIS E 1193 9.44 -39.26 -13.44
CA HIS E 1193 10.54 -38.70 -12.67
C HIS E 1193 11.17 -37.51 -13.38
N ASP E 1194 11.37 -37.62 -14.69
CA ASP E 1194 11.91 -36.50 -15.45
C ASP E 1194 10.99 -35.28 -15.40
N PHE E 1195 9.68 -35.52 -15.54
CA PHE E 1195 8.71 -34.43 -15.46
C PHE E 1195 8.75 -33.75 -14.10
N GLU E 1196 8.83 -34.53 -13.03
CA GLU E 1196 8.86 -33.96 -11.68
C GLU E 1196 10.14 -33.15 -11.46
N GLU E 1197 11.27 -33.65 -11.94
CA GLU E 1197 12.52 -32.90 -11.80
C GLU E 1197 12.46 -31.59 -12.57
N GLN E 1198 11.91 -31.62 -13.78
CA GLN E 1198 11.77 -30.38 -14.54
C GLN E 1198 10.85 -29.40 -13.81
N CYS E 1199 9.76 -29.89 -13.24
CA CYS E 1199 8.84 -29.02 -12.52
C CYS E 1199 9.50 -28.37 -11.32
N ILE E 1200 10.27 -29.14 -10.54
CA ILE E 1200 10.89 -28.56 -9.34
C ILE E 1200 11.98 -27.57 -9.73
N GLU E 1201 12.73 -27.86 -10.79
CA GLU E 1201 13.74 -26.91 -11.26
C GLU E 1201 13.08 -25.60 -11.72
N GLU E 1202 11.98 -25.71 -12.45
CA GLU E 1202 11.27 -24.50 -12.89
C GLU E 1202 10.74 -23.72 -11.70
N TYR E 1203 10.22 -24.42 -10.69
CA TYR E 1203 9.71 -23.76 -9.50
C TYR E 1203 10.81 -22.96 -8.79
N PHE E 1204 11.97 -23.58 -8.59
CA PHE E 1204 13.06 -22.87 -7.93
C PHE E 1204 13.55 -21.69 -8.76
N ARG E 1205 13.66 -21.86 -10.09
CA ARG E 1205 14.09 -20.76 -10.93
C ARG E 1205 13.11 -19.60 -10.88
N GLU E 1206 11.81 -19.89 -10.92
CA GLU E 1206 10.81 -18.83 -10.81
C GLU E 1206 10.91 -18.11 -9.48
N LYS E 1207 11.10 -18.87 -8.39
CA LYS E 1207 11.24 -18.23 -7.08
C LYS E 1207 12.43 -17.28 -7.05
N ASP E 1208 13.59 -17.74 -7.55
CA ASP E 1208 14.77 -16.89 -7.54
C ASP E 1208 14.58 -15.66 -8.40
N ASP E 1209 14.00 -15.82 -9.59
CA ASP E 1209 13.78 -14.68 -10.48
C ASP E 1209 12.82 -13.67 -9.86
N ARG E 1210 11.76 -14.14 -9.21
CA ARG E 1210 10.85 -13.22 -8.54
C ARG E 1210 11.54 -12.49 -7.40
N PHE E 1211 12.34 -13.20 -6.61
CA PHE E 1211 13.01 -12.56 -5.49
C PHE E 1211 14.00 -11.50 -5.94
N ASN E 1212 14.77 -11.77 -7.00
CA ASN E 1212 15.83 -10.85 -7.40
C ASN E 1212 15.30 -9.54 -7.94
N SER E 1213 14.08 -9.52 -8.48
CA SER E 1213 13.55 -8.34 -9.14
C SER E 1213 12.60 -7.53 -8.26
N SER E 1214 12.53 -7.83 -6.96
CA SER E 1214 11.66 -7.08 -6.06
C SER E 1214 12.26 -5.71 -5.78
N ASN E 1215 11.38 -4.78 -5.39
CA ASN E 1215 11.83 -3.41 -5.12
C ASN E 1215 12.76 -3.35 -3.91
N ASP E 1216 12.44 -4.12 -2.86
CA ASP E 1216 13.24 -4.07 -1.64
C ASP E 1216 14.69 -4.51 -1.89
N GLU E 1217 14.85 -5.62 -2.63
CA GLU E 1217 16.20 -6.11 -2.92
C GLU E 1217 16.96 -5.12 -3.80
N ARG E 1218 16.28 -4.54 -4.78
CA ARG E 1218 16.94 -3.54 -5.63
C ARG E 1218 17.38 -2.34 -4.81
N ILE E 1219 16.53 -1.86 -3.90
CA ILE E 1219 16.89 -0.72 -3.06
C ILE E 1219 18.09 -1.06 -2.19
N ARG E 1220 18.08 -2.25 -1.57
CA ARG E 1220 19.19 -2.64 -0.69
C ARG E 1220 20.50 -2.74 -1.46
N VAL E 1221 20.47 -3.40 -2.63
CA VAL E 1221 21.69 -3.56 -3.40
C VAL E 1221 22.18 -2.21 -3.91
N THR E 1222 21.27 -1.34 -4.34
CA THR E 1222 21.66 -0.01 -4.77
C THR E 1222 22.30 0.78 -3.63
N SER E 1223 21.74 0.67 -2.43
CA SER E 1223 22.31 1.38 -1.29
C SER E 1223 23.72 0.88 -0.96
N GLU E 1224 23.91 -0.45 -0.98
CA GLU E 1224 25.24 -0.99 -0.71
C GLU E 1224 26.25 -0.55 -1.78
N ARG E 1225 25.84 -0.61 -3.05
CA ARG E 1225 26.74 -0.21 -4.13
C ARG E 1225 27.06 1.28 -4.05
N VAL E 1226 26.08 2.10 -3.70
CA VAL E 1226 26.32 3.54 -3.56
C VAL E 1226 27.28 3.81 -2.42
N GLU E 1227 27.12 3.11 -1.29
CA GLU E 1227 28.04 3.29 -0.16
C GLU E 1227 29.47 2.94 -0.55
N ASN E 1228 29.64 1.77 -1.19
CA ASN E 1228 30.98 1.36 -1.60
C ASN E 1228 31.56 2.33 -2.63
N MET E 1229 30.73 2.79 -3.57
CA MET E 1229 31.20 3.72 -4.60
C MET E 1229 31.62 5.05 -3.97
N SER E 1230 30.84 5.55 -3.01
CA SER E 1230 31.20 6.80 -2.34
C SER E 1230 32.50 6.66 -1.58
N MET E 1231 32.68 5.54 -0.87
CA MET E 1231 33.93 5.33 -0.13
C MET E 1231 35.11 5.26 -1.08
N ARG E 1232 34.96 4.54 -2.20
CA ARG E 1232 36.05 4.41 -3.16
C ARG E 1232 36.36 5.74 -3.83
N LEU E 1233 35.33 6.55 -4.12
CA LEU E 1233 35.57 7.85 -4.74
C LEU E 1233 36.25 8.79 -3.77
N GLU E 1234 35.89 8.73 -2.48
CA GLU E 1234 36.60 9.52 -1.48
C GLU E 1234 38.07 9.10 -1.41
N GLU E 1235 38.33 7.79 -1.45
CA GLU E 1235 39.71 7.32 -1.45
C GLU E 1235 40.46 7.79 -2.69
N VAL E 1236 39.80 7.78 -3.85
CA VAL E 1236 40.44 8.25 -5.08
C VAL E 1236 40.76 9.73 -4.99
N ASN E 1237 39.82 10.53 -4.48
CA ASN E 1237 40.06 11.96 -4.33
C ASN E 1237 41.09 12.26 -3.23
N GLU E 1238 41.35 11.29 -2.36
CA GLU E 1238 42.36 11.49 -1.32
C GLU E 1238 43.74 11.72 -1.92
N ARG E 1239 44.06 11.00 -3.00
CA ARG E 1239 45.35 11.18 -3.64
C ARG E 1239 45.48 12.57 -4.26
N GLU E 1240 46.71 13.06 -4.31
CA GLU E 1240 47.01 14.38 -4.90
C GLU E 1240 48.29 14.23 -5.72
N HIS E 1241 48.13 13.92 -7.01
CA HIS E 1241 49.27 13.80 -7.90
C HIS E 1241 49.75 15.14 -8.44
N SER E 1242 48.97 16.21 -8.25
CA SER E 1242 49.37 17.53 -8.74
C SER E 1242 50.24 18.24 -7.72
N UNK F 1 35.82 -22.71 48.54
CA UNK F 1 36.01 -22.62 47.10
C UNK F 1 37.26 -23.39 46.68
N UNK F 2 37.29 -23.85 45.43
CA UNK F 2 38.42 -24.59 44.91
C UNK F 2 39.54 -23.65 44.46
N UNK F 3 39.31 -22.35 44.61
CA UNK F 3 40.28 -21.34 44.22
C UNK F 3 41.28 -21.09 45.35
N UNK F 4 41.32 -22.00 46.32
CA UNK F 4 42.25 -21.90 47.43
C UNK F 4 43.59 -22.55 47.08
N UNK F 5 43.76 -22.87 45.80
CA UNK F 5 44.99 -23.48 45.33
C UNK F 5 45.88 -22.43 44.66
N UNK F 6 45.51 -21.16 44.83
CA UNK F 6 46.28 -20.06 44.29
C UNK F 6 46.91 -19.25 45.42
N UNK F 7 48.22 -19.03 45.34
CA UNK F 7 48.94 -18.33 46.39
C UNK F 7 49.45 -16.98 45.91
N UNK F 8 49.30 -15.96 46.75
CA UNK F 8 49.80 -14.63 46.44
C UNK F 8 51.22 -14.47 46.97
N UNK F 9 51.71 -13.23 47.02
CA UNK F 9 53.07 -12.98 47.48
C UNK F 9 53.23 -11.53 47.94
N UNK F 10 53.07 -11.30 49.25
CA UNK F 10 53.25 -9.97 49.82
C UNK F 10 54.69 -9.79 50.26
N UNK F 11 55.28 -8.65 49.90
CA UNK F 11 56.67 -8.36 50.22
C UNK F 11 56.90 -8.29 51.73
N UNK F 12 58.09 -8.72 52.16
CA UNK F 12 58.42 -8.73 53.58
C UNK F 12 59.52 -7.71 53.90
N UNK F 13 60.50 -8.14 54.68
CA UNK F 13 61.60 -7.27 55.09
C UNK F 13 62.46 -6.86 53.90
N UNK F 14 62.27 -5.64 53.42
CA UNK F 14 63.03 -5.13 52.29
C UNK F 14 64.10 -4.15 52.76
N UNK F 15 65.23 -4.13 52.06
CA UNK F 15 66.35 -3.26 52.43
C UNK F 15 66.96 -2.63 51.19
N UNK F 16 66.69 -1.34 50.99
CA UNK F 16 67.23 -0.60 49.86
C UNK F 16 67.16 0.90 50.12
N UNK F 17 66.47 1.61 49.22
CA UNK F 17 66.28 3.06 49.32
C UNK F 17 67.61 3.80 49.42
N ILE G 128 32.64 74.10 9.91
CA ILE G 128 32.71 74.42 11.33
C ILE G 128 33.28 73.26 12.12
N SER G 129 33.49 73.47 13.42
CA SER G 129 34.06 72.45 14.29
C SER G 129 32.95 71.61 14.94
N LYS G 130 32.20 70.92 14.08
CA LYS G 130 31.07 70.09 14.50
C LYS G 130 30.08 70.89 15.34
N HIS G 131 29.82 72.12 14.92
CA HIS G 131 28.91 73.01 15.64
C HIS G 131 27.49 72.71 15.19
N THR G 132 26.78 71.90 15.97
CA THR G 132 25.40 71.52 15.70
C THR G 132 24.54 71.87 16.91
N GLN G 133 23.26 71.52 16.83
CA GLN G 133 22.31 71.73 17.90
C GLN G 133 21.97 70.39 18.53
N LEU G 134 22.11 70.30 19.86
CA LEU G 134 21.88 69.06 20.58
C LEU G 134 20.40 68.88 20.91
N SER G 135 19.60 68.74 19.84
CA SER G 135 18.18 68.52 19.97
C SER G 135 17.88 67.02 20.13
N PRO G 136 16.80 66.68 20.82
CA PRO G 136 16.45 65.26 20.98
C PRO G 136 16.07 64.63 19.65
N THR G 137 16.12 63.31 19.63
CA THR G 137 15.86 62.57 18.40
C THR G 137 14.42 62.75 17.96
N ASP G 138 14.21 62.84 16.64
CA ASP G 138 12.88 62.96 16.05
C ASP G 138 12.58 61.80 15.11
N ALA G 139 13.26 60.67 15.26
CA ALA G 139 13.07 59.54 14.37
C ALA G 139 13.35 58.25 15.14
N PHE G 140 12.29 57.52 15.47
CA PHE G 140 12.43 56.22 16.12
C PHE G 140 11.12 55.47 15.97
N GLY G 141 11.21 54.24 15.45
CA GLY G 141 10.02 53.43 15.26
C GLY G 141 10.29 52.17 14.45
N THR G 142 9.37 51.86 13.53
CA THR G 142 9.47 50.66 12.70
C THR G 142 9.28 51.05 11.25
N ILE G 143 10.05 50.42 10.36
CA ILE G 143 9.97 50.66 8.93
C ILE G 143 9.74 49.32 8.23
N GLU G 144 8.81 49.32 7.28
CA GLU G 144 8.53 48.14 6.45
C GLU G 144 9.04 48.41 5.04
N PHE G 145 9.83 47.46 4.51
CA PHE G 145 10.45 47.64 3.21
C PHE G 145 9.49 47.23 2.11
N GLN G 146 9.23 48.14 1.18
CA GLN G 146 8.37 47.88 0.04
C GLN G 146 9.22 47.86 -1.22
N GLY G 147 9.15 46.76 -1.96
CA GLY G 147 9.94 46.62 -3.17
C GLY G 147 10.63 45.27 -3.26
N GLY G 148 10.97 44.69 -2.10
CA GLY G 148 11.58 43.40 -2.07
C GLY G 148 10.57 42.27 -2.18
N GLY G 149 11.09 41.05 -2.28
CA GLY G 149 10.26 39.87 -2.37
C GLY G 149 9.76 39.31 -1.05
N HIS G 150 10.14 39.93 0.06
CA HIS G 150 9.72 39.47 1.38
C HIS G 150 9.12 40.64 2.17
N SER G 151 8.62 40.32 3.36
CA SER G 151 8.03 41.31 4.26
C SER G 151 8.84 41.30 5.55
N ASN G 152 9.65 42.34 5.75
CA ASN G 152 10.52 42.44 6.91
C ASN G 152 10.27 43.75 7.65
N LYS G 153 10.28 43.69 8.98
CA LYS G 153 10.10 44.85 9.83
C LYS G 153 11.39 45.10 10.60
N ALA G 154 11.89 46.33 10.56
CA ALA G 154 13.15 46.68 11.20
C ALA G 154 12.93 47.86 12.12
N MET G 155 13.21 47.67 13.41
CA MET G 155 13.18 48.79 14.35
C MET G 155 14.38 49.69 14.11
N TYR G 156 14.14 51.00 14.05
CA TYR G 156 15.19 51.96 13.77
C TYR G 156 15.12 53.10 14.78
N VAL G 157 16.30 53.54 15.21
CA VAL G 157 16.45 54.67 16.12
C VAL G 157 17.70 55.44 15.72
N ARG G 158 17.55 56.75 15.54
CA ARG G 158 18.69 57.61 15.22
C ARG G 158 19.20 58.29 16.48
N VAL G 159 20.52 58.31 16.64
CA VAL G 159 21.18 58.91 17.79
C VAL G 159 22.41 59.65 17.30
N SER G 160 23.13 60.28 18.23
CA SER G 160 24.39 60.91 17.93
C SER G 160 25.54 59.94 18.18
N PHE G 161 26.74 60.33 17.76
CA PHE G 161 27.92 59.49 17.95
C PHE G 161 28.46 59.57 19.36
N ASP G 162 27.92 60.44 20.21
CA ASP G 162 28.37 60.59 21.60
C ASP G 162 27.49 59.84 22.58
N THR G 163 26.56 59.01 22.10
CA THR G 163 25.70 58.27 23.00
C THR G 163 26.50 57.21 23.74
N LYS G 164 26.30 57.14 25.06
CA LYS G 164 27.05 56.19 25.86
C LYS G 164 26.61 54.75 25.56
N PRO G 165 27.55 53.80 25.54
CA PRO G 165 27.18 52.41 25.23
C PRO G 165 26.18 51.81 26.20
N ASP G 166 26.20 52.22 27.48
CA ASP G 166 25.28 51.64 28.46
C ASP G 166 23.83 51.94 28.11
N LEU G 167 23.55 53.18 27.71
CA LEU G 167 22.18 53.54 27.34
C LEU G 167 21.74 52.78 26.09
N LEU G 168 22.64 52.62 25.12
CA LEU G 168 22.32 51.85 23.93
C LEU G 168 22.02 50.39 24.27
N LEU G 169 22.80 49.80 25.16
CA LEU G 169 22.56 48.42 25.58
C LEU G 169 21.23 48.30 26.31
N HIS G 170 20.91 49.27 27.16
CA HIS G 170 19.62 49.27 27.84
C HIS G 170 18.47 49.36 26.85
N LEU G 171 18.61 50.24 25.84
CA LEU G 171 17.59 50.37 24.81
C LEU G 171 17.42 49.07 24.03
N MET G 172 18.52 48.40 23.69
CA MET G 172 18.44 47.16 22.94
C MET G 172 17.83 46.04 23.78
N THR G 173 18.14 46.01 25.09
CA THR G 173 17.66 44.93 25.93
C THR G 173 16.22 45.11 26.40
N LYS G 174 15.72 46.36 26.44
CA LYS G 174 14.37 46.60 26.94
C LYS G 174 13.42 47.07 25.85
N GLU G 175 13.73 48.16 25.14
CA GLU G 175 12.82 48.67 24.13
C GLU G 175 12.66 47.70 22.97
N TRP G 176 13.76 47.12 22.50
CA TRP G 176 13.72 46.17 21.39
C TRP G 176 13.51 44.74 21.84
N GLN G 177 13.56 44.47 23.14
CA GLN G 177 13.32 43.14 23.71
C GLN G 177 14.30 42.10 23.13
N LEU G 178 15.59 42.37 23.35
CA LEU G 178 16.66 41.48 22.91
C LEU G 178 17.47 41.04 24.11
N GLU G 179 17.53 39.74 24.34
CA GLU G 179 18.33 39.19 25.42
C GLU G 179 19.82 39.25 25.08
N LEU G 180 20.65 39.21 26.12
CA LEU G 180 22.09 39.27 25.92
C LEU G 180 22.56 38.05 25.15
N PRO G 181 23.39 38.22 24.12
CA PRO G 181 23.82 37.08 23.31
C PRO G 181 24.91 36.28 23.99
N LYS G 182 25.07 35.05 23.51
CA LYS G 182 26.14 34.16 23.94
C LYS G 182 27.32 34.20 22.99
N LEU G 183 27.27 35.07 21.98
CA LEU G 183 28.33 35.19 20.98
C LEU G 183 28.09 36.49 20.22
N LEU G 184 29.18 37.15 19.82
CA LEU G 184 29.12 38.40 19.09
C LEU G 184 30.01 38.31 17.87
N ILE G 185 29.43 38.44 16.69
CA ILE G 185 30.17 38.35 15.43
C ILE G 185 30.24 39.74 14.81
N SER G 186 31.46 40.20 14.53
CA SER G 186 31.69 41.49 13.90
C SER G 186 32.16 41.24 12.47
N VAL G 187 31.42 41.77 11.51
CA VAL G 187 31.70 41.57 10.09
C VAL G 187 32.26 42.87 9.52
N HIS G 188 33.46 42.80 8.96
CA HIS G 188 34.12 43.92 8.32
C HIS G 188 34.46 43.57 6.89
N GLY G 189 34.64 44.60 6.07
CA GLY G 189 34.95 44.38 4.68
C GLY G 189 35.15 45.68 3.95
N GLY G 190 35.23 45.57 2.61
CA GLY G 190 35.41 46.74 1.77
C GLY G 190 34.08 47.38 1.44
N LEU G 191 34.03 48.70 1.57
CA LEU G 191 32.82 49.47 1.28
C LEU G 191 32.55 49.62 -0.22
N GLN G 192 33.30 48.91 -1.06
CA GLN G 192 33.09 48.93 -2.50
C GLN G 192 31.94 48.00 -2.86
N ASN G 193 31.80 47.67 -4.15
CA ASN G 193 30.73 46.81 -4.60
C ASN G 193 31.31 45.60 -5.32
N PHE G 194 32.29 44.95 -4.69
CA PHE G 194 33.02 43.85 -5.30
C PHE G 194 32.11 42.63 -5.49
N GLU G 195 32.70 41.59 -6.08
CA GLU G 195 32.02 40.31 -6.27
C GLU G 195 33.01 39.19 -6.00
N LEU G 196 32.51 38.09 -5.44
CA LEU G 196 33.33 36.92 -5.15
C LEU G 196 32.88 35.74 -6.00
N GLN G 197 33.74 34.73 -6.05
CA GLN G 197 33.50 33.58 -6.91
C GLN G 197 32.26 32.82 -6.46
N PRO G 198 31.44 32.32 -7.40
CA PRO G 198 30.34 31.44 -7.01
C PRO G 198 30.83 30.18 -6.32
N LYS G 199 29.96 29.61 -5.48
CA LYS G 199 30.25 28.46 -4.62
C LYS G 199 31.15 28.86 -3.45
N LEU G 200 31.63 30.10 -3.46
CA LEU G 200 32.25 30.70 -2.28
C LEU G 200 31.26 31.54 -1.49
N LYS G 201 30.31 32.19 -2.17
CA LYS G 201 29.23 32.88 -1.48
C LYS G 201 28.30 31.90 -0.78
N GLN G 202 28.04 30.74 -1.37
CA GLN G 202 27.15 29.75 -0.79
C GLN G 202 27.71 29.17 0.51
N VAL G 203 28.99 28.76 0.49
CA VAL G 203 29.59 28.20 1.71
C VAL G 203 29.71 29.28 2.79
N PHE G 204 30.08 30.49 2.39
CA PHE G 204 30.18 31.59 3.35
C PHE G 204 28.82 31.87 4.00
N GLY G 205 27.77 31.94 3.18
CA GLY G 205 26.44 32.16 3.72
C GLY G 205 25.99 31.04 4.62
N LYS G 206 26.20 29.79 4.21
CA LYS G 206 25.80 28.66 5.02
C LYS G 206 26.52 28.66 6.36
N GLY G 207 27.84 28.89 6.35
CA GLY G 207 28.59 28.91 7.59
C GLY G 207 28.15 30.02 8.51
N LEU G 208 28.00 31.25 7.98
CA LEU G 208 27.60 32.37 8.80
C LEU G 208 26.20 32.16 9.39
N ILE G 209 25.26 31.68 8.56
CA ILE G 209 23.90 31.47 9.03
C ILE G 209 23.84 30.38 10.08
N LYS G 210 24.58 29.27 9.87
CA LYS G 210 24.58 28.19 10.85
C LYS G 210 25.20 28.64 12.17
N ALA G 211 26.30 29.40 12.09
CA ALA G 211 26.95 29.87 13.31
C ALA G 211 26.05 30.85 14.06
N ALA G 212 25.30 31.68 13.34
CA ALA G 212 24.43 32.64 14.00
C ALA G 212 23.12 32.03 14.47
N MET G 213 22.71 30.89 13.90
CA MET G 213 21.42 30.29 14.23
C MET G 213 21.52 29.19 15.27
N THR G 214 22.59 28.38 15.26
CA THR G 214 22.70 27.31 16.24
C THR G 214 22.76 27.85 17.66
N THR G 215 23.51 28.93 17.87
CA THR G 215 23.57 29.61 19.15
C THR G 215 22.93 30.99 19.05
N GLY G 216 22.77 31.63 20.20
CA GLY G 216 22.22 32.97 20.24
C GLY G 216 23.31 34.02 20.06
N ALA G 217 23.44 34.53 18.84
CA ALA G 217 24.52 35.45 18.51
C ALA G 217 23.97 36.68 17.79
N TRP G 218 24.73 37.77 17.88
CA TRP G 218 24.43 39.01 17.19
C TRP G 218 25.44 39.23 16.06
N ILE G 219 24.97 39.86 14.99
CA ILE G 219 25.81 40.16 13.83
C ILE G 219 25.82 41.68 13.65
N PHE G 220 27.02 42.27 13.64
CA PHE G 220 27.18 43.70 13.44
C PHE G 220 27.71 43.94 12.03
N THR G 221 26.96 44.72 11.25
CA THR G 221 27.33 45.06 9.89
C THR G 221 27.19 46.56 9.68
N GLY G 222 27.61 47.03 8.50
CA GLY G 222 27.50 48.44 8.20
C GLY G 222 26.06 48.91 8.08
N GLY G 223 25.22 48.13 7.41
CA GLY G 223 23.81 48.46 7.30
C GLY G 223 23.37 48.85 5.91
N VAL G 224 24.19 49.61 5.20
CA VAL G 224 23.85 50.02 3.84
C VAL G 224 24.06 48.85 2.88
N ASN G 225 23.49 48.96 1.69
CA ASN G 225 23.49 47.85 0.72
C ASN G 225 24.68 47.96 -0.23
N THR G 226 25.88 47.95 0.35
CA THR G 226 27.11 47.96 -0.43
C THR G 226 28.13 47.03 0.22
N GLY G 227 28.80 46.23 -0.61
CA GLY G 227 29.90 45.41 -0.15
C GLY G 227 29.49 44.08 0.46
N VAL G 228 30.17 43.69 1.53
CA VAL G 228 29.86 42.43 2.21
C VAL G 228 28.46 42.44 2.78
N ILE G 229 27.89 43.62 3.04
CA ILE G 229 26.56 43.70 3.61
C ILE G 229 25.53 43.15 2.62
N ARG G 230 25.73 43.39 1.33
CA ARG G 230 24.84 42.81 0.33
C ARG G 230 24.91 41.29 0.35
N HIS G 231 26.11 40.74 0.51
CA HIS G 231 26.26 39.28 0.55
C HIS G 231 25.62 38.68 1.78
N VAL G 232 25.80 39.33 2.95
CA VAL G 232 25.14 38.80 4.14
C VAL G 232 23.63 38.96 4.05
N GLY G 233 23.16 40.01 3.39
CA GLY G 233 21.73 40.13 3.16
C GLY G 233 21.19 39.02 2.25
N ASP G 234 21.95 38.68 1.21
CA ASP G 234 21.56 37.56 0.35
C ASP G 234 21.56 36.25 1.14
N ALA G 235 22.56 36.05 2.00
CA ALA G 235 22.59 34.85 2.82
C ALA G 235 21.39 34.77 3.76
N LEU G 236 21.02 35.91 4.37
CA LEU G 236 19.83 35.94 5.21
C LEU G 236 18.57 35.66 4.41
N LYS G 237 18.50 36.20 3.19
CA LYS G 237 17.34 35.98 2.33
C LYS G 237 17.22 34.50 1.97
N ASP G 238 18.33 33.83 1.72
CA ASP G 238 18.29 32.39 1.48
C ASP G 238 17.82 31.63 2.71
N HIS G 239 18.24 32.06 3.90
CA HIS G 239 17.87 31.36 5.12
C HIS G 239 16.39 31.53 5.43
N ALA G 240 15.81 32.69 5.11
CA ALA G 240 14.43 32.98 5.49
C ALA G 240 13.47 31.99 4.84
N SER G 241 13.69 31.67 3.56
CA SER G 241 12.77 30.79 2.85
C SER G 241 12.95 29.34 3.25
N LYS G 242 14.18 28.94 3.58
CA LYS G 242 14.52 27.53 3.75
C LYS G 242 14.37 27.02 5.18
N SER G 243 14.07 27.88 6.14
CA SER G 243 13.97 27.45 7.53
C SER G 243 13.30 28.55 8.35
N ARG G 244 12.94 28.17 9.58
CA ARG G 244 12.37 29.11 10.55
C ARG G 244 13.47 29.71 11.42
N GLY G 245 13.08 30.42 12.48
CA GLY G 245 14.05 31.01 13.39
C GLY G 245 14.39 32.44 13.04
N LYS G 246 14.80 33.20 14.05
CA LYS G 246 15.11 34.62 13.89
C LYS G 246 16.59 34.83 14.17
N ILE G 247 17.27 35.52 13.27
CA ILE G 247 18.68 35.88 13.43
C ILE G 247 18.75 37.37 13.67
N CYS G 248 19.43 37.77 14.75
CA CYS G 248 19.50 39.17 15.15
C CYS G 248 20.66 39.83 14.42
N THR G 249 20.36 40.50 13.32
CA THR G 249 21.34 41.25 12.54
C THR G 249 21.13 42.73 12.79
N ILE G 250 22.19 43.41 13.20
CA ILE G 250 22.13 44.82 13.57
C ILE G 250 23.04 45.61 12.65
N GLY G 251 22.48 46.66 12.04
CA GLY G 251 23.23 47.54 11.16
C GLY G 251 23.46 48.89 11.82
N ILE G 252 24.72 49.32 11.84
CA ILE G 252 25.12 50.59 12.42
C ILE G 252 25.67 51.42 11.27
N ALA G 253 24.86 52.35 10.76
CA ALA G 253 25.22 53.13 9.59
C ALA G 253 25.10 54.61 9.89
N PRO G 254 25.87 55.44 9.19
CA PRO G 254 25.71 56.90 9.35
C PRO G 254 24.36 57.37 8.83
N TRP G 255 23.84 58.43 9.47
CA TRP G 255 22.53 58.94 9.12
C TRP G 255 22.53 59.64 7.76
N GLY G 256 23.64 60.26 7.38
CA GLY G 256 23.67 61.06 6.18
C GLY G 256 23.75 60.30 4.88
N ILE G 257 23.96 58.99 4.92
CA ILE G 257 24.15 58.20 3.70
C ILE G 257 22.85 57.57 3.20
N VAL G 258 21.83 57.42 4.05
CA VAL G 258 20.58 56.85 3.61
C VAL G 258 19.99 57.70 2.49
N GLU G 259 19.48 57.03 1.45
CA GLU G 259 19.03 57.74 0.25
C GLU G 259 17.87 58.66 0.55
N ASN G 260 16.91 58.20 1.35
CA ASN G 260 15.73 58.98 1.73
C ASN G 260 15.82 59.27 3.22
N GLN G 261 16.49 60.37 3.57
CA GLN G 261 16.51 60.80 4.97
C GLN G 261 15.12 61.14 5.46
N GLU G 262 14.32 61.79 4.62
CA GLU G 262 12.91 62.00 4.92
C GLU G 262 12.17 60.66 4.83
N ASP G 263 10.86 60.71 5.10
CA ASP G 263 10.00 59.53 5.16
C ASP G 263 10.47 58.55 6.24
N LEU G 264 11.29 59.03 7.18
CA LEU G 264 11.76 58.24 8.31
C LEU G 264 11.64 59.05 9.60
N ILE G 265 10.68 59.96 9.67
CA ILE G 265 10.57 60.88 10.79
C ILE G 265 9.43 60.51 11.75
N GLY G 266 8.44 59.75 11.31
CA GLY G 266 7.34 59.36 12.17
C GLY G 266 7.79 58.59 13.40
N ARG G 267 7.66 59.21 14.56
CA ARG G 267 8.13 58.62 15.80
C ARG G 267 7.11 57.63 16.34
N ASP G 268 7.58 56.42 16.68
CA ASP G 268 6.73 55.35 17.22
C ASP G 268 5.59 55.02 16.27
N VAL G 269 5.87 55.05 14.96
CA VAL G 269 4.89 54.73 13.95
C VAL G 269 5.59 53.94 12.84
N VAL G 270 4.79 53.25 12.02
CA VAL G 270 5.29 52.48 10.90
C VAL G 270 5.28 53.34 9.66
N ARG G 271 6.44 53.43 8.99
CA ARG G 271 6.57 54.21 7.77
C ARG G 271 7.18 53.34 6.68
N PRO G 272 6.56 53.26 5.51
CA PRO G 272 7.11 52.43 4.43
C PRO G 272 8.42 52.99 3.90
N TYR G 273 9.26 52.09 3.40
CA TYR G 273 10.55 52.45 2.81
C TYR G 273 10.70 51.75 1.47
N GLN G 274 11.25 52.46 0.50
CA GLN G 274 11.37 51.95 -0.87
C GLN G 274 12.73 51.29 -1.04
N THR G 275 12.73 50.00 -1.37
CA THR G 275 13.98 49.27 -1.56
C THR G 275 14.64 49.61 -2.90
N MET G 276 13.88 49.98 -3.91
CA MET G 276 14.45 50.31 -5.21
C MET G 276 15.35 51.54 -5.11
N SER G 277 16.53 51.46 -5.69
CA SER G 277 17.51 52.53 -5.67
C SER G 277 17.88 52.94 -7.08
N ASN G 278 18.02 54.26 -7.30
CA ASN G 278 18.42 54.75 -8.60
C ASN G 278 19.93 54.96 -8.66
N PRO G 279 20.55 54.70 -9.81
CA PRO G 279 22.01 54.79 -9.89
C PRO G 279 22.52 56.23 -9.91
N MET G 280 21.69 57.17 -10.37
CA MET G 280 22.11 58.56 -10.46
C MET G 280 22.37 59.18 -9.09
N SER G 281 21.77 58.64 -8.03
CA SER G 281 21.97 59.20 -6.70
C SER G 281 23.37 58.88 -6.18
N LYS G 282 23.85 59.73 -5.28
CA LYS G 282 25.14 59.57 -4.63
C LYS G 282 25.04 58.86 -3.29
N LEU G 283 23.85 58.39 -2.91
CA LEU G 283 23.60 57.80 -1.61
C LEU G 283 23.35 56.30 -1.74
N THR G 284 23.07 55.66 -0.61
CA THR G 284 22.82 54.23 -0.56
C THR G 284 21.63 53.95 0.33
N VAL G 285 20.78 53.02 -0.10
CA VAL G 285 19.59 52.66 0.66
C VAL G 285 19.97 51.67 1.76
N LEU G 286 19.18 51.67 2.83
CA LEU G 286 19.37 50.70 3.89
C LEU G 286 19.08 49.29 3.38
N ASN G 287 19.95 48.35 3.73
CA ASN G 287 19.79 46.98 3.30
C ASN G 287 18.65 46.31 4.07
N SER G 288 17.76 45.64 3.34
CA SER G 288 16.70 44.89 3.98
C SER G 288 17.27 43.64 4.65
N MET G 289 16.38 42.83 5.23
CA MET G 289 16.72 41.62 5.97
C MET G 289 17.57 41.92 7.20
N HIS G 290 17.56 43.16 7.68
CA HIS G 290 18.22 43.56 8.91
C HIS G 290 17.17 43.77 9.99
N SER G 291 17.40 43.17 11.16
CA SER G 291 16.39 43.22 12.22
C SER G 291 16.33 44.59 12.89
N HIS G 292 17.48 45.26 13.07
CA HIS G 292 17.52 46.52 13.77
C HIS G 292 18.53 47.44 13.13
N PHE G 293 18.36 48.74 13.38
CA PHE G 293 19.27 49.77 12.89
C PHE G 293 19.56 50.76 14.01
N ILE G 294 20.78 51.29 14.00
CA ILE G 294 21.18 52.38 14.90
C ILE G 294 21.90 53.40 14.03
N LEU G 295 21.20 54.46 13.63
CA LEU G 295 21.78 55.49 12.78
C LEU G 295 22.58 56.44 13.64
N ALA G 296 23.86 56.61 13.32
CA ALA G 296 24.75 57.51 14.04
C ALA G 296 24.94 58.79 13.24
N ASP G 297 24.66 59.92 13.87
CA ASP G 297 24.74 61.22 13.22
C ASP G 297 25.71 62.12 13.96
N ASN G 298 26.43 62.94 13.20
CA ASN G 298 27.34 63.93 13.77
C ASN G 298 27.12 65.34 13.25
N GLY G 299 26.24 65.54 12.27
CA GLY G 299 26.00 66.84 11.71
C GLY G 299 26.24 66.89 10.21
N THR G 300 27.29 66.20 9.76
CA THR G 300 27.59 66.14 8.33
C THR G 300 26.60 65.22 7.61
N THR G 301 26.48 65.44 6.31
CA THR G 301 25.58 64.67 5.46
C THR G 301 26.32 64.21 4.22
N GLY G 302 26.08 62.97 3.81
CA GLY G 302 26.71 62.44 2.62
C GLY G 302 28.17 62.06 2.76
N LYS G 303 28.65 61.88 3.99
CA LYS G 303 30.05 61.55 4.24
C LYS G 303 30.14 60.33 5.14
N TYR G 304 31.17 59.52 4.90
CA TYR G 304 31.46 58.36 5.73
C TYR G 304 32.35 58.74 6.90
N GLY G 305 32.41 57.86 7.90
CA GLY G 305 33.30 58.03 9.02
C GLY G 305 32.69 58.76 10.20
N ALA G 306 31.54 58.28 10.68
CA ALA G 306 30.89 58.88 11.83
C ALA G 306 30.30 57.84 12.79
N GLU G 307 30.60 56.55 12.61
CA GLU G 307 30.01 55.52 13.46
C GLU G 307 30.99 54.45 13.89
N VAL G 308 32.25 54.51 13.47
CA VAL G 308 33.20 53.45 13.82
C VAL G 308 33.49 53.46 15.31
N LYS G 309 33.71 54.64 15.90
CA LYS G 309 34.04 54.72 17.32
C LYS G 309 32.88 54.24 18.18
N LEU G 310 31.65 54.61 17.82
CA LEU G 310 30.50 54.16 18.58
C LEU G 310 30.36 52.65 18.52
N ARG G 311 30.56 52.06 17.34
CA ARG G 311 30.48 50.61 17.20
C ARG G 311 31.56 49.92 18.03
N ARG G 312 32.78 50.43 17.98
CA ARG G 312 33.86 49.83 18.76
C ARG G 312 33.60 49.92 20.25
N GLN G 313 33.13 51.08 20.73
CA GLN G 313 32.84 51.24 22.14
C GLN G 313 31.68 50.34 22.58
N LEU G 314 30.66 50.20 21.72
CA LEU G 314 29.56 49.30 22.04
C LEU G 314 30.02 47.86 22.14
N GLU G 315 30.88 47.43 21.20
CA GLU G 315 31.43 46.08 21.27
C GLU G 315 32.24 45.88 22.55
N LYS G 316 33.08 46.85 22.90
CA LYS G 316 33.89 46.73 24.11
C LYS G 316 33.03 46.67 25.35
N HIS G 317 31.96 47.48 25.41
CA HIS G 317 31.09 47.47 26.57
C HIS G 317 30.29 46.17 26.66
N ILE G 318 29.87 45.62 25.51
CA ILE G 318 29.12 44.37 25.52
C ILE G 318 30.03 43.22 25.95
N SER G 319 31.29 43.24 25.53
CA SER G 319 32.21 42.17 25.92
C SER G 319 32.42 42.14 27.42
N LEU G 320 32.54 43.32 28.05
CA LEU G 320 32.76 43.40 29.49
C LEU G 320 31.58 42.87 30.29
N GLN G 321 30.38 42.84 29.71
CA GLN G 321 29.22 42.31 30.42
C GLN G 321 29.42 40.83 30.71
N LYS G 322 28.92 40.40 31.86
CA LYS G 322 29.14 39.05 32.35
C LYS G 322 28.02 38.13 31.91
N ILE G 323 28.37 36.99 31.31
CA ILE G 323 27.41 36.00 30.88
C ILE G 323 26.88 35.26 32.11
N ASN G 324 25.81 34.48 31.94
CA ASN G 324 25.13 33.85 33.07
C ASN G 324 25.99 32.79 33.76
N THR G 325 27.08 32.34 33.15
CA THR G 325 27.91 31.34 33.79
C THR G 325 28.68 31.95 34.97
N ARG G 326 28.93 31.11 35.98
CA ARG G 326 29.63 31.54 37.19
C ARG G 326 31.14 31.33 37.11
N ILE G 327 31.65 30.85 35.98
CA ILE G 327 33.09 30.73 35.80
C ILE G 327 33.74 32.11 35.79
N GLY G 328 33.09 33.08 35.16
CA GLY G 328 33.63 34.41 35.00
C GLY G 328 33.86 34.84 33.56
N GLN G 329 33.51 34.00 32.59
CA GLN G 329 33.68 34.35 31.19
C GLN G 329 32.72 35.46 30.79
N GLY G 330 33.21 36.36 29.94
CA GLY G 330 32.37 37.37 29.32
C GLY G 330 31.84 36.91 27.98
N VAL G 331 31.14 37.81 27.31
CA VAL G 331 30.60 37.52 25.98
C VAL G 331 31.76 37.50 24.99
N PRO G 332 32.01 36.38 24.32
CA PRO G 332 33.13 36.33 23.38
C PRO G 332 32.85 37.14 22.13
N VAL G 333 33.93 37.63 21.50
CA VAL G 333 33.85 38.45 20.30
C VAL G 333 34.80 37.88 19.26
N VAL G 334 34.33 37.79 18.02
CA VAL G 334 35.13 37.34 16.89
C VAL G 334 34.93 38.32 15.74
N ALA G 335 35.93 38.39 14.86
CA ALA G 335 35.91 39.30 13.72
C ALA G 335 36.04 38.51 12.42
N LEU G 336 35.21 38.84 11.45
CA LEU G 336 35.21 38.19 10.14
C LEU G 336 35.59 39.23 9.09
N ILE G 337 36.57 38.89 8.25
CA ILE G 337 37.13 39.83 7.28
C ILE G 337 36.94 39.25 5.88
N VAL G 338 36.33 40.04 5.00
CA VAL G 338 36.15 39.69 3.60
C VAL G 338 36.53 40.90 2.76
N GLU G 339 37.27 40.67 1.68
CA GLU G 339 37.71 41.73 0.78
C GLU G 339 38.53 42.77 1.54
N GLY G 340 37.88 43.85 1.98
CA GLY G 340 38.55 44.87 2.75
C GLY G 340 39.33 45.85 1.89
N GLY G 341 40.34 46.46 2.52
CA GLY G 341 41.16 47.44 1.86
C GLY G 341 42.30 47.90 2.75
N PRO G 342 42.84 49.08 2.45
CA PRO G 342 43.92 49.63 3.32
C PRO G 342 43.50 49.83 4.76
N ASN G 343 42.24 50.19 5.00
CA ASN G 343 41.78 50.35 6.38
C ASN G 343 41.64 49.02 7.09
N VAL G 344 41.45 47.92 6.34
CA VAL G 344 41.25 46.62 6.97
C VAL G 344 42.49 46.17 7.71
N ILE G 345 43.69 46.49 7.19
CA ILE G 345 44.92 46.12 7.89
C ILE G 345 44.99 46.83 9.24
N SER G 346 44.68 48.13 9.26
CA SER G 346 44.68 48.86 10.51
C SER G 346 43.62 48.32 11.47
N ILE G 347 42.45 47.96 10.95
CA ILE G 347 41.38 47.46 11.80
C ILE G 347 41.76 46.13 12.43
N VAL G 348 42.33 45.22 11.63
CA VAL G 348 42.72 43.92 12.18
C VAL G 348 43.88 44.08 13.15
N LEU G 349 44.81 45.01 12.89
CA LEU G 349 45.88 45.26 13.84
C LEU G 349 45.32 45.78 15.16
N GLU G 350 44.35 46.69 15.09
CA GLU G 350 43.73 47.20 16.32
C GLU G 350 43.01 46.10 17.07
N TYR G 351 42.30 45.21 16.35
CA TYR G 351 41.61 44.10 16.99
C TYR G 351 42.60 43.16 17.67
N LEU G 352 43.72 42.86 17.01
CA LEU G 352 44.72 41.98 17.61
C LEU G 352 45.36 42.62 18.84
N ARG G 353 45.64 43.92 18.80
CA ARG G 353 46.36 44.58 19.87
C ARG G 353 45.45 44.97 21.05
N ASP G 354 44.17 44.61 21.02
CA ASP G 354 43.31 44.88 22.15
C ASP G 354 43.78 44.09 23.37
N THR G 355 43.54 44.66 24.56
CA THR G 355 43.97 43.99 25.78
C THR G 355 43.36 42.60 25.92
N PRO G 356 42.06 42.39 25.74
CA PRO G 356 41.57 41.05 25.44
C PRO G 356 41.67 40.77 23.95
N PRO G 357 42.58 39.89 23.54
CA PRO G 357 42.75 39.63 22.10
C PRO G 357 41.48 39.10 21.47
N VAL G 358 41.22 39.55 20.25
CA VAL G 358 40.02 39.17 19.49
C VAL G 358 40.47 38.34 18.30
N PRO G 359 40.02 37.08 18.19
CA PRO G 359 40.41 36.26 17.02
C PRO G 359 39.85 36.84 15.73
N VAL G 360 40.56 36.61 14.64
CA VAL G 360 40.22 37.16 13.34
C VAL G 360 40.14 36.02 12.33
N VAL G 361 39.10 36.04 11.51
CA VAL G 361 38.90 35.05 10.45
C VAL G 361 38.99 35.77 9.11
N VAL G 362 39.84 35.26 8.22
CA VAL G 362 40.11 35.90 6.94
C VAL G 362 39.75 34.93 5.82
N CYS G 363 39.11 35.46 4.78
CA CYS G 363 38.76 34.68 3.60
C CYS G 363 39.78 34.95 2.51
N ASP G 364 40.48 33.89 2.08
CA ASP G 364 41.56 34.06 1.11
C ASP G 364 41.04 34.32 -0.30
N GLY G 365 39.86 33.77 -0.63
CA GLY G 365 39.34 33.87 -1.98
C GLY G 365 38.70 35.17 -2.35
N SER G 366 38.69 36.16 -1.45
CA SER G 366 38.07 37.45 -1.76
C SER G 366 38.86 38.19 -2.83
N GLY G 367 40.17 38.28 -2.68
CA GLY G 367 41.01 38.94 -3.67
C GLY G 367 41.70 40.19 -3.17
N ARG G 368 41.02 40.96 -2.32
CA ARG G 368 41.54 42.21 -1.80
C ARG G 368 42.50 41.95 -0.64
N ALA G 369 42.77 42.99 0.17
CA ALA G 369 43.74 42.91 1.24
C ALA G 369 43.56 41.71 2.16
N SER G 370 42.37 41.10 2.19
CA SER G 370 42.23 39.82 2.88
C SER G 370 43.07 38.75 2.20
N ASP G 371 43.08 38.74 0.87
CA ASP G 371 43.91 37.78 0.14
C ASP G 371 45.39 38.05 0.38
N ILE G 372 45.80 39.31 0.47
CA ILE G 372 47.20 39.60 0.77
C ILE G 372 47.53 39.23 2.21
N LEU G 373 46.55 39.33 3.13
CA LEU G 373 46.77 38.85 4.49
C LEU G 373 46.99 37.34 4.51
N ALA G 374 46.19 36.61 3.73
CA ALA G 374 46.41 35.16 3.63
C ALA G 374 47.76 34.85 2.99
N PHE G 375 48.14 35.64 1.98
CA PHE G 375 49.43 35.45 1.32
C PHE G 375 50.58 35.65 2.31
N GLY G 376 50.50 36.68 3.14
CA GLY G 376 51.50 36.90 4.16
C GLY G 376 51.43 35.91 5.31
N HIS G 377 50.27 35.28 5.52
CA HIS G 377 50.16 34.29 6.59
C HIS G 377 51.04 33.08 6.33
N LYS G 378 51.11 32.63 5.08
CA LYS G 378 51.98 31.52 4.72
C LYS G 378 53.43 31.97 4.68
N TYR G 379 54.33 31.00 4.88
CA TYR G 379 55.78 31.22 4.91
C TYR G 379 56.16 32.51 5.64
N SER G 380 55.68 32.60 6.89
CA SER G 380 55.96 33.75 7.73
C SER G 380 57.04 33.38 8.74
N GLU G 381 57.34 34.29 9.66
CA GLU G 381 58.35 34.09 10.67
C GLU G 381 57.85 33.18 11.79
N VAL G 396 58.62 37.81 1.57
CA VAL G 396 59.43 38.44 0.53
C VAL G 396 58.85 39.80 0.15
N THR G 397 59.71 40.83 0.13
CA THR G 397 59.25 42.17 -0.22
C THR G 397 59.01 42.31 -1.72
N ILE G 398 59.69 41.53 -2.54
CA ILE G 398 59.51 41.63 -3.99
C ILE G 398 58.11 41.20 -4.39
N GLN G 399 57.61 40.10 -3.81
CA GLN G 399 56.26 39.64 -4.11
C GLN G 399 55.21 40.37 -3.30
N LYS G 400 55.60 41.10 -2.25
CA LYS G 400 54.64 41.89 -1.49
C LYS G 400 54.23 43.16 -2.21
N THR G 401 55.01 43.61 -3.18
CA THR G 401 54.68 44.79 -3.97
C THR G 401 53.50 44.45 -4.88
N PHE G 402 52.32 44.93 -4.50
CA PHE G 402 51.10 44.67 -5.26
C PHE G 402 50.51 45.92 -5.88
N THR G 403 51.16 47.08 -5.71
CA THR G 403 50.71 48.34 -6.31
C THR G 403 49.28 48.69 -5.89
N TYR G 404 48.96 48.41 -4.63
CA TYR G 404 47.60 48.66 -4.15
C TYR G 404 47.35 50.17 -4.04
N THR G 405 48.27 50.90 -3.40
CA THR G 405 48.09 52.34 -3.20
C THR G 405 49.15 53.16 -3.93
N ARG G 406 50.43 52.93 -3.65
CA ARG G 406 51.52 53.71 -4.24
C ARG G 406 52.65 52.79 -4.69
N THR G 407 52.29 51.77 -5.47
CA THR G 407 53.21 50.91 -6.22
C THR G 407 54.23 50.33 -5.24
N GLN G 408 55.53 50.37 -5.54
CA GLN G 408 56.57 49.96 -4.60
C GLN G 408 57.06 51.13 -3.75
N ALA G 409 56.60 52.36 -4.03
CA ALA G 409 56.98 53.50 -3.23
C ALA G 409 56.35 53.45 -1.84
N GLN G 410 55.18 52.82 -1.70
CA GLN G 410 54.53 52.68 -0.40
C GLN G 410 54.49 51.22 -0.02
N HIS G 411 54.99 50.89 1.17
CA HIS G 411 54.88 49.57 1.77
C HIS G 411 54.26 49.70 3.15
N LEU G 412 53.22 48.90 3.39
CA LEU G 412 52.52 48.90 4.68
C LEU G 412 53.11 47.90 5.66
N PHE G 413 54.41 47.60 5.51
CA PHE G 413 55.09 46.74 6.48
C PHE G 413 55.05 47.33 7.88
N ILE G 414 54.90 48.66 8.01
CA ILE G 414 54.89 49.29 9.32
C ILE G 414 53.79 48.70 10.20
N ILE G 415 52.67 48.32 9.61
CA ILE G 415 51.57 47.72 10.34
C ILE G 415 51.58 46.20 10.15
N LEU G 416 51.99 45.75 8.96
CA LEU G 416 52.01 44.31 8.70
C LEU G 416 52.99 43.57 9.60
N MET G 417 54.03 44.26 10.10
CA MET G 417 54.98 43.61 10.99
C MET G 417 54.30 43.12 12.27
N GLU G 418 53.53 43.99 12.92
CA GLU G 418 52.78 43.56 14.10
C GLU G 418 51.62 42.64 13.71
N CYS G 419 51.00 42.89 12.55
CA CYS G 419 49.89 42.03 12.12
C CYS G 419 50.33 40.58 11.96
N MET G 420 51.57 40.36 11.52
CA MET G 420 52.11 39.01 11.45
C MET G 420 52.85 38.59 12.71
N LYS G 421 53.23 39.54 13.56
CA LYS G 421 53.80 39.20 14.86
C LYS G 421 52.77 38.50 15.73
N LYS G 422 51.54 39.02 15.75
CA LYS G 422 50.45 38.37 16.45
C LYS G 422 49.61 37.53 15.48
N LYS G 423 50.26 36.52 14.89
CA LYS G 423 49.62 35.68 13.89
C LYS G 423 49.01 34.42 14.46
N GLU G 424 49.20 34.13 15.74
CA GLU G 424 48.59 32.94 16.32
C GLU G 424 47.08 33.08 16.43
N LEU G 425 46.60 34.30 16.66
CA LEU G 425 45.16 34.54 16.78
C LEU G 425 44.46 34.52 15.43
N ILE G 426 45.13 34.99 14.37
CA ILE G 426 44.52 35.02 13.05
C ILE G 426 44.30 33.60 12.55
N THR G 427 43.09 33.32 12.09
CA THR G 427 42.70 32.01 11.58
C THR G 427 42.18 32.20 10.16
N VAL G 428 43.06 31.96 9.18
CA VAL G 428 42.71 32.11 7.77
C VAL G 428 41.79 30.97 7.35
N PHE G 429 41.14 31.14 6.20
CA PHE G 429 40.24 30.13 5.65
C PHE G 429 40.54 29.95 4.18
N ARG G 430 40.46 28.72 3.71
CA ARG G 430 40.76 28.38 2.32
C ARG G 430 39.82 27.27 1.88
N MET G 431 38.85 27.61 1.05
CA MET G 431 37.86 26.64 0.57
C MET G 431 38.52 25.61 -0.34
N GLY G 432 38.07 24.36 -0.21
CA GLY G 432 38.56 23.29 -1.05
C GLY G 432 40.01 22.93 -0.83
N SER G 433 40.49 22.99 0.40
CA SER G 433 41.86 22.64 0.73
C SER G 433 41.95 22.36 2.22
N GLU G 434 43.05 21.70 2.60
CA GLU G 434 43.34 21.27 3.97
C GLU G 434 42.10 20.87 4.75
N GLY G 435 41.91 21.41 5.95
CA GLY G 435 40.77 21.11 6.77
C GLY G 435 39.96 22.35 7.13
N HIS G 436 38.91 22.12 7.89
CA HIS G 436 37.99 23.19 8.33
C HIS G 436 37.44 23.97 7.13
N GLN G 437 36.91 23.23 6.16
CA GLN G 437 36.28 23.85 5.00
C GLN G 437 34.96 24.52 5.34
N ASP G 438 34.44 24.31 6.55
CA ASP G 438 33.18 24.90 6.97
C ASP G 438 33.48 26.15 7.81
N ILE G 439 32.96 27.29 7.38
CA ILE G 439 33.16 28.52 8.13
C ILE G 439 32.45 28.44 9.48
N ASP G 440 31.35 27.69 9.56
CA ASP G 440 30.69 27.48 10.84
C ASP G 440 31.62 26.84 11.85
N LEU G 441 32.37 25.82 11.43
CA LEU G 441 33.37 25.23 12.32
C LEU G 441 34.54 26.18 12.53
N ALA G 442 34.93 26.94 11.51
CA ALA G 442 36.09 27.82 11.61
C ALA G 442 35.86 28.92 12.64
N ILE G 443 34.66 29.52 12.65
CA ILE G 443 34.39 30.64 13.55
C ILE G 443 34.40 30.16 15.00
N LEU G 444 33.75 29.04 15.29
CA LEU G 444 33.62 28.59 16.67
C LEU G 444 34.94 28.12 17.24
N THR G 445 35.77 27.46 16.42
CA THR G 445 37.06 26.98 16.91
C THR G 445 38.02 28.13 17.23
N ALA G 446 37.86 29.28 16.57
CA ALA G 446 38.73 30.42 16.87
C ALA G 446 38.50 30.94 18.28
N LEU G 447 37.24 30.94 18.74
CA LEU G 447 36.94 31.42 20.08
C LEU G 447 37.43 30.49 21.17
N LEU G 448 37.63 29.21 20.85
CA LEU G 448 38.11 28.26 21.85
C LEU G 448 39.62 28.35 22.05
N LYS G 449 40.37 28.19 20.95
CA LYS G 449 41.83 28.27 21.06
C LYS G 449 42.30 29.70 21.25
N GLY G 450 41.53 30.69 20.79
CA GLY G 450 41.93 32.07 20.94
C GLY G 450 41.77 32.61 22.34
N ALA G 451 40.90 32.00 23.15
CA ALA G 451 40.71 32.44 24.52
C ALA G 451 41.86 32.02 25.42
N ASN G 452 42.59 30.96 25.05
CA ASN G 452 43.68 30.42 25.87
C ASN G 452 43.18 30.06 27.26
N ALA G 453 41.96 29.52 27.33
CA ALA G 453 41.34 29.15 28.58
C ALA G 453 41.48 27.65 28.83
N SER G 454 41.22 27.24 30.07
CA SER G 454 41.35 25.85 30.45
C SER G 454 40.18 25.03 29.90
N ALA G 455 40.29 23.71 30.02
CA ALA G 455 39.24 22.82 29.54
C ALA G 455 37.88 23.08 30.18
N PRO G 456 37.76 23.30 31.50
CA PRO G 456 36.43 23.62 32.04
C PRO G 456 35.79 24.85 31.41
N ASP G 457 36.59 25.88 31.09
CA ASP G 457 36.02 27.08 30.47
C ASP G 457 35.50 26.78 29.07
N GLN G 458 36.26 26.01 28.28
CA GLN G 458 35.80 25.63 26.95
C GLN G 458 34.54 24.78 27.04
N LEU G 459 34.49 23.86 28.01
CA LEU G 459 33.30 23.03 28.18
C LEU G 459 32.10 23.87 28.57
N SER G 460 32.29 24.86 29.44
CA SER G 460 31.20 25.76 29.82
C SER G 460 30.71 26.56 28.62
N LEU G 461 31.63 27.06 27.79
CA LEU G 461 31.23 27.79 26.59
C LEU G 461 30.44 26.90 25.63
N ALA G 462 30.93 25.65 25.43
CA ALA G 462 30.22 24.73 24.55
C ALA G 462 28.83 24.39 25.09
N LEU G 463 28.72 24.23 26.42
CA LEU G 463 27.43 23.96 27.04
C LEU G 463 26.49 25.13 26.86
N ALA G 464 27.01 26.36 26.98
CA ALA G 464 26.18 27.55 26.75
C ALA G 464 25.71 27.62 25.31
N TRP G 465 26.59 27.29 24.36
CA TRP G 465 26.24 27.31 22.94
C TRP G 465 25.39 26.11 22.52
N ASN G 466 25.24 25.10 23.38
CA ASN G 466 24.49 23.88 23.06
C ASN G 466 25.07 23.20 21.82
N ARG G 467 26.39 23.18 21.73
CA ARG G 467 27.12 22.49 20.66
C ARG G 467 27.88 21.33 21.30
N VAL G 468 27.47 20.11 21.00
CA VAL G 468 28.05 18.93 21.62
C VAL G 468 29.14 18.36 20.72
N ASP G 469 29.00 18.57 19.40
CA ASP G 469 30.02 18.10 18.47
C ASP G 469 31.34 18.84 18.69
N ILE G 470 31.27 20.14 18.96
CA ILE G 470 32.49 20.92 19.22
C ILE G 470 33.20 20.40 20.45
N ALA G 471 32.44 20.13 21.53
CA ALA G 471 33.04 19.61 22.74
C ALA G 471 33.62 18.22 22.51
N ARG G 472 32.93 17.38 21.74
CA ARG G 472 33.41 16.03 21.47
C ARG G 472 34.70 16.06 20.67
N SER G 473 34.80 16.93 19.68
CA SER G 473 35.96 16.96 18.80
C SER G 473 37.09 17.84 19.33
N GLN G 474 36.77 19.05 19.78
CA GLN G 474 37.80 20.01 20.18
C GLN G 474 38.24 19.85 21.62
N ILE G 475 37.30 19.66 22.55
CA ILE G 475 37.64 19.69 23.96
C ILE G 475 38.13 18.33 24.44
N PHE G 476 37.30 17.31 24.33
CA PHE G 476 37.69 15.99 24.81
C PHE G 476 38.68 15.34 23.85
N ILE G 477 39.97 15.51 24.14
CA ILE G 477 41.04 15.02 23.28
C ILE G 477 42.05 14.23 24.11
N TYR G 478 43.15 13.83 23.48
CA TYR G 478 44.17 13.01 24.12
C TYR G 478 44.83 13.74 25.28
N GLY G 479 44.53 13.32 26.52
CA GLY G 479 45.18 13.87 27.68
C GLY G 479 44.86 15.31 28.00
N GLN G 480 43.62 15.57 28.42
CA GLN G 480 43.20 16.92 28.78
C GLN G 480 43.49 17.29 30.22
N GLN G 481 43.94 16.34 31.04
CA GLN G 481 44.27 16.53 32.45
C GLN G 481 43.27 17.43 33.17
N TRP G 482 42.03 16.95 33.21
CA TRP G 482 40.96 17.70 33.86
C TRP G 482 41.26 17.84 35.34
N PRO G 483 40.94 18.99 35.96
CA PRO G 483 41.12 19.14 37.41
C PRO G 483 40.18 18.23 38.20
N VAL G 484 40.34 18.21 39.52
CA VAL G 484 39.52 17.36 40.38
C VAL G 484 38.19 18.05 40.62
N GLY G 485 37.10 17.35 40.30
CA GLY G 485 35.76 17.86 40.52
C GLY G 485 35.20 18.74 39.42
N SER G 486 35.94 18.94 38.32
CA SER G 486 35.43 19.77 37.24
C SER G 486 34.28 19.08 36.51
N LEU G 487 34.42 17.77 36.24
CA LEU G 487 33.39 17.06 35.49
C LEU G 487 32.09 16.96 36.26
N GLU G 488 32.15 16.80 37.58
CA GLU G 488 30.92 16.77 38.37
C GLU G 488 30.20 18.12 38.33
N GLN G 489 30.96 19.21 38.40
CA GLN G 489 30.36 20.54 38.28
C GLN G 489 29.76 20.74 36.89
N ALA G 490 30.44 20.23 35.85
CA ALA G 490 29.89 20.32 34.50
C ALA G 490 28.60 19.53 34.38
N MET G 491 28.54 18.35 34.98
CA MET G 491 27.31 17.56 34.97
C MET G 491 26.18 18.28 35.71
N LEU G 492 26.50 18.90 36.84
CA LEU G 492 25.49 19.65 37.58
C LEU G 492 24.97 20.83 36.76
N ASP G 493 25.86 21.51 36.04
CA ASP G 493 25.44 22.63 35.21
C ASP G 493 24.64 22.17 34.00
N ALA G 494 24.95 20.98 33.46
CA ALA G 494 24.23 20.47 32.31
C ALA G 494 22.86 19.92 32.68
N LEU G 495 22.71 19.35 33.87
CA LEU G 495 21.43 18.80 34.28
C LEU G 495 20.36 19.89 34.37
N VAL G 496 20.71 21.05 34.94
CA VAL G 496 19.72 22.11 35.13
C VAL G 496 19.35 22.79 33.82
N LEU G 497 20.20 22.67 32.78
CA LEU G 497 19.94 23.29 31.49
C LEU G 497 19.24 22.37 30.51
N ASP G 498 18.91 21.15 30.92
CA ASP G 498 18.24 20.17 30.06
C ASP G 498 19.06 19.88 28.80
N ARG G 499 20.35 19.61 29.02
CA ARG G 499 21.28 19.25 27.94
C ARG G 499 21.51 17.75 28.01
N VAL G 500 20.65 17.00 27.32
CA VAL G 500 20.71 15.54 27.40
C VAL G 500 21.99 15.01 26.74
N ASP G 501 22.38 15.59 25.60
CA ASP G 501 23.57 15.12 24.91
C ASP G 501 24.83 15.35 25.74
N PHE G 502 24.90 16.48 26.45
CA PHE G 502 26.05 16.74 27.30
C PHE G 502 26.09 15.80 28.49
N VAL G 503 24.92 15.46 29.05
CA VAL G 503 24.87 14.48 30.13
C VAL G 503 25.38 13.13 29.63
N LYS G 504 24.95 12.71 28.44
CA LYS G 504 25.41 11.45 27.88
C LYS G 504 26.92 11.47 27.63
N LEU G 505 27.43 12.59 27.10
CA LEU G 505 28.86 12.71 26.84
C LEU G 505 29.67 12.64 28.11
N LEU G 506 29.21 13.32 29.17
CA LEU G 506 29.93 13.29 30.44
C LEU G 506 29.87 11.91 31.08
N ILE G 507 28.73 11.22 30.95
CA ILE G 507 28.63 9.86 31.45
C ILE G 507 29.62 8.96 30.71
N GLU G 508 29.76 9.16 29.40
CA GLU G 508 30.72 8.38 28.62
C GLU G 508 32.17 8.69 28.96
N ASN G 509 32.43 9.75 29.73
CA ASN G 509 33.79 10.20 30.01
C ASN G 509 34.11 10.14 31.51
N GLY G 510 33.72 9.05 32.16
CA GLY G 510 34.15 8.75 33.51
C GLY G 510 33.20 9.17 34.62
N VAL G 511 32.25 10.06 34.33
CA VAL G 511 31.34 10.52 35.37
C VAL G 511 30.38 9.41 35.74
N SER G 512 30.23 9.17 37.04
CA SER G 512 29.37 8.12 37.57
C SER G 512 28.30 8.75 38.46
N MET G 513 27.06 8.32 38.28
CA MET G 513 25.95 8.87 39.05
C MET G 513 25.88 8.34 40.47
N HIS G 514 26.53 7.20 40.75
CA HIS G 514 26.49 6.65 42.09
C HIS G 514 27.26 7.51 43.08
N ARG G 515 28.27 8.24 42.61
CA ARG G 515 29.05 9.13 43.46
C ARG G 515 28.68 10.60 43.28
N PHE G 516 28.19 10.97 42.10
CA PHE G 516 27.82 12.36 41.84
C PHE G 516 26.60 12.77 42.64
N LEU G 517 25.54 11.96 42.62
CA LEU G 517 24.25 12.34 43.18
C LEU G 517 24.29 12.26 44.70
N THR G 518 23.87 13.34 45.35
CA THR G 518 23.74 13.41 46.79
C THR G 518 22.42 14.11 47.14
N ILE G 519 22.12 14.20 48.43
CA ILE G 519 20.90 14.88 48.86
C ILE G 519 20.96 16.36 48.50
N SER G 520 22.09 17.00 48.77
CA SER G 520 22.22 18.43 48.48
C SER G 520 22.10 18.71 46.99
N ARG G 521 22.77 17.90 46.16
CA ARG G 521 22.68 18.10 44.71
C ARG G 521 21.26 17.85 44.20
N LEU G 522 20.58 16.84 44.75
CA LEU G 522 19.20 16.58 44.35
C LEU G 522 18.29 17.74 44.72
N GLU G 523 18.47 18.31 45.92
CA GLU G 523 17.67 19.46 46.32
C GLU G 523 17.96 20.67 45.43
N GLU G 524 19.23 20.87 45.06
CA GLU G 524 19.56 21.95 44.14
C GLU G 524 18.92 21.73 42.79
N LEU G 525 18.86 20.49 42.32
CA LEU G 525 18.17 20.18 41.08
C LEU G 525 16.69 20.48 41.17
N TYR G 526 16.07 20.16 42.32
CA TYR G 526 14.63 20.38 42.47
C TYR G 526 14.28 21.86 42.61
N ASN G 527 15.25 22.74 42.80
CA ASN G 527 15.00 24.16 42.98
C ASN G 527 15.67 25.00 41.89
N THR G 528 15.69 24.49 40.67
CA THR G 528 16.30 25.21 39.55
C THR G 528 15.24 26.01 38.78
N ARG G 529 15.73 26.90 37.91
CA ARG G 529 14.86 27.74 37.09
C ARG G 529 15.28 27.80 35.63
N HIS G 530 16.38 27.15 35.25
CA HIS G 530 16.90 27.25 33.89
C HIS G 530 16.32 26.18 32.97
N GLY G 531 14.99 26.09 32.92
CA GLY G 531 14.34 25.10 32.10
C GLY G 531 12.92 25.46 31.74
N PRO G 532 12.22 24.57 31.04
CA PRO G 532 10.83 24.84 30.67
C PRO G 532 9.93 24.89 31.91
N SER G 533 8.84 25.64 31.77
CA SER G 533 7.92 25.83 32.88
C SER G 533 7.25 24.52 33.27
N ASN G 534 7.01 24.35 34.57
CA ASN G 534 6.37 23.15 35.11
C ASN G 534 5.32 23.57 36.12
N THR G 535 4.52 22.60 36.55
CA THR G 535 3.42 22.82 37.49
C THR G 535 3.73 22.28 38.89
N LEU G 536 5.00 22.08 39.21
CA LEU G 536 5.36 21.51 40.50
C LEU G 536 4.97 22.44 41.66
N TYR G 537 5.19 23.74 41.50
CA TYR G 537 4.96 24.67 42.61
C TYR G 537 3.48 24.73 42.97
N HIS G 538 2.59 24.66 41.97
CA HIS G 538 1.16 24.65 42.25
C HIS G 538 0.77 23.42 43.05
N LEU G 539 1.31 22.24 42.68
CA LEU G 539 1.03 21.02 43.43
C LEU G 539 1.54 21.13 44.86
N VAL G 540 2.75 21.68 45.03
CA VAL G 540 3.31 21.83 46.37
C VAL G 540 2.43 22.76 47.22
N ARG G 541 1.99 23.87 46.63
CA ARG G 541 1.13 24.80 47.35
C ARG G 541 -0.19 24.15 47.74
N ASP G 542 -0.79 23.37 46.82
CA ASP G 542 -2.05 22.70 47.13
C ASP G 542 -1.87 21.67 48.23
N VAL G 543 -0.77 20.93 48.21
CA VAL G 543 -0.52 19.93 49.24
C VAL G 543 -0.32 20.60 50.60
N LYS G 544 0.40 21.72 50.63
CA LYS G 544 0.66 22.44 51.86
C LYS G 544 -0.52 23.34 52.28
N LYS G 545 -1.70 23.10 51.72
CA LYS G 545 -2.92 23.82 52.08
C LYS G 545 -2.81 25.32 51.81
N GLY G 546 -2.01 25.69 50.81
CA GLY G 546 -1.88 27.09 50.43
C GLY G 546 -1.38 27.99 51.53
N ASN G 547 -0.38 27.53 52.30
CA ASN G 547 0.16 28.30 53.41
C ASN G 547 1.66 28.52 53.30
N LEU G 548 2.26 28.21 52.16
CA LEU G 548 3.70 28.39 52.01
C LEU G 548 4.05 29.88 51.97
N PRO G 549 5.21 30.25 52.52
CA PRO G 549 5.68 31.63 52.42
C PRO G 549 6.12 31.94 51.00
N PRO G 550 6.15 33.21 50.61
CA PRO G 550 6.66 33.56 49.28
C PRO G 550 8.13 33.15 49.13
N ASP G 551 8.50 32.85 47.88
CA ASP G 551 9.83 32.38 47.50
C ASP G 551 10.34 31.31 48.47
N TYR G 552 9.48 30.35 48.76
CA TYR G 552 9.83 29.24 49.64
C TYR G 552 10.73 28.25 48.92
N ARG G 553 11.57 27.55 49.69
CA ARG G 553 12.50 26.57 49.16
C ARG G 553 11.97 25.17 49.40
N ILE G 554 11.85 24.39 48.33
CA ILE G 554 11.27 23.06 48.40
C ILE G 554 12.30 22.07 48.92
N SER G 555 11.89 21.22 49.86
CA SER G 555 12.71 20.16 50.41
C SER G 555 12.23 18.81 49.88
N LEU G 556 12.92 17.75 50.28
CA LEU G 556 12.56 16.42 49.79
C LEU G 556 11.30 15.88 50.46
N ILE G 557 10.98 16.35 51.67
CA ILE G 557 9.75 15.89 52.32
C ILE G 557 8.53 16.40 51.58
N ASP G 558 8.59 17.63 51.07
CA ASP G 558 7.48 18.15 50.25
C ASP G 558 7.32 17.33 48.98
N ILE G 559 8.44 16.95 48.35
CA ILE G 559 8.36 16.12 47.15
C ILE G 559 7.75 14.77 47.49
N GLY G 560 8.13 14.19 48.63
CA GLY G 560 7.53 12.93 49.05
C GLY G 560 6.04 13.05 49.27
N LEU G 561 5.61 14.14 49.90
CA LEU G 561 4.18 14.35 50.10
C LEU G 561 3.45 14.50 48.76
N VAL G 562 4.05 15.21 47.81
CA VAL G 562 3.45 15.36 46.49
C VAL G 562 3.33 14.00 45.81
N ILE G 563 4.36 13.18 45.91
CA ILE G 563 4.34 11.85 45.30
C ILE G 563 3.25 10.99 45.94
N GLU G 564 3.12 11.05 47.27
CA GLU G 564 2.09 10.29 47.95
C GLU G 564 0.69 10.75 47.52
N TYR G 565 0.51 12.06 47.37
CA TYR G 565 -0.79 12.57 46.93
C TYR G 565 -1.10 12.13 45.51
N LEU G 566 -0.10 12.15 44.63
CA LEU G 566 -0.33 11.82 43.23
C LEU G 566 -0.58 10.32 43.02
N MET G 567 0.22 9.47 43.67
CA MET G 567 0.16 8.05 43.39
C MET G 567 -1.19 7.45 43.78
N GLY G 568 -1.70 7.82 44.95
CA GLY G 568 -3.00 7.27 45.36
C GLY G 568 -3.14 7.33 46.88
N GLY G 569 -3.97 6.42 47.39
CA GLY G 569 -4.31 6.39 48.79
C GLY G 569 -3.30 5.70 49.68
N ALA G 570 -3.04 4.43 49.43
CA ALA G 570 -2.19 3.61 50.29
C ALA G 570 -0.71 3.73 49.96
N TYR G 571 -0.34 4.48 48.92
CA TYR G 571 1.05 4.60 48.55
C TYR G 571 1.83 5.39 49.60
N ARG G 572 3.04 4.93 49.88
CA ARG G 572 3.93 5.57 50.85
C ARG G 572 5.27 5.82 50.20
N CYS G 573 5.66 7.09 50.08
CA CYS G 573 6.94 7.43 49.49
C CYS G 573 8.08 7.13 50.46
N ASN G 574 9.27 6.89 49.89
CA ASN G 574 10.43 6.58 50.72
C ASN G 574 10.98 7.81 51.43
N TYR G 575 10.67 9.02 50.94
CA TYR G 575 11.17 10.23 51.58
C TYR G 575 10.52 10.47 52.94
N THR G 576 9.24 10.11 53.08
CA THR G 576 8.49 10.39 54.29
C THR G 576 8.66 9.30 55.36
N ARG G 577 9.42 8.25 55.07
CA ARG G 577 9.64 7.21 56.06
C ARG G 577 10.56 7.72 57.18
N LYS G 578 10.48 7.06 58.33
CA LYS G 578 11.13 7.56 59.52
C LYS G 578 12.65 7.53 59.40
N ARG G 579 13.21 6.49 58.76
CA ARG G 579 14.65 6.41 58.61
C ARG G 579 15.20 7.60 57.81
N PHE G 580 14.54 7.93 56.70
CA PHE G 580 15.01 9.05 55.90
C PHE G 580 14.83 10.36 56.65
N ARG G 581 13.75 10.50 57.43
CA ARG G 581 13.55 11.71 58.21
C ARG G 581 14.65 11.87 59.26
N THR G 582 15.03 10.77 59.91
CA THR G 582 16.13 10.83 60.89
C THR G 582 17.45 11.18 60.21
N LEU G 583 17.72 10.58 59.04
CA LEU G 583 18.95 10.88 58.33
C LEU G 583 18.97 12.32 57.81
N TYR G 584 17.81 12.88 57.52
CA TYR G 584 17.69 14.23 56.99
C TYR G 584 17.76 15.30 58.08
N HIS G 585 17.18 15.02 59.25
CA HIS G 585 17.23 15.99 60.35
C HIS G 585 18.62 16.05 60.97
N ASN G 586 19.37 14.96 60.93
CA ASN G 586 20.69 14.89 61.53
C ASN G 586 21.80 15.18 60.52
N LEU G 587 21.52 15.98 59.50
CA LEU G 587 22.52 16.34 58.50
C LEU G 587 22.15 17.62 57.78
N ASN G 631 23.71 12.31 51.34
CA ASN G 631 24.62 11.24 51.72
C ASN G 631 24.92 10.33 50.54
N HIS G 632 23.97 9.44 50.23
CA HIS G 632 24.15 8.50 49.14
C HIS G 632 22.80 7.96 48.72
N PHE G 633 22.76 7.41 47.51
CA PHE G 633 21.56 6.77 46.98
C PHE G 633 21.94 5.45 46.32
N PRO G 634 21.43 4.32 46.81
CA PRO G 634 21.75 3.03 46.18
C PRO G 634 21.30 2.93 44.74
N PHE G 635 20.19 3.57 44.37
CA PHE G 635 19.66 3.54 43.00
C PHE G 635 19.40 4.98 42.56
N PRO G 636 20.45 5.71 42.16
CA PRO G 636 20.28 7.12 41.81
C PRO G 636 19.33 7.36 40.65
N PHE G 637 19.27 6.43 39.69
CA PHE G 637 18.44 6.64 38.52
C PHE G 637 16.96 6.65 38.85
N HIS G 638 16.53 5.98 39.92
CA HIS G 638 15.14 6.10 40.35
C HIS G 638 14.80 7.54 40.70
N GLU G 639 15.62 8.17 41.54
CA GLU G 639 15.39 9.56 41.91
C GLU G 639 15.51 10.48 40.71
N LEU G 640 16.48 10.22 39.83
CA LEU G 640 16.65 11.08 38.65
C LEU G 640 15.44 11.00 37.73
N MET G 641 14.90 9.79 37.52
CA MET G 641 13.73 9.65 36.65
C MET G 641 12.50 10.27 37.30
N VAL G 642 12.34 10.13 38.62
CA VAL G 642 11.21 10.76 39.29
C VAL G 642 11.31 12.28 39.16
N TRP G 643 12.51 12.83 39.34
CA TRP G 643 12.70 14.28 39.19
C TRP G 643 12.39 14.72 37.77
N ALA G 644 12.85 13.95 36.77
CA ALA G 644 12.57 14.31 35.38
C ALA G 644 11.08 14.24 35.07
N VAL G 645 10.36 13.27 35.63
CA VAL G 645 8.93 13.16 35.38
C VAL G 645 8.18 14.31 36.06
N LEU G 646 8.56 14.65 37.29
CA LEU G 646 7.84 15.70 38.00
C LEU G 646 8.05 17.08 37.38
N MET G 647 9.22 17.34 36.82
CA MET G 647 9.53 18.63 36.20
C MET G 647 9.18 18.67 34.72
N LYS G 648 8.56 17.62 34.19
CA LYS G 648 8.06 17.59 32.81
C LYS G 648 9.19 17.75 31.80
N ARG G 649 10.21 16.92 31.94
CA ARG G 649 11.31 16.84 30.98
C ARG G 649 11.30 15.43 30.40
N GLN G 650 10.53 15.26 29.32
CA GLN G 650 10.28 13.92 28.78
C GLN G 650 11.56 13.29 28.23
N LYS G 651 12.38 14.05 27.53
CA LYS G 651 13.60 13.48 26.94
C LYS G 651 14.55 12.99 28.02
N MET G 652 14.74 13.79 29.08
CA MET G 652 15.60 13.38 30.18
C MET G 652 15.05 12.14 30.87
N ALA G 653 13.74 12.07 31.07
CA ALA G 653 13.13 10.90 31.70
C ALA G 653 13.31 9.66 30.83
N LEU G 654 13.15 9.80 29.51
CA LEU G 654 13.36 8.67 28.62
C LEU G 654 14.81 8.20 28.64
N PHE G 655 15.76 9.15 28.73
CA PHE G 655 17.16 8.77 28.84
C PHE G 655 17.42 8.03 30.15
N PHE G 656 16.85 8.51 31.25
CA PHE G 656 17.08 7.89 32.55
C PHE G 656 16.36 6.56 32.71
N TRP G 657 15.30 6.32 31.94
CA TRP G 657 14.50 5.11 32.13
C TRP G 657 15.30 3.85 31.81
N GLN G 658 16.10 3.88 30.74
CA GLN G 658 16.80 2.67 30.30
C GLN G 658 18.06 2.39 31.09
N HIS G 659 18.49 3.28 31.97
CA HIS G 659 19.67 3.07 32.81
C HIS G 659 19.21 2.72 34.23
N GLY G 660 19.61 1.55 34.69
CA GLY G 660 19.27 1.08 36.03
C GLY G 660 18.45 -0.19 35.98
N GLU G 661 17.96 -0.58 37.15
CA GLU G 661 17.14 -1.78 37.30
C GLU G 661 15.67 -1.40 37.47
N GLU G 662 14.82 -2.42 37.35
CA GLU G 662 13.37 -2.29 37.55
C GLU G 662 12.77 -1.29 36.56
N ALA G 663 12.97 -1.57 35.28
CA ALA G 663 12.51 -0.63 34.24
C ALA G 663 11.00 -0.62 34.12
N MET G 664 10.35 -1.79 34.21
CA MET G 664 8.91 -1.85 34.01
C MET G 664 8.16 -1.16 35.13
N ALA G 665 8.60 -1.35 36.37
CA ALA G 665 7.98 -0.65 37.50
C ALA G 665 8.16 0.85 37.37
N LYS G 666 9.34 1.30 36.93
CA LYS G 666 9.57 2.71 36.72
C LYS G 666 8.65 3.27 35.65
N ALA G 667 8.46 2.52 34.55
CA ALA G 667 7.55 2.97 33.50
C ALA G 667 6.12 3.08 34.00
N LEU G 668 5.66 2.09 34.77
CA LEU G 668 4.30 2.14 35.29
C LEU G 668 4.12 3.32 36.25
N VAL G 669 5.10 3.55 37.12
CA VAL G 669 5.03 4.67 38.05
C VAL G 669 5.01 6.00 37.29
N ALA G 670 5.85 6.12 36.26
CA ALA G 670 5.86 7.33 35.46
C ALA G 670 4.51 7.57 34.77
N CYS G 671 3.91 6.50 34.24
CA CYS G 671 2.61 6.61 33.59
C CYS G 671 1.55 7.10 34.58
N LYS G 672 1.52 6.49 35.77
CA LYS G 672 0.54 6.89 36.77
C LYS G 672 0.75 8.34 37.20
N LEU G 673 2.01 8.73 37.42
CA LEU G 673 2.29 10.11 37.83
C LEU G 673 1.88 11.11 36.76
N CYS G 674 2.19 10.80 35.49
CA CYS G 674 1.80 11.71 34.42
C CYS G 674 0.28 11.81 34.30
N LYS G 675 -0.43 10.69 34.46
CA LYS G 675 -1.89 10.73 34.42
C LYS G 675 -2.46 11.60 35.54
N ALA G 676 -1.94 11.43 36.76
CA ALA G 676 -2.42 12.23 37.88
C ALA G 676 -2.10 13.70 37.69
N MET G 677 -0.90 14.01 37.19
CA MET G 677 -0.53 15.40 36.95
C MET G 677 -1.41 16.03 35.87
N ALA G 678 -1.72 15.27 34.82
CA ALA G 678 -2.61 15.77 33.78
C ALA G 678 -4.00 16.06 34.35
N HIS G 679 -4.51 15.15 35.18
CA HIS G 679 -5.81 15.39 35.81
C HIS G 679 -5.79 16.65 36.67
N GLU G 680 -4.74 16.80 37.49
CA GLU G 680 -4.64 17.98 38.36
C GLU G 680 -4.52 19.26 37.54
N ALA G 681 -3.73 19.24 36.47
CA ALA G 681 -3.58 20.43 35.63
C ALA G 681 -4.89 20.79 34.94
N SER G 682 -5.62 19.80 34.43
CA SER G 682 -6.88 20.08 33.77
C SER G 682 -7.97 20.51 34.76
N GLU G 683 -7.84 20.14 36.03
CA GLU G 683 -8.85 20.52 37.01
C GLU G 683 -8.83 22.02 37.30
N ASN G 684 -7.66 22.65 37.28
CA ASN G 684 -7.48 24.01 37.76
C ASN G 684 -7.13 25.00 36.65
N ASP G 685 -7.84 24.90 35.52
CA ASP G 685 -7.80 25.85 34.41
C ASP G 685 -6.39 26.32 34.05
N MET G 686 -5.56 25.39 33.57
CA MET G 686 -4.24 25.73 33.07
C MET G 686 -4.36 26.27 31.65
N VAL G 687 -3.25 26.37 30.93
CA VAL G 687 -3.23 26.87 29.56
C VAL G 687 -3.81 25.83 28.61
N ASP G 688 -4.24 24.69 29.16
CA ASP G 688 -5.02 23.65 28.51
C ASP G 688 -4.23 22.77 27.55
N ASP G 689 -2.94 23.05 27.32
CA ASP G 689 -2.09 22.17 26.54
C ASP G 689 -1.13 21.35 27.39
N ILE G 690 -0.85 21.79 28.61
CA ILE G 690 -0.04 20.98 29.52
C ILE G 690 -0.72 19.65 29.80
N SER G 691 -2.06 19.66 29.87
CA SER G 691 -2.80 18.43 30.12
C SER G 691 -2.60 17.43 28.99
N GLN G 692 -2.68 17.90 27.73
CA GLN G 692 -2.49 16.98 26.61
C GLN G 692 -1.04 16.52 26.51
N GLU G 693 -0.07 17.40 26.84
CA GLU G 693 1.33 16.95 26.85
C GLU G 693 1.55 15.86 27.89
N LEU G 694 1.00 16.05 29.09
CA LEU G 694 1.14 15.03 30.13
C LEU G 694 0.44 13.73 29.74
N ASN G 695 -0.73 13.84 29.09
CA ASN G 695 -1.42 12.63 28.61
C ASN G 695 -0.59 11.90 27.57
N HIS G 696 0.05 12.63 26.66
CA HIS G 696 0.90 11.99 25.67
C HIS G 696 2.10 11.31 26.33
N ASN G 697 2.69 11.96 27.34
CA ASN G 697 3.79 11.34 28.06
C ASN G 697 3.35 10.05 28.75
N SER G 698 2.17 10.07 29.38
CA SER G 698 1.65 8.87 30.02
C SER G 698 1.42 7.75 29.01
N ARG G 699 0.87 8.09 27.84
CA ARG G 699 0.66 7.08 26.81
C ARG G 699 1.97 6.49 26.34
N ASP G 700 2.99 7.34 26.17
CA ASP G 700 4.30 6.84 25.75
C ASP G 700 4.89 5.88 26.78
N PHE G 701 4.82 6.24 28.07
CA PHE G 701 5.35 5.36 29.10
C PHE G 701 4.56 4.04 29.16
N GLY G 702 3.24 4.10 29.02
CA GLY G 702 2.45 2.88 29.01
C GLY G 702 2.80 1.98 27.84
N GLN G 703 3.01 2.57 26.66
CA GLN G 703 3.40 1.78 25.49
C GLN G 703 4.77 1.14 25.71
N LEU G 704 5.71 1.89 26.30
CA LEU G 704 7.01 1.30 26.61
C LEU G 704 6.87 0.12 27.57
N ALA G 705 6.04 0.26 28.60
CA ALA G 705 5.84 -0.83 29.54
C ALA G 705 5.24 -2.06 28.84
N VAL G 706 4.27 -1.83 27.97
CA VAL G 706 3.63 -2.94 27.27
C VAL G 706 4.63 -3.66 26.37
N GLU G 707 5.45 -2.89 25.64
CA GLU G 707 6.45 -3.51 24.76
C GLU G 707 7.49 -4.29 25.56
N LEU G 708 7.91 -3.74 26.71
CA LEU G 708 8.86 -4.48 27.54
C LEU G 708 8.25 -5.78 28.06
N LEU G 709 6.99 -5.74 28.48
CA LEU G 709 6.32 -6.95 28.93
C LEU G 709 6.24 -7.98 27.81
N ASP G 710 5.90 -7.52 26.59
CA ASP G 710 5.82 -8.44 25.46
C ASP G 710 7.16 -9.09 25.17
N GLN G 711 8.24 -8.29 25.19
CA GLN G 711 9.58 -8.84 24.97
C GLN G 711 9.93 -9.86 26.04
N SER G 712 9.65 -9.53 27.30
CA SER G 712 9.98 -10.44 28.40
C SER G 712 9.21 -11.75 28.28
N TYR G 713 7.92 -11.68 27.95
CA TYR G 713 7.15 -12.91 27.78
C TYR G 713 7.66 -13.73 26.60
N LYS G 714 8.01 -13.06 25.50
CA LYS G 714 8.48 -13.78 24.32
C LYS G 714 9.83 -14.43 24.55
N GLN G 715 10.65 -13.87 25.45
CA GLN G 715 11.97 -14.43 25.68
C GLN G 715 11.93 -15.62 26.64
N ASP G 716 11.24 -15.47 27.77
CA ASP G 716 11.15 -16.54 28.76
C ASP G 716 9.87 -16.35 29.57
N GLU G 717 8.99 -17.34 29.54
CA GLU G 717 7.66 -17.17 30.13
C GLU G 717 7.71 -17.22 31.65
N GLN G 718 8.46 -18.18 32.22
CA GLN G 718 8.46 -18.35 33.67
C GLN G 718 9.10 -17.14 34.37
N LEU G 719 10.23 -16.66 33.86
CA LEU G 719 10.84 -15.48 34.44
C LEU G 719 9.99 -14.24 34.22
N ALA G 720 9.27 -14.17 33.09
CA ALA G 720 8.36 -13.05 32.86
C ALA G 720 7.23 -13.05 33.89
N MET G 721 6.66 -14.22 34.19
CA MET G 721 5.63 -14.29 35.22
C MET G 721 6.19 -13.97 36.60
N LYS G 722 7.41 -14.43 36.88
CA LYS G 722 8.05 -14.09 38.15
C LYS G 722 8.32 -12.60 38.26
N LEU G 723 8.52 -11.93 37.12
CA LEU G 723 8.81 -10.49 37.12
C LEU G 723 7.60 -9.66 37.49
N LEU G 724 6.38 -10.18 37.26
CA LEU G 724 5.16 -9.42 37.49
C LEU G 724 4.61 -9.56 38.90
N THR G 725 5.22 -10.39 39.77
CA THR G 725 4.63 -10.69 41.06
C THR G 725 5.54 -10.43 42.25
N TYR G 726 6.84 -10.26 42.04
CA TYR G 726 7.74 -10.10 43.19
C TYR G 726 7.56 -8.72 43.81
N GLU G 727 7.81 -8.66 45.12
CA GLU G 727 7.57 -7.43 45.88
C GLU G 727 8.63 -6.38 45.59
N LEU G 728 8.18 -5.14 45.40
CA LEU G 728 9.06 -4.01 45.09
C LEU G 728 9.29 -3.23 46.37
N LYS G 729 10.44 -3.46 47.02
CA LYS G 729 10.73 -2.79 48.28
C LYS G 729 10.92 -1.28 48.11
N ASN G 730 11.27 -0.82 46.91
CA ASN G 730 11.52 0.60 46.67
C ASN G 730 10.29 1.36 46.21
N TRP G 731 9.16 0.68 46.00
CA TRP G 731 7.95 1.31 45.49
C TRP G 731 6.76 1.00 46.40
N SER G 732 6.96 1.22 47.70
CA SER G 732 5.91 1.06 48.71
C SER G 732 5.38 -0.37 48.77
N ASN G 733 6.27 -1.34 48.54
CA ASN G 733 5.95 -2.76 48.67
C ASN G 733 4.75 -3.15 47.80
N ALA G 734 4.77 -2.72 46.55
CA ALA G 734 3.74 -3.05 45.58
C ALA G 734 4.31 -4.01 44.53
N THR G 735 3.46 -4.41 43.60
CA THR G 735 3.86 -5.26 42.48
C THR G 735 3.49 -4.60 41.17
N CYS G 736 4.08 -5.08 40.08
CA CYS G 736 3.82 -4.51 38.77
C CYS G 736 2.35 -4.66 38.37
N LEU G 737 1.72 -5.77 38.76
CA LEU G 737 0.31 -5.96 38.46
C LEU G 737 -0.55 -4.92 39.19
N GLN G 738 -0.27 -4.68 40.47
CA GLN G 738 -1.01 -3.67 41.21
C GLN G 738 -0.79 -2.27 40.63
N LEU G 739 0.45 -1.97 40.23
CA LEU G 739 0.73 -0.67 39.62
C LEU G 739 -0.02 -0.51 38.30
N ALA G 740 -0.08 -1.57 37.49
CA ALA G 740 -0.81 -1.50 36.23
C ALA G 740 -2.31 -1.35 36.46
N VAL G 741 -2.84 -2.02 37.49
CA VAL G 741 -4.26 -1.88 37.79
C VAL G 741 -4.57 -0.47 38.28
N ALA G 742 -3.69 0.10 39.11
CA ALA G 742 -3.91 1.44 39.63
C ALA G 742 -3.87 2.49 38.52
N ALA G 743 -3.08 2.25 37.47
CA ALA G 743 -3.00 3.17 36.35
C ALA G 743 -4.06 2.91 35.29
N LYS G 744 -4.93 1.92 35.51
CA LYS G 744 -6.00 1.57 34.57
C LYS G 744 -5.45 1.28 33.18
N HIS G 745 -4.34 0.53 33.14
CA HIS G 745 -3.69 0.17 31.88
C HIS G 745 -4.35 -1.12 31.39
N ARG G 746 -5.30 -0.99 30.46
CA ARG G 746 -6.04 -2.15 29.98
C ARG G 746 -5.22 -3.01 29.03
N ASP G 747 -4.34 -2.40 28.25
CA ASP G 747 -3.51 -3.19 27.34
C ASP G 747 -2.51 -4.06 28.08
N PHE G 748 -2.04 -3.60 29.25
CA PHE G 748 -1.10 -4.39 30.04
C PHE G 748 -1.78 -5.60 30.68
N ILE G 749 -2.96 -5.39 31.25
CA ILE G 749 -3.67 -6.48 31.92
C ILE G 749 -4.18 -7.50 30.90
N ALA G 750 -4.63 -7.03 29.75
CA ALA G 750 -5.20 -7.92 28.74
C ALA G 750 -4.14 -8.72 27.98
N HIS G 751 -2.87 -8.62 28.35
CA HIS G 751 -1.83 -9.38 27.68
C HIS G 751 -1.92 -10.86 28.06
N THR G 752 -1.33 -11.69 27.22
CA THR G 752 -1.41 -13.14 27.42
C THR G 752 -0.73 -13.56 28.72
N CYS G 753 0.43 -12.98 29.02
CA CYS G 753 1.13 -13.34 30.25
C CYS G 753 0.32 -12.98 31.48
N SER G 754 -0.28 -11.79 31.49
CA SER G 754 -1.12 -11.40 32.62
C SER G 754 -2.34 -12.31 32.74
N GLN G 755 -2.93 -12.69 31.60
CA GLN G 755 -4.10 -13.56 31.63
C GLN G 755 -3.75 -14.94 32.19
N MET G 756 -2.62 -15.51 31.77
CA MET G 756 -2.24 -16.82 32.31
C MET G 756 -1.82 -16.73 33.76
N LEU G 757 -1.19 -15.63 34.17
CA LEU G 757 -0.90 -15.42 35.59
C LEU G 757 -2.19 -15.36 36.40
N LEU G 758 -3.20 -14.64 35.89
CA LEU G 758 -4.47 -14.57 36.59
C LEU G 758 -5.16 -15.92 36.63
N THR G 759 -5.04 -16.71 35.56
CA THR G 759 -5.61 -18.06 35.57
C THR G 759 -4.96 -18.92 36.63
N ASP G 760 -3.63 -18.88 36.72
CA ASP G 760 -2.93 -19.64 37.75
C ASP G 760 -3.32 -19.17 39.15
N MET G 761 -3.45 -17.86 39.33
CA MET G 761 -3.87 -17.31 40.62
C MET G 761 -5.29 -17.72 40.98
N TRP G 762 -6.17 -17.81 39.98
CA TRP G 762 -7.56 -18.19 40.20
C TRP G 762 -7.71 -19.66 40.51
N MET G 763 -6.89 -20.50 39.87
CA MET G 763 -6.99 -21.94 40.11
C MET G 763 -6.47 -22.36 41.48
N GLY G 764 -5.80 -21.46 42.20
CA GLY G 764 -5.31 -21.80 43.53
C GLY G 764 -4.13 -22.76 43.46
N ARG G 765 -4.06 -23.65 44.46
CA ARG G 765 -3.01 -24.64 44.55
C ARG G 765 -3.43 -25.98 43.96
N LEU G 766 -4.30 -25.96 42.95
CA LEU G 766 -4.77 -27.16 42.28
C LEU G 766 -4.19 -27.19 40.87
N ARG G 767 -3.82 -28.39 40.42
CA ARG G 767 -3.15 -28.57 39.13
C ARG G 767 -4.12 -28.94 38.02
N MET G 768 -5.42 -29.02 38.30
CA MET G 768 -6.38 -29.43 37.28
C MET G 768 -6.53 -28.35 36.22
N ARG G 769 -6.37 -28.74 34.95
CA ARG G 769 -6.55 -27.82 33.83
C ARG G 769 -7.45 -28.42 32.77
N LYS G 770 -7.43 -29.75 32.64
CA LYS G 770 -8.14 -30.41 31.54
C LYS G 770 -9.65 -30.34 31.72
N ASN G 771 -10.13 -30.51 32.95
CA ASN G 771 -11.57 -30.52 33.19
C ASN G 771 -11.81 -30.00 34.62
N SER G 772 -12.15 -28.72 34.72
CA SER G 772 -12.50 -28.10 35.98
C SER G 772 -14.02 -27.98 36.09
N GLY G 773 -14.48 -27.36 37.15
CA GLY G 773 -15.91 -27.19 37.36
C GLY G 773 -16.59 -28.45 37.85
N LEU G 774 -16.62 -29.50 37.01
CA LEU G 774 -17.24 -30.75 37.41
C LEU G 774 -16.53 -31.36 38.61
N LYS G 775 -15.19 -31.38 38.57
CA LYS G 775 -14.43 -31.92 39.69
C LYS G 775 -14.58 -31.06 40.93
N VAL G 776 -14.60 -29.74 40.76
CA VAL G 776 -14.76 -28.84 41.90
C VAL G 776 -16.12 -29.04 42.55
N ILE G 777 -17.17 -29.13 41.73
CA ILE G 777 -18.52 -29.33 42.26
C ILE G 777 -18.61 -30.70 42.94
N LEU G 778 -18.02 -31.72 42.34
CA LEU G 778 -18.02 -33.05 42.96
C LEU G 778 -17.32 -33.04 44.30
N GLY G 779 -16.18 -32.34 44.40
CA GLY G 779 -15.48 -32.25 45.66
C GLY G 779 -16.26 -31.48 46.71
N ILE G 780 -16.95 -30.41 46.29
CA ILE G 780 -17.78 -29.65 47.22
C ILE G 780 -18.93 -30.51 47.75
N LEU G 781 -19.59 -31.26 46.86
CA LEU G 781 -20.69 -32.10 47.27
C LEU G 781 -20.22 -33.34 48.01
N LEU G 782 -19.05 -33.88 47.65
CA LEU G 782 -18.48 -35.08 48.26
C LEU G 782 -17.12 -34.74 48.84
N PRO G 783 -17.05 -34.35 50.10
CA PRO G 783 -15.75 -34.02 50.72
C PRO G 783 -14.76 -35.17 50.69
N PRO G 784 -15.19 -36.43 50.83
CA PRO G 784 -14.22 -37.53 50.68
C PRO G 784 -13.55 -37.57 49.32
N SER G 785 -14.20 -37.07 48.26
CA SER G 785 -13.64 -37.11 46.91
C SER G 785 -12.49 -36.12 46.71
N ILE G 786 -12.23 -35.24 47.69
CA ILE G 786 -11.18 -34.24 47.51
C ILE G 786 -9.81 -34.90 47.41
N LEU G 787 -9.60 -35.99 48.14
CA LEU G 787 -8.28 -36.62 48.25
C LEU G 787 -7.80 -37.29 46.98
N SER G 788 -8.47 -37.16 45.83
CA SER G 788 -8.02 -37.77 44.58
C SER G 788 -7.67 -36.71 43.55
N LEU G 789 -6.98 -35.65 43.98
CA LEU G 789 -6.61 -34.54 43.11
C LEU G 789 -5.13 -34.28 43.23
N GLU G 790 -4.54 -33.75 42.16
CA GLU G 790 -3.12 -33.41 42.13
C GLU G 790 -2.94 -31.98 42.63
N PHE G 791 -2.14 -31.83 43.69
CA PHE G 791 -1.89 -30.54 44.31
C PHE G 791 -0.51 -30.02 43.95
N LYS G 792 -0.37 -28.70 43.99
CA LYS G 792 0.93 -28.08 43.74
C LYS G 792 1.86 -28.31 44.92
N ASN G 793 3.16 -28.22 44.65
CA ASN G 793 4.18 -28.43 45.67
C ASN G 793 4.11 -27.37 46.75
N GLY G 860 -4.97 -34.45 55.31
CA GLY G 860 -5.17 -33.53 56.42
C GLY G 860 -5.18 -32.08 55.99
N ARG G 861 -4.08 -31.63 55.39
CA ARG G 861 -3.96 -30.25 54.93
C ARG G 861 -4.53 -30.04 53.54
N LYS G 862 -4.94 -31.11 52.85
CA LYS G 862 -5.54 -30.95 51.52
C LYS G 862 -6.86 -30.20 51.59
N ILE G 863 -7.62 -30.40 52.66
CA ILE G 863 -8.92 -29.75 52.78
C ILE G 863 -8.75 -28.23 52.86
N TYR G 864 -7.79 -27.77 53.66
CA TYR G 864 -7.59 -26.33 53.82
C TYR G 864 -7.15 -25.69 52.51
N GLU G 865 -6.23 -26.33 51.78
CA GLU G 865 -5.79 -25.79 50.50
C GLU G 865 -6.89 -25.85 49.45
N PHE G 866 -7.73 -26.87 49.50
CA PHE G 866 -8.82 -27.00 48.53
C PHE G 866 -9.88 -25.94 48.75
N TYR G 867 -10.33 -25.77 49.99
CA TYR G 867 -11.44 -24.86 50.26
C TYR G 867 -11.06 -23.39 50.12
N ASN G 868 -9.78 -23.06 50.24
CA ASN G 868 -9.34 -21.67 50.15
C ASN G 868 -9.07 -21.23 48.71
N ALA G 869 -9.21 -22.13 47.74
CA ALA G 869 -9.07 -21.73 46.35
C ALA G 869 -10.25 -20.85 45.94
N PRO G 870 -10.00 -19.78 45.19
CA PRO G 870 -11.10 -18.89 44.78
C PRO G 870 -12.18 -19.57 43.96
N ILE G 871 -11.81 -20.55 43.13
CA ILE G 871 -12.81 -21.21 42.28
C ILE G 871 -13.78 -22.02 43.12
N VAL G 872 -13.28 -22.68 44.18
CA VAL G 872 -14.15 -23.44 45.06
C VAL G 872 -15.13 -22.51 45.78
N LYS G 873 -14.64 -21.37 46.26
CA LYS G 873 -15.53 -20.40 46.89
C LYS G 873 -16.57 -19.90 45.92
N PHE G 874 -16.18 -19.65 44.66
CA PHE G 874 -17.13 -19.18 43.66
C PHE G 874 -18.21 -20.21 43.40
N TRP G 875 -17.83 -21.49 43.27
CA TRP G 875 -18.82 -22.53 43.03
C TRP G 875 -19.75 -22.72 44.24
N PHE G 876 -19.19 -22.63 45.45
CA PHE G 876 -20.04 -22.69 46.64
C PHE G 876 -21.05 -21.56 46.65
N TYR G 877 -20.59 -20.35 46.33
CA TYR G 877 -21.48 -19.20 46.27
C TYR G 877 -22.57 -19.39 45.22
N THR G 878 -22.20 -19.92 44.05
CA THR G 878 -23.17 -20.14 42.98
C THR G 878 -24.23 -21.16 43.40
N LEU G 879 -23.81 -22.26 44.03
CA LEU G 879 -24.76 -23.27 44.47
C LEU G 879 -25.71 -22.69 45.53
N ALA G 880 -25.18 -21.92 46.47
CA ALA G 880 -26.03 -21.31 47.49
C ALA G 880 -27.03 -20.35 46.87
N TYR G 881 -26.59 -19.55 45.89
CA TYR G 881 -27.49 -18.61 45.24
C TYR G 881 -28.58 -19.35 44.46
N ILE G 882 -28.22 -20.44 43.79
CA ILE G 882 -29.22 -21.22 43.07
C ILE G 882 -30.26 -21.80 44.03
N GLY G 883 -29.80 -22.34 45.16
CA GLY G 883 -30.74 -22.85 46.15
C GLY G 883 -31.66 -21.78 46.70
N TYR G 884 -31.10 -20.59 46.98
CA TYR G 884 -31.92 -19.48 47.46
C TYR G 884 -32.96 -19.07 46.43
N LEU G 885 -32.58 -19.03 45.15
CA LEU G 885 -33.54 -18.66 44.10
C LEU G 885 -34.64 -19.70 43.99
N MET G 886 -34.28 -20.99 44.10
CA MET G 886 -35.30 -22.05 44.08
C MET G 886 -36.28 -21.89 45.24
N LEU G 887 -35.76 -21.61 46.45
CA LEU G 887 -36.65 -21.43 47.59
C LEU G 887 -37.53 -20.20 47.42
N PHE G 888 -36.99 -19.12 46.85
CA PHE G 888 -37.80 -17.92 46.60
C PHE G 888 -38.93 -18.24 45.62
N ASN G 889 -38.63 -18.97 44.55
CA ASN G 889 -39.67 -19.37 43.62
C ASN G 889 -40.73 -20.22 44.31
N TYR G 890 -40.30 -21.15 45.17
CA TYR G 890 -41.27 -22.00 45.87
C TYR G 890 -42.19 -21.15 46.76
N ILE G 891 -41.61 -20.22 47.52
CA ILE G 891 -42.44 -19.44 48.44
C ILE G 891 -43.37 -18.50 47.69
N VAL G 892 -42.97 -18.01 46.52
CA VAL G 892 -43.86 -17.10 45.80
C VAL G 892 -44.89 -17.84 44.95
N LEU G 893 -44.67 -19.12 44.64
CA LEU G 893 -45.61 -19.83 43.78
C LEU G 893 -46.77 -20.46 44.54
N VAL G 894 -46.59 -20.77 45.82
CA VAL G 894 -47.58 -21.50 46.58
C VAL G 894 -48.34 -20.56 47.50
N LYS G 895 -49.39 -21.08 48.13
CA LYS G 895 -50.24 -20.27 49.00
C LYS G 895 -49.48 -19.80 50.23
N MET G 896 -49.68 -18.53 50.58
CA MET G 896 -49.02 -17.92 51.73
C MET G 896 -49.96 -17.94 52.94
N GLU G 897 -49.41 -18.29 54.09
CA GLU G 897 -50.18 -18.44 55.32
C GLU G 897 -49.93 -17.24 56.25
N ARG G 898 -50.51 -17.33 57.45
CA ARG G 898 -50.42 -16.22 58.40
C ARG G 898 -48.99 -15.96 58.83
N TRP G 899 -48.24 -17.02 59.15
CA TRP G 899 -46.86 -16.87 59.58
C TRP G 899 -45.92 -17.52 58.58
N PRO G 900 -44.70 -16.98 58.44
CA PRO G 900 -43.77 -17.52 57.45
C PRO G 900 -43.44 -18.98 57.72
N SER G 901 -43.27 -19.75 56.64
CA SER G 901 -42.92 -21.15 56.73
C SER G 901 -41.40 -21.29 56.81
N THR G 902 -40.90 -22.53 56.77
CA THR G 902 -39.47 -22.76 56.90
C THR G 902 -38.70 -22.15 55.74
N GLN G 903 -39.19 -22.32 54.51
CA GLN G 903 -38.49 -21.79 53.35
C GLN G 903 -38.42 -20.26 53.38
N GLU G 904 -39.51 -19.62 53.83
CA GLU G 904 -39.49 -18.16 53.95
C GLU G 904 -38.47 -17.72 55.00
N TRP G 905 -38.38 -18.45 56.11
CA TRP G 905 -37.36 -18.14 57.10
C TRP G 905 -35.96 -18.29 56.51
N ILE G 906 -35.75 -19.34 55.70
CA ILE G 906 -34.43 -19.55 55.09
C ILE G 906 -34.09 -18.39 54.16
N VAL G 907 -35.03 -17.97 53.32
CA VAL G 907 -34.72 -16.89 52.37
C VAL G 907 -34.53 -15.56 53.10
N ILE G 908 -35.29 -15.33 54.18
CA ILE G 908 -35.09 -14.12 54.96
C ILE G 908 -33.72 -14.11 55.61
N SER G 909 -33.30 -15.27 56.17
CA SER G 909 -31.97 -15.36 56.74
C SER G 909 -30.90 -15.12 55.68
N TYR G 910 -31.09 -15.67 54.49
CA TYR G 910 -30.13 -15.46 53.40
C TYR G 910 -30.00 -13.98 53.07
N ILE G 911 -31.14 -13.30 52.89
CA ILE G 911 -31.08 -11.90 52.48
C ILE G 911 -30.50 -11.02 53.59
N PHE G 912 -30.84 -11.32 54.85
CA PHE G 912 -30.29 -10.56 55.97
C PHE G 912 -28.79 -10.77 56.11
N THR G 913 -28.32 -12.01 55.94
CA THR G 913 -26.89 -12.27 55.99
C THR G 913 -26.15 -11.59 54.85
N LEU G 914 -26.75 -11.58 53.65
CA LEU G 914 -26.15 -10.86 52.54
C LEU G 914 -26.07 -9.36 52.84
N GLY G 915 -27.13 -8.80 53.41
CA GLY G 915 -27.11 -7.38 53.77
C GLY G 915 -26.05 -7.05 54.79
N ILE G 916 -25.94 -7.87 55.85
CA ILE G 916 -24.92 -7.59 56.86
C ILE G 916 -23.52 -7.81 56.30
N GLU G 917 -23.36 -8.75 55.37
CA GLU G 917 -22.07 -8.93 54.71
C GLU G 917 -21.69 -7.70 53.90
N LYS G 918 -22.65 -7.13 53.16
CA LYS G 918 -22.37 -5.89 52.44
C LYS G 918 -22.04 -4.76 53.40
N MET G 919 -22.76 -4.68 54.53
CA MET G 919 -22.46 -3.65 55.52
C MET G 919 -21.07 -3.81 56.09
N ARG G 920 -20.63 -5.05 56.33
CA ARG G 920 -19.28 -5.26 56.85
C ARG G 920 -18.22 -5.01 55.79
N GLU G 921 -18.54 -5.26 54.51
CA GLU G 921 -17.57 -4.98 53.45
C GLU G 921 -17.46 -3.49 53.15
N ILE G 922 -18.49 -2.71 53.46
CA ILE G 922 -18.38 -1.26 53.32
C ILE G 922 -17.50 -0.64 54.40
N LEU G 923 -17.24 -1.38 55.49
CA LEU G 923 -16.39 -0.91 56.58
C LEU G 923 -14.95 -1.44 56.48
N MET G 924 -14.50 -1.77 55.26
CA MET G 924 -13.16 -2.28 55.06
C MET G 924 -12.49 -1.64 53.85
N SER G 925 -13.04 -0.54 53.34
CA SER G 925 -12.49 0.10 52.16
C SER G 925 -11.17 0.80 52.50
N GLU G 926 -10.42 1.13 51.44
CA GLU G 926 -9.13 1.79 51.61
C GLU G 926 -9.22 3.15 52.29
N PRO G 927 -10.10 4.07 51.88
CA PRO G 927 -10.10 5.40 52.51
C PRO G 927 -10.44 5.32 54.01
N GLY G 928 -9.76 6.18 54.79
CA GLY G 928 -9.99 6.19 56.22
C GLY G 928 -11.36 6.72 56.60
N LYS G 929 -11.81 7.78 55.92
CA LYS G 929 -13.07 8.42 56.29
C LYS G 929 -14.25 7.49 56.05
N LEU G 930 -15.15 7.43 57.03
CA LEU G 930 -16.32 6.58 56.92
C LEU G 930 -17.24 7.04 55.80
N LEU G 931 -17.50 8.36 55.72
CA LEU G 931 -18.37 8.88 54.68
C LEU G 931 -17.77 8.68 53.30
N GLN G 932 -16.45 8.82 53.19
CA GLN G 932 -15.79 8.61 51.90
C GLN G 932 -15.90 7.17 51.43
N LYS G 933 -15.89 6.21 52.36
CA LYS G 933 -16.01 4.81 51.98
C LYS G 933 -17.35 4.52 51.31
N VAL G 934 -18.41 5.18 51.77
CA VAL G 934 -19.72 5.04 51.13
C VAL G 934 -19.66 5.59 49.70
N LYS G 935 -18.99 6.73 49.53
CA LYS G 935 -18.93 7.35 48.20
C LYS G 935 -18.24 6.45 47.19
N VAL G 936 -17.15 5.79 47.59
CA VAL G 936 -16.44 4.92 46.67
C VAL G 936 -17.15 3.57 46.53
N TRP G 937 -17.83 3.11 47.58
CA TRP G 937 -18.55 1.85 47.48
C TRP G 937 -19.78 1.96 46.59
N LEU G 938 -20.40 3.15 46.53
CA LEU G 938 -21.56 3.36 45.68
C LEU G 938 -21.20 3.69 44.23
N GLN G 939 -20.00 3.34 43.79
CA GLN G 939 -19.56 3.61 42.43
C GLN G 939 -19.85 2.45 41.48
N GLU G 940 -20.46 1.38 41.96
CA GLU G 940 -20.90 0.27 41.11
C GLU G 940 -22.41 0.21 41.09
N TYR G 941 -22.98 0.00 39.90
CA TYR G 941 -24.43 -0.07 39.76
C TYR G 941 -25.00 -1.28 40.51
N TRP G 942 -24.26 -2.39 40.52
CA TRP G 942 -24.76 -3.60 41.17
C TRP G 942 -24.96 -3.37 42.66
N ASN G 943 -24.05 -2.67 43.32
CA ASN G 943 -24.19 -2.42 44.76
C ASN G 943 -25.42 -1.57 45.05
N VAL G 944 -25.65 -0.52 44.26
CA VAL G 944 -26.81 0.33 44.46
C VAL G 944 -28.09 -0.45 44.23
N THR G 945 -28.13 -1.26 43.17
CA THR G 945 -29.33 -2.06 42.90
C THR G 945 -29.58 -3.07 44.00
N ASP G 946 -28.51 -3.68 44.52
CA ASP G 946 -28.66 -4.63 45.63
C ASP G 946 -29.21 -3.93 46.88
N LEU G 947 -28.70 -2.74 47.18
CA LEU G 947 -29.20 -1.99 48.33
C LEU G 947 -30.68 -1.66 48.17
N ILE G 948 -31.07 -1.20 46.98
CA ILE G 948 -32.47 -0.86 46.73
C ILE G 948 -33.34 -2.10 46.86
N ALA G 949 -32.90 -3.22 46.30
CA ALA G 949 -33.68 -4.45 46.37
C ALA G 949 -33.82 -4.94 47.80
N ILE G 950 -32.74 -4.85 48.58
CA ILE G 950 -32.80 -5.28 49.98
C ILE G 950 -33.75 -4.40 50.77
N LEU G 951 -33.70 -3.08 50.55
CA LEU G 951 -34.63 -2.19 51.25
C LEU G 951 -36.08 -2.49 50.87
N LEU G 952 -36.34 -2.73 49.58
CA LEU G 952 -37.69 -3.03 49.14
C LEU G 952 -38.18 -4.35 49.73
N PHE G 953 -37.31 -5.37 49.77
CA PHE G 953 -37.67 -6.64 50.37
C PHE G 953 -37.96 -6.47 51.87
N SER G 954 -37.17 -5.65 52.55
CA SER G 954 -37.41 -5.38 53.97
C SER G 954 -38.76 -4.72 54.18
N VAL G 955 -39.09 -3.74 53.33
CA VAL G 955 -40.39 -3.07 53.43
C VAL G 955 -41.52 -4.07 53.21
N GLY G 956 -41.38 -4.92 52.19
CA GLY G 956 -42.41 -5.90 51.92
C GLY G 956 -42.57 -6.90 53.04
N MET G 957 -41.46 -7.35 53.64
CA MET G 957 -41.53 -8.26 54.77
C MET G 957 -42.20 -7.61 55.97
N ILE G 958 -41.86 -6.35 56.24
CA ILE G 958 -42.49 -5.64 57.36
C ILE G 958 -43.98 -5.52 57.15
N LEU G 959 -44.39 -5.18 55.92
CA LEU G 959 -45.82 -5.09 55.63
C LEU G 959 -46.50 -6.45 55.56
N ARG G 960 -45.73 -7.53 55.42
CA ARG G 960 -46.30 -8.86 55.24
C ARG G 960 -46.84 -9.42 56.55
N LEU G 961 -46.16 -9.16 57.67
CA LEU G 961 -46.55 -9.72 58.96
C LEU G 961 -47.62 -8.84 59.63
N GLN G 962 -48.72 -8.68 58.93
CA GLN G 962 -49.82 -7.83 59.39
C GLN G 962 -51.13 -8.42 58.88
N ASP G 963 -52.18 -7.60 58.88
CA ASP G 963 -53.51 -8.05 58.51
C ASP G 963 -53.55 -8.40 57.02
N GLN G 964 -54.73 -8.85 56.56
CA GLN G 964 -54.86 -9.39 55.21
C GLN G 964 -54.48 -8.41 54.11
N PRO G 965 -54.95 -7.15 54.10
CA PRO G 965 -54.55 -6.25 53.01
C PRO G 965 -53.06 -5.94 52.99
N PHE G 966 -52.47 -5.69 54.16
CA PHE G 966 -51.02 -5.46 54.21
C PHE G 966 -50.26 -6.71 53.81
N ARG G 967 -50.76 -7.88 54.19
CA ARG G 967 -50.12 -9.13 53.77
C ARG G 967 -50.18 -9.30 52.25
N SER G 968 -51.31 -8.95 51.64
CA SER G 968 -51.42 -9.02 50.19
C SER G 968 -50.45 -8.04 49.53
N ASP G 969 -50.34 -6.83 50.08
CA ASP G 969 -49.37 -5.88 49.54
C ASP G 969 -47.95 -6.40 49.66
N GLY G 970 -47.61 -7.01 50.79
CA GLY G 970 -46.28 -7.59 50.94
C GLY G 970 -46.02 -8.73 49.98
N ARG G 971 -47.05 -9.56 49.72
CA ARG G 971 -46.89 -10.63 48.75
C ARG G 971 -46.66 -10.07 47.35
N VAL G 972 -47.39 -9.02 46.98
CA VAL G 972 -47.17 -8.39 45.68
C VAL G 972 -45.77 -7.80 45.61
N ILE G 973 -45.28 -7.25 46.72
CA ILE G 973 -43.91 -6.74 46.74
C ILE G 973 -42.91 -7.87 46.54
N TYR G 974 -43.14 -9.03 47.16
CA TYR G 974 -42.28 -10.19 46.93
C TYR G 974 -42.28 -10.58 45.46
N CYS G 975 -43.46 -10.62 44.85
CA CYS G 975 -43.58 -11.02 43.45
C CYS G 975 -42.83 -10.05 42.54
N VAL G 976 -42.93 -8.76 42.82
CA VAL G 976 -42.18 -7.78 42.03
C VAL G 976 -40.68 -7.92 42.28
N ASN G 977 -40.29 -8.22 43.52
CA ASN G 977 -38.88 -8.22 43.88
C ASN G 977 -38.14 -9.43 43.33
N ILE G 978 -38.85 -10.55 43.11
CA ILE G 978 -38.17 -11.74 42.59
C ILE G 978 -37.56 -11.51 41.22
N ILE G 979 -38.06 -10.52 40.47
CA ILE G 979 -37.56 -10.27 39.12
C ILE G 979 -36.11 -9.83 39.16
N TYR G 980 -35.74 -8.97 40.12
CA TYR G 980 -34.36 -8.50 40.22
C TYR G 980 -33.41 -9.65 40.52
N TRP G 981 -33.81 -10.55 41.43
CA TRP G 981 -32.95 -11.68 41.75
C TRP G 981 -32.85 -12.67 40.60
N TYR G 982 -33.90 -12.76 39.77
CA TYR G 982 -33.79 -13.55 38.55
C TYR G 982 -32.81 -12.91 37.57
N ILE G 983 -32.87 -11.58 37.42
CA ILE G 983 -32.00 -10.88 36.48
C ILE G 983 -30.54 -10.93 36.93
N ARG G 984 -30.31 -10.99 38.24
CA ARG G 984 -28.95 -10.93 38.78
C ARG G 984 -28.09 -12.10 38.31
N LEU G 985 -28.68 -13.17 37.77
CA LEU G 985 -27.90 -14.30 37.31
C LEU G 985 -26.91 -13.93 36.20
N LEU G 986 -27.12 -12.80 35.52
CA LEU G 986 -26.16 -12.36 34.51
C LEU G 986 -24.81 -12.02 35.14
N ASP G 987 -24.81 -11.53 36.38
CA ASP G 987 -23.54 -11.28 37.06
C ASP G 987 -22.76 -12.56 37.25
N ILE G 988 -23.43 -13.65 37.62
CA ILE G 988 -22.76 -14.95 37.72
C ILE G 988 -22.33 -15.43 36.34
N PHE G 989 -23.17 -15.22 35.32
CA PHE G 989 -22.82 -15.62 33.96
C PHE G 989 -21.57 -14.91 33.48
N GLY G 990 -21.33 -13.69 33.96
CA GLY G 990 -20.18 -12.90 33.52
C GLY G 990 -18.82 -13.52 33.80
N VAL G 991 -18.79 -14.69 34.45
CA VAL G 991 -17.53 -15.38 34.67
C VAL G 991 -17.14 -16.21 33.46
N ASN G 992 -18.11 -16.64 32.66
CA ASN G 992 -17.81 -17.44 31.47
C ASN G 992 -17.05 -16.60 30.45
N LYS G 993 -16.18 -17.27 29.69
CA LYS G 993 -15.35 -16.58 28.72
C LYS G 993 -16.16 -16.03 27.56
N TYR G 994 -17.33 -16.62 27.29
CA TYR G 994 -18.16 -16.21 26.16
C TYR G 994 -19.40 -15.41 26.57
N LEU G 995 -19.89 -15.59 27.80
CA LEU G 995 -21.16 -15.00 28.22
C LEU G 995 -21.00 -13.63 28.89
N GLY G 996 -19.78 -13.14 29.06
CA GLY G 996 -19.56 -11.82 29.63
C GLY G 996 -19.61 -10.70 28.60
N PRO G 997 -18.80 -10.82 27.55
CA PRO G 997 -18.86 -9.82 26.48
C PRO G 997 -20.22 -9.67 25.85
N TYR G 998 -21.02 -10.74 25.77
CA TYR G 998 -22.38 -10.61 25.25
C TYR G 998 -23.23 -9.69 26.12
N VAL G 999 -23.12 -9.85 27.45
CA VAL G 999 -23.86 -8.99 28.36
C VAL G 999 -23.39 -7.54 28.24
N MET G 1000 -22.08 -7.34 28.08
CA MET G 1000 -21.56 -5.99 27.89
C MET G 1000 -22.09 -5.38 26.59
N MET G 1001 -22.16 -6.17 25.52
CA MET G 1001 -22.72 -5.69 24.27
C MET G 1001 -24.18 -5.31 24.42
N ILE G 1002 -24.95 -6.12 25.16
CA ILE G 1002 -26.35 -5.79 25.40
C ILE G 1002 -26.46 -4.45 26.13
N GLY G 1003 -25.64 -4.27 27.16
CA GLY G 1003 -25.65 -3.02 27.91
C GLY G 1003 -25.28 -1.83 27.03
N LYS G 1004 -24.36 -2.02 26.09
CA LYS G 1004 -23.97 -0.94 25.20
C LYS G 1004 -25.00 -0.66 24.12
N MET G 1005 -25.79 -1.65 23.71
CA MET G 1005 -26.79 -1.46 22.68
C MET G 1005 -28.13 -0.94 23.21
N MET G 1006 -28.36 -1.06 24.52
CA MET G 1006 -29.60 -0.53 25.08
C MET G 1006 -29.78 0.96 24.80
N ILE G 1007 -28.68 1.72 24.76
CA ILE G 1007 -28.79 3.16 24.50
C ILE G 1007 -29.29 3.42 23.09
N ASP G 1008 -28.76 2.69 22.10
CA ASP G 1008 -29.22 2.85 20.73
C ASP G 1008 -30.68 2.43 20.60
N MET G 1009 -31.09 1.39 21.33
CA MET G 1009 -32.51 1.02 21.32
C MET G 1009 -33.38 2.13 21.90
N MET G 1010 -32.92 2.76 22.99
N MET G 1010 -32.91 2.75 22.99
CA MET G 1010 -33.69 3.83 23.60
CA MET G 1010 -33.67 3.84 23.62
C MET G 1010 -33.79 5.05 22.70
C MET G 1010 -33.80 5.03 22.68
N TYR G 1011 -32.77 5.31 21.88
CA TYR G 1011 -32.81 6.45 20.98
C TYR G 1011 -33.88 6.30 19.89
N PHE G 1012 -34.36 5.08 19.63
CA PHE G 1012 -35.47 4.87 18.69
C PHE G 1012 -36.81 4.67 19.39
N VAL G 1013 -36.78 4.25 20.66
CA VAL G 1013 -38.03 4.07 21.40
C VAL G 1013 -38.85 5.36 21.42
N ILE G 1014 -38.17 6.51 21.49
CA ILE G 1014 -38.88 7.79 21.59
C ILE G 1014 -39.69 8.06 20.32
N ILE G 1015 -39.06 7.87 19.16
CA ILE G 1015 -39.76 8.10 17.89
C ILE G 1015 -40.91 7.11 17.73
N MET G 1016 -40.68 5.85 18.11
CA MET G 1016 -41.77 4.88 18.05
C MET G 1016 -42.92 5.30 18.94
N LEU G 1017 -42.64 5.81 20.14
CA LEU G 1017 -43.68 6.27 21.04
C LEU G 1017 -44.44 7.45 20.45
N VAL G 1018 -43.73 8.38 19.79
CA VAL G 1018 -44.39 9.53 19.19
C VAL G 1018 -45.41 9.07 18.14
N VAL G 1019 -44.97 8.19 17.24
CA VAL G 1019 -45.87 7.72 16.19
C VAL G 1019 -47.05 6.95 16.78
N LEU G 1020 -46.77 6.07 17.75
CA LEU G 1020 -47.82 5.29 18.38
C LEU G 1020 -48.85 6.17 19.08
N MET G 1021 -48.38 7.18 19.80
CA MET G 1021 -49.28 8.07 20.52
C MET G 1021 -50.14 8.87 19.55
N SER G 1022 -49.55 9.35 18.46
CA SER G 1022 -50.34 10.07 17.47
C SER G 1022 -51.46 9.20 16.92
N PHE G 1023 -51.12 7.97 16.51
CA PHE G 1023 -52.13 7.08 15.95
C PHE G 1023 -53.22 6.76 16.98
N GLY G 1024 -52.81 6.45 18.21
CA GLY G 1024 -53.79 6.11 19.23
C GLY G 1024 -54.73 7.24 19.55
N VAL G 1025 -54.19 8.46 19.68
CA VAL G 1025 -55.04 9.61 19.96
C VAL G 1025 -56.02 9.84 18.82
N ALA G 1026 -55.54 9.76 17.57
CA ALA G 1026 -56.43 9.97 16.44
C ALA G 1026 -57.57 8.95 16.43
N ARG G 1027 -57.23 7.66 16.61
CA ARG G 1027 -58.24 6.62 16.54
C ARG G 1027 -59.25 6.76 17.68
N GLN G 1028 -58.76 6.98 18.91
CA GLN G 1028 -59.66 7.09 20.05
C GLN G 1028 -60.57 8.30 19.91
N ALA G 1029 -60.03 9.42 19.45
CA ALA G 1029 -60.85 10.62 19.27
C ALA G 1029 -61.91 10.41 18.19
N ILE G 1030 -61.55 9.73 17.10
CA ILE G 1030 -62.52 9.55 16.02
C ILE G 1030 -63.63 8.59 16.43
N LEU G 1031 -63.27 7.47 17.07
CA LEU G 1031 -64.26 6.41 17.28
C LEU G 1031 -65.18 6.64 18.47
N PHE G 1032 -64.78 7.45 19.46
CA PHE G 1032 -65.57 7.65 20.68
C PHE G 1032 -65.77 9.14 20.91
N PRO G 1033 -66.79 9.73 20.29
CA PRO G 1033 -67.03 11.17 20.40
C PRO G 1033 -67.95 11.60 21.53
N ASN G 1034 -68.34 10.71 22.43
CA ASN G 1034 -69.28 11.02 23.52
C ASN G 1034 -68.75 10.50 24.85
N GLU G 1035 -67.49 10.79 25.14
CA GLU G 1035 -66.86 10.35 26.36
C GLU G 1035 -66.72 11.50 27.36
N GLU G 1036 -66.64 11.15 28.64
CA GLU G 1036 -66.42 12.03 29.77
C GLU G 1036 -64.98 11.92 30.25
N PRO G 1037 -64.43 12.98 30.86
CA PRO G 1037 -63.03 12.93 31.29
C PRO G 1037 -62.81 11.88 32.36
N SER G 1038 -61.92 10.93 32.06
CA SER G 1038 -61.57 9.86 32.99
C SER G 1038 -60.20 9.33 32.63
N TRP G 1039 -59.55 8.69 33.60
CA TRP G 1039 -58.23 8.13 33.38
C TRP G 1039 -58.25 6.90 32.48
N LYS G 1040 -59.44 6.34 32.20
CA LYS G 1040 -59.54 5.27 31.22
C LYS G 1040 -59.16 5.76 29.82
N LEU G 1041 -59.35 7.04 29.55
CA LEU G 1041 -58.97 7.60 28.27
C LEU G 1041 -57.46 7.57 28.07
N ALA G 1042 -56.69 7.84 29.13
CA ALA G 1042 -55.24 7.82 29.05
C ALA G 1042 -54.68 6.40 28.89
N LYS G 1043 -55.50 5.37 29.08
CA LYS G 1043 -55.04 3.99 28.93
C LYS G 1043 -55.26 3.48 27.52
N ASN G 1044 -56.37 3.83 26.89
CA ASN G 1044 -56.68 3.38 25.54
C ASN G 1044 -55.75 3.97 24.49
N ILE G 1045 -54.99 5.01 24.82
CA ILE G 1045 -54.09 5.63 23.85
C ILE G 1045 -52.91 4.71 23.54
N PHE G 1046 -52.36 4.05 24.55
CA PHE G 1046 -51.14 3.28 24.40
C PHE G 1046 -51.36 1.78 24.28
N TYR G 1047 -52.43 1.25 24.87
CA TYR G 1047 -52.59 -0.18 25.03
C TYR G 1047 -52.64 -0.93 23.70
N MET G 1048 -53.70 -0.72 22.94
CA MET G 1048 -53.93 -1.44 21.69
C MET G 1048 -52.92 -1.07 20.61
N PRO G 1049 -52.59 0.22 20.41
CA PRO G 1049 -51.54 0.53 19.42
C PRO G 1049 -50.21 -0.12 19.73
N TYR G 1050 -49.86 -0.31 21.00
CA TYR G 1050 -48.62 -1.00 21.33
C TYR G 1050 -48.75 -2.49 21.11
N TRP G 1051 -49.90 -3.08 21.46
CA TRP G 1051 -50.06 -4.52 21.25
C TRP G 1051 -50.14 -4.88 19.77
N MET G 1052 -50.55 -3.94 18.91
CA MET G 1052 -50.76 -4.26 17.50
C MET G 1052 -49.46 -4.40 16.71
N ILE G 1053 -48.33 -3.91 17.21
CA ILE G 1053 -47.08 -4.00 16.48
C ILE G 1053 -46.28 -5.24 16.85
N TYR G 1054 -46.88 -6.14 17.63
CA TYR G 1054 -46.26 -7.41 17.98
C TYR G 1054 -47.08 -8.59 17.45
N GLY G 1055 -47.73 -8.40 16.31
CA GLY G 1055 -48.49 -9.45 15.68
C GLY G 1055 -49.93 -9.58 16.12
N GLU G 1056 -50.38 -8.76 17.08
CA GLU G 1056 -51.76 -8.83 17.56
C GLU G 1056 -52.62 -7.79 16.84
N VAL G 1057 -52.80 -8.03 15.55
CA VAL G 1057 -53.64 -7.17 14.70
C VAL G 1057 -55.02 -7.81 14.58
N PHE G 1058 -56.06 -7.00 14.82
CA PHE G 1058 -57.44 -7.47 14.73
C PHE G 1058 -58.23 -6.39 14.00
N ALA G 1059 -58.45 -6.58 12.70
CA ALA G 1059 -59.18 -5.61 11.90
C ALA G 1059 -60.65 -5.49 12.29
N ASP G 1060 -61.18 -6.46 13.04
CA ASP G 1060 -62.56 -6.38 13.50
C ASP G 1060 -62.74 -5.45 14.69
N GLN G 1061 -61.64 -4.96 15.27
CA GLN G 1061 -61.71 -4.06 16.41
C GLN G 1061 -61.03 -2.71 16.19
N ILE G 1062 -60.14 -2.61 15.20
CA ILE G 1062 -59.60 -1.29 14.85
C ILE G 1062 -60.68 -0.44 14.22
N ASP G 1063 -61.55 -1.04 13.40
CA ASP G 1063 -62.65 -0.34 12.75
C ASP G 1063 -63.84 -1.29 12.73
N PRO G 1064 -64.67 -1.25 13.77
CA PRO G 1064 -65.82 -2.16 13.80
C PRO G 1064 -66.76 -1.89 12.65
N PRO G 1065 -67.39 -2.93 12.12
CA PRO G 1065 -68.31 -2.75 10.98
C PRO G 1065 -69.47 -1.83 11.34
N CYS G 1066 -69.83 -0.99 10.39
CA CYS G 1066 -70.90 -0.01 10.58
C CYS G 1066 -71.32 0.63 9.26
N GLN G 1079 -79.24 -2.89 10.97
CA GLN G 1079 -79.00 -3.71 12.15
C GLN G 1079 -77.86 -3.16 12.99
N LEU G 1080 -76.72 -2.91 12.33
CA LEU G 1080 -75.57 -2.38 13.03
C LEU G 1080 -75.83 -0.96 13.50
N PRO G 1081 -75.16 -0.51 14.58
CA PRO G 1081 -75.32 0.87 15.00
C PRO G 1081 -74.81 1.82 13.94
N PRO G 1082 -75.34 3.04 13.88
CA PRO G 1082 -74.99 3.94 12.78
C PRO G 1082 -73.50 4.23 12.73
N CYS G 1083 -72.99 4.34 11.50
CA CYS G 1083 -71.57 4.58 11.28
C CYS G 1083 -71.17 5.96 11.79
N LYS G 1084 -70.04 6.02 12.46
CA LYS G 1084 -69.51 7.30 12.94
C LYS G 1084 -69.05 8.15 11.78
N THR G 1085 -69.07 9.47 11.98
CA THR G 1085 -68.62 10.40 10.95
C THR G 1085 -67.11 10.24 10.73
N GLY G 1086 -66.73 9.94 9.49
CA GLY G 1086 -65.33 9.74 9.18
C GLY G 1086 -64.70 8.53 9.83
N ALA G 1087 -65.43 7.42 9.89
CA ALA G 1087 -64.88 6.20 10.48
C ALA G 1087 -64.00 5.41 9.54
N TRP G 1088 -63.93 5.81 8.27
CA TRP G 1088 -63.11 5.12 7.27
C TRP G 1088 -61.65 5.57 7.28
N ILE G 1089 -61.31 6.63 8.01
CA ILE G 1089 -59.93 7.07 8.10
C ILE G 1089 -59.11 6.16 8.99
N VAL G 1090 -59.76 5.44 9.91
CA VAL G 1090 -59.03 4.60 10.85
C VAL G 1090 -58.25 3.49 10.16
N PRO G 1091 -58.83 2.72 9.23
CA PRO G 1091 -58.01 1.70 8.54
C PRO G 1091 -56.86 2.28 7.75
N ALA G 1092 -57.03 3.45 7.14
CA ALA G 1092 -55.95 4.06 6.37
C ALA G 1092 -54.80 4.49 7.29
N ILE G 1093 -55.12 5.17 8.40
CA ILE G 1093 -54.06 5.58 9.31
C ILE G 1093 -53.44 4.36 9.98
N MET G 1094 -54.22 3.29 10.19
CA MET G 1094 -53.65 2.05 10.73
C MET G 1094 -52.66 1.43 9.76
N ALA G 1095 -52.99 1.40 8.47
CA ALA G 1095 -52.08 0.87 7.47
C ALA G 1095 -50.80 1.69 7.42
N CYS G 1096 -50.93 3.03 7.43
CA CYS G 1096 -49.74 3.87 7.41
C CYS G 1096 -48.88 3.66 8.65
N TYR G 1097 -49.53 3.55 9.82
CA TYR G 1097 -48.81 3.34 11.07
C TYR G 1097 -48.07 2.00 11.07
N LEU G 1098 -48.72 0.94 10.59
CA LEU G 1098 -48.06 -0.35 10.50
C LEU G 1098 -46.87 -0.31 9.54
N LEU G 1099 -47.05 0.32 8.38
CA LEU G 1099 -45.97 0.41 7.41
C LEU G 1099 -44.78 1.17 7.98
N VAL G 1100 -45.04 2.25 8.71
CA VAL G 1100 -43.94 3.03 9.28
C VAL G 1100 -43.27 2.27 10.41
N ALA G 1101 -44.05 1.63 11.29
CA ALA G 1101 -43.48 1.02 12.50
C ALA G 1101 -42.72 -0.26 12.17
N ASN G 1102 -43.31 -1.15 11.38
CA ASN G 1102 -42.79 -2.50 11.23
C ASN G 1102 -41.84 -2.68 10.05
N ILE G 1103 -41.63 -1.64 9.24
CA ILE G 1103 -40.77 -1.73 8.06
C ILE G 1103 -39.60 -0.75 8.12
N LEU G 1104 -39.87 0.50 8.47
CA LEU G 1104 -38.84 1.53 8.40
C LEU G 1104 -37.96 1.53 9.64
N LEU G 1105 -38.56 1.78 10.81
CA LEU G 1105 -37.78 1.97 12.03
C LEU G 1105 -37.08 0.68 12.45
N VAL G 1106 -37.75 -0.46 12.32
CA VAL G 1106 -37.16 -1.73 12.74
C VAL G 1106 -35.94 -2.05 11.88
N ASN G 1107 -36.06 -1.88 10.57
CA ASN G 1107 -34.93 -2.15 9.69
C ASN G 1107 -33.80 -1.15 9.90
N LEU G 1108 -34.14 0.11 10.17
CA LEU G 1108 -33.10 1.09 10.47
C LEU G 1108 -32.35 0.73 11.74
N LEU G 1109 -33.07 0.27 12.78
CA LEU G 1109 -32.43 -0.16 14.00
C LEU G 1109 -31.57 -1.39 13.76
N ILE G 1110 -32.03 -2.32 12.91
CA ILE G 1110 -31.22 -3.47 12.57
C ILE G 1110 -29.91 -3.03 11.91
N ALA G 1111 -30.00 -2.07 10.98
CA ALA G 1111 -28.79 -1.57 10.33
C ALA G 1111 -27.86 -0.89 11.33
N VAL G 1112 -28.42 -0.13 12.27
CA VAL G 1112 -27.61 0.54 13.28
C VAL G 1112 -26.88 -0.49 14.15
N PHE G 1113 -27.58 -1.55 14.56
CA PHE G 1113 -26.93 -2.60 15.33
C PHE G 1113 -25.85 -3.31 14.51
N ASN G 1114 -26.12 -3.52 13.23
CA ASN G 1114 -25.20 -4.28 12.39
C ASN G 1114 -23.91 -3.50 12.12
N ASN G 1115 -24.02 -2.20 11.89
CA ASN G 1115 -22.85 -1.42 11.51
C ASN G 1115 -21.98 -1.00 12.69
N THR G 1116 -22.43 -1.20 13.92
CA THR G 1116 -21.69 -0.80 15.11
C THR G 1116 -21.43 -1.98 16.03
N PHE G 1117 -20.99 -3.11 15.46
CA PHE G 1117 -20.78 -4.34 16.22
C PHE G 1117 -19.31 -4.64 16.48
N PHE G 1118 -18.43 -4.32 15.54
CA PHE G 1118 -17.02 -4.71 15.66
C PHE G 1118 -16.34 -3.98 16.82
N GLU G 1119 -16.48 -2.66 16.87
CA GLU G 1119 -15.85 -1.88 17.93
C GLU G 1119 -16.42 -2.24 19.30
N VAL G 1120 -17.74 -2.42 19.37
CA VAL G 1120 -18.37 -2.80 20.64
C VAL G 1120 -17.84 -4.16 21.11
N LYS G 1121 -17.72 -5.11 20.18
CA LYS G 1121 -17.19 -6.42 20.53
C LYS G 1121 -15.77 -6.34 21.06
N SER G 1122 -14.91 -5.57 20.37
CA SER G 1122 -13.53 -5.45 20.80
C SER G 1122 -13.41 -4.78 22.17
N ILE G 1123 -14.18 -3.71 22.38
CA ILE G 1123 -14.13 -3.01 23.66
C ILE G 1123 -14.65 -3.90 24.77
N SER G 1124 -15.70 -4.66 24.51
CA SER G 1124 -16.25 -5.57 25.53
C SER G 1124 -15.23 -6.63 25.90
N ASN G 1125 -14.55 -7.20 24.91
CA ASN G 1125 -13.51 -8.20 25.21
C ASN G 1125 -12.40 -7.59 26.05
N GLN G 1126 -11.94 -6.40 25.68
CA GLN G 1126 -10.86 -5.76 26.43
C GLN G 1126 -11.28 -5.46 27.87
N VAL G 1127 -12.49 -4.94 28.06
CA VAL G 1127 -12.93 -4.59 29.40
C VAL G 1127 -13.16 -5.84 30.25
N TRP G 1128 -13.67 -6.92 29.66
CA TRP G 1128 -13.82 -8.16 30.41
C TRP G 1128 -12.47 -8.72 30.85
N LYS G 1129 -11.49 -8.69 29.94
CA LYS G 1129 -10.15 -9.15 30.30
C LYS G 1129 -9.55 -8.29 31.40
N PHE G 1130 -9.79 -6.97 31.36
CA PHE G 1130 -9.30 -6.11 32.42
C PHE G 1130 -9.99 -6.39 33.76
N GLN G 1131 -11.30 -6.63 33.73
CA GLN G 1131 -12.09 -6.77 34.96
C GLN G 1131 -12.02 -8.16 35.56
N ARG G 1132 -11.40 -9.13 34.89
CA ARG G 1132 -11.15 -10.42 35.55
C ARG G 1132 -10.39 -10.25 36.86
N TYR G 1133 -9.49 -9.28 36.93
CA TYR G 1133 -8.62 -9.11 38.10
C TYR G 1133 -9.43 -8.79 39.35
N GLN G 1134 -10.39 -7.88 39.23
CA GLN G 1134 -11.20 -7.51 40.39
C GLN G 1134 -12.04 -8.68 40.88
N LEU G 1135 -12.59 -9.48 39.96
CA LEU G 1135 -13.32 -10.68 40.35
C LEU G 1135 -12.43 -11.64 41.11
N ILE G 1136 -11.21 -11.86 40.60
CA ILE G 1136 -10.29 -12.79 41.25
C ILE G 1136 -9.95 -12.31 42.66
N MET G 1137 -9.64 -11.01 42.80
CA MET G 1137 -9.29 -10.49 44.11
C MET G 1137 -10.48 -10.54 45.07
N THR G 1138 -11.67 -10.21 44.58
CA THR G 1138 -12.86 -10.23 45.43
C THR G 1138 -13.13 -11.63 45.95
N PHE G 1139 -13.03 -12.64 45.08
CA PHE G 1139 -13.26 -13.99 45.57
C PHE G 1139 -12.08 -14.57 46.32
N HIS G 1140 -10.90 -13.96 46.22
CA HIS G 1140 -9.80 -14.36 47.08
C HIS G 1140 -9.93 -13.80 48.49
N GLU G 1141 -10.51 -12.60 48.63
CA GLU G 1141 -10.67 -11.99 49.95
C GLU G 1141 -11.83 -12.60 50.73
N ARG G 1142 -12.86 -13.07 50.05
CA ARG G 1142 -14.10 -13.47 50.70
C ARG G 1142 -13.90 -14.67 51.61
N PRO G 1143 -14.77 -14.83 52.64
CA PRO G 1143 -14.68 -16.00 53.53
C PRO G 1143 -14.96 -17.31 52.82
N VAL G 1144 -14.85 -18.41 53.56
CA VAL G 1144 -14.98 -19.74 52.98
C VAL G 1144 -16.38 -20.31 53.15
N LEU G 1145 -17.36 -19.46 53.46
CA LEU G 1145 -18.72 -19.94 53.65
C LEU G 1145 -19.69 -19.13 52.80
N PRO G 1146 -20.75 -19.75 52.32
CA PRO G 1146 -21.74 -19.04 51.52
C PRO G 1146 -22.58 -18.12 52.39
N PRO G 1147 -23.23 -17.13 51.79
CA PRO G 1147 -24.03 -16.16 52.57
C PRO G 1147 -25.10 -16.80 53.43
N PRO G 1148 -25.77 -17.88 53.00
CA PRO G 1148 -26.81 -18.46 53.88
C PRO G 1148 -26.29 -18.89 55.24
N LEU G 1149 -25.00 -19.22 55.37
CA LEU G 1149 -24.43 -19.67 56.63
C LEU G 1149 -23.11 -18.97 56.91
N ILE G 1150 -23.00 -17.68 56.55
CA ILE G 1150 -21.84 -16.89 56.97
C ILE G 1150 -21.96 -16.38 58.39
N ILE G 1151 -23.04 -16.71 59.09
CA ILE G 1151 -23.23 -16.20 60.45
C ILE G 1151 -22.13 -16.72 61.37
N PHE G 1152 -21.62 -17.91 61.11
CA PHE G 1152 -20.48 -18.41 61.87
C PHE G 1152 -19.24 -17.56 61.62
N SER G 1153 -19.00 -17.17 60.36
CA SER G 1153 -17.83 -16.38 60.03
C SER G 1153 -17.95 -14.92 60.43
N HIS G 1154 -19.17 -14.42 60.65
CA HIS G 1154 -19.36 -13.04 61.06
C HIS G 1154 -19.21 -12.83 62.56
N MET G 1155 -19.20 -13.90 63.35
CA MET G 1155 -18.95 -13.80 64.78
C MET G 1155 -17.56 -14.25 65.19
N THR G 1156 -16.91 -15.11 64.39
CA THR G 1156 -15.55 -15.51 64.70
C THR G 1156 -14.59 -14.33 64.62
N MET G 1157 -14.77 -13.47 63.61
CA MET G 1157 -13.91 -12.30 63.48
C MET G 1157 -14.09 -11.32 64.63
N ILE G 1158 -15.24 -11.35 65.30
CA ILE G 1158 -15.43 -10.48 66.46
C ILE G 1158 -14.57 -10.94 67.63
N PHE G 1159 -14.55 -12.26 67.89
CA PHE G 1159 -13.72 -12.77 68.98
C PHE G 1159 -12.24 -12.63 68.67
N GLN G 1160 -11.85 -12.84 67.40
CA GLN G 1160 -10.46 -12.66 67.02
C GLN G 1160 -10.06 -11.20 66.94
N HIS G 1161 -11.03 -10.29 66.80
CA HIS G 1161 -10.73 -8.86 66.83
C HIS G 1161 -10.20 -8.44 68.19
N VAL G 1162 -10.76 -8.99 69.26
CA VAL G 1162 -10.33 -8.69 70.63
C VAL G 1162 -9.38 -9.76 71.16
N CYS G 1163 -8.85 -10.61 70.28
CA CYS G 1163 -7.93 -11.67 70.69
C CYS G 1163 -6.61 -11.10 71.20
N ARG G 1176 -0.54 -12.76 52.75
CA ARG G 1176 -0.64 -12.83 51.30
C ARG G 1176 0.62 -13.43 50.69
N ASP G 1177 0.90 -14.70 51.04
CA ASP G 1177 2.08 -15.38 50.49
C ASP G 1177 1.96 -15.51 48.98
N TYR G 1178 0.79 -15.91 48.49
CA TYR G 1178 0.52 -15.89 47.06
C TYR G 1178 -0.94 -15.55 46.84
N GLY G 1179 -1.25 -15.11 45.63
CA GLY G 1179 -2.54 -14.55 45.30
C GLY G 1179 -2.56 -13.04 45.31
N LEU G 1180 -1.64 -12.40 46.03
CA LEU G 1180 -1.41 -10.97 45.95
C LEU G 1180 0.02 -10.63 45.56
N LYS G 1181 1.00 -11.25 46.21
CA LYS G 1181 2.41 -10.93 45.99
C LYS G 1181 3.20 -12.24 45.92
N LEU G 1182 4.52 -12.11 45.92
CA LEU G 1182 5.41 -13.27 45.91
C LEU G 1182 6.75 -12.81 46.49
N PHE G 1183 7.09 -13.32 47.67
CA PHE G 1183 8.30 -12.91 48.37
C PHE G 1183 9.48 -13.75 47.90
N ILE G 1184 10.57 -13.08 47.50
CA ILE G 1184 11.72 -13.74 46.90
C ILE G 1184 12.99 -13.30 47.63
N THR G 1185 14.03 -14.11 47.49
CA THR G 1185 15.31 -13.86 48.16
C THR G 1185 16.16 -12.91 47.31
N ASP G 1186 17.43 -12.78 47.66
CA ASP G 1186 18.32 -11.81 47.02
C ASP G 1186 19.01 -12.36 45.78
N ASP G 1187 19.42 -13.64 45.80
CA ASP G 1187 20.06 -14.21 44.62
C ASP G 1187 19.10 -14.27 43.44
N GLU G 1188 17.86 -14.71 43.70
CA GLU G 1188 16.84 -14.69 42.65
C GLU G 1188 16.51 -13.26 42.23
N LEU G 1189 16.57 -12.31 43.15
CA LEU G 1189 16.38 -10.91 42.80
C LEU G 1189 17.45 -10.43 41.82
N LYS G 1190 18.71 -10.82 42.06
CA LYS G 1190 19.78 -10.48 41.13
C LYS G 1190 19.56 -11.13 39.78
N LYS G 1191 19.12 -12.39 39.78
CA LYS G 1191 18.83 -13.07 38.51
C LYS G 1191 17.72 -12.35 37.75
N VAL G 1192 16.68 -11.91 38.46
CA VAL G 1192 15.57 -11.21 37.82
C VAL G 1192 16.05 -9.88 37.24
N HIS G 1193 16.89 -9.16 37.98
CA HIS G 1193 17.42 -7.90 37.47
C HIS G 1193 18.26 -8.12 36.21
N ASP G 1194 19.10 -9.16 36.22
CA ASP G 1194 19.89 -9.47 35.03
C ASP G 1194 19.00 -9.82 33.84
N PHE G 1195 17.96 -10.62 34.08
CA PHE G 1195 17.02 -10.97 33.01
C PHE G 1195 16.34 -9.74 32.44
N GLU G 1196 15.91 -8.83 33.30
CA GLU G 1196 15.24 -7.62 32.84
C GLU G 1196 16.18 -6.73 32.03
N GLU G 1197 17.42 -6.60 32.48
CA GLU G 1197 18.40 -5.80 31.72
C GLU G 1197 18.67 -6.42 30.36
N GLN G 1198 18.80 -7.74 30.30
CA GLN G 1198 19.00 -8.39 29.01
C GLN G 1198 17.80 -8.17 28.10
N CYS G 1199 16.58 -8.25 28.65
CA CYS G 1199 15.39 -8.05 27.85
C CYS G 1199 15.32 -6.64 27.28
N ILE G 1200 15.63 -5.63 28.10
CA ILE G 1200 15.53 -4.25 27.61
C ILE G 1200 16.62 -3.97 26.57
N GLU G 1201 17.82 -4.53 26.77
CA GLU G 1201 18.87 -4.37 25.77
C GLU G 1201 18.47 -5.01 24.45
N GLU G 1202 17.89 -6.22 24.50
CA GLU G 1202 17.44 -6.87 23.28
C GLU G 1202 16.34 -6.07 22.60
N TYR G 1203 15.42 -5.50 23.38
CA TYR G 1203 14.35 -4.69 22.82
C TYR G 1203 14.91 -3.49 22.07
N PHE G 1204 15.84 -2.76 22.69
CA PHE G 1204 16.41 -1.60 22.01
C PHE G 1204 17.19 -1.99 20.76
N ARG G 1205 17.96 -3.09 20.84
CA ARG G 1205 18.70 -3.53 19.67
C ARG G 1205 17.78 -3.92 18.53
N GLU G 1206 16.68 -4.62 18.83
CA GLU G 1206 15.71 -4.98 17.80
C GLU G 1206 15.09 -3.73 17.18
N LYS G 1207 14.75 -2.75 18.01
CA LYS G 1207 14.18 -1.51 17.48
C LYS G 1207 15.14 -0.82 16.52
N ASP G 1208 16.41 -0.70 16.92
CA ASP G 1208 17.39 -0.04 16.06
C ASP G 1208 17.59 -0.80 14.77
N ASP G 1209 17.70 -2.14 14.85
CA ASP G 1209 17.90 -2.94 13.65
C ASP G 1209 16.71 -2.83 12.70
N ARG G 1210 15.49 -2.83 13.23
CA ARG G 1210 14.32 -2.67 12.37
C ARG G 1210 14.30 -1.29 11.72
N PHE G 1211 14.65 -0.26 12.49
CA PHE G 1211 14.62 1.09 11.93
C PHE G 1211 15.65 1.27 10.82
N ASN G 1212 16.86 0.73 11.00
CA ASN G 1212 17.93 0.98 10.04
C ASN G 1212 17.68 0.33 8.69
N SER G 1213 16.89 -0.75 8.65
CA SER G 1213 16.70 -1.53 7.43
C SER G 1213 15.40 -1.19 6.71
N SER G 1214 14.71 -0.13 7.11
CA SER G 1214 13.47 0.25 6.44
C SER G 1214 13.77 0.87 5.08
N ASN G 1215 12.78 0.82 4.20
CA ASN G 1215 12.95 1.37 2.84
C ASN G 1215 13.14 2.88 2.87
N ASP G 1216 12.38 3.58 3.72
CA ASP G 1216 12.46 5.04 3.75
C ASP G 1216 13.85 5.52 4.16
N GLU G 1217 14.42 4.91 5.20
CA GLU G 1217 15.76 5.31 5.65
C GLU G 1217 16.80 4.99 4.59
N ARG G 1218 16.68 3.84 3.94
CA ARG G 1218 17.63 3.50 2.87
C ARG G 1218 17.54 4.50 1.73
N ILE G 1219 16.32 4.89 1.34
CA ILE G 1219 16.15 5.86 0.26
C ILE G 1219 16.76 7.20 0.65
N ARG G 1220 16.51 7.65 1.88
CA ARG G 1220 17.04 8.94 2.32
C ARG G 1220 18.56 8.94 2.35
N VAL G 1221 19.16 7.88 2.91
CA VAL G 1221 20.61 7.82 3.00
C VAL G 1221 21.22 7.71 1.60
N THR G 1222 20.60 6.93 0.72
CA THR G 1222 21.09 6.84 -0.65
C THR G 1222 21.03 8.19 -1.36
N SER G 1223 19.95 8.94 -1.14
CA SER G 1223 19.83 10.25 -1.77
C SER G 1223 20.91 11.20 -1.26
N GLU G 1224 21.15 11.21 0.05
CA GLU G 1224 22.19 12.09 0.60
C GLU G 1224 23.57 11.70 0.06
N ARG G 1225 23.86 10.40 0.03
CA ARG G 1225 25.16 9.94 -0.47
C ARG G 1225 25.32 10.27 -1.94
N VAL G 1226 24.25 10.12 -2.73
CA VAL G 1226 24.32 10.44 -4.15
C VAL G 1226 24.56 11.93 -4.35
N GLU G 1227 23.89 12.78 -3.56
CA GLU G 1227 24.11 14.22 -3.67
C GLU G 1227 25.55 14.59 -3.36
N ASN G 1228 26.08 14.06 -2.25
CA ASN G 1228 27.47 14.35 -1.89
C ASN G 1228 28.43 13.82 -2.94
N MET G 1229 28.17 12.62 -3.47
CA MET G 1229 29.04 12.04 -4.48
C MET G 1229 29.03 12.86 -5.76
N SER G 1230 27.85 13.33 -6.17
CA SER G 1230 27.75 14.16 -7.37
C SER G 1230 28.50 15.47 -7.20
N MET G 1231 28.35 16.10 -6.03
CA MET G 1231 29.08 17.35 -5.78
C MET G 1231 30.58 17.12 -5.79
N ARG G 1232 31.04 16.04 -5.16
CA ARG G 1232 32.47 15.76 -5.12
C ARG G 1232 33.01 15.42 -6.50
N LEU G 1233 32.23 14.69 -7.31
CA LEU G 1233 32.67 14.36 -8.66
C LEU G 1233 32.73 15.60 -9.54
N GLU G 1234 31.77 16.52 -9.37
CA GLU G 1234 31.85 17.79 -10.09
C GLU G 1234 33.10 18.57 -9.68
N GLU G 1235 33.41 18.59 -8.39
CA GLU G 1235 34.63 19.26 -7.93
C GLU G 1235 35.88 18.60 -8.51
N VAL G 1236 35.88 17.26 -8.58
CA VAL G 1236 37.03 16.55 -9.15
C VAL G 1236 37.19 16.88 -10.63
N ASN G 1237 36.08 16.89 -11.38
CA ASN G 1237 36.14 17.23 -12.79
C ASN G 1237 36.46 18.71 -13.01
N GLU G 1238 36.30 19.54 -11.99
CA GLU G 1238 36.63 20.96 -12.12
C GLU G 1238 38.12 21.15 -12.41
N ARG G 1239 38.97 20.34 -11.78
CA ARG G 1239 40.41 20.45 -12.03
C ARG G 1239 40.75 20.07 -13.46
N GLU G 1240 41.82 20.68 -13.98
CA GLU G 1240 42.31 20.40 -15.33
C GLU G 1240 43.83 20.33 -15.27
N HIS G 1241 44.36 19.12 -15.05
CA HIS G 1241 45.80 18.91 -15.01
C HIS G 1241 46.42 18.78 -16.41
N SER G 1242 45.60 18.60 -17.45
CA SER G 1242 46.10 18.47 -18.80
C SER G 1242 46.33 19.85 -19.44
N UNK H 1 7.64 58.52 25.91
CA UNK H 1 8.52 57.39 25.71
C UNK H 1 9.86 57.61 26.42
N UNK H 2 10.53 56.52 26.79
CA UNK H 2 11.81 56.60 27.47
C UNK H 2 12.95 56.83 26.48
N UNK H 3 12.60 56.93 25.20
CA UNK H 3 13.59 57.15 24.16
C UNK H 3 13.88 58.63 23.99
N UNK H 4 13.47 59.43 24.96
CA UNK H 4 13.70 60.87 24.94
C UNK H 4 15.07 61.20 25.54
N UNK H 5 15.88 60.17 25.75
CA UNK H 5 17.21 60.35 26.31
C UNK H 5 18.25 60.29 25.20
N UNK H 6 17.79 60.31 23.95
CA UNK H 6 18.67 60.31 22.80
C UNK H 6 18.61 61.65 22.07
N UNK H 7 19.76 62.25 21.83
CA UNK H 7 19.82 63.57 21.21
C UNK H 7 20.44 63.50 19.81
N UNK H 8 19.83 64.20 18.87
CA UNK H 8 20.35 64.27 17.52
C UNK H 8 21.30 65.45 17.39
N UNK H 9 21.63 65.82 16.14
CA UNK H 9 22.56 66.92 15.89
C UNK H 9 22.39 67.48 14.49
N UNK H 10 21.59 68.53 14.37
CA UNK H 10 21.39 69.19 13.08
C UNK H 10 22.41 70.31 12.91
N UNK H 11 23.03 70.37 11.74
CA UNK H 11 24.06 71.37 11.46
C UNK H 11 23.50 72.79 11.51
N UNK H 12 24.33 73.74 11.95
CA UNK H 12 23.91 75.12 12.08
C UNK H 12 24.64 76.02 11.06
N UNK H 13 25.11 77.16 11.53
CA UNK H 13 25.80 78.12 10.68
C UNK H 13 27.13 77.56 10.17
N UNK H 14 27.13 77.11 8.92
CA UNK H 14 28.35 76.55 8.31
C UNK H 14 28.98 77.57 7.37
N UNK H 15 30.31 77.54 7.28
CA UNK H 15 31.04 78.46 6.42
C UNK H 15 32.17 77.74 5.69
N UNK H 16 31.97 77.52 4.39
CA UNK H 16 32.97 76.86 3.56
C UNK H 16 32.70 77.14 2.08
N UNK H 17 32.51 76.06 1.32
CA UNK H 17 32.23 76.14 -0.12
C UNK H 17 33.29 76.94 -0.86
O13 3PH I . -35.87 21.26 6.51
P 3PH I . -36.01 20.83 5.07
O14 3PH I . -36.78 21.89 4.30
O12 3PH I . -34.63 20.69 4.45
O11 3PH I . -36.80 19.38 4.99
C1 3PH I . -37.15 18.73 6.19
C2 3PH I . -38.08 17.53 6.48
O21 3PH I . -37.41 16.35 6.16
C21 3PH I . -37.30 15.44 7.24
O22 3PH I . -36.23 15.23 7.73
C22 3PH I . -38.56 14.71 7.78
C23 3PH I . -38.18 13.27 8.19
C24 3PH I . -39.35 12.65 9.02
C25 3PH I . -40.57 12.39 8.09
C26 3PH I . -40.94 10.88 8.14
C27 3PH I . -41.62 10.55 9.50
C28 3PH I . -43.14 10.83 9.41
C29 3PH I . -43.93 9.60 9.95
C2A 3PH I . -45.45 9.85 9.82
C2B 3PH I . -46.16 8.52 9.47
C2C 3PH I . -47.70 8.67 9.64
C2D 3PH I . -48.13 8.12 11.03
C2E 3PH I . -49.68 8.16 11.15
C2F 3PH I . -50.12 7.32 12.38
C3 3PH I . -39.35 17.65 5.63
O31 3PH I . -40.42 18.07 6.45
C31 3PH I . -41.69 17.62 6.02
O32 3PH I . -41.89 17.43 4.87
C32 3PH I . -42.82 17.37 7.05
C33 3PH I . -43.53 16.03 6.72
C34 3PH I . -44.50 15.67 7.88
C35 3PH I . -45.96 15.66 7.35
C36 3PH I . -46.65 14.33 7.75
C37 3PH I . -48.01 14.64 8.45
C38 3PH I . -49.15 13.88 7.73
C39 3PH I . -50.26 13.53 8.77
C3A 3PH I . -51.56 13.13 8.01
C3B 3PH I . -52.71 14.10 8.39
C3C 3PH I . -52.53 15.43 7.60
C3D 3PH I . -52.89 16.64 8.51
C3E 3PH I . -52.86 17.96 7.69
C3F 3PH I . -51.38 18.43 7.52
C3G 3PH I . -50.92 18.25 6.05
C3H 3PH I . -49.38 18.23 5.98
C3I 3PH I . -48.93 18.19 4.51
C01 9Z9 J . -53.00 13.38 30.86
C02 9Z9 J . -53.62 14.17 29.64
C03 9Z9 J . -53.04 14.30 28.82
C04 9Z9 J . -53.35 13.20 27.96
C05 9Z9 J . -54.48 12.36 28.64
C06 9Z9 J . -54.97 13.20 29.02
C07 9Z9 J . -56.09 12.99 30.46
C08 9Z9 J . -56.36 14.36 31.00
C09 9Z9 J . -55.13 15.10 31.22
C10 9Z9 J . -54.49 15.52 30.20
C11 9Z9 J . -57.13 14.27 32.40
C12 9Z9 J . -56.10 14.18 33.57
C13 9Z9 J . -58.04 13.06 32.46
C14 9Z9 J . -58.13 12.15 31.34
C15 9Z9 J . -57.26 12.42 30.04
C16 9Z9 J . -58.85 12.81 33.71
C17 9Z9 J . -59.64 14.08 34.09
C18 9Z9 J . -58.73 15.38 33.99
C19 9Z9 J . -57.98 15.47 32.58
O20 9Z9 J . -60.05 13.97 35.40
C21 9Z9 J . -60.91 12.87 35.69
C22 9Z9 J . -61.12 12.78 37.23
C23 9Z9 J . -62.56 12.29 37.54
C24 9Z9 J . -62.69 10.81 37.11
O25 9Z9 J . -64.05 10.44 37.05
C26 9Z9 J . -64.26 9.07 36.75
C48 9Z9 J . -62.82 12.40 39.08
O49 9Z9 J . -62.09 13.50 39.59
C50 9Z9 J . -62.85 14.36 40.43
O72 9Z9 J . -52.17 12.43 27.74
C73 9Z9 J . -51.46 13.19 27.75
C74 9Z9 J . -52.21 14.30 28.96
C75 9Z9 J . -51.43 16.01 28.91
C76 9Z9 J . -50.86 11.99 26.98
C77 9Z9 J . -49.37 12.22 26.63
C78 9Z9 J . -49.08 13.72 26.45
C79 9Z9 J . -50.35 14.42 26.00
O80 9Z9 J . -51.28 14.43 27.10
C81 9Z9 J . -47.99 13.92 25.40
NA NA K . -50.00 -13.18 14.96
NA NA L . -45.88 -12.09 13.72
C01 9Z9 M . -61.91 0.59 -10.26
C02 9Z9 M . -61.88 -0.73 -11.12
C03 9Z9 M . -60.97 -1.13 -11.33
C04 9Z9 M . -60.75 -2.09 -10.29
C05 9Z9 M . -62.03 -2.13 -9.39
C06 9Z9 M . -62.68 -2.00 -10.19
C07 9Z9 M . -64.37 -1.34 -9.86
C08 9Z9 M . -64.94 -0.94 -11.17
C09 9Z9 M . -64.03 -0.07 -11.91
C10 9Z9 M . -62.97 -0.61 -12.42
C11 9Z9 M . -66.30 -0.12 -10.96
C12 9Z9 M . -65.99 1.40 -10.79
C13 9Z9 M . -67.05 -0.60 -9.73
C14 9Z9 M . -66.52 -1.67 -8.92
C15 9Z9 M . -65.13 -2.33 -9.30
C16 9Z9 M . -68.37 0.05 -9.39
C17 9Z9 M . -69.31 0.06 -10.61
C18 9Z9 M . -68.55 0.50 -11.93
C19 9Z9 M . -67.18 -0.33 -12.13
O20 9Z9 M . -70.31 0.98 -10.40
C21 9Z9 M . -71.13 0.72 -9.26
C22 9Z9 M . -72.09 1.94 -9.05
C23 9Z9 M . -73.47 1.45 -8.52
C24 9Z9 M . -73.30 0.91 -7.07
O25 9Z9 M . -74.43 0.16 -6.70
C26 9Z9 M . -74.39 -0.29 -5.35
C48 9Z9 M . -74.48 2.64 -8.52
O49 9Z9 M . -74.17 3.51 -9.59
C50 9Z9 M . -75.28 3.91 -10.36
O72 9Z9 M . -59.58 -1.73 -9.57
C73 9Z9 M . -59.02 -1.32 -10.33
C74 9Z9 M . -60.34 -0.60 -11.33
C75 9Z9 M . -59.72 -0.13 -13.06
C76 9Z9 M . -58.05 -1.76 -9.20
C77 9Z9 M . -56.59 -1.28 -9.48
C78 9Z9 M . -56.33 -1.20 -10.99
C79 9Z9 M . -57.25 -2.20 -11.70
O80 9Z9 M . -58.59 -1.71 -11.62
C81 9Z9 M . -54.88 -1.55 -11.29
O13 3PH N . -35.30 -11.25 -20.22
P 3PH N . -34.66 -12.59 -19.91
O14 3PH N . -35.00 -13.56 -21.01
O12 3PH N . -33.16 -12.42 -19.83
O11 3PH N . -35.24 -13.16 -18.46
C1 3PH N . -36.09 -12.33 -17.69
C2 3PH N . -36.97 -12.62 -16.48
O21 3PH N . -36.19 -12.63 -15.32
C21 3PH N . -36.60 -11.69 -14.34
O22 3PH N . -35.92 -10.74 -14.11
C22 3PH N . -37.92 -11.90 -13.56
C23 3PH N . -37.73 -11.45 -12.09
C24 3PH N . -39.12 -11.37 -11.40
C25 3PH N . -39.70 -12.80 -11.19
C26 3PH N . -39.97 -13.03 -9.67
C27 3PH N . -41.22 -12.22 -9.23
C28 3PH N . -42.50 -13.06 -9.50
C29 3PH N . -43.39 -13.05 -8.22
C2A 3PH N . -44.65 -13.93 -8.46
C2B 3PH N . -45.02 -14.66 -7.15
C2C 3PH N . -46.45 -15.28 -7.27
C2D 3PH N . -47.49 -14.34 -6.62
C2E 3PH N . -48.88 -15.02 -6.61
C2F 3PH N . -49.85 -14.23 -5.68
C3 3PH N . -37.66 -13.98 -16.65
O31 3PH N . -39.01 -13.79 -16.99
C31 3PH N . -39.87 -14.83 -16.55
O32 3PH N . -39.45 -15.94 -16.44
C32 3PH N . -41.34 -14.53 -16.20
C33 3PH N . -41.73 -15.25 -14.89
C34 3PH N . -43.14 -14.77 -14.43
C35 3PH N . -44.13 -15.96 -14.45
C36 3PH N . -44.85 -16.03 -13.08
C37 3PH N . -46.39 -16.10 -13.31
C38 3PH N . -46.99 -17.34 -12.58
C39 3PH N . -48.44 -17.03 -12.14
C3A 3PH N . -49.18 -18.36 -11.79
C3B 3PH N . -50.39 -18.53 -12.74
C3C 3PH N . -49.91 -19.04 -14.12
C3D 3PH N . -50.78 -18.41 -15.25
C3E 3PH N . -50.38 -19.03 -16.62
C3F 3PH N . -49.05 -18.39 -17.11
C3G 3PH N . -47.90 -19.44 -17.06
C3H 3PH N . -46.53 -18.71 -17.04
C3I 3PH N . -45.39 -19.75 -17.14
C01 9Z9 O . -48.31 -40.09 -0.57
C02 9Z9 O . -47.78 -40.90 0.69
C03 9Z9 O . -46.88 -40.64 1.06
C04 9Z9 O . -47.16 -39.70 2.10
C05 9Z9 O . -48.72 -39.57 2.22
C06 9Z9 O . -48.89 -40.58 2.04
C07 9Z9 O . -50.54 -41.11 1.43
C08 9Z9 O . -50.39 -42.50 0.93
C09 9Z9 O . -49.27 -42.62 0.00
C10 9Z9 O . -48.08 -42.56 0.48
C11 9Z9 O . -51.71 -42.96 0.14
C12 9Z9 O . -51.60 -42.57 -1.36
C13 9Z9 O . -52.95 -42.32 0.73
C14 9Z9 O . -52.84 -41.40 1.85
C15 9Z9 O . -51.42 -41.07 2.46
C16 9Z9 O . -54.29 -42.65 0.13
C17 9Z9 O . -54.49 -44.18 0.03
C18 9Z9 O . -53.18 -44.88 -0.52
C19 9Z9 O . -51.87 -44.43 0.27
O20 9Z9 O . -55.51 -44.44 -0.85
C21 9Z9 O . -56.78 -43.91 -0.49
C22 9Z9 O . -57.77 -44.13 -1.69
C23 9Z9 O . -59.21 -44.38 -1.13
C24 9Z9 O . -59.74 -43.08 -0.49
O25 9Z9 O . -60.87 -43.36 0.31
C26 9Z9 O . -61.49 -42.22 0.86
C48 9Z9 O . -60.14 -44.79 -2.32
O49 9Z9 O . -59.37 -45.49 -3.28
C50 9Z9 O . -59.93 -46.72 -3.69
O72 9Z9 O . -46.54 -38.46 1.77
C73 9Z9 O . -45.69 -38.80 1.30
C74 9Z9 O . -46.35 -40.28 0.53
C75 9Z9 O . -44.97 -41.43 -0.07
C76 9Z9 O . -45.40 -37.37 1.82
C77 9Z9 O . -44.02 -36.84 1.31
C78 9Z9 O . -43.05 -37.99 1.10
C79 9Z9 O . -43.41 -39.14 2.05
O80 9Z9 O . -44.64 -39.72 1.60
C81 9Z9 O . -41.62 -37.54 1.40
O13 3PH P . -19.72 -35.92 10.12
P 3PH P . -19.26 -35.41 11.47
O14 3PH P . -18.95 -36.59 12.37
O12 3PH P . -18.01 -34.57 11.29
O11 3PH P . -20.46 -34.49 12.16
C1 3PH P . -21.62 -34.21 11.41
C2 3PH P . -22.98 -33.62 11.80
O21 3PH P . -22.89 -32.23 11.89
C21 3PH P . -23.78 -31.54 11.03
O22 3PH P . -23.35 -30.95 10.10
C22 3PH P . -25.29 -31.55 11.32
C23 3PH P . -25.90 -30.16 10.98
C24 3PH P . -27.45 -30.27 10.97
C25 3PH P . -27.98 -30.46 12.42
C26 3PH P . -28.96 -29.30 12.77
C27 3PH P . -30.31 -29.51 12.01
C28 3PH P . -31.24 -30.43 12.85
C29 3PH P . -32.65 -29.79 12.95
C2A 3PH P . -33.57 -30.68 13.82
C2B 3PH P . -34.52 -29.78 14.66
C2C 3PH P . -35.65 -30.64 15.29
C2D 3PH P . -36.93 -30.54 14.41
C2E 3PH P . -38.09 -31.30 15.11
C2F 3PH P . -39.43 -30.93 14.41
C3 3PH P . -23.41 -34.20 13.16
O31 3PH P . -24.42 -35.16 12.96
C31 3PH P . -25.33 -35.28 14.04
O32 3PH P . -24.96 -35.04 15.15
C32 3PH P . -26.80 -35.71 13.79
C33 3PH P . -27.76 -34.81 14.61
C34 3PH P . -29.22 -35.11 14.18
C35 3PH P . -30.01 -35.69 15.38
C36 3PH P . -31.33 -34.89 15.57
C37 3PH P . -32.52 -35.87 15.64
C38 3PH P . -33.34 -35.61 16.94
C39 3PH P . -34.84 -35.95 16.68
C3A 3PH P . -35.57 -36.10 18.04
C3B 3PH P . -36.15 -37.53 18.17
C3C 3PH P . -35.01 -38.51 18.57
C3D 3PH P . -35.21 -39.88 17.84
C3E 3PH P . -34.15 -40.90 18.35
C3F 3PH P . -32.79 -40.62 17.66
C3G 3PH P . -31.77 -40.05 18.70
C3H 3PH P . -30.63 -39.30 17.95
C3I 3PH P . -29.55 -38.87 18.97
C01 9Z9 Q . -39.38 -27.30 40.57
C02 9Z9 Q . -39.51 -26.00 41.47
C03 9Z9 Q . -38.93 -25.21 41.22
C04 9Z9 Q . -39.74 -24.40 40.36
C05 9Z9 Q . -41.16 -25.08 40.26
C06 9Z9 Q . -41.17 -25.38 41.26
C07 9Z9 Q . -42.25 -26.77 41.77
C08 9Z9 Q . -41.80 -27.21 43.11
C09 9Z9 Q . -40.37 -27.45 43.15
C10 9Z9 Q . -39.58 -26.43 43.10
C11 9Z9 Q . -42.52 -28.58 43.52
C12 9Z9 Q . -41.69 -29.80 43.02
C13 9Z9 Q . -43.92 -28.66 42.95
C14 9Z9 Q . -44.44 -27.59 42.12
C15 9Z9 Q . -43.54 -26.33 41.82
C16 9Z9 Q . -44.76 -29.88 43.24
C17 9Z9 Q . -44.80 -30.15 44.77
C18 9Z9 Q . -43.36 -30.02 45.41
C19 9Z9 Q . -42.65 -28.64 45.00
O20 9Z9 Q . -45.23 -31.45 44.97
C21 9Z9 Q . -46.54 -31.75 44.49
C22 9Z9 Q . -46.78 -33.29 44.63
C23 9Z9 Q . -48.29 -33.55 44.94
C24 9Z9 Q . -49.13 -33.19 43.70
O25 9Z9 Q . -50.49 -33.09 44.06
C26 9Z9 Q . -51.36 -32.86 42.97
C48 9Z9 Q . -48.47 -35.07 45.28
O49 9Z9 Q . -47.28 -35.56 45.88
C50 9Z9 Q . -47.50 -36.26 47.09
O72 9Z9 Q . -39.11 -24.29 39.09
C73 9Z9 Q . -38.12 -24.29 39.39
C74 9Z9 Q . -38.23 -25.38 40.81
C75 9Z9 Q . -36.68 -25.26 41.90
C76 9Z9 Q . -38.20 -23.62 38.00
C77 9Z9 Q . -36.79 -23.33 37.41
C78 9Z9 Q . -35.78 -23.08 38.53
C79 9Z9 Q . -36.52 -22.52 39.76
O80 9Z9 Q . -37.32 -23.57 40.31
C81 9Z9 Q . -34.72 -22.07 38.08
O13 3PH R . -20.30 -3.41 36.85
P 3PH R . -20.60 -1.98 36.44
O14 3PH R . -20.72 -1.12 37.68
O12 3PH R . -19.48 -1.45 35.58
O11 3PH R . -22.03 -1.94 35.59
C1 3PH R . -22.67 -3.16 35.27
C2 3PH R . -24.07 -3.47 34.74
O21 3PH R . -24.11 -3.26 33.35
C21 3PH R . -24.48 -4.41 32.61
O22 3PH R . -23.67 -4.97 31.93
C22 3PH R . -25.93 -4.93 32.66
C23 3PH R . -26.35 -5.44 31.26
C24 3PH R . -27.68 -6.25 31.39
C25 3PH R . -28.85 -5.27 31.70
C26 3PH R . -29.93 -5.40 30.58
C27 3PH R . -30.71 -6.74 30.75
C28 3PH R . -31.88 -6.55 31.75
C29 3PH R . -33.18 -7.13 31.13
C2A 3PH R . -34.37 -6.90 32.10
C2B 3PH R . -35.65 -6.61 31.28
C2C 3PH R . -36.91 -6.68 32.20
C2D 3PH R . -37.57 -8.09 32.05
C2E 3PH R . -38.89 -8.12 32.87
C2F 3PH R . -39.71 -9.38 32.47
C3 3PH R . -25.09 -2.56 35.42
O31 3PH R . -25.82 -3.29 36.38
C31 3PH R . -27.14 -2.83 36.59
O32 3PH R . -27.39 -1.67 36.44
C32 3PH R . -28.25 -3.81 37.02
C33 3PH R . -29.53 -3.54 36.20
C34 3PH R . -30.57 -4.66 36.48
C35 3PH R . -31.83 -4.06 37.17
C36 3PH R . -33.10 -4.51 36.40
C37 3PH R . -34.12 -5.12 37.40
C38 3PH R . -35.49 -4.40 37.25
C39 3PH R . -36.64 -5.40 37.59
C3A 3PH R . -37.95 -4.61 37.84
C3B 3PH R . -38.44 -4.88 39.29
C3C 3PH R . -37.60 -4.02 40.29
C3D 3PH R . -37.35 -4.82 41.59
C3E 3PH R . -36.64 -3.91 42.64
C3F 3PH R . -35.12 -3.80 42.29
C3G 3PH R . -34.80 -2.36 41.79
C3H 3PH R . -33.48 -2.39 40.98
C3I 3PH R . -33.08 -0.93 40.61
#